data_7XIF
#
_entry.id   7XIF
#
_cell.length_a   166.159
_cell.length_b   166.159
_cell.length_c   149.586
_cell.angle_alpha   90.00
_cell.angle_beta   90.00
_cell.angle_gamma   120.00
#
_symmetry.space_group_name_H-M   'P 31'
#
loop_
_entity.id
_entity.type
_entity.pdbx_description
1 polymer 'Polyamine aminopropyltransferase'
2 non-polymer "5'-DEOXY-5'-METHYLTHIOADENOSINE"
3 non-polymer SPERMIDINE
4 non-polymer N-(3-AMINO-PROPYL)-N-(5-AMINOPROPYL)-1,4-DIAMINOBUTANE
5 water water
#
_entity_poly.entity_id   1
_entity_poly.type   'polypeptide(L)'
_entity_poly.pdbx_seq_one_letter_code
;MGSSHHHHHHSSGLVPRGSHMRKVPGPITLIEPLSGNTSLLIKINAIHSVKKSPYQEIIIADTEDYGRVLILDDYIQSSY
VDEQYYHESLVHPAMATHPNPRDVLILGGGEGATLREALKHGTVKRAVMVDIDRDVVELSRAYLPQMHQGAFDDPRAKVV
IQDGFVYVEEAIKAGDKYDVIIMDLTDPYSSDIAKQLYTREFFAKIRRILNDDGVVVTQAGNSFYFPAEYDMVLEGVKAN
FPIVAEYEVWIPSFGYAVNFILGSLRYDPHALTPSEVDERLRARGVKTAFYTGRVHLALMNMPIHRKLR
;
_entity_poly.pdbx_strand_id   A,B,C,D,E,F,G,H,I,J,K,L
#
# COMPACT_ATOMS: atom_id res chain seq x y z
N VAL A 24 59.65 -10.60 7.81
CA VAL A 24 58.68 -11.53 8.40
C VAL A 24 59.37 -12.35 9.50
N PRO A 25 58.66 -12.61 10.62
CA PRO A 25 59.26 -13.16 11.84
C PRO A 25 59.65 -14.63 11.75
N GLY A 26 60.89 -14.92 12.07
CA GLY A 26 61.45 -16.26 11.95
C GLY A 26 62.89 -16.25 12.40
N PRO A 27 63.66 -17.30 12.09
CA PRO A 27 63.22 -18.39 11.22
C PRO A 27 62.22 -19.40 11.78
N ILE A 28 62.15 -19.53 13.09
CA ILE A 28 61.19 -20.45 13.75
C ILE A 28 60.02 -19.60 14.20
N THR A 29 58.83 -20.03 13.81
CA THR A 29 57.60 -19.23 13.92
C THR A 29 56.48 -20.07 14.49
N LEU A 30 55.67 -19.46 15.34
CA LEU A 30 54.38 -20.02 15.76
C LEU A 30 53.34 -19.41 14.84
N ILE A 31 52.51 -20.24 14.24
CA ILE A 31 51.29 -19.76 13.53
C ILE A 31 50.15 -19.87 14.52
N GLU A 32 49.82 -18.75 15.16
CA GLU A 32 48.75 -18.68 16.18
C GLU A 32 47.48 -18.32 15.42
N PRO A 33 46.44 -19.17 15.49
CA PRO A 33 45.20 -18.86 14.81
C PRO A 33 44.62 -17.66 15.55
N LEU A 34 43.89 -16.83 14.85
CA LEU A 34 43.25 -15.70 15.54
C LEU A 34 41.78 -15.86 15.22
N SER A 35 41.39 -15.62 13.98
CA SER A 35 39.97 -15.65 13.56
C SER A 35 39.71 -16.77 12.56
N GLY A 36 40.75 -17.43 12.05
CA GLY A 36 40.57 -18.33 10.90
C GLY A 36 40.81 -17.60 9.57
N ASN A 37 40.47 -16.31 9.47
CA ASN A 37 40.81 -15.52 8.26
C ASN A 37 41.97 -14.59 8.52
N THR A 38 42.39 -14.53 9.77
CA THR A 38 43.61 -13.83 10.22
C THR A 38 44.35 -14.78 11.15
N SER A 39 45.66 -14.87 11.02
CA SER A 39 46.54 -15.61 11.96
C SER A 39 47.72 -14.73 12.31
N LEU A 40 48.34 -15.02 13.43
CA LEU A 40 49.55 -14.30 13.89
C LEU A 40 50.73 -15.19 13.54
N LEU A 41 51.82 -14.57 13.06
CA LEU A 41 53.14 -15.20 12.91
C LEU A 41 54.00 -14.67 14.03
N ILE A 42 54.40 -15.54 14.95
CA ILE A 42 55.16 -15.12 16.15
C ILE A 42 56.53 -15.79 16.16
N LYS A 43 57.59 -15.00 16.20
CA LYS A 43 58.96 -15.56 16.31
C LYS A 43 59.12 -16.31 17.63
N ILE A 44 59.60 -17.56 17.52
CA ILE A 44 59.94 -18.50 18.62
C ILE A 44 61.45 -18.51 18.78
N ASN A 45 61.96 -18.33 19.97
CA ASN A 45 63.42 -18.40 20.27
C ASN A 45 63.74 -19.81 20.77
N ALA A 46 62.82 -20.51 21.43
CA ALA A 46 63.11 -21.81 22.05
C ALA A 46 61.79 -22.50 22.35
N ILE A 47 61.79 -23.83 22.28
CA ILE A 47 60.73 -24.68 22.84
C ILE A 47 61.22 -25.37 24.10
N HIS A 48 60.54 -25.16 25.21
CA HIS A 48 60.93 -25.70 26.55
C HIS A 48 60.34 -27.09 26.72
N SER A 49 59.07 -27.27 26.35
CA SER A 49 58.37 -28.57 26.56
C SER A 49 57.26 -28.69 25.54
N VAL A 50 57.06 -29.90 25.04
CA VAL A 50 55.89 -30.30 24.24
C VAL A 50 55.31 -31.53 24.94
N LYS A 51 54.02 -31.52 25.26
CA LYS A 51 53.40 -32.67 25.93
C LYS A 51 52.01 -32.86 25.35
N LYS A 52 51.78 -34.02 24.76
CA LYS A 52 50.43 -34.51 24.39
C LYS A 52 49.81 -35.04 25.70
N SER A 53 48.91 -34.28 26.30
CA SER A 53 48.15 -34.74 27.47
C SER A 53 46.93 -35.49 26.94
N PRO A 54 46.17 -36.20 27.78
CA PRO A 54 44.93 -36.82 27.31
C PRO A 54 43.92 -35.78 26.80
N TYR A 55 44.03 -34.53 27.26
CA TYR A 55 43.02 -33.48 26.98
C TYR A 55 43.44 -32.57 25.84
N GLN A 56 44.73 -32.28 25.69
CA GLN A 56 45.14 -31.18 24.76
C GLN A 56 46.64 -31.29 24.51
N GLU A 57 47.11 -30.64 23.45
CA GLU A 57 48.54 -30.51 23.17
C GLU A 57 49.05 -29.27 23.92
N ILE A 58 50.11 -29.45 24.70
CA ILE A 58 50.71 -28.40 25.55
C ILE A 58 52.05 -28.03 24.91
N ILE A 59 52.30 -26.75 24.69
CA ILE A 59 53.67 -26.28 24.33
C ILE A 59 54.02 -25.16 25.27
N ILE A 60 55.21 -25.22 25.84
CA ILE A 60 55.82 -24.08 26.56
C ILE A 60 57.04 -23.64 25.75
N ALA A 61 57.08 -22.37 25.39
CA ALA A 61 58.01 -21.81 24.40
C ALA A 61 58.43 -20.42 24.80
N ASP A 62 59.56 -19.94 24.27
CA ASP A 62 60.01 -18.56 24.42
C ASP A 62 59.69 -17.85 23.10
N THR A 63 58.98 -16.72 23.20
CA THR A 63 58.71 -15.85 22.05
C THR A 63 59.56 -14.60 22.22
N GLU A 64 60.01 -14.04 21.12
CA GLU A 64 60.83 -12.80 21.17
C GLU A 64 59.97 -11.66 21.72
N ASP A 65 58.72 -11.53 21.28
CA ASP A 65 57.91 -10.36 21.68
C ASP A 65 57.37 -10.54 23.10
N TYR A 66 56.98 -11.73 23.49
CA TYR A 66 56.11 -11.93 24.66
C TYR A 66 56.82 -12.72 25.75
N GLY A 67 58.08 -13.10 25.54
CA GLY A 67 58.81 -14.03 26.43
C GLY A 67 58.11 -15.36 26.49
N ARG A 68 58.20 -16.02 27.64
CA ARG A 68 57.71 -17.40 27.82
C ARG A 68 56.19 -17.45 27.71
N VAL A 69 55.68 -18.45 27.00
CA VAL A 69 54.22 -18.62 26.75
C VAL A 69 53.81 -20.03 27.07
N LEU A 70 52.57 -20.18 27.50
CA LEU A 70 51.84 -21.45 27.49
C LEU A 70 50.93 -21.45 26.28
N ILE A 71 51.02 -22.51 25.47
CA ILE A 71 50.18 -22.74 24.27
C ILE A 71 49.37 -24.02 24.51
N LEU A 72 48.07 -23.99 24.28
CA LEU A 72 47.20 -25.18 24.35
C LEU A 72 46.48 -25.30 23.02
N ASP A 73 46.72 -26.41 22.31
CA ASP A 73 46.06 -26.68 20.99
C ASP A 73 46.26 -25.45 20.08
N ASP A 74 47.44 -24.86 20.07
CA ASP A 74 47.89 -23.80 19.12
C ASP A 74 47.58 -22.39 19.63
N TYR A 75 46.76 -22.25 20.67
CA TYR A 75 46.37 -20.92 21.20
C TYR A 75 47.22 -20.53 22.40
N ILE A 76 47.87 -19.38 22.33
CA ILE A 76 48.56 -18.81 23.51
C ILE A 76 47.52 -18.58 24.63
N GLN A 77 47.83 -19.08 25.81
CA GLN A 77 46.98 -18.94 27.01
C GLN A 77 47.48 -17.76 27.85
N SER A 78 48.78 -17.52 27.85
CA SER A 78 49.42 -16.55 28.76
C SER A 78 50.85 -16.32 28.31
N SER A 79 51.35 -15.13 28.53
CA SER A 79 52.77 -14.79 28.25
C SER A 79 53.34 -14.09 29.46
N TYR A 80 54.63 -14.23 29.68
CA TYR A 80 55.36 -13.49 30.73
C TYR A 80 55.14 -11.99 30.59
N VAL A 81 55.14 -11.42 29.40
CA VAL A 81 55.18 -9.93 29.31
C VAL A 81 53.79 -9.33 29.52
N ASP A 82 52.69 -10.07 29.32
CA ASP A 82 51.36 -9.44 29.41
C ASP A 82 50.34 -10.25 30.21
N GLU A 83 50.71 -11.38 30.81
CA GLU A 83 49.71 -12.18 31.55
C GLU A 83 49.10 -11.34 32.69
N GLN A 84 49.82 -10.40 33.29
CA GLN A 84 49.30 -9.62 34.44
C GLN A 84 48.11 -8.78 33.99
N TYR A 85 48.09 -8.29 32.74
CA TYR A 85 46.93 -7.58 32.18
C TYR A 85 45.71 -8.53 32.19
N TYR A 86 45.93 -9.77 31.78
CA TYR A 86 44.85 -10.77 31.66
C TYR A 86 44.38 -11.14 33.07
N HIS A 87 45.28 -11.59 33.94
CA HIS A 87 44.90 -12.21 35.22
C HIS A 87 44.38 -11.14 36.17
N GLU A 88 44.95 -9.94 36.15
CA GLU A 88 44.45 -8.86 37.04
C GLU A 88 43.05 -8.43 36.59
N SER A 89 42.81 -8.36 35.28
CA SER A 89 41.51 -7.92 34.70
C SER A 89 40.46 -8.99 34.95
N LEU A 90 40.88 -10.25 34.96
CA LEU A 90 39.94 -11.38 35.16
C LEU A 90 39.48 -11.40 36.62
N VAL A 91 40.40 -11.15 37.55
CA VAL A 91 40.18 -11.44 38.99
C VAL A 91 39.69 -10.21 39.76
N HIS A 92 40.39 -9.08 39.67
CA HIS A 92 40.26 -8.01 40.70
C HIS A 92 38.93 -7.30 40.60
N PRO A 93 38.33 -7.02 39.42
CA PRO A 93 37.04 -6.34 39.39
C PRO A 93 35.96 -7.12 40.18
N ALA A 94 35.90 -8.43 39.99
CA ALA A 94 34.95 -9.30 40.72
C ALA A 94 35.29 -9.30 42.23
N MET A 95 36.55 -9.50 42.57
CA MET A 95 36.99 -9.63 43.97
C MET A 95 36.76 -8.30 44.70
N ALA A 96 37.01 -7.18 44.03
CA ALA A 96 36.87 -5.84 44.62
C ALA A 96 35.39 -5.48 44.75
N THR A 97 34.54 -6.01 43.88
CA THR A 97 33.08 -5.79 43.92
C THR A 97 32.48 -6.50 45.12
N HIS A 98 32.98 -7.68 45.46
CA HIS A 98 32.48 -8.41 46.65
C HIS A 98 33.05 -7.73 47.89
N PRO A 99 32.20 -7.36 48.86
CA PRO A 99 32.66 -6.61 50.03
C PRO A 99 33.52 -7.44 50.99
N ASN A 100 33.42 -8.77 50.96
CA ASN A 100 34.21 -9.65 51.86
C ASN A 100 34.31 -11.05 51.26
N PRO A 101 35.09 -11.24 50.18
CA PRO A 101 35.20 -12.54 49.51
C PRO A 101 36.10 -13.46 50.34
N ARG A 102 35.51 -14.52 50.92
CA ARG A 102 36.23 -15.41 51.88
C ARG A 102 36.53 -16.75 51.19
N ASP A 103 35.55 -17.26 50.43
CA ASP A 103 35.59 -18.56 49.73
C ASP A 103 35.58 -18.31 48.21
N VAL A 104 36.65 -18.69 47.55
CA VAL A 104 36.85 -18.47 46.09
C VAL A 104 37.01 -19.82 45.40
N LEU A 105 36.31 -19.99 44.29
CA LEU A 105 36.45 -21.14 43.37
C LEU A 105 36.97 -20.64 42.02
N ILE A 106 38.03 -21.27 41.52
CA ILE A 106 38.60 -21.03 40.16
C ILE A 106 38.43 -22.30 39.33
N LEU A 107 37.78 -22.18 38.18
CA LEU A 107 37.68 -23.26 37.19
C LEU A 107 38.69 -22.97 36.07
N GLY A 108 39.63 -23.88 35.89
CA GLY A 108 40.76 -23.71 34.96
C GLY A 108 41.89 -23.02 35.66
N GLY A 109 42.51 -22.04 35.01
CA GLY A 109 43.63 -21.29 35.64
C GLY A 109 44.84 -22.18 35.81
N GLY A 110 45.09 -23.12 34.88
CA GLY A 110 46.13 -24.15 35.00
C GLY A 110 47.50 -23.64 35.36
N GLU A 111 47.88 -22.43 34.92
CA GLU A 111 49.23 -21.89 35.13
C GLU A 111 49.37 -21.34 36.56
N GLY A 112 48.27 -21.11 37.26
CA GLY A 112 48.27 -20.73 38.68
C GLY A 112 48.27 -19.21 38.90
N ALA A 113 48.21 -18.39 37.83
CA ALA A 113 48.24 -16.93 37.97
C ALA A 113 46.89 -16.38 38.45
N THR A 114 45.79 -16.98 38.03
CA THR A 114 44.44 -16.60 38.51
C THR A 114 44.41 -16.79 40.03
N LEU A 115 44.87 -17.94 40.50
CA LEU A 115 44.98 -18.25 41.95
C LEU A 115 45.88 -17.23 42.62
N ARG A 116 47.03 -16.93 42.02
CA ARG A 116 47.99 -15.93 42.59
C ARG A 116 47.24 -14.61 42.82
N GLU A 117 46.46 -14.14 41.85
CA GLU A 117 45.79 -12.82 41.99
C GLU A 117 44.70 -12.92 43.06
N ALA A 118 43.91 -14.00 43.09
CA ALA A 118 42.81 -14.12 44.06
C ALA A 118 43.37 -14.13 45.49
N LEU A 119 44.49 -14.83 45.70
CA LEU A 119 45.07 -15.01 47.05
C LEU A 119 45.56 -13.68 47.61
N LYS A 120 45.81 -12.68 46.78
CA LYS A 120 46.31 -11.37 47.27
C LYS A 120 45.27 -10.71 48.20
N HIS A 121 43.98 -11.01 48.03
CA HIS A 121 42.89 -10.44 48.86
C HIS A 121 42.97 -11.07 50.27
N GLY A 122 43.33 -10.28 51.26
CA GLY A 122 43.46 -10.68 52.68
C GLY A 122 42.19 -11.26 53.24
N THR A 123 41.04 -11.01 52.62
CA THR A 123 39.74 -11.57 53.10
C THR A 123 39.64 -13.05 52.75
N VAL A 124 40.41 -13.52 51.77
CA VAL A 124 40.28 -14.92 51.28
C VAL A 124 40.81 -15.87 52.35
N LYS A 125 40.00 -16.85 52.74
CA LYS A 125 40.40 -17.90 53.72
C LYS A 125 40.60 -19.22 52.98
N ARG A 126 39.80 -19.47 51.93
CA ARG A 126 39.79 -20.73 51.15
C ARG A 126 39.67 -20.38 49.67
N ALA A 127 40.67 -20.81 48.88
CA ALA A 127 40.68 -20.71 47.41
C ALA A 127 40.83 -22.12 46.84
N VAL A 128 39.87 -22.58 46.06
CA VAL A 128 39.93 -23.89 45.38
C VAL A 128 40.11 -23.63 43.89
N MET A 129 41.08 -24.30 43.28
CA MET A 129 41.36 -24.22 41.83
C MET A 129 41.16 -25.61 41.24
N VAL A 130 40.31 -25.72 40.21
CA VAL A 130 39.92 -27.01 39.60
C VAL A 130 40.29 -26.95 38.13
N ASP A 131 41.30 -27.72 37.73
CA ASP A 131 41.70 -27.86 36.31
C ASP A 131 41.57 -29.33 35.93
N ILE A 132 41.13 -29.60 34.72
CA ILE A 132 40.91 -30.98 34.22
C ILE A 132 42.27 -31.64 33.96
N ASP A 133 43.34 -30.87 33.77
CA ASP A 133 44.57 -31.37 33.13
C ASP A 133 45.76 -31.25 34.08
N ARG A 134 46.13 -32.35 34.71
CA ARG A 134 47.26 -32.42 35.65
C ARG A 134 48.57 -32.04 34.96
N ASP A 135 48.70 -32.31 33.66
CA ASP A 135 49.95 -31.97 32.93
C ASP A 135 50.12 -30.45 32.82
N VAL A 136 49.03 -29.70 32.64
CA VAL A 136 49.14 -28.22 32.52
C VAL A 136 49.63 -27.70 33.86
N VAL A 137 49.05 -28.18 34.95
CA VAL A 137 49.42 -27.70 36.30
C VAL A 137 50.88 -28.07 36.57
N GLU A 138 51.27 -29.32 36.33
CA GLU A 138 52.63 -29.75 36.71
C GLU A 138 53.65 -29.05 35.79
N LEU A 139 53.36 -28.89 34.50
CA LEU A 139 54.32 -28.25 33.58
C LEU A 139 54.40 -26.76 33.89
N SER A 140 53.29 -26.13 34.32
CA SER A 140 53.27 -24.71 34.73
C SER A 140 54.07 -24.54 36.03
N ARG A 141 53.87 -25.45 36.99
CA ARG A 141 54.67 -25.43 38.24
C ARG A 141 56.16 -25.39 37.88
N ALA A 142 56.62 -26.24 36.98
CA ALA A 142 58.07 -26.36 36.66
C ALA A 142 58.53 -25.21 35.74
N TYR A 143 57.85 -24.95 34.66
CA TYR A 143 58.37 -24.10 33.55
C TYR A 143 57.83 -22.67 33.57
N LEU A 144 56.81 -22.38 34.38
CA LEU A 144 56.19 -21.03 34.41
C LEU A 144 56.13 -20.51 35.84
N PRO A 145 57.26 -20.47 36.57
CA PRO A 145 57.25 -20.03 37.98
C PRO A 145 56.81 -18.56 38.15
N GLN A 146 57.03 -17.69 37.16
CA GLN A 146 56.61 -16.27 37.28
C GLN A 146 55.08 -16.17 37.13
N MET A 147 54.40 -17.23 36.73
CA MET A 147 52.92 -17.24 36.71
C MET A 147 52.38 -17.57 38.11
N HIS A 148 52.70 -18.73 38.64
CA HIS A 148 52.07 -19.22 39.91
C HIS A 148 52.69 -18.46 41.09
N GLN A 149 54.00 -18.17 41.03
CA GLN A 149 54.76 -17.48 42.11
C GLN A 149 54.43 -18.12 43.47
N GLY A 150 54.35 -19.45 43.54
CA GLY A 150 54.16 -20.17 44.82
C GLY A 150 52.70 -20.37 45.19
N ALA A 151 51.76 -19.82 44.42
CA ALA A 151 50.33 -19.85 44.74
C ALA A 151 49.87 -21.28 45.02
N PHE A 152 50.37 -22.26 44.28
CA PHE A 152 49.93 -23.68 44.39
C PHE A 152 50.17 -24.20 45.82
N ASP A 153 51.15 -23.64 46.53
CA ASP A 153 51.61 -24.14 47.85
C ASP A 153 51.09 -23.26 48.99
N ASP A 154 50.30 -22.22 48.69
CA ASP A 154 49.69 -21.36 49.74
C ASP A 154 48.77 -22.23 50.60
N PRO A 155 48.87 -22.14 51.94
CA PRO A 155 48.01 -22.93 52.83
C PRO A 155 46.51 -22.70 52.61
N ARG A 156 46.12 -21.54 52.08
CA ARG A 156 44.70 -21.24 51.80
C ARG A 156 44.22 -21.92 50.51
N ALA A 157 45.13 -22.43 49.69
CA ALA A 157 44.82 -22.93 48.34
C ALA A 157 44.69 -24.45 48.34
N LYS A 158 43.73 -24.95 47.57
CA LYS A 158 43.53 -26.39 47.28
C LYS A 158 43.47 -26.53 45.76
N VAL A 159 44.38 -27.33 45.20
CA VAL A 159 44.38 -27.68 43.74
C VAL A 159 43.72 -29.03 43.57
N VAL A 160 42.64 -29.06 42.81
CA VAL A 160 41.87 -30.27 42.45
C VAL A 160 41.99 -30.51 40.96
N ILE A 161 42.39 -31.71 40.57
CA ILE A 161 42.37 -32.16 39.15
C ILE A 161 41.05 -32.86 38.93
N GLN A 162 40.16 -32.19 38.22
CA GLN A 162 38.82 -32.75 37.89
C GLN A 162 38.24 -31.89 36.78
N ASP A 163 37.37 -32.48 35.98
CA ASP A 163 36.49 -31.74 35.06
C ASP A 163 35.63 -30.81 35.91
N GLY A 164 35.65 -29.52 35.59
CA GLY A 164 34.93 -28.49 36.34
C GLY A 164 33.44 -28.75 36.33
N PHE A 165 32.89 -29.35 35.26
CA PHE A 165 31.46 -29.73 35.18
C PHE A 165 31.13 -30.69 36.33
N VAL A 166 31.95 -31.73 36.47
CA VAL A 166 31.76 -32.80 37.49
C VAL A 166 31.95 -32.15 38.85
N TYR A 167 32.94 -31.29 39.01
CA TYR A 167 33.25 -30.69 40.32
C TYR A 167 32.05 -29.88 40.80
N VAL A 168 31.45 -29.14 39.89
CA VAL A 168 30.29 -28.27 40.25
C VAL A 168 29.09 -29.15 40.58
N GLU A 169 28.85 -30.26 39.86
CA GLU A 169 27.72 -31.17 40.18
C GLU A 169 27.93 -31.71 41.59
N GLU A 170 29.15 -32.13 41.93
CA GLU A 170 29.47 -32.70 43.27
C GLU A 170 29.40 -31.60 44.33
N ALA A 171 29.70 -30.36 44.00
CA ALA A 171 29.61 -29.22 44.94
C ALA A 171 28.13 -28.94 45.27
N ILE A 172 27.24 -29.08 44.29
CA ILE A 172 25.79 -28.87 44.51
C ILE A 172 25.30 -29.91 45.53
N LYS A 173 25.60 -31.20 45.27
CA LYS A 173 25.19 -32.34 46.12
C LYS A 173 25.73 -32.15 47.54
N ALA A 174 26.93 -31.59 47.72
CA ALA A 174 27.55 -31.38 49.05
C ALA A 174 27.02 -30.12 49.71
N GLY A 175 26.12 -29.41 49.01
CA GLY A 175 25.75 -27.98 49.24
C GLY A 175 26.92 -27.04 49.55
N ASP A 176 28.04 -27.13 48.83
CA ASP A 176 29.16 -26.16 48.95
C ASP A 176 28.72 -24.80 48.39
N LYS A 177 29.23 -23.71 48.95
CA LYS A 177 28.89 -22.34 48.48
C LYS A 177 30.13 -21.46 48.54
N TYR A 178 30.24 -20.58 47.54
CA TYR A 178 31.42 -19.68 47.35
C TYR A 178 30.91 -18.25 47.22
N ASP A 179 31.77 -17.31 47.55
CA ASP A 179 31.51 -15.85 47.40
C ASP A 179 31.81 -15.40 45.97
N VAL A 180 32.93 -15.84 45.41
CA VAL A 180 33.38 -15.48 44.03
C VAL A 180 33.79 -16.74 43.29
N ILE A 181 33.23 -16.92 42.09
CA ILE A 181 33.64 -18.01 41.17
C ILE A 181 34.26 -17.39 39.92
N ILE A 182 35.49 -17.81 39.62
CA ILE A 182 36.31 -17.27 38.50
C ILE A 182 36.50 -18.40 37.50
N MET A 183 35.95 -18.24 36.31
CA MET A 183 36.16 -19.17 35.17
C MET A 183 37.26 -18.64 34.25
N ASP A 184 38.37 -19.38 34.21
CA ASP A 184 39.58 -19.09 33.43
C ASP A 184 39.85 -20.31 32.56
N LEU A 185 38.93 -20.60 31.65
CA LEU A 185 38.97 -21.84 30.85
C LEU A 185 39.59 -21.52 29.49
N THR A 186 39.89 -22.57 28.75
CA THR A 186 40.19 -22.51 27.31
C THR A 186 38.98 -21.87 26.59
N ASP A 187 39.21 -21.37 25.39
CA ASP A 187 38.29 -20.46 24.68
C ASP A 187 37.00 -21.18 24.32
N PRO A 188 35.87 -20.46 24.44
CA PRO A 188 34.56 -21.02 24.12
C PRO A 188 34.40 -21.32 22.63
N TYR A 189 35.17 -20.65 21.77
CA TYR A 189 35.03 -20.75 20.30
C TYR A 189 35.89 -21.89 19.77
N SER A 190 36.74 -22.50 20.58
CA SER A 190 37.72 -23.48 20.06
C SER A 190 37.76 -24.78 20.88
N SER A 191 37.42 -24.76 22.17
CA SER A 191 37.83 -25.79 23.15
C SER A 191 36.67 -26.75 23.41
N ASP A 192 36.76 -27.99 22.89
CA ASP A 192 35.74 -29.02 23.15
C ASP A 192 35.70 -29.35 24.64
N ILE A 193 36.84 -29.40 25.30
CA ILE A 193 36.91 -29.83 26.73
C ILE A 193 36.18 -28.85 27.65
N ALA A 194 36.02 -27.58 27.28
CA ALA A 194 35.39 -26.55 28.14
C ALA A 194 33.93 -26.27 27.71
N LYS A 195 33.44 -26.84 26.58
CA LYS A 195 32.20 -26.31 25.95
C LYS A 195 31.00 -26.46 26.89
N GLN A 196 30.92 -27.49 27.71
CA GLN A 196 29.73 -27.71 28.60
C GLN A 196 29.70 -26.64 29.70
N LEU A 197 30.82 -25.97 29.97
CA LEU A 197 30.91 -25.01 31.09
C LEU A 197 30.55 -23.60 30.63
N TYR A 198 30.13 -23.41 29.38
CA TYR A 198 29.82 -22.07 28.84
C TYR A 198 28.32 -21.93 28.53
N THR A 199 27.48 -22.88 28.96
CA THR A 199 26.03 -22.96 28.61
C THR A 199 25.17 -22.23 29.66
N ARG A 200 23.99 -21.80 29.26
CA ARG A 200 22.88 -21.34 30.16
C ARG A 200 22.78 -22.28 31.35
N GLU A 201 22.73 -23.58 31.07
CA GLU A 201 22.48 -24.66 32.07
CA GLU A 201 22.48 -24.66 32.07
C GLU A 201 23.64 -24.66 33.06
N PHE A 202 24.87 -24.42 32.58
CA PHE A 202 26.03 -24.44 33.49
C PHE A 202 25.99 -23.22 34.40
N PHE A 203 25.55 -22.07 33.89
CA PHE A 203 25.52 -20.83 34.71
C PHE A 203 24.44 -20.98 35.80
N ALA A 204 23.37 -21.76 35.53
CA ALA A 204 22.34 -22.10 36.53
C ALA A 204 22.96 -22.91 37.65
N LYS A 205 23.84 -23.85 37.30
CA LYS A 205 24.57 -24.70 38.29
C LYS A 205 25.50 -23.82 39.12
N ILE A 206 26.18 -22.87 38.47
CA ILE A 206 27.08 -21.91 39.15
C ILE A 206 26.27 -21.12 40.18
N ARG A 207 25.09 -20.62 39.80
CA ARG A 207 24.28 -19.81 40.74
C ARG A 207 23.98 -20.64 42.01
N ARG A 208 23.76 -21.95 41.86
CA ARG A 208 23.41 -22.85 43.00
C ARG A 208 24.59 -23.02 43.96
N ILE A 209 25.83 -22.74 43.54
CA ILE A 209 27.01 -22.87 44.47
C ILE A 209 27.57 -21.50 44.81
N LEU A 210 26.79 -20.45 44.55
CA LEU A 210 27.11 -19.09 45.03
C LEU A 210 26.25 -18.79 46.25
N ASN A 211 26.84 -18.10 47.22
CA ASN A 211 26.10 -17.40 48.29
C ASN A 211 25.15 -16.41 47.62
N ASP A 212 24.20 -15.86 48.39
CA ASP A 212 23.10 -15.02 47.88
C ASP A 212 23.64 -13.68 47.34
N ASP A 213 24.81 -13.26 47.82
CA ASP A 213 25.51 -12.03 47.35
C ASP A 213 26.74 -12.40 46.49
N GLY A 214 26.74 -13.58 45.87
CA GLY A 214 27.90 -14.12 45.14
C GLY A 214 28.13 -13.40 43.79
N VAL A 215 29.36 -13.51 43.26
CA VAL A 215 29.70 -13.00 41.89
C VAL A 215 30.48 -14.06 41.12
N VAL A 216 30.14 -14.20 39.84
CA VAL A 216 30.85 -15.06 38.85
C VAL A 216 31.53 -14.12 37.86
N VAL A 217 32.74 -14.48 37.44
CA VAL A 217 33.34 -13.81 36.26
C VAL A 217 33.91 -14.91 35.38
N THR A 218 33.79 -14.75 34.08
CA THR A 218 34.39 -15.66 33.08
C THR A 218 35.04 -14.85 31.95
N GLN A 219 36.10 -15.38 31.37
CA GLN A 219 36.60 -14.92 30.05
C GLN A 219 35.58 -15.48 29.06
N ALA A 220 35.27 -14.75 28.00
CA ALA A 220 34.22 -15.13 27.02
C ALA A 220 34.73 -15.00 25.59
N GLY A 221 36.04 -15.19 25.39
CA GLY A 221 36.69 -15.17 24.07
C GLY A 221 36.83 -13.77 23.54
N ASN A 222 36.23 -13.48 22.38
CA ASN A 222 36.35 -12.15 21.75
C ASN A 222 35.08 -11.83 20.97
N SER A 223 34.49 -10.68 21.27
CA SER A 223 33.20 -10.18 20.74
C SER A 223 33.37 -9.73 19.29
N PHE A 224 34.56 -9.30 18.92
CA PHE A 224 34.85 -8.78 17.56
C PHE A 224 34.96 -9.93 16.56
N TYR A 225 35.82 -10.90 16.85
CA TYR A 225 36.12 -12.01 15.91
C TYR A 225 35.16 -13.16 16.14
N PHE A 226 34.66 -13.38 17.36
CA PHE A 226 33.75 -14.52 17.64
C PHE A 226 32.47 -14.07 18.30
N PRO A 227 31.67 -13.22 17.63
CA PRO A 227 30.49 -12.61 18.25
C PRO A 227 29.44 -13.66 18.64
N ALA A 228 29.23 -14.69 17.82
CA ALA A 228 28.20 -15.72 18.07
C ALA A 228 28.53 -16.46 19.38
N GLU A 229 29.77 -16.89 19.55
CA GLU A 229 30.18 -17.64 20.77
C GLU A 229 30.14 -16.68 21.95
N TYR A 230 30.55 -15.43 21.77
CA TYR A 230 30.51 -14.42 22.86
C TYR A 230 29.05 -14.24 23.32
N ASP A 231 28.14 -14.03 22.37
CA ASP A 231 26.71 -13.78 22.61
C ASP A 231 26.08 -14.98 23.33
N MET A 232 26.45 -16.21 23.00
CA MET A 232 25.94 -17.44 23.67
C MET A 232 26.31 -17.39 25.14
N VAL A 233 27.56 -17.04 25.44
CA VAL A 233 28.03 -16.97 26.86
C VAL A 233 27.23 -15.87 27.56
N LEU A 234 27.10 -14.70 26.93
CA LEU A 234 26.42 -13.50 27.50
C LEU A 234 24.97 -13.85 27.84
N GLU A 235 24.24 -14.50 26.92
CA GLU A 235 22.81 -14.87 27.10
C GLU A 235 22.72 -15.87 28.27
N GLY A 236 23.68 -16.81 28.37
CA GLY A 236 23.78 -17.76 29.49
C GLY A 236 23.90 -17.09 30.83
N VAL A 237 24.72 -16.05 30.94
CA VAL A 237 24.93 -15.29 32.20
C VAL A 237 23.69 -14.43 32.46
N LYS A 238 23.16 -13.75 31.45
CA LYS A 238 22.00 -12.83 31.62
C LYS A 238 20.76 -13.61 32.07
N ALA A 239 20.62 -14.88 31.68
CA ALA A 239 19.46 -15.72 32.02
C ALA A 239 19.53 -16.13 33.49
N ASN A 240 20.70 -16.01 34.14
CA ASN A 240 20.90 -16.57 35.49
C ASN A 240 21.26 -15.50 36.50
N PHE A 241 21.67 -14.30 36.06
CA PHE A 241 22.16 -13.24 36.96
C PHE A 241 21.50 -11.92 36.60
N PRO A 242 21.01 -11.18 37.62
CA PRO A 242 20.30 -9.91 37.39
C PRO A 242 21.24 -8.73 37.09
N ILE A 243 22.49 -8.78 37.54
CA ILE A 243 23.53 -7.75 37.28
C ILE A 243 24.61 -8.39 36.42
N VAL A 244 24.86 -7.81 35.26
CA VAL A 244 25.88 -8.32 34.28
C VAL A 244 26.70 -7.13 33.80
N ALA A 245 28.02 -7.20 33.99
CA ALA A 245 28.97 -6.25 33.39
C ALA A 245 29.84 -6.97 32.35
N GLU A 246 30.08 -6.27 31.26
CA GLU A 246 30.90 -6.71 30.11
C GLU A 246 32.08 -5.77 30.02
N TYR A 247 33.30 -6.30 29.94
CA TYR A 247 34.49 -5.45 29.80
C TYR A 247 35.56 -6.21 29.05
N GLU A 248 36.55 -5.48 28.53
CA GLU A 248 37.57 -6.16 27.68
C GLU A 248 38.91 -5.51 27.93
N VAL A 249 39.98 -6.25 27.63
CA VAL A 249 41.35 -5.69 27.77
C VAL A 249 42.19 -6.24 26.61
N TRP A 250 42.94 -5.37 25.96
CA TRP A 250 43.87 -5.77 24.90
C TRP A 250 44.97 -6.64 25.56
N ILE A 251 45.13 -7.87 25.08
CA ILE A 251 46.26 -8.74 25.46
C ILE A 251 47.09 -8.94 24.20
N PRO A 252 48.24 -8.24 24.08
CA PRO A 252 49.01 -8.31 22.85
C PRO A 252 49.28 -9.74 22.37
N SER A 253 49.66 -10.65 23.26
CA SER A 253 50.08 -12.02 22.86
C SER A 253 48.89 -12.80 22.32
N PHE A 254 47.65 -12.37 22.59
CA PHE A 254 46.43 -13.02 22.05
C PHE A 254 46.07 -12.50 20.66
N GLY A 255 46.51 -11.29 20.30
CA GLY A 255 46.07 -10.57 19.08
C GLY A 255 44.69 -9.97 19.18
N TYR A 256 44.15 -9.85 20.39
CA TYR A 256 42.81 -9.25 20.59
C TYR A 256 42.60 -8.81 22.06
N ALA A 257 41.53 -8.02 22.23
CA ALA A 257 41.01 -7.59 23.53
C ALA A 257 40.12 -8.72 24.05
N VAL A 258 40.56 -9.42 25.09
CA VAL A 258 39.79 -10.53 25.68
C VAL A 258 38.53 -9.93 26.29
N ASN A 259 37.40 -10.60 26.11
CA ASN A 259 36.12 -10.18 26.73
C ASN A 259 35.91 -10.93 28.05
N PHE A 260 35.46 -10.19 29.05
CA PHE A 260 35.06 -10.72 30.37
C PHE A 260 33.57 -10.42 30.57
N ILE A 261 32.89 -11.35 31.21
CA ILE A 261 31.48 -11.21 31.64
C ILE A 261 31.43 -11.53 33.13
N LEU A 262 30.95 -10.57 33.89
CA LEU A 262 30.79 -10.62 35.36
C LEU A 262 29.29 -10.66 35.66
N GLY A 263 28.86 -11.71 36.37
CA GLY A 263 27.48 -11.89 36.83
C GLY A 263 27.42 -11.74 38.33
N SER A 264 26.54 -10.88 38.82
CA SER A 264 26.43 -10.55 40.27
C SER A 264 24.98 -10.72 40.72
N LEU A 265 24.82 -11.19 41.96
CA LEU A 265 23.50 -11.43 42.57
C LEU A 265 23.06 -10.19 43.36
N ARG A 266 23.99 -9.37 43.86
CA ARG A 266 23.65 -8.21 44.72
C ARG A 266 24.42 -6.93 44.33
N TYR A 267 25.74 -6.99 44.29
CA TYR A 267 26.62 -5.79 44.18
C TYR A 267 26.91 -5.51 42.70
N ASP A 268 26.85 -4.24 42.34
CA ASP A 268 27.00 -3.78 40.93
C ASP A 268 28.39 -3.17 40.81
N PRO A 269 29.30 -3.78 39.99
CA PRO A 269 30.64 -3.25 39.82
C PRO A 269 30.64 -1.85 39.22
N HIS A 270 29.59 -1.46 38.49
CA HIS A 270 29.47 -0.10 37.90
C HIS A 270 29.34 0.95 38.99
N ALA A 271 28.92 0.57 40.20
CA ALA A 271 28.64 1.51 41.32
C ALA A 271 29.92 1.83 42.10
N LEU A 272 30.99 1.06 41.93
CA LEU A 272 32.24 1.30 42.71
C LEU A 272 32.95 2.54 42.17
N THR A 273 33.41 3.42 43.06
CA THR A 273 34.23 4.60 42.68
C THR A 273 35.68 4.17 42.71
N PRO A 274 36.58 4.87 42.01
CA PRO A 274 38.01 4.62 42.13
C PRO A 274 38.48 4.58 43.58
N SER A 275 37.99 5.50 44.43
CA SER A 275 38.44 5.65 45.84
C SER A 275 38.04 4.41 46.62
N GLU A 276 36.81 3.91 46.42
CA GLU A 276 36.33 2.71 47.11
C GLU A 276 37.19 1.52 46.66
N VAL A 277 37.47 1.40 45.36
CA VAL A 277 38.29 0.27 44.87
C VAL A 277 39.67 0.36 45.52
N ASP A 278 40.29 1.53 45.47
CA ASP A 278 41.68 1.73 45.96
C ASP A 278 41.73 1.43 47.47
N GLU A 279 40.68 1.78 48.21
CA GLU A 279 40.61 1.56 49.68
C GLU A 279 40.47 0.06 49.95
N ARG A 280 39.67 -0.66 49.18
CA ARG A 280 39.55 -2.13 49.37
C ARG A 280 40.89 -2.81 49.06
N LEU A 281 41.59 -2.38 48.01
CA LEU A 281 42.90 -2.97 47.64
C LEU A 281 43.87 -2.74 48.80
N ARG A 282 43.90 -1.52 49.32
CA ARG A 282 44.83 -1.12 50.41
C ARG A 282 44.48 -1.94 51.65
N ALA A 283 43.21 -1.99 52.03
CA ALA A 283 42.75 -2.67 53.27
C ALA A 283 43.10 -4.16 53.16
N ARG A 284 43.05 -4.72 51.95
CA ARG A 284 43.20 -6.18 51.77
C ARG A 284 44.65 -6.57 51.46
N GLY A 285 45.56 -5.61 51.37
CA GLY A 285 47.00 -5.86 51.11
C GLY A 285 47.27 -6.27 49.65
N VAL A 286 46.40 -5.87 48.72
CA VAL A 286 46.48 -6.28 47.29
C VAL A 286 47.42 -5.35 46.53
N LYS A 287 48.56 -5.90 46.08
CA LYS A 287 49.53 -5.18 45.22
C LYS A 287 49.36 -5.66 43.78
N THR A 288 49.30 -4.74 42.80
CA THR A 288 49.03 -5.05 41.37
C THR A 288 50.05 -4.34 40.50
N ALA A 289 50.26 -4.86 39.28
CA ALA A 289 51.04 -4.20 38.21
C ALA A 289 50.14 -3.29 37.37
N PHE A 290 48.82 -3.49 37.38
CA PHE A 290 47.90 -2.82 36.43
C PHE A 290 46.64 -2.30 37.10
N TYR A 291 45.87 -3.20 37.72
CA TYR A 291 44.53 -2.87 38.27
C TYR A 291 44.61 -1.83 39.39
N THR A 292 43.76 -0.80 39.25
CA THR A 292 43.53 0.32 40.23
C THR A 292 42.06 0.75 40.12
N GLY A 293 41.66 1.67 40.98
CA GLY A 293 40.31 2.24 40.93
C GLY A 293 40.03 2.87 39.58
N ARG A 294 41.02 3.56 39.00
CA ARG A 294 40.83 4.25 37.70
C ARG A 294 40.68 3.21 36.60
N VAL A 295 41.47 2.14 36.65
CA VAL A 295 41.31 1.03 35.67
C VAL A 295 39.90 0.49 35.81
N HIS A 296 39.48 0.23 37.03
CA HIS A 296 38.12 -0.30 37.27
C HIS A 296 37.09 0.59 36.58
N LEU A 297 37.19 1.90 36.78
CA LEU A 297 36.25 2.89 36.19
C LEU A 297 36.28 2.76 34.67
N ALA A 298 37.47 2.67 34.08
CA ALA A 298 37.65 2.56 32.62
C ALA A 298 37.00 1.27 32.11
N LEU A 299 37.23 0.14 32.78
CA LEU A 299 36.67 -1.16 32.35
C LEU A 299 35.15 -1.09 32.36
N MET A 300 34.57 -0.41 33.35
CA MET A 300 33.10 -0.36 33.51
C MET A 300 32.49 0.60 32.47
N ASN A 301 33.29 1.44 31.81
CA ASN A 301 32.76 2.51 30.94
C ASN A 301 33.11 2.29 29.47
N MET A 302 34.09 1.44 29.16
CA MET A 302 34.52 1.18 27.76
C MET A 302 33.58 0.12 27.18
N PRO A 303 32.82 0.42 26.11
CA PRO A 303 32.04 -0.59 25.44
C PRO A 303 32.96 -1.60 24.76
N ILE A 304 32.45 -2.78 24.53
CA ILE A 304 33.22 -3.88 23.91
C ILE A 304 33.21 -3.68 22.39
N HIS A 305 34.24 -4.19 21.73
CA HIS A 305 34.44 -4.07 20.26
C HIS A 305 33.52 -5.01 19.51
N ARG A 306 32.93 -4.53 18.44
CA ARG A 306 32.14 -5.31 17.45
C ARG A 306 32.57 -4.88 16.06
N LYS A 307 32.31 -5.71 15.05
CA LYS A 307 32.42 -5.30 13.63
C LYS A 307 31.37 -4.24 13.37
N LEU A 308 31.78 -3.06 12.87
CA LEU A 308 30.85 -1.90 12.75
C LEU A 308 30.25 -1.85 11.35
N ARG A 309 30.79 -2.63 10.42
CA ARG A 309 30.22 -2.80 9.05
C ARG A 309 30.31 -4.27 8.66
N VAL B 24 -24.97 43.24 14.84
CA VAL B 24 -23.97 42.46 14.06
C VAL B 24 -24.67 41.52 13.06
N PRO B 25 -24.77 40.14 13.19
CA PRO B 25 -25.02 39.25 12.10
C PRO B 25 -26.54 39.10 12.13
N GLY B 26 -27.32 40.17 12.15
CA GLY B 26 -28.78 40.05 12.08
C GLY B 26 -29.38 41.40 11.83
N PRO B 27 -30.70 41.57 12.02
CA PRO B 27 -31.55 40.53 12.62
C PRO B 27 -31.94 39.35 11.73
N ILE B 28 -31.88 39.51 10.41
CA ILE B 28 -32.15 38.42 9.46
C ILE B 28 -30.80 37.87 9.03
N THR B 29 -30.68 36.56 9.17
CA THR B 29 -29.41 35.84 9.07
C THR B 29 -29.58 34.62 8.19
N LEU B 30 -28.55 34.36 7.38
CA LEU B 30 -28.41 33.06 6.69
C LEU B 30 -27.50 32.23 7.59
N ILE B 31 -27.92 31.01 7.90
CA ILE B 31 -27.03 30.03 8.55
C ILE B 31 -26.50 29.16 7.44
N GLU B 32 -25.27 29.47 6.99
CA GLU B 32 -24.62 28.78 5.87
C GLU B 32 -23.81 27.65 6.51
N PRO B 33 -24.09 26.38 6.14
CA PRO B 33 -23.32 25.29 6.70
C PRO B 33 -21.92 25.44 6.13
N LEU B 34 -20.95 25.02 6.90
CA LEU B 34 -19.56 25.06 6.41
C LEU B 34 -19.08 23.63 6.51
N SER B 35 -18.87 23.14 7.73
CA SER B 35 -18.29 21.80 7.99
C SER B 35 -19.29 20.89 8.69
N GLY B 36 -20.40 21.42 9.17
CA GLY B 36 -21.27 20.67 10.11
C GLY B 36 -20.88 20.90 11.58
N ASN B 37 -19.61 21.17 11.87
CA ASN B 37 -19.19 21.55 13.25
C ASN B 37 -18.89 23.04 13.31
N THR B 38 -18.89 23.68 12.15
CA THR B 38 -18.78 25.14 12.00
C THR B 38 -19.85 25.55 10.99
N SER B 39 -20.55 26.65 11.27
CA SER B 39 -21.47 27.29 10.31
C SER B 39 -21.15 28.79 10.27
N LEU B 40 -21.55 29.43 9.19
CA LEU B 40 -21.38 30.88 9.04
C LEU B 40 -22.73 31.50 9.32
N LEU B 41 -22.72 32.62 10.06
CA LEU B 41 -23.93 33.46 10.29
C LEU B 41 -23.74 34.69 9.45
N ILE B 42 -24.59 34.86 8.43
CA ILE B 42 -24.40 35.95 7.46
C ILE B 42 -25.63 36.86 7.47
N LYS B 43 -25.42 38.15 7.72
CA LYS B 43 -26.51 39.13 7.67
C LYS B 43 -27.09 39.21 6.26
N ILE B 44 -28.42 39.09 6.16
CA ILE B 44 -29.26 39.22 4.95
C ILE B 44 -29.94 40.58 5.01
N ASN B 45 -29.86 41.35 3.94
CA ASN B 45 -30.53 42.65 3.83
C ASN B 45 -31.87 42.47 3.09
N ALA B 46 -32.00 41.48 2.22
CA ALA B 46 -33.16 41.36 1.31
C ALA B 46 -33.16 39.98 0.71
N ILE B 47 -34.34 39.48 0.44
CA ILE B 47 -34.57 38.27 -0.38
C ILE B 47 -35.20 38.68 -1.70
N HIS B 48 -34.56 38.37 -2.81
CA HIS B 48 -35.02 38.77 -4.17
C HIS B 48 -35.96 37.70 -4.70
N SER B 49 -35.64 36.44 -4.52
CA SER B 49 -36.46 35.32 -5.06
C SER B 49 -36.17 34.08 -4.21
N VAL B 50 -37.21 33.28 -4.01
CA VAL B 50 -37.14 31.91 -3.46
C VAL B 50 -37.89 31.02 -4.44
N LYS B 51 -37.25 29.94 -4.92
CA LYS B 51 -37.90 29.05 -5.89
C LYS B 51 -37.50 27.63 -5.56
N LYS B 52 -38.49 26.82 -5.27
CA LYS B 52 -38.35 25.35 -5.14
C LYS B 52 -38.38 24.80 -6.56
N SER B 53 -37.22 24.46 -7.10
CA SER B 53 -37.13 23.84 -8.43
C SER B 53 -37.32 22.34 -8.22
N PRO B 54 -37.52 21.54 -9.29
CA PRO B 54 -37.56 20.09 -9.13
C PRO B 54 -36.26 19.51 -8.57
N TYR B 55 -35.14 20.23 -8.75
CA TYR B 55 -33.81 19.72 -8.35
C TYR B 55 -33.36 20.23 -6.99
N GLN B 56 -33.66 21.47 -6.63
CA GLN B 56 -33.00 22.10 -5.44
C GLN B 56 -33.77 23.38 -5.06
N GLU B 57 -33.55 23.83 -3.85
CA GLU B 57 -34.15 25.10 -3.37
C GLU B 57 -33.21 26.25 -3.72
N ILE B 58 -33.74 27.25 -4.42
CA ILE B 58 -32.95 28.39 -4.96
C ILE B 58 -33.32 29.61 -4.15
N ILE B 59 -32.33 30.33 -3.64
CA ILE B 59 -32.57 31.64 -2.99
C ILE B 59 -31.60 32.62 -3.60
N ILE B 60 -32.14 33.74 -4.04
CA ILE B 60 -31.30 34.91 -4.41
C ILE B 60 -31.58 36.00 -3.39
N ALA B 61 -30.51 36.49 -2.78
CA ALA B 61 -30.58 37.35 -1.58
C ALA B 61 -29.48 38.39 -1.63
N ASP B 62 -29.65 39.47 -0.86
CA ASP B 62 -28.61 40.49 -0.66
C ASP B 62 -28.01 40.19 0.73
N THR B 63 -26.68 40.06 0.77
CA THR B 63 -25.92 39.96 2.03
C THR B 63 -25.21 41.27 2.24
N GLU B 64 -25.07 41.70 3.48
CA GLU B 64 -24.35 42.93 3.83
C GLU B 64 -22.88 42.76 3.43
N ASP B 65 -22.26 41.62 3.72
CA ASP B 65 -20.81 41.47 3.49
C ASP B 65 -20.52 41.25 2.00
N TYR B 66 -21.34 40.48 1.32
CA TYR B 66 -20.95 39.88 0.02
C TYR B 66 -21.83 40.38 -1.11
N GLY B 67 -22.75 41.31 -0.83
CA GLY B 67 -23.78 41.73 -1.80
C GLY B 67 -24.63 40.56 -2.23
N ARG B 68 -25.10 40.60 -3.47
CA ARG B 68 -26.08 39.65 -4.00
C ARG B 68 -25.46 38.25 -4.11
N VAL B 69 -26.23 37.22 -3.70
CA VAL B 69 -25.75 35.83 -3.70
C VAL B 69 -26.75 34.92 -4.35
N LEU B 70 -26.25 33.86 -4.94
CA LEU B 70 -27.05 32.66 -5.28
C LEU B 70 -26.80 31.62 -4.20
N ILE B 71 -27.88 31.09 -3.63
CA ILE B 71 -27.85 30.02 -2.61
C ILE B 71 -28.61 28.82 -3.19
N LEU B 72 -28.01 27.63 -3.14
CA LEU B 72 -28.69 26.39 -3.55
C LEU B 72 -28.63 25.43 -2.38
N ASP B 73 -29.79 25.00 -1.90
CA ASP B 73 -29.90 24.07 -0.74
C ASP B 73 -29.03 24.56 0.41
N ASP B 74 -29.05 25.85 0.70
CA ASP B 74 -28.43 26.50 1.89
C ASP B 74 -26.97 26.92 1.63
N TYR B 75 -26.35 26.47 0.54
CA TYR B 75 -24.93 26.79 0.25
C TYR B 75 -24.80 27.94 -0.74
N ILE B 76 -24.07 28.97 -0.36
CA ILE B 76 -23.71 30.07 -1.28
C ILE B 76 -22.92 29.48 -2.44
N GLN B 77 -23.33 29.82 -3.65
CA GLN B 77 -22.69 29.37 -4.90
C GLN B 77 -21.74 30.46 -5.38
N SER B 78 -22.11 31.71 -5.17
CA SER B 78 -21.44 32.89 -5.76
C SER B 78 -21.95 34.14 -5.09
N SER B 79 -21.10 35.14 -4.99
CA SER B 79 -21.47 36.47 -4.47
C SER B 79 -20.95 37.53 -5.41
N TYR B 80 -21.63 38.64 -5.51
CA TYR B 80 -21.16 39.81 -6.28
C TYR B 80 -19.76 40.23 -5.84
N VAL B 81 -19.42 40.23 -4.57
CA VAL B 81 -18.15 40.88 -4.15
C VAL B 81 -16.96 39.96 -4.40
N ASP B 82 -17.13 38.65 -4.51
CA ASP B 82 -15.95 37.76 -4.64
C ASP B 82 -16.10 36.69 -5.72
N GLU B 83 -17.18 36.68 -6.50
CA GLU B 83 -17.35 35.59 -7.51
C GLU B 83 -16.18 35.63 -8.52
N GLN B 84 -15.60 36.78 -8.82
CA GLN B 84 -14.53 36.87 -9.83
C GLN B 84 -13.30 36.08 -9.36
N TYR B 85 -13.03 36.02 -8.05
CA TYR B 85 -11.96 35.16 -7.51
C TYR B 85 -12.23 33.70 -7.86
N TYR B 86 -13.48 33.29 -7.70
CA TYR B 86 -13.89 31.90 -7.91
C TYR B 86 -13.83 31.62 -9.42
N HIS B 87 -14.53 32.39 -10.23
CA HIS B 87 -14.74 32.09 -11.66
C HIS B 87 -13.42 32.25 -12.43
N GLU B 88 -12.62 33.25 -12.10
CA GLU B 88 -11.33 33.46 -12.80
C GLU B 88 -10.38 32.33 -12.45
N SER B 89 -10.38 31.87 -11.18
CA SER B 89 -9.48 30.78 -10.72
C SER B 89 -9.93 29.46 -11.31
N LEU B 90 -11.22 29.30 -11.53
CA LEU B 90 -11.77 28.03 -12.07
C LEU B 90 -11.40 27.93 -13.56
N VAL B 91 -11.48 29.03 -14.29
CA VAL B 91 -11.45 29.00 -15.77
C VAL B 91 -10.03 29.25 -16.32
N HIS B 92 -9.36 30.32 -15.92
CA HIS B 92 -8.22 30.87 -16.70
C HIS B 92 -7.00 29.97 -16.62
N PRO B 93 -6.64 29.33 -15.50
CA PRO B 93 -5.46 28.47 -15.50
C PRO B 93 -5.53 27.35 -16.55
N ALA B 94 -6.69 26.69 -16.65
CA ALA B 94 -6.93 25.64 -17.66
C ALA B 94 -6.88 26.25 -19.07
N MET B 95 -7.58 27.36 -19.29
CA MET B 95 -7.73 27.97 -20.61
C MET B 95 -6.35 28.48 -21.07
N ALA B 96 -5.57 29.04 -20.16
CA ALA B 96 -4.24 29.61 -20.47
C ALA B 96 -3.24 28.48 -20.72
N THR B 97 -3.43 27.32 -20.11
CA THR B 97 -2.57 26.14 -20.27
C THR B 97 -2.79 25.56 -21.68
N HIS B 98 -4.01 25.58 -22.18
CA HIS B 98 -4.29 25.05 -23.54
C HIS B 98 -3.78 26.09 -24.54
N PRO B 99 -2.95 25.67 -25.52
CA PRO B 99 -2.36 26.64 -26.44
C PRO B 99 -3.36 27.24 -27.44
N ASN B 100 -4.49 26.59 -27.70
CA ASN B 100 -5.52 27.11 -28.65
C ASN B 100 -6.86 26.47 -28.33
N PRO B 101 -7.52 26.88 -27.22
CA PRO B 101 -8.80 26.28 -26.82
C PRO B 101 -9.93 26.84 -27.70
N ARG B 102 -10.51 26.00 -28.56
CA ARG B 102 -11.51 26.44 -29.58
C ARG B 102 -12.91 26.00 -29.16
N ASP B 103 -13.02 24.76 -28.67
CA ASP B 103 -14.27 24.09 -28.24
C ASP B 103 -14.23 23.88 -26.73
N VAL B 104 -15.14 24.56 -26.03
CA VAL B 104 -15.24 24.53 -24.54
C VAL B 104 -16.59 23.96 -24.12
N LEU B 105 -16.57 23.06 -23.17
CA LEU B 105 -17.76 22.49 -22.49
C LEU B 105 -17.70 22.91 -21.02
N ILE B 106 -18.80 23.46 -20.52
CA ILE B 106 -19.05 23.79 -19.08
C ILE B 106 -20.18 22.93 -18.57
N LEU B 107 -19.91 22.18 -17.49
CA LEU B 107 -20.96 21.42 -16.77
C LEU B 107 -21.29 22.22 -15.49
N GLY B 108 -22.55 22.63 -15.39
CA GLY B 108 -23.05 23.51 -14.32
C GLY B 108 -22.86 24.94 -14.70
N GLY B 109 -22.35 25.77 -13.79
CA GLY B 109 -22.13 27.20 -14.08
C GLY B 109 -23.42 27.94 -14.31
N GLY B 110 -24.48 27.57 -13.57
CA GLY B 110 -25.85 28.05 -13.76
C GLY B 110 -25.99 29.56 -13.84
N GLU B 111 -25.16 30.32 -13.12
CA GLU B 111 -25.29 31.79 -13.04
C GLU B 111 -24.68 32.45 -14.31
N GLY B 112 -23.89 31.70 -15.06
CA GLY B 112 -23.36 32.14 -16.37
C GLY B 112 -22.00 32.82 -16.23
N ALA B 113 -21.38 32.88 -15.05
CA ALA B 113 -20.09 33.57 -14.88
C ALA B 113 -18.93 32.72 -15.39
N THR B 114 -18.98 31.41 -15.24
CA THR B 114 -17.99 30.49 -15.80
C THR B 114 -17.98 30.69 -17.32
N LEU B 115 -19.14 30.68 -17.96
CA LEU B 115 -19.29 30.93 -19.42
C LEU B 115 -18.71 32.30 -19.76
N ARG B 116 -19.03 33.33 -18.96
CA ARG B 116 -18.51 34.70 -19.20
C ARG B 116 -16.98 34.65 -19.26
N GLU B 117 -16.33 33.98 -18.31
CA GLU B 117 -14.84 33.97 -18.25
C GLU B 117 -14.31 33.16 -19.46
N ALA B 118 -14.89 32.03 -19.80
CA ALA B 118 -14.40 31.18 -20.89
C ALA B 118 -14.48 31.92 -22.22
N LEU B 119 -15.57 32.67 -22.44
CA LEU B 119 -15.82 33.40 -23.70
C LEU B 119 -14.79 34.49 -23.90
N LYS B 120 -14.13 34.96 -22.86
CA LYS B 120 -13.14 36.06 -22.98
C LYS B 120 -11.97 35.62 -23.88
N HIS B 121 -11.68 34.34 -23.94
CA HIS B 121 -10.57 33.78 -24.77
C HIS B 121 -10.98 33.88 -26.26
N GLY B 122 -10.34 34.76 -27.02
CA GLY B 122 -10.61 35.00 -28.45
C GLY B 122 -10.44 33.74 -29.29
N THR B 123 -9.75 32.71 -28.79
CA THR B 123 -9.57 31.43 -29.53
C THR B 123 -10.87 30.62 -29.52
N VAL B 124 -11.76 30.89 -28.57
CA VAL B 124 -13.01 30.10 -28.41
C VAL B 124 -13.94 30.37 -29.59
N LYS B 125 -14.38 29.33 -30.29
CA LYS B 125 -15.36 29.39 -31.40
C LYS B 125 -16.69 28.87 -30.93
N ARG B 126 -16.68 27.86 -30.07
CA ARG B 126 -17.90 27.18 -29.56
C ARG B 126 -17.74 26.91 -28.06
N ALA B 127 -18.64 27.47 -27.24
CA ALA B 127 -18.79 27.19 -25.80
C ALA B 127 -20.17 26.60 -25.55
N VAL B 128 -20.23 25.39 -25.02
CA VAL B 128 -21.50 24.76 -24.58
C VAL B 128 -21.52 24.78 -23.05
N MET B 129 -22.63 25.23 -22.47
CA MET B 129 -22.89 25.20 -21.02
C MET B 129 -24.09 24.28 -20.76
N VAL B 130 -23.94 23.29 -19.89
CA VAL B 130 -24.96 22.27 -19.59
C VAL B 130 -25.28 22.35 -18.10
N ASP B 131 -26.48 22.84 -17.76
CA ASP B 131 -26.95 22.83 -16.36
C ASP B 131 -28.23 22.00 -16.29
N ILE B 132 -28.40 21.25 -15.21
CA ILE B 132 -29.57 20.36 -15.04
C ILE B 132 -30.82 21.21 -14.76
N ASP B 133 -30.68 22.45 -14.29
CA ASP B 133 -31.78 23.19 -13.64
C ASP B 133 -32.09 24.48 -14.40
N ARG B 134 -33.14 24.46 -15.21
CA ARG B 134 -33.57 25.64 -16.00
C ARG B 134 -33.91 26.82 -15.10
N ASP B 135 -34.40 26.56 -13.88
CA ASP B 135 -34.78 27.66 -12.96
C ASP B 135 -33.53 28.42 -12.49
N VAL B 136 -32.40 27.74 -12.29
CA VAL B 136 -31.16 28.42 -11.84
C VAL B 136 -30.74 29.38 -12.96
N VAL B 137 -30.73 28.88 -14.19
CA VAL B 137 -30.30 29.69 -15.36
C VAL B 137 -31.24 30.87 -15.52
N GLU B 138 -32.56 30.63 -15.51
CA GLU B 138 -33.50 31.74 -15.81
C GLU B 138 -33.50 32.74 -14.65
N LEU B 139 -33.41 32.28 -13.42
CA LEU B 139 -33.40 33.21 -12.27
C LEU B 139 -32.10 33.97 -12.21
N SER B 140 -30.99 33.36 -12.65
CA SER B 140 -29.66 34.04 -12.75
C SER B 140 -29.71 35.07 -13.88
N ARG B 141 -30.29 34.72 -15.01
CA ARG B 141 -30.48 35.68 -16.13
C ARG B 141 -31.16 36.94 -15.57
N ALA B 142 -32.24 36.80 -14.80
CA ALA B 142 -33.05 37.95 -14.32
C ALA B 142 -32.37 38.66 -13.15
N TYR B 143 -31.95 37.93 -12.13
CA TYR B 143 -31.58 38.53 -10.81
C TYR B 143 -30.07 38.64 -10.61
N LEU B 144 -29.25 38.05 -11.47
CA LEU B 144 -27.77 38.08 -11.29
C LEU B 144 -27.09 38.56 -12.57
N PRO B 145 -27.49 39.71 -13.14
CA PRO B 145 -26.91 40.19 -14.40
C PRO B 145 -25.40 40.45 -14.33
N GLN B 146 -24.85 40.80 -13.16
CA GLN B 146 -23.41 41.07 -13.05
C GLN B 146 -22.62 39.76 -13.10
N MET B 147 -23.29 38.61 -13.01
CA MET B 147 -22.62 37.30 -13.18
C MET B 147 -22.51 36.96 -14.66
N HIS B 148 -23.60 36.87 -15.38
CA HIS B 148 -23.59 36.38 -16.78
C HIS B 148 -23.07 37.49 -17.69
N GLN B 149 -23.39 38.74 -17.40
CA GLN B 149 -23.03 39.93 -18.22
C GLN B 149 -23.26 39.64 -19.71
N GLY B 150 -24.39 39.03 -20.07
CA GLY B 150 -24.77 38.80 -21.49
C GLY B 150 -24.18 37.52 -22.09
N ALA B 151 -23.40 36.77 -21.32
CA ALA B 151 -22.72 35.55 -21.82
C ALA B 151 -23.74 34.58 -22.44
N PHE B 152 -24.94 34.49 -21.87
CA PHE B 152 -25.98 33.55 -22.35
C PHE B 152 -26.36 33.87 -23.80
N ASP B 153 -26.19 35.09 -24.24
CA ASP B 153 -26.64 35.59 -25.57
C ASP B 153 -25.47 35.70 -26.56
N ASP B 154 -24.24 35.38 -26.13
CA ASP B 154 -23.08 35.39 -27.04
C ASP B 154 -23.31 34.38 -28.17
N PRO B 155 -23.10 34.77 -29.45
CA PRO B 155 -23.31 33.86 -30.58
C PRO B 155 -22.49 32.57 -30.48
N ARG B 156 -21.34 32.60 -29.78
CA ARG B 156 -20.47 31.41 -29.64
C ARG B 156 -21.03 30.44 -28.61
N ALA B 157 -22.00 30.86 -27.79
CA ALA B 157 -22.48 30.09 -26.62
C ALA B 157 -23.77 29.34 -26.96
N LYS B 158 -23.89 28.14 -26.42
CA LYS B 158 -25.09 27.29 -26.47
C LYS B 158 -25.38 26.85 -25.03
N VAL B 159 -26.55 27.17 -24.50
CA VAL B 159 -27.04 26.72 -23.18
C VAL B 159 -27.97 25.54 -23.40
N VAL B 160 -27.60 24.42 -22.81
CA VAL B 160 -28.37 23.14 -22.79
C VAL B 160 -28.81 22.86 -21.37
N ILE B 161 -30.10 22.62 -21.19
CA ILE B 161 -30.67 22.15 -19.90
C ILE B 161 -30.73 20.64 -19.97
N GLN B 162 -29.83 19.99 -19.26
CA GLN B 162 -29.78 18.51 -19.20
C GLN B 162 -28.88 18.14 -18.03
N ASP B 163 -29.09 16.96 -17.48
CA ASP B 163 -28.15 16.31 -16.55
C ASP B 163 -26.82 16.14 -17.28
N GLY B 164 -25.74 16.63 -16.70
CA GLY B 164 -24.41 16.61 -17.29
C GLY B 164 -23.95 15.19 -17.55
N PHE B 165 -24.35 14.25 -16.71
CA PHE B 165 -24.03 12.81 -16.89
C PHE B 165 -24.59 12.32 -18.22
N VAL B 166 -25.86 12.60 -18.45
CA VAL B 166 -26.60 12.19 -19.68
C VAL B 166 -25.97 12.92 -20.86
N TYR B 167 -25.63 14.21 -20.72
CA TYR B 167 -25.10 14.99 -21.85
C TYR B 167 -23.79 14.37 -22.29
N VAL B 168 -22.96 13.98 -21.34
CA VAL B 168 -21.62 13.40 -21.67
C VAL B 168 -21.83 12.03 -22.33
N GLU B 169 -22.77 11.22 -21.89
CA GLU B 169 -23.03 9.90 -22.52
C GLU B 169 -23.46 10.13 -23.98
N GLU B 170 -24.34 11.11 -24.23
CA GLU B 170 -24.83 11.45 -25.58
C GLU B 170 -23.71 12.08 -26.40
N ALA B 171 -22.78 12.80 -25.79
CA ALA B 171 -21.62 13.38 -26.52
C ALA B 171 -20.68 12.25 -26.98
N ILE B 172 -20.54 11.21 -26.18
CA ILE B 172 -19.66 10.04 -26.55
C ILE B 172 -20.27 9.40 -27.81
N LYS B 173 -21.57 9.08 -27.77
CA LYS B 173 -22.31 8.44 -28.89
C LYS B 173 -22.22 9.30 -30.14
N ALA B 174 -22.23 10.63 -30.04
CA ALA B 174 -22.16 11.57 -31.20
C ALA B 174 -20.71 11.74 -31.67
N GLY B 175 -19.78 11.08 -30.97
CA GLY B 175 -18.32 11.36 -30.97
C GLY B 175 -17.94 12.83 -30.92
N ASP B 176 -18.58 13.65 -30.08
CA ASP B 176 -18.17 15.07 -29.85
C ASP B 176 -16.80 15.13 -29.14
N LYS B 177 -16.01 16.16 -29.40
CA LYS B 177 -14.72 16.37 -28.71
C LYS B 177 -14.53 17.85 -28.39
N TYR B 178 -13.93 18.12 -27.22
CA TYR B 178 -13.66 19.48 -26.70
C TYR B 178 -12.18 19.61 -26.36
N ASP B 179 -11.70 20.83 -26.36
CA ASP B 179 -10.32 21.20 -25.96
C ASP B 179 -10.25 21.36 -24.43
N VAL B 180 -11.21 22.06 -23.84
CA VAL B 180 -11.28 22.33 -22.38
C VAL B 180 -12.66 22.01 -21.87
N ILE B 181 -12.74 21.20 -20.82
CA ILE B 181 -14.00 20.92 -20.09
C ILE B 181 -13.88 21.49 -18.66
N ILE B 182 -14.83 22.34 -18.31
CA ILE B 182 -14.87 23.06 -17.00
C ILE B 182 -16.09 22.55 -16.24
N MET B 183 -15.86 21.90 -15.11
CA MET B 183 -16.91 21.47 -14.18
C MET B 183 -17.05 22.47 -13.03
N ASP B 184 -18.21 23.11 -12.99
CA ASP B 184 -18.62 24.12 -11.99
C ASP B 184 -19.93 23.65 -11.37
N LEU B 185 -19.88 22.54 -10.68
CA LEU B 185 -21.08 21.88 -10.13
C LEU B 185 -21.27 22.30 -8.67
N THR B 186 -22.42 21.95 -8.13
CA THR B 186 -22.67 21.95 -6.67
C THR B 186 -21.66 21.02 -5.99
N ASP B 187 -21.48 21.18 -4.69
CA ASP B 187 -20.36 20.59 -3.91
C ASP B 187 -20.47 19.07 -3.89
N PRO B 188 -19.30 18.41 -3.98
CA PRO B 188 -19.22 16.96 -3.95
C PRO B 188 -19.62 16.36 -2.61
N TYR B 189 -19.49 17.13 -1.53
CA TYR B 189 -19.70 16.63 -0.14
C TYR B 189 -21.17 16.82 0.24
N SER B 190 -21.98 17.52 -0.56
CA SER B 190 -23.35 17.87 -0.13
C SER B 190 -24.41 17.53 -1.18
N SER B 191 -24.08 17.48 -2.47
CA SER B 191 -25.05 17.62 -3.59
C SER B 191 -25.34 16.23 -4.17
N ASP B 192 -26.54 15.70 -3.92
CA ASP B 192 -26.97 14.40 -4.49
C ASP B 192 -26.98 14.53 -6.04
N ILE B 193 -27.47 15.65 -6.57
CA ILE B 193 -27.70 15.78 -8.03
C ILE B 193 -26.36 15.78 -8.80
N ALA B 194 -25.23 16.12 -8.17
CA ALA B 194 -23.92 16.19 -8.85
C ALA B 194 -23.06 14.96 -8.54
N LYS B 195 -23.46 14.05 -7.65
CA LYS B 195 -22.50 13.07 -7.07
C LYS B 195 -21.92 12.15 -8.16
N GLN B 196 -22.68 11.77 -9.19
CA GLN B 196 -22.17 10.81 -10.19
C GLN B 196 -21.15 11.49 -11.09
N LEU B 197 -21.07 12.81 -11.09
CA LEU B 197 -20.12 13.55 -11.99
C LEU B 197 -18.77 13.74 -11.33
N TYR B 198 -18.57 13.20 -10.14
CA TYR B 198 -17.31 13.37 -9.37
C TYR B 198 -16.57 12.02 -9.25
N THR B 199 -16.97 10.99 -9.98
CA THR B 199 -16.45 9.59 -9.84
C THR B 199 -15.32 9.36 -10.84
N ARG B 200 -14.46 8.37 -10.55
CA ARG B 200 -13.46 7.80 -11.47
C ARG B 200 -14.10 7.55 -12.83
N GLU B 201 -15.27 6.91 -12.82
CA GLU B 201 -16.00 6.46 -14.02
C GLU B 201 -16.36 7.69 -14.85
N PHE B 202 -16.76 8.78 -14.16
CA PHE B 202 -17.16 9.98 -14.90
C PHE B 202 -15.95 10.64 -15.56
N PHE B 203 -14.81 10.62 -14.89
CA PHE B 203 -13.60 11.28 -15.45
C PHE B 203 -13.11 10.46 -16.66
N ALA B 204 -13.35 9.15 -16.69
CA ALA B 204 -13.06 8.28 -17.86
C ALA B 204 -13.92 8.73 -19.04
N LYS B 205 -15.18 9.04 -18.78
CA LYS B 205 -16.13 9.51 -19.84
C LYS B 205 -15.68 10.88 -20.34
N ILE B 206 -15.22 11.74 -19.43
CA ILE B 206 -14.71 13.07 -19.80
C ILE B 206 -13.51 12.90 -20.75
N ARG B 207 -12.58 11.99 -20.41
CA ARG B 207 -11.39 11.80 -21.26
C ARG B 207 -11.83 11.43 -22.70
N ARG B 208 -12.89 10.65 -22.85
CA ARG B 208 -13.40 10.17 -24.17
C ARG B 208 -13.96 11.34 -25.00
N ILE B 209 -14.33 12.48 -24.38
CA ILE B 209 -14.84 13.63 -25.18
C ILE B 209 -13.83 14.78 -25.17
N LEU B 210 -12.60 14.49 -24.81
CA LEU B 210 -11.48 15.45 -24.93
C LEU B 210 -10.64 15.08 -26.16
N ASN B 211 -10.20 16.10 -26.89
CA ASN B 211 -9.09 15.99 -27.86
C ASN B 211 -7.86 15.48 -27.10
N ASP B 212 -6.86 15.05 -27.85
CA ASP B 212 -5.68 14.29 -27.31
C ASP B 212 -4.81 15.20 -26.44
N ASP B 213 -4.89 16.51 -26.64
CA ASP B 213 -4.17 17.53 -25.81
C ASP B 213 -5.18 18.29 -24.90
N GLY B 214 -6.31 17.68 -24.57
CA GLY B 214 -7.42 18.32 -23.84
C GLY B 214 -7.10 18.54 -22.36
N VAL B 215 -7.82 19.45 -21.72
CA VAL B 215 -7.70 19.69 -20.23
C VAL B 215 -9.10 19.78 -19.60
N VAL B 216 -9.23 19.16 -18.44
CA VAL B 216 -10.43 19.23 -17.57
C VAL B 216 -10.04 20.01 -16.33
N VAL B 217 -10.95 20.84 -15.85
CA VAL B 217 -10.78 21.44 -14.50
C VAL B 217 -12.12 21.29 -13.79
N THR B 218 -12.07 20.98 -12.50
CA THR B 218 -13.28 20.92 -11.64
C THR B 218 -13.00 21.62 -10.30
N GLN B 219 -14.03 22.22 -9.69
CA GLN B 219 -14.01 22.56 -8.26
C GLN B 219 -14.16 21.22 -7.55
N ALA B 220 -13.50 21.03 -6.40
CA ALA B 220 -13.48 19.74 -5.67
C ALA B 220 -13.80 19.95 -4.18
N GLY B 221 -14.57 20.99 -3.85
CA GLY B 221 -15.02 21.27 -2.48
C GLY B 221 -13.92 21.87 -1.65
N ASN B 222 -13.56 21.23 -0.55
CA ASN B 222 -12.51 21.76 0.36
C ASN B 222 -11.75 20.61 1.03
N SER B 223 -10.42 20.63 0.86
CA SER B 223 -9.45 19.60 1.32
C SER B 223 -9.32 19.63 2.84
N PHE B 224 -9.51 20.79 3.45
CA PHE B 224 -9.33 20.98 4.90
C PHE B 224 -10.53 20.40 5.66
N TYR B 225 -11.74 20.80 5.29
CA TYR B 225 -12.96 20.39 6.00
C TYR B 225 -13.51 19.08 5.44
N PHE B 226 -13.31 18.81 4.15
CA PHE B 226 -13.90 17.59 3.51
C PHE B 226 -12.83 16.78 2.79
N PRO B 227 -11.83 16.26 3.53
CA PRO B 227 -10.69 15.61 2.90
C PRO B 227 -11.07 14.34 2.15
N ALA B 228 -11.99 13.55 2.69
CA ALA B 228 -12.40 12.26 2.09
C ALA B 228 -13.04 12.53 0.73
N GLU B 229 -13.96 13.49 0.65
CA GLU B 229 -14.65 13.80 -0.63
C GLU B 229 -13.64 14.39 -1.60
N TYR B 230 -12.73 15.25 -1.11
CA TYR B 230 -11.70 15.87 -1.96
C TYR B 230 -10.81 14.77 -2.55
N ASP B 231 -10.33 13.85 -1.70
CA ASP B 231 -9.42 12.75 -2.09
C ASP B 231 -10.11 11.85 -3.13
N MET B 232 -11.40 11.58 -3.00
CA MET B 232 -12.17 10.74 -3.98
C MET B 232 -12.12 11.43 -5.35
N VAL B 233 -12.32 12.74 -5.40
CA VAL B 233 -12.30 13.49 -6.69
C VAL B 233 -10.89 13.38 -7.25
N LEU B 234 -9.87 13.63 -6.42
CA LEU B 234 -8.44 13.67 -6.83
C LEU B 234 -8.06 12.30 -7.43
N GLU B 235 -8.40 11.21 -6.76
CA GLU B 235 -8.07 9.82 -7.23
C GLU B 235 -8.77 9.55 -8.55
N GLY B 236 -10.00 10.01 -8.71
CA GLY B 236 -10.77 9.94 -9.97
C GLY B 236 -10.07 10.60 -11.12
N VAL B 237 -9.51 11.79 -10.90
CA VAL B 237 -8.78 12.55 -11.95
C VAL B 237 -7.43 11.86 -12.20
N LYS B 238 -6.71 11.48 -11.15
CA LYS B 238 -5.36 10.88 -11.26
C LYS B 238 -5.43 9.53 -12.01
N ALA B 239 -6.54 8.80 -11.91
CA ALA B 239 -6.71 7.48 -12.57
C ALA B 239 -6.91 7.68 -14.07
N ASN B 240 -7.24 8.88 -14.52
CA ASN B 240 -7.65 9.10 -15.93
C ASN B 240 -6.75 10.08 -16.64
N PHE B 241 -5.93 10.84 -15.92
CA PHE B 241 -5.09 11.91 -16.51
C PHE B 241 -3.68 11.80 -15.97
N PRO B 242 -2.67 11.91 -16.86
CA PRO B 242 -1.27 11.78 -16.45
C PRO B 242 -0.68 13.05 -15.81
N ILE B 243 -1.24 14.22 -16.11
CA ILE B 243 -0.83 15.52 -15.50
C ILE B 243 -2.00 16.02 -14.65
N VAL B 244 -1.76 16.25 -13.36
CA VAL B 244 -2.79 16.72 -12.40
C VAL B 244 -2.19 17.85 -11.57
N ALA B 245 -2.83 19.02 -11.57
CA ALA B 245 -2.50 20.13 -10.67
C ALA B 245 -3.63 20.37 -9.69
N GLU B 246 -3.26 20.66 -8.46
CA GLU B 246 -4.17 20.98 -7.35
C GLU B 246 -3.88 22.42 -6.94
N TYR B 247 -4.90 23.26 -6.81
CA TYR B 247 -4.71 24.62 -6.33
C TYR B 247 -5.96 25.09 -5.61
N GLU B 248 -5.85 26.17 -4.83
CA GLU B 248 -7.00 26.60 -4.03
C GLU B 248 -7.02 28.11 -3.98
N VAL B 249 -8.19 28.69 -3.69
CA VAL B 249 -8.32 30.15 -3.52
C VAL B 249 -9.33 30.42 -2.42
N TRP B 250 -8.98 31.30 -1.51
CA TRP B 250 -9.92 31.73 -0.45
C TRP B 250 -11.09 32.47 -1.11
N ILE B 251 -12.31 31.99 -0.91
CA ILE B 251 -13.53 32.71 -1.33
C ILE B 251 -14.26 33.10 -0.06
N PRO B 252 -14.19 34.39 0.35
CA PRO B 252 -14.77 34.78 1.63
C PRO B 252 -16.20 34.30 1.84
N SER B 253 -17.07 34.43 0.83
CA SER B 253 -18.51 34.14 0.97
C SER B 253 -18.74 32.63 1.19
N PHE B 254 -17.75 31.78 0.88
CA PHE B 254 -17.83 30.32 1.10
C PHE B 254 -17.37 29.93 2.51
N GLY B 255 -16.55 30.75 3.15
CA GLY B 255 -15.91 30.43 4.44
C GLY B 255 -14.72 29.51 4.31
N TYR B 256 -14.19 29.34 3.09
CA TYR B 256 -13.03 28.45 2.87
C TYR B 256 -12.35 28.74 1.52
N ALA B 257 -11.15 28.18 1.38
CA ALA B 257 -10.35 28.16 0.14
C ALA B 257 -10.87 27.00 -0.71
N VAL B 258 -11.56 27.31 -1.80
CA VAL B 258 -12.12 26.29 -2.70
C VAL B 258 -10.96 25.57 -3.34
N ASN B 259 -11.06 24.25 -3.45
CA ASN B 259 -10.04 23.44 -4.13
C ASN B 259 -10.42 23.20 -5.59
N PHE B 260 -9.44 23.32 -6.47
CA PHE B 260 -9.55 23.03 -7.91
C PHE B 260 -8.59 21.88 -8.24
N ILE B 261 -9.03 21.02 -9.14
CA ILE B 261 -8.22 19.92 -9.71
C ILE B 261 -8.28 20.04 -11.21
N LEU B 262 -7.10 20.18 -11.80
CA LEU B 262 -6.89 20.31 -13.26
C LEU B 262 -6.22 19.03 -13.76
N GLY B 263 -6.87 18.36 -14.72
CA GLY B 263 -6.33 17.17 -15.40
C GLY B 263 -6.00 17.49 -16.82
N SER B 264 -4.78 17.15 -17.25
CA SER B 264 -4.25 17.51 -18.59
C SER B 264 -3.67 16.26 -19.26
N LEU B 265 -3.86 16.17 -20.57
CA LEU B 265 -3.38 15.03 -21.38
C LEU B 265 -1.98 15.34 -21.94
N ARG B 266 -1.61 16.61 -22.15
CA ARG B 266 -0.30 16.97 -22.77
C ARG B 266 0.39 18.11 -22.02
N TYR B 267 -0.30 19.26 -21.84
CA TYR B 267 0.33 20.51 -21.35
C TYR B 267 0.27 20.57 -19.82
N ASP B 268 1.36 21.00 -19.22
CA ASP B 268 1.53 21.04 -17.74
C ASP B 268 1.42 22.49 -17.31
N PRO B 269 0.38 22.85 -16.51
CA PRO B 269 0.21 24.23 -16.08
C PRO B 269 1.37 24.70 -15.21
N HIS B 270 2.10 23.77 -14.56
CA HIS B 270 3.26 24.13 -13.70
C HIS B 270 4.40 24.68 -14.56
N ALA B 271 4.41 24.39 -15.86
CA ALA B 271 5.52 24.76 -16.78
C ALA B 271 5.34 26.17 -17.33
N LEU B 272 4.17 26.79 -17.17
CA LEU B 272 3.91 28.16 -17.71
C LEU B 272 4.66 29.20 -16.88
N THR B 273 5.32 30.14 -17.54
CA THR B 273 5.94 31.30 -16.86
C THR B 273 4.88 32.40 -16.79
N PRO B 274 5.00 33.34 -15.84
CA PRO B 274 4.13 34.50 -15.80
C PRO B 274 4.04 35.21 -17.15
N SER B 275 5.18 35.36 -17.84
CA SER B 275 5.29 36.11 -19.11
C SER B 275 4.47 35.41 -20.19
N GLU B 276 4.56 34.09 -20.27
CA GLU B 276 3.81 33.31 -21.25
C GLU B 276 2.32 33.45 -20.93
N VAL B 277 1.92 33.37 -19.64
CA VAL B 277 0.48 33.50 -19.30
C VAL B 277 0.02 34.88 -19.74
N ASP B 278 0.77 35.93 -19.37
CA ASP B 278 0.35 37.33 -19.62
C ASP B 278 0.25 37.58 -21.13
N GLU B 279 1.14 36.94 -21.91
CA GLU B 279 1.15 37.10 -23.39
C GLU B 279 -0.07 36.39 -23.97
N ARG B 280 -0.44 35.21 -23.47
CA ARG B 280 -1.65 34.52 -23.97
C ARG B 280 -2.90 35.35 -23.64
N LEU B 281 -2.98 35.93 -22.46
CA LEU B 281 -4.14 36.75 -22.06
C LEU B 281 -4.24 37.95 -23.00
N ARG B 282 -3.12 38.60 -23.25
CA ARG B 282 -3.04 39.81 -24.12
CA ARG B 282 -3.04 39.81 -24.12
C ARG B 282 -3.47 39.38 -25.53
N ALA B 283 -2.86 38.34 -26.07
CA ALA B 283 -3.11 37.89 -27.48
C ALA B 283 -4.59 37.53 -27.62
N ARG B 284 -5.21 37.00 -26.57
CA ARG B 284 -6.59 36.47 -26.66
C ARG B 284 -7.63 37.52 -26.25
N GLY B 285 -7.21 38.72 -25.86
CA GLY B 285 -8.12 39.83 -25.50
C GLY B 285 -8.79 39.59 -24.12
N VAL B 286 -8.15 38.80 -23.24
CA VAL B 286 -8.71 38.42 -21.93
C VAL B 286 -8.40 39.51 -20.90
N LYS B 287 -9.44 40.20 -20.41
CA LYS B 287 -9.37 41.16 -19.29
C LYS B 287 -9.87 40.47 -18.01
N THR B 288 -9.13 40.61 -16.92
CA THR B 288 -9.47 39.98 -15.62
C THR B 288 -9.42 41.01 -14.50
N ALA B 289 -10.12 40.74 -13.40
CA ALA B 289 -10.00 41.49 -12.13
C ALA B 289 -8.89 40.92 -11.25
N PHE B 290 -8.48 39.66 -11.45
CA PHE B 290 -7.61 38.95 -10.48
C PHE B 290 -6.50 38.17 -11.19
N TYR B 291 -6.85 37.26 -12.07
CA TYR B 291 -5.90 36.31 -12.70
C TYR B 291 -4.88 37.04 -13.57
N THR B 292 -3.61 36.70 -13.34
CA THR B 292 -2.40 37.17 -14.07
C THR B 292 -1.38 36.05 -14.06
N GLY B 293 -0.27 36.26 -14.76
CA GLY B 293 0.85 35.31 -14.78
C GLY B 293 1.37 35.05 -13.39
N ARG B 294 1.46 36.09 -12.56
CA ARG B 294 1.99 35.95 -11.19
C ARG B 294 0.99 35.15 -10.35
N VAL B 295 -0.31 35.41 -10.51
CA VAL B 295 -1.34 34.61 -9.79
C VAL B 295 -1.16 33.16 -10.22
N HIS B 296 -1.03 32.93 -11.52
CA HIS B 296 -0.88 31.55 -12.03
C HIS B 296 0.29 30.87 -11.33
N LEU B 297 1.44 31.55 -11.25
CA LEU B 297 2.64 31.03 -10.59
C LEU B 297 2.32 30.69 -9.12
N ALA B 298 1.64 31.57 -8.44
CA ALA B 298 1.26 31.38 -7.00
C ALA B 298 0.36 30.17 -6.85
N LEU B 299 -0.65 30.04 -7.70
CA LEU B 299 -1.61 28.89 -7.64
C LEU B 299 -0.86 27.59 -7.83
N MET B 300 0.12 27.57 -8.72
CA MET B 300 0.86 26.33 -9.05
C MET B 300 1.85 25.98 -7.94
N ASN B 301 2.14 26.91 -7.02
CA ASN B 301 3.22 26.72 -6.02
C ASN B 301 2.68 26.64 -4.58
N MET B 302 1.45 27.06 -4.35
CA MET B 302 0.84 27.02 -3.00
C MET B 302 0.28 25.63 -2.77
N PRO B 303 0.75 24.88 -1.76
CA PRO B 303 0.15 23.60 -1.43
C PRO B 303 -1.27 23.86 -0.87
N ILE B 304 -2.12 22.85 -0.96
CA ILE B 304 -3.50 22.95 -0.48
C ILE B 304 -3.51 22.74 1.04
N HIS B 305 -4.53 23.27 1.70
CA HIS B 305 -4.69 23.18 3.18
C HIS B 305 -5.16 21.80 3.58
N ARG B 306 -4.57 21.26 4.66
CA ARG B 306 -5.06 20.06 5.35
C ARG B 306 -5.07 20.34 6.86
N LYS B 307 -5.83 19.58 7.62
CA LYS B 307 -5.70 19.56 9.10
C LYS B 307 -4.30 19.01 9.43
N LEU B 308 -3.51 19.75 10.21
CA LEU B 308 -2.08 19.41 10.42
C LEU B 308 -1.91 18.55 11.68
N ARG B 309 -2.92 18.48 12.52
CA ARG B 309 -2.97 17.57 13.69
C ARG B 309 -4.42 17.09 13.80
N VAL C 24 43.18 10.39 -40.35
CA VAL C 24 43.07 11.40 -39.25
C VAL C 24 43.29 12.79 -39.86
N PRO C 25 42.56 13.80 -39.33
CA PRO C 25 41.95 14.83 -40.17
C PRO C 25 42.81 15.96 -40.70
N GLY C 26 43.79 15.67 -41.54
CA GLY C 26 44.73 16.63 -42.14
C GLY C 26 45.22 16.12 -43.47
N PRO C 27 46.30 16.67 -44.04
CA PRO C 27 47.16 17.63 -43.33
C PRO C 27 46.62 19.06 -43.15
N ILE C 28 45.69 19.49 -43.97
CA ILE C 28 45.09 20.85 -43.87
C ILE C 28 43.76 20.68 -43.15
N THR C 29 43.58 21.46 -42.10
CA THR C 29 42.52 21.26 -41.11
C THR C 29 41.87 22.60 -40.81
N LEU C 30 40.54 22.57 -40.67
CA LEU C 30 39.78 23.67 -40.10
C LEU C 30 39.62 23.36 -38.61
N ILE C 31 39.97 24.30 -37.75
CA ILE C 31 39.59 24.21 -36.31
C ILE C 31 38.32 25.01 -36.14
N GLU C 32 37.19 24.30 -36.13
CA GLU C 32 35.85 24.92 -35.97
C GLU C 32 35.56 24.97 -34.48
N PRO C 33 35.32 26.18 -33.93
CA PRO C 33 34.99 26.28 -32.53
C PRO C 33 33.61 25.63 -32.39
N LEU C 34 33.37 25.07 -31.24
CA LEU C 34 32.03 24.49 -30.99
C LEU C 34 31.57 25.20 -29.72
N SER C 35 32.17 24.88 -28.59
CA SER C 35 31.72 25.36 -27.27
C SER C 35 32.79 26.21 -26.61
N GLY C 36 33.99 26.25 -27.14
CA GLY C 36 35.13 26.83 -26.38
C GLY C 36 35.88 25.77 -25.59
N ASN C 37 35.20 24.74 -25.08
CA ASN C 37 35.90 23.62 -24.37
C ASN C 37 35.91 22.38 -25.27
N THR C 38 35.24 22.47 -26.41
CA THR C 38 35.24 21.45 -27.47
C THR C 38 35.40 22.20 -28.79
N SER C 39 36.24 21.69 -29.68
CA SER C 39 36.33 22.18 -31.08
C SER C 39 36.30 20.99 -32.02
N LEU C 40 35.95 21.24 -33.26
CA LEU C 40 35.99 20.21 -34.33
C LEU C 40 37.28 20.43 -35.13
N LEU C 41 37.93 19.32 -35.49
CA LEU C 41 39.04 19.30 -36.45
C LEU C 41 38.51 18.71 -37.73
N ILE C 42 38.47 19.52 -38.79
CA ILE C 42 37.81 19.10 -40.05
C ILE C 42 38.85 19.14 -41.19
N LYS C 43 39.05 18.03 -41.86
CA LYS C 43 39.97 17.97 -43.03
C LYS C 43 39.43 18.84 -44.15
N ILE C 44 40.29 19.72 -44.66
CA ILE C 44 40.08 20.66 -45.80
C ILE C 44 40.78 20.05 -47.00
N ASN C 45 40.09 19.93 -48.12
CA ASN C 45 40.69 19.47 -49.39
C ASN C 45 41.15 20.68 -50.21
N ALA C 46 40.47 21.82 -50.10
CA ALA C 46 40.74 22.98 -50.96
C ALA C 46 40.09 24.20 -50.36
N ILE C 47 40.69 25.36 -50.61
CA ILE C 47 40.09 26.68 -50.32
C ILE C 47 39.72 27.33 -51.64
N HIS C 48 38.44 27.65 -51.82
CA HIS C 48 37.93 28.25 -53.08
C HIS C 48 38.08 29.76 -53.03
N SER C 49 37.78 30.39 -51.90
CA SER C 49 37.81 31.86 -51.79
C SER C 49 37.99 32.24 -50.32
N VAL C 50 38.73 33.30 -50.08
CA VAL C 50 38.86 33.98 -48.76
C VAL C 50 38.56 35.45 -49.01
N LYS C 51 37.66 36.05 -48.24
CA LYS C 51 37.30 37.47 -48.46
C LYS C 51 37.06 38.08 -47.10
N LYS C 52 37.86 39.09 -46.74
CA LYS C 52 37.62 39.94 -45.57
C LYS C 52 36.58 40.97 -46.02
N SER C 53 35.31 40.79 -45.64
CA SER C 53 34.26 41.78 -45.94
C SER C 53 34.31 42.82 -44.83
N PRO C 54 33.62 43.96 -44.95
CA PRO C 54 33.58 44.90 -43.83
C PRO C 54 32.92 44.32 -42.58
N TYR C 55 32.10 43.28 -42.73
CA TYR C 55 31.32 42.70 -41.62
C TYR C 55 32.02 41.49 -41.01
N GLN C 56 32.66 40.64 -41.80
CA GLN C 56 33.08 39.29 -41.32
C GLN C 56 34.09 38.71 -42.29
N GLU C 57 34.84 37.73 -41.81
CA GLU C 57 35.76 36.96 -42.67
C GLU C 57 34.96 35.81 -43.30
N ILE C 58 35.04 35.70 -44.62
CA ILE C 58 34.31 34.71 -45.42
C ILE C 58 35.35 33.71 -45.92
N ILE C 59 35.10 32.41 -45.73
CA ILE C 59 35.90 31.37 -46.40
C ILE C 59 34.92 30.42 -47.07
N ILE C 60 35.18 30.12 -48.32
CA ILE C 60 34.50 29.01 -49.02
C ILE C 60 35.55 27.94 -49.29
N ALA C 61 35.30 26.73 -48.83
CA ALA C 61 36.31 25.64 -48.82
C ALA C 61 35.62 24.32 -49.12
N ASP C 62 36.42 23.32 -49.47
CA ASP C 62 35.93 21.94 -49.65
C ASP C 62 36.40 21.18 -48.43
N THR C 63 35.48 20.50 -47.74
CA THR C 63 35.80 19.58 -46.65
C THR C 63 35.62 18.16 -47.17
N GLU C 64 36.44 17.23 -46.68
CA GLU C 64 36.33 15.82 -47.05
C GLU C 64 34.98 15.29 -46.57
N ASP C 65 34.57 15.59 -45.33
CA ASP C 65 33.36 14.99 -44.75
C ASP C 65 32.11 15.65 -45.33
N TYR C 66 32.12 16.95 -45.53
CA TYR C 66 30.87 17.73 -45.70
C TYR C 66 30.79 18.36 -47.07
N GLY C 67 31.78 18.13 -47.94
CA GLY C 67 31.91 18.85 -49.22
C GLY C 67 32.05 20.34 -48.99
N ARG C 68 31.52 21.12 -49.92
CA ARG C 68 31.73 22.58 -49.97
C ARG C 68 31.02 23.24 -48.80
N VAL C 69 31.68 24.21 -48.17
CA VAL C 69 31.14 24.90 -46.96
C VAL C 69 31.30 26.39 -47.13
N LEU C 70 30.37 27.12 -46.54
CA LEU C 70 30.52 28.55 -46.22
C LEU C 70 30.90 28.68 -44.76
N ILE C 71 31.99 29.41 -44.50
CA ILE C 71 32.53 29.67 -43.14
C ILE C 71 32.48 31.19 -42.93
N LEU C 72 31.91 31.64 -41.82
CA LEU C 72 31.90 33.07 -41.46
C LEU C 72 32.51 33.19 -40.08
N ASP C 73 33.61 33.94 -39.97
CA ASP C 73 34.34 34.15 -38.69
C ASP C 73 34.59 32.80 -38.00
N ASP C 74 35.00 31.78 -38.78
CA ASP C 74 35.47 30.45 -38.27
C ASP C 74 34.32 29.45 -38.10
N TYR C 75 33.05 29.89 -38.18
CA TYR C 75 31.89 28.99 -37.99
C TYR C 75 31.31 28.55 -39.33
N ILE C 76 31.24 27.25 -39.57
CA ILE C 76 30.51 26.70 -40.73
C ILE C 76 29.06 27.16 -40.66
N GLN C 77 28.57 27.71 -41.75
CA GLN C 77 27.18 28.21 -41.89
C GLN C 77 26.34 27.13 -42.56
N SER C 78 26.95 26.37 -43.47
CA SER C 78 26.21 25.43 -44.35
C SER C 78 27.22 24.56 -45.07
N SER C 79 26.86 23.33 -45.35
CA SER C 79 27.69 22.39 -46.13
C SER C 79 26.81 21.76 -47.20
N TYR C 80 27.40 21.40 -48.32
CA TYR C 80 26.70 20.67 -49.40
C TYR C 80 26.06 19.39 -48.86
N VAL C 81 26.70 18.63 -47.97
CA VAL C 81 26.17 17.28 -47.65
C VAL C 81 25.02 17.36 -46.64
N ASP C 82 24.89 18.44 -45.87
CA ASP C 82 23.84 18.46 -44.83
C ASP C 82 23.04 19.76 -44.78
N GLU C 83 23.27 20.72 -45.67
CA GLU C 83 22.53 22.00 -45.57
C GLU C 83 21.02 21.76 -45.71
N GLN C 84 20.59 20.75 -46.46
CA GLN C 84 19.14 20.53 -46.69
C GLN C 84 18.46 20.17 -45.36
N TYR C 85 19.14 19.48 -44.45
CA TYR C 85 18.63 19.23 -43.09
C TYR C 85 18.35 20.55 -42.39
N TYR C 86 19.29 21.49 -42.50
CA TYR C 86 19.19 22.79 -41.82
C TYR C 86 18.07 23.60 -42.48
N HIS C 87 18.14 23.81 -43.79
CA HIS C 87 17.26 24.78 -44.49
C HIS C 87 15.83 24.25 -44.54
N GLU C 88 15.65 22.94 -44.73
CA GLU C 88 14.28 22.37 -44.75
C GLU C 88 13.66 22.48 -43.36
N SER C 89 14.43 22.24 -42.31
CA SER C 89 13.95 22.27 -40.90
C SER C 89 13.66 23.71 -40.50
N LEU C 90 14.42 24.65 -41.04
CA LEU C 90 14.26 26.08 -40.68
C LEU C 90 12.96 26.60 -41.32
N VAL C 91 12.69 26.19 -42.54
CA VAL C 91 11.65 26.86 -43.38
C VAL C 91 10.31 26.12 -43.30
N HIS C 92 10.28 24.82 -43.56
CA HIS C 92 9.01 24.15 -43.96
C HIS C 92 8.03 24.03 -42.80
N PRO C 93 8.44 23.76 -41.54
CA PRO C 93 7.45 23.68 -40.48
C PRO C 93 6.64 24.98 -40.34
N ALA C 94 7.30 26.14 -40.39
CA ALA C 94 6.63 27.45 -40.33
C ALA C 94 5.73 27.64 -41.57
N MET C 95 6.25 27.38 -42.76
CA MET C 95 5.55 27.63 -44.02
C MET C 95 4.33 26.69 -44.10
N ALA C 96 4.47 25.45 -43.65
CA ALA C 96 3.40 24.42 -43.71
C ALA C 96 2.33 24.77 -42.66
N THR C 97 2.71 25.39 -41.55
CA THR C 97 1.80 25.78 -40.47
C THR C 97 0.92 26.94 -40.94
N HIS C 98 1.46 27.86 -41.74
CA HIS C 98 0.64 28.95 -42.30
C HIS C 98 -0.24 28.38 -43.40
N PRO C 99 -1.57 28.61 -43.36
CA PRO C 99 -2.46 28.01 -44.34
C PRO C 99 -2.32 28.60 -45.75
N ASN C 100 -1.79 29.81 -45.90
CA ASN C 100 -1.63 30.47 -47.22
C ASN C 100 -0.55 31.55 -47.13
N PRO C 101 0.74 31.16 -47.02
CA PRO C 101 1.83 32.13 -46.90
C PRO C 101 2.11 32.77 -48.28
N ARG C 102 1.80 34.06 -48.43
CA ARG C 102 1.88 34.78 -49.73
C ARG C 102 3.09 35.71 -49.73
N ASP C 103 3.33 36.39 -48.61
CA ASP C 103 4.42 37.37 -48.40
C ASP C 103 5.39 36.82 -47.35
N VAL C 104 6.62 36.57 -47.77
CA VAL C 104 7.68 35.96 -46.92
C VAL C 104 8.85 36.93 -46.81
N LEU C 105 9.33 37.15 -45.59
CA LEU C 105 10.56 37.90 -45.28
C LEU C 105 11.59 36.94 -44.69
N ILE C 106 12.81 36.96 -45.23
CA ILE C 106 13.99 36.24 -44.71
C ILE C 106 15.02 37.27 -44.26
N LEU C 107 15.47 37.18 -43.01
CA LEU C 107 16.60 37.98 -42.49
C LEU C 107 17.82 37.05 -42.45
N GLY C 108 18.86 37.41 -43.19
CA GLY C 108 20.07 36.59 -43.35
C GLY C 108 19.89 35.66 -44.54
N GLY C 109 20.27 34.41 -44.39
CA GLY C 109 20.15 33.43 -45.47
C GLY C 109 21.07 33.74 -46.64
N GLY C 110 22.24 34.29 -46.39
CA GLY C 110 23.19 34.81 -47.40
C GLY C 110 23.46 33.84 -48.55
N GLU C 111 23.47 32.53 -48.32
CA GLU C 111 23.83 31.53 -49.37
C GLU C 111 22.64 31.28 -50.29
N GLY C 112 21.43 31.69 -49.90
CA GLY C 112 20.25 31.66 -50.77
C GLY C 112 19.45 30.37 -50.63
N ALA C 113 19.82 29.45 -49.75
CA ALA C 113 19.12 28.16 -49.58
C ALA C 113 17.81 28.35 -48.80
N THR C 114 17.78 29.25 -47.82
CA THR C 114 16.51 29.55 -47.08
C THR C 114 15.49 30.07 -48.11
N LEU C 115 15.90 31.01 -48.96
CA LEU C 115 15.05 31.55 -50.05
C LEU C 115 14.62 30.42 -50.98
N ARG C 116 15.54 29.54 -51.37
CA ARG C 116 15.23 28.39 -52.25
C ARG C 116 14.08 27.57 -51.63
N GLU C 117 14.16 27.27 -50.33
CA GLU C 117 13.12 26.41 -49.69
C GLU C 117 11.80 27.20 -49.62
N ALA C 118 11.82 28.46 -49.25
CA ALA C 118 10.58 29.25 -49.10
C ALA C 118 9.86 29.36 -50.46
N LEU C 119 10.61 29.56 -51.54
CA LEU C 119 10.04 29.77 -52.89
C LEU C 119 9.36 28.49 -53.39
N LYS C 120 9.66 27.33 -52.83
CA LYS C 120 9.04 26.08 -53.29
C LYS C 120 7.52 26.12 -53.04
N HIS C 121 7.07 26.87 -52.04
CA HIS C 121 5.62 26.98 -51.70
C HIS C 121 4.93 27.81 -52.80
N GLY C 122 4.08 27.16 -53.59
CA GLY C 122 3.33 27.79 -54.70
C GLY C 122 2.45 28.95 -54.23
N THR C 123 2.15 29.06 -52.94
CA THR C 123 1.33 30.18 -52.41
C THR C 123 2.15 31.47 -52.37
N VAL C 124 3.47 31.35 -52.36
CA VAL C 124 4.35 32.55 -52.18
C VAL C 124 4.28 33.42 -53.44
N LYS C 125 3.95 34.70 -53.31
CA LYS C 125 3.92 35.68 -54.41
C LYS C 125 5.13 36.61 -54.31
N ARG C 126 5.52 36.94 -53.09
CA ARG C 126 6.64 37.89 -52.79
C ARG C 126 7.49 37.30 -51.66
N ALA C 127 8.79 37.07 -51.95
CA ALA C 127 9.81 36.68 -50.95
C ALA C 127 10.89 37.76 -50.95
N VAL C 128 11.10 38.40 -49.81
CA VAL C 128 12.21 39.36 -49.64
C VAL C 128 13.25 38.71 -48.74
N MET C 129 14.50 38.76 -49.16
CA MET C 129 15.68 38.28 -48.41
C MET C 129 16.57 39.48 -48.12
N VAL C 130 16.90 39.70 -46.86
CA VAL C 130 17.67 40.88 -46.38
C VAL C 130 18.92 40.36 -45.69
N ASP C 131 20.07 40.54 -46.33
CA ASP C 131 21.39 40.19 -45.71
C ASP C 131 22.23 41.46 -45.62
N ILE C 132 22.97 41.62 -44.54
CA ILE C 132 23.79 42.82 -44.29
C ILE C 132 25.02 42.79 -45.23
N ASP C 133 25.41 41.63 -45.77
CA ASP C 133 26.76 41.45 -46.37
C ASP C 133 26.65 41.06 -47.83
N ARG C 134 26.87 42.02 -48.72
CA ARG C 134 26.78 41.79 -50.19
C ARG C 134 27.84 40.76 -50.63
N ASP C 135 28.98 40.68 -49.91
CA ASP C 135 30.05 39.73 -50.32
C ASP C 135 29.59 38.29 -50.09
N VAL C 136 28.82 38.03 -49.03
CA VAL C 136 28.34 36.65 -48.77
C VAL C 136 27.42 36.24 -49.91
N VAL C 137 26.51 37.13 -50.29
CA VAL C 137 25.53 36.83 -51.36
C VAL C 137 26.30 36.62 -52.68
N GLU C 138 27.22 37.52 -53.02
CA GLU C 138 27.88 37.42 -54.35
C GLU C 138 28.80 36.18 -54.37
N LEU C 139 29.49 35.91 -53.27
CA LEU C 139 30.40 34.74 -53.26
C LEU C 139 29.60 33.44 -53.25
N SER C 140 28.42 33.44 -52.63
CA SER C 140 27.50 32.28 -52.63
C SER C 140 26.93 32.08 -54.02
N ARG C 141 26.52 33.17 -54.68
CA ARG C 141 26.04 33.09 -56.08
C ARG C 141 27.08 32.35 -56.93
N ALA C 142 28.37 32.70 -56.81
CA ALA C 142 29.44 32.13 -57.67
C ALA C 142 29.85 30.72 -57.20
N TYR C 143 30.13 30.55 -55.92
CA TYR C 143 30.86 29.35 -55.42
C TYR C 143 29.93 28.33 -54.77
N LEU C 144 28.66 28.67 -54.50
CA LEU C 144 27.72 27.74 -53.82
C LEU C 144 26.43 27.62 -54.60
N PRO C 145 26.50 27.27 -55.91
CA PRO C 145 25.30 27.18 -56.74
C PRO C 145 24.31 26.11 -56.26
N GLN C 146 24.76 25.04 -55.60
CA GLN C 146 23.84 23.97 -55.15
C GLN C 146 23.07 24.48 -53.93
N MET C 147 23.45 25.61 -53.33
CA MET C 147 22.67 26.21 -52.23
C MET C 147 21.51 27.04 -52.80
N HIS C 148 21.81 28.06 -53.62
CA HIS C 148 20.76 29.00 -54.08
C HIS C 148 19.92 28.33 -55.18
N GLN C 149 20.52 27.51 -56.02
CA GLN C 149 19.87 26.84 -57.18
C GLN C 149 18.96 27.84 -57.93
N GLY C 150 19.44 29.07 -58.17
CA GLY C 150 18.71 30.06 -59.00
C GLY C 150 17.73 30.90 -58.19
N ALA C 151 17.58 30.64 -56.90
CA ALA C 151 16.61 31.35 -56.05
C ALA C 151 16.78 32.87 -56.17
N PHE C 152 18.02 33.35 -56.26
CA PHE C 152 18.29 34.81 -56.29
C PHE C 152 17.64 35.46 -57.52
N ASP C 153 17.40 34.70 -58.57
CA ASP C 153 16.93 35.21 -59.90
C ASP C 153 15.43 34.90 -60.09
N ASP C 154 14.77 34.27 -59.11
CA ASP C 154 13.31 34.00 -59.19
C ASP C 154 12.58 35.34 -59.25
N PRO C 155 11.62 35.52 -60.19
CA PRO C 155 10.87 36.76 -60.30
C PRO C 155 10.15 37.15 -59.01
N ARG C 156 9.80 36.17 -58.15
CA ARG C 156 9.08 36.44 -56.88
C ARG C 156 10.03 36.97 -55.81
N ALA C 157 11.36 36.85 -56.04
CA ALA C 157 12.37 37.14 -55.00
C ALA C 157 12.95 38.54 -55.19
N LYS C 158 13.18 39.22 -54.08
CA LYS C 158 13.90 40.50 -53.99
C LYS C 158 15.00 40.30 -52.95
N VAL C 159 16.25 40.49 -53.35
CA VAL C 159 17.45 40.48 -52.47
C VAL C 159 17.79 41.93 -52.14
N VAL C 160 17.77 42.25 -50.86
CA VAL C 160 18.09 43.57 -50.30
C VAL C 160 19.32 43.42 -49.41
N ILE C 161 20.33 44.25 -49.66
CA ILE C 161 21.54 44.34 -48.81
C ILE C 161 21.30 45.45 -47.82
N GLN C 162 21.04 45.07 -46.58
CA GLN C 162 20.74 46.00 -45.48
C GLN C 162 20.85 45.24 -44.16
N ASP C 163 21.18 45.93 -43.09
CA ASP C 163 21.04 45.42 -41.72
C ASP C 163 19.54 45.16 -41.50
N GLY C 164 19.22 43.94 -41.09
CA GLY C 164 17.85 43.48 -40.89
C GLY C 164 17.14 44.31 -39.83
N PHE C 165 17.86 44.82 -38.83
CA PHE C 165 17.30 45.71 -37.79
C PHE C 165 16.71 46.94 -38.45
N VAL C 166 17.48 47.58 -39.31
CA VAL C 166 17.09 48.82 -40.02
C VAL C 166 15.94 48.47 -40.95
N TYR C 167 16.01 47.35 -41.63
CA TYR C 167 14.97 46.96 -42.62
C TYR C 167 13.62 46.84 -41.91
N VAL C 168 13.63 46.21 -40.73
CA VAL C 168 12.38 45.99 -39.97
C VAL C 168 11.85 47.34 -39.46
N GLU C 169 12.71 48.25 -39.00
CA GLU C 169 12.26 49.59 -38.53
C GLU C 169 11.59 50.31 -39.70
N GLU C 170 12.19 50.25 -40.90
CA GLU C 170 11.63 50.93 -42.10
C GLU C 170 10.35 50.23 -42.55
N ALA C 171 10.23 48.92 -42.35
CA ALA C 171 9.00 48.17 -42.70
C ALA C 171 7.85 48.58 -41.76
N ILE C 172 8.14 48.85 -40.50
CA ILE C 172 7.11 49.30 -39.53
C ILE C 172 6.56 50.66 -40.01
N LYS C 173 7.44 51.62 -40.30
CA LYS C 173 7.08 52.99 -40.75
C LYS C 173 6.25 52.90 -42.03
N ALA C 174 6.53 51.96 -42.95
CA ALA C 174 5.82 51.81 -44.23
C ALA C 174 4.51 51.03 -44.04
N GLY C 175 4.24 50.62 -42.80
CA GLY C 175 3.27 49.58 -42.38
C GLY C 175 3.26 48.33 -43.27
N ASP C 176 4.43 47.80 -43.67
CA ASP C 176 4.52 46.51 -44.39
C ASP C 176 4.12 45.36 -43.46
N LYS C 177 3.55 44.31 -44.05
CA LYS C 177 3.12 43.11 -43.32
C LYS C 177 3.49 41.86 -44.15
N TYR C 178 3.89 40.82 -43.42
CA TYR C 178 4.29 39.52 -43.97
C TYR C 178 3.49 38.44 -43.27
N ASP C 179 3.35 37.31 -43.97
CA ASP C 179 2.70 36.09 -43.43
C ASP C 179 3.71 35.27 -42.62
N VAL C 180 4.93 35.09 -43.14
CA VAL C 180 6.00 34.27 -42.47
C VAL C 180 7.29 35.06 -42.51
N ILE C 181 7.93 35.19 -41.35
CA ILE C 181 9.27 35.79 -41.22
C ILE C 181 10.24 34.72 -40.74
N ILE C 182 11.31 34.52 -41.51
CA ILE C 182 12.34 33.50 -41.27
C ILE C 182 13.64 34.23 -40.95
N MET C 183 14.14 34.03 -39.74
CA MET C 183 15.46 34.54 -39.31
C MET C 183 16.50 33.42 -39.42
N ASP C 184 17.44 33.59 -40.34
CA ASP C 184 18.56 32.67 -40.65
C ASP C 184 19.86 33.47 -40.49
N LEU C 185 20.11 33.92 -39.28
CA LEU C 185 21.24 34.84 -39.00
C LEU C 185 22.41 34.01 -38.48
N THR C 186 23.56 34.65 -38.36
CA THR C 186 24.73 34.17 -37.62
C THR C 186 24.31 33.94 -36.17
N ASP C 187 25.10 33.16 -35.43
CA ASP C 187 24.72 32.59 -34.12
C ASP C 187 24.55 33.71 -33.10
N PRO C 188 23.55 33.53 -32.21
CA PRO C 188 23.29 34.50 -31.14
C PRO C 188 24.41 34.51 -30.10
N TYR C 189 25.17 33.42 -29.99
CA TYR C 189 26.20 33.29 -28.93
C TYR C 189 27.55 33.83 -29.43
N SER C 190 27.67 34.17 -30.71
CA SER C 190 29.00 34.55 -31.26
C SER C 190 28.97 35.87 -32.05
N SER C 191 27.84 36.28 -32.62
CA SER C 191 27.78 37.22 -33.77
C SER C 191 27.37 38.61 -33.27
N ASP C 192 28.31 39.56 -33.25
CA ASP C 192 28.03 40.97 -32.92
C ASP C 192 27.03 41.54 -33.97
N ILE C 193 27.19 41.22 -35.25
CA ILE C 193 26.35 41.86 -36.31
C ILE C 193 24.87 41.47 -36.18
N ALA C 194 24.55 40.33 -35.54
CA ALA C 194 23.15 39.84 -35.42
C ALA C 194 22.55 40.15 -34.03
N LYS C 195 23.33 40.67 -33.08
CA LYS C 195 22.90 40.63 -31.65
C LYS C 195 21.60 41.42 -31.42
N GLN C 196 21.37 42.52 -32.12
CA GLN C 196 20.18 43.38 -31.85
C GLN C 196 18.92 42.65 -32.37
N LEU C 197 19.07 41.62 -33.23
CA LEU C 197 17.89 40.96 -33.83
C LEU C 197 17.44 39.78 -32.98
N TYR C 198 18.05 39.53 -31.82
CA TYR C 198 17.73 38.36 -30.98
C TYR C 198 17.05 38.78 -29.66
N THR C 199 16.67 40.06 -29.52
CA THR C 199 16.15 40.64 -28.23
C THR C 199 14.61 40.55 -28.19
N ARG C 200 14.05 40.57 -26.98
CA ARG C 200 12.60 40.72 -26.69
C ARG C 200 12.04 41.86 -27.54
N GLU C 201 12.78 43.00 -27.57
CA GLU C 201 12.33 44.24 -28.24
C GLU C 201 12.24 43.98 -29.72
N PHE C 202 13.18 43.20 -30.27
CA PHE C 202 13.17 42.94 -31.73
C PHE C 202 11.99 42.02 -32.06
N PHE C 203 11.64 41.08 -31.20
CA PHE C 203 10.52 40.17 -31.48
C PHE C 203 9.19 40.95 -31.44
N ALA C 204 9.11 41.99 -30.62
CA ALA C 204 7.95 42.92 -30.59
C ALA C 204 7.86 43.64 -31.95
N LYS C 205 9.00 44.07 -32.51
CA LYS C 205 9.06 44.73 -33.83
C LYS C 205 8.63 43.76 -34.92
N ILE C 206 9.04 42.50 -34.81
CA ILE C 206 8.65 41.43 -35.77
C ILE C 206 7.13 41.28 -35.72
N ARG C 207 6.54 41.21 -34.53
CA ARG C 207 5.08 41.05 -34.42
C ARG C 207 4.36 42.17 -35.19
N ARG C 208 4.89 43.39 -35.14
CA ARG C 208 4.28 44.58 -35.79
C ARG C 208 4.30 44.47 -37.32
N ILE C 209 5.17 43.63 -37.91
CA ILE C 209 5.21 43.47 -39.39
C ILE C 209 4.66 42.11 -39.80
N LEU C 210 3.98 41.44 -38.89
CA LEU C 210 3.24 40.20 -39.20
C LEU C 210 1.75 40.52 -39.33
N ASN C 211 1.11 39.89 -40.30
CA ASN C 211 -0.36 39.73 -40.37
C ASN C 211 -0.82 39.05 -39.08
N ASP C 212 -2.13 39.08 -38.82
CA ASP C 212 -2.77 38.67 -37.55
C ASP C 212 -2.59 37.17 -37.32
N ASP C 213 -2.44 36.40 -38.39
CA ASP C 213 -2.19 34.94 -38.35
C ASP C 213 -0.74 34.59 -38.74
N GLY C 214 0.18 35.53 -38.55
CA GLY C 214 1.58 35.42 -38.99
C GLY C 214 2.39 34.42 -38.16
N VAL C 215 3.50 33.93 -38.73
CA VAL C 215 4.47 33.04 -38.04
C VAL C 215 5.90 33.57 -38.21
N VAL C 216 6.66 33.56 -37.12
CA VAL C 216 8.12 33.82 -37.10
C VAL C 216 8.83 32.50 -36.80
N VAL C 217 9.93 32.23 -37.47
CA VAL C 217 10.85 31.16 -37.02
C VAL C 217 12.27 31.71 -37.05
N THR C 218 13.05 31.33 -36.06
CA THR C 218 14.50 31.69 -36.00
C THR C 218 15.33 30.47 -35.58
N GLN C 219 16.56 30.38 -36.08
CA GLN C 219 17.59 29.48 -35.48
C GLN C 219 17.98 30.20 -34.18
N ALA C 220 18.26 29.44 -33.12
CA ALA C 220 18.55 30.00 -31.78
C ALA C 220 19.80 29.36 -31.18
N GLY C 221 20.74 28.98 -32.04
CA GLY C 221 22.07 28.43 -31.65
C GLY C 221 21.94 27.00 -31.16
N ASN C 222 22.32 26.75 -29.91
CA ASN C 222 22.27 25.39 -29.34
C ASN C 222 22.00 25.45 -27.83
N SER C 223 20.97 24.74 -27.39
CA SER C 223 20.41 24.71 -26.02
C SER C 223 21.35 23.93 -25.10
N PHE C 224 22.12 23.00 -25.63
CA PHE C 224 23.02 22.13 -24.83
C PHE C 224 24.29 22.91 -24.48
N TYR C 225 24.96 23.49 -25.47
CA TYR C 225 26.26 24.16 -25.28
C TYR C 225 26.04 25.62 -24.89
N PHE C 226 24.98 26.27 -25.38
CA PHE C 226 24.75 27.71 -25.12
C PHE C 226 23.36 27.96 -24.58
N PRO C 227 23.05 27.40 -23.39
CA PRO C 227 21.70 27.46 -22.83
C PRO C 227 21.27 28.90 -22.50
N ALA C 228 22.18 29.74 -21.99
CA ALA C 228 21.84 31.11 -21.57
C ALA C 228 21.40 31.91 -22.80
N GLU C 229 22.15 31.84 -23.90
CA GLU C 229 21.81 32.61 -25.12
C GLU C 229 20.51 32.03 -25.71
N TYR C 230 20.34 30.71 -25.67
CA TYR C 230 19.14 30.04 -26.18
C TYR C 230 17.92 30.54 -25.39
N ASP C 231 18.01 30.52 -24.06
CA ASP C 231 16.92 30.91 -23.13
C ASP C 231 16.55 32.38 -23.35
N MET C 232 17.52 33.27 -23.60
CA MET C 232 17.24 34.71 -23.86
C MET C 232 16.36 34.82 -25.11
N VAL C 233 16.69 34.08 -26.16
CA VAL C 233 15.90 34.13 -27.42
C VAL C 233 14.50 33.60 -27.12
N LEU C 234 14.39 32.48 -26.41
CA LEU C 234 13.12 31.78 -26.12
C LEU C 234 12.20 32.73 -25.33
N GLU C 235 12.72 33.40 -24.30
CA GLU C 235 11.93 34.32 -23.43
C GLU C 235 11.41 35.49 -24.30
N GLY C 236 12.25 36.00 -25.21
CA GLY C 236 11.90 37.05 -26.17
C GLY C 236 10.75 36.66 -27.07
N VAL C 237 10.72 35.42 -27.57
CA VAL C 237 9.63 34.92 -28.45
C VAL C 237 8.38 34.68 -27.61
N LYS C 238 8.51 34.08 -26.43
CA LYS C 238 7.36 33.74 -25.56
C LYS C 238 6.66 35.02 -25.07
N ALA C 239 7.38 36.12 -24.92
CA ALA C 239 6.82 37.40 -24.45
C ALA C 239 6.00 38.05 -25.57
N ASN C 240 6.14 37.63 -26.81
CA ASN C 240 5.55 38.35 -27.96
C ASN C 240 4.58 37.49 -28.74
N PHE C 241 4.61 36.17 -28.53
CA PHE C 241 3.79 35.23 -29.33
C PHE C 241 3.16 34.23 -28.37
N PRO C 242 1.84 33.97 -28.53
CA PRO C 242 1.11 33.06 -27.64
C PRO C 242 1.34 31.57 -27.91
N ILE C 243 1.72 31.22 -29.15
CA ILE C 243 2.04 29.82 -29.56
C ILE C 243 3.52 29.75 -29.91
N VAL C 244 4.28 28.88 -29.27
CA VAL C 244 5.75 28.74 -29.43
C VAL C 244 6.06 27.25 -29.53
N ALA C 245 6.73 26.84 -30.61
CA ALA C 245 7.32 25.49 -30.72
C ALA C 245 8.85 25.59 -30.73
N GLU C 246 9.47 24.64 -30.06
CA GLU C 246 10.91 24.46 -29.96
C GLU C 246 11.24 23.13 -30.58
N TYR C 247 12.20 23.08 -31.50
CA TYR C 247 12.61 21.81 -32.12
C TYR C 247 14.07 21.92 -32.53
N GLU C 248 14.69 20.78 -32.79
CA GLU C 248 16.14 20.80 -33.08
C GLU C 248 16.42 19.74 -34.12
N VAL C 249 17.53 19.90 -34.84
CA VAL C 249 17.97 18.87 -35.82
C VAL C 249 19.49 18.79 -35.77
N TRP C 250 20.01 17.57 -35.73
CA TRP C 250 21.47 17.34 -35.78
C TRP C 250 21.96 17.81 -37.15
N ILE C 251 22.90 18.74 -37.17
CA ILE C 251 23.62 19.13 -38.40
C ILE C 251 25.06 18.70 -38.21
N PRO C 252 25.49 17.58 -38.84
CA PRO C 252 26.83 17.08 -38.60
C PRO C 252 27.94 18.13 -38.75
N SER C 253 27.87 18.97 -39.79
CA SER C 253 28.95 19.93 -40.10
C SER C 253 29.04 21.00 -39.01
N PHE C 254 27.99 21.19 -38.21
CA PHE C 254 27.99 22.17 -37.09
C PHE C 254 28.59 21.56 -35.81
N GLY C 255 28.53 20.25 -35.66
CA GLY C 255 28.92 19.57 -34.39
C GLY C 255 27.82 19.61 -33.36
N TYR C 256 26.59 19.93 -33.74
CA TYR C 256 25.45 19.99 -32.80
C TYR C 256 24.10 19.97 -33.52
N ALA C 257 23.04 19.74 -32.73
CA ALA C 257 21.63 19.84 -33.12
C ALA C 257 21.24 21.30 -33.01
N VAL C 258 21.02 21.95 -34.15
CA VAL C 258 20.64 23.39 -34.16
C VAL C 258 19.25 23.48 -33.54
N ASN C 259 19.03 24.50 -32.73
CA ASN C 259 17.71 24.78 -32.11
C ASN C 259 16.95 25.80 -32.95
N PHE C 260 15.67 25.53 -33.16
CA PHE C 260 14.73 26.44 -33.84
C PHE C 260 13.61 26.81 -32.86
N ILE C 261 13.20 28.07 -32.95
CA ILE C 261 12.04 28.60 -32.18
C ILE C 261 11.08 29.21 -33.18
N LEU C 262 9.86 28.70 -33.16
CA LEU C 262 8.75 29.13 -34.04
C LEU C 262 7.70 29.81 -33.17
N GLY C 263 7.37 31.06 -33.49
CA GLY C 263 6.31 31.85 -32.82
C GLY C 263 5.15 32.04 -33.77
N SER C 264 3.94 31.74 -33.30
CA SER C 264 2.70 31.80 -34.11
C SER C 264 1.64 32.63 -33.39
N LEU C 265 0.89 33.40 -34.16
CA LEU C 265 -0.18 34.28 -33.64
C LEU C 265 -1.53 33.53 -33.62
N ARG C 266 -1.74 32.52 -34.47
CA ARG C 266 -3.05 31.82 -34.57
C ARG C 266 -2.88 30.29 -34.67
N TYR C 267 -2.10 29.80 -35.63
CA TYR C 267 -2.02 28.37 -35.99
C TYR C 267 -0.90 27.71 -35.17
N ASP C 268 -1.21 26.51 -34.70
CA ASP C 268 -0.32 25.70 -33.84
C ASP C 268 0.32 24.62 -34.70
N PRO C 269 1.66 24.64 -34.86
CA PRO C 269 2.33 23.60 -35.65
C PRO C 269 2.15 22.21 -35.05
N HIS C 270 1.91 22.12 -33.75
CA HIS C 270 1.70 20.83 -33.04
C HIS C 270 0.40 20.19 -33.51
N ALA C 271 -0.53 20.95 -34.08
CA ALA C 271 -1.89 20.48 -34.45
C ALA C 271 -1.88 19.83 -35.83
N LEU C 272 -0.84 20.05 -36.64
CA LEU C 272 -0.78 19.45 -38.00
C LEU C 272 -0.47 17.96 -37.88
N THR C 273 -1.21 17.10 -38.59
CA THR C 273 -0.94 15.66 -38.69
C THR C 273 0.01 15.45 -39.86
N PRO C 274 0.72 14.33 -39.91
CA PRO C 274 1.52 14.00 -41.10
C PRO C 274 0.75 14.14 -42.41
N SER C 275 -0.51 13.69 -42.45
CA SER C 275 -1.34 13.69 -43.69
C SER C 275 -1.60 15.12 -44.12
N GLU C 276 -1.93 16.00 -43.16
CA GLU C 276 -2.21 17.42 -43.48
C GLU C 276 -0.91 18.06 -44.00
N VAL C 277 0.24 17.77 -43.36
CA VAL C 277 1.52 18.37 -43.84
C VAL C 277 1.75 17.89 -45.27
N ASP C 278 1.67 16.58 -45.49
CA ASP C 278 2.00 15.97 -46.80
C ASP C 278 1.06 16.52 -47.88
N GLU C 279 -0.20 16.79 -47.52
CA GLU C 279 -1.19 17.32 -48.47
C GLU C 279 -0.87 18.77 -48.81
N ARG C 280 -0.47 19.58 -47.82
CA ARG C 280 -0.06 20.98 -48.12
C ARG C 280 1.16 20.99 -49.01
N LEU C 281 2.14 20.12 -48.75
CA LEU C 281 3.38 20.08 -49.58
C LEU C 281 3.00 19.72 -51.01
N ARG C 282 2.15 18.71 -51.16
CA ARG C 282 1.73 18.19 -52.49
C ARG C 282 0.97 19.33 -53.21
N ALA C 283 0.00 19.95 -52.55
CA ALA C 283 -0.85 20.99 -53.16
C ALA C 283 0.03 22.16 -53.57
N ARG C 284 1.09 22.44 -52.84
CA ARG C 284 1.92 23.66 -53.07
C ARG C 284 3.11 23.37 -54.00
N GLY C 285 3.28 22.13 -54.43
CA GLY C 285 4.36 21.73 -55.36
C GLY C 285 5.73 21.65 -54.68
N VAL C 286 5.75 21.45 -53.35
CA VAL C 286 7.00 21.46 -52.54
C VAL C 286 7.67 20.09 -52.61
N LYS C 287 8.85 20.01 -53.21
CA LYS C 287 9.71 18.80 -53.21
C LYS C 287 10.84 19.00 -52.22
N THR C 288 11.13 18.00 -51.38
CA THR C 288 12.14 18.07 -50.31
C THR C 288 13.05 16.83 -50.36
N ALA C 289 14.24 16.93 -49.79
CA ALA C 289 15.16 15.81 -49.53
C ALA C 289 14.87 15.18 -48.16
N PHE C 290 14.24 15.90 -47.24
CA PHE C 290 14.17 15.47 -45.82
C PHE C 290 12.76 15.67 -45.25
N TYR C 291 12.26 16.92 -45.25
CA TYR C 291 11.01 17.28 -44.58
C TYR C 291 9.80 16.57 -45.19
N THR C 292 9.01 15.96 -44.31
CA THR C 292 7.74 15.24 -44.58
C THR C 292 6.82 15.42 -43.37
N GLY C 293 5.59 14.94 -43.48
CA GLY C 293 4.64 14.97 -42.38
C GLY C 293 5.19 14.24 -41.18
N ARG C 294 5.86 13.11 -41.39
CA ARG C 294 6.41 12.30 -40.27
C ARG C 294 7.54 13.05 -39.61
N VAL C 295 8.40 13.70 -40.40
CA VAL C 295 9.48 14.54 -39.83
C VAL C 295 8.81 15.62 -38.98
N HIS C 296 7.80 16.27 -39.53
CA HIS C 296 7.10 17.37 -38.80
C HIS C 296 6.64 16.84 -37.44
N LEU C 297 6.00 15.67 -37.42
CA LEU C 297 5.48 15.05 -36.18
C LEU C 297 6.64 14.84 -35.21
N ALA C 298 7.77 14.31 -35.69
CA ALA C 298 8.96 14.03 -34.85
C ALA C 298 9.49 15.35 -34.28
N LEU C 299 9.62 16.38 -35.09
CA LEU C 299 10.17 17.68 -34.63
C LEU C 299 9.26 18.26 -33.53
N MET C 300 7.94 18.09 -33.66
CA MET C 300 6.97 18.66 -32.72
C MET C 300 6.96 17.86 -31.41
N ASN C 301 7.55 16.67 -31.38
CA ASN C 301 7.42 15.75 -30.22
C ASN C 301 8.76 15.52 -29.54
N MET C 302 9.89 15.79 -30.19
CA MET C 302 11.24 15.56 -29.61
C MET C 302 11.60 16.75 -28.75
N PRO C 303 11.81 16.59 -27.42
CA PRO C 303 12.26 17.69 -26.60
C PRO C 303 13.71 18.02 -27.00
N ILE C 304 14.11 19.26 -26.71
CA ILE C 304 15.46 19.75 -27.04
C ILE C 304 16.45 19.26 -25.98
N HIS C 305 17.72 19.16 -26.36
CA HIS C 305 18.82 18.66 -25.51
C HIS C 305 19.25 19.73 -24.53
N ARG C 306 19.49 19.31 -23.29
CA ARG C 306 20.14 20.12 -22.22
C ARG C 306 21.19 19.24 -21.54
N LYS C 307 22.15 19.85 -20.84
CA LYS C 307 23.06 19.13 -19.95
C LYS C 307 22.24 18.54 -18.80
N LEU C 308 22.34 17.22 -18.58
CA LEU C 308 21.45 16.53 -17.61
C LEU C 308 22.09 16.45 -16.22
N ARG C 309 23.39 16.71 -16.12
CA ARG C 309 24.10 16.90 -14.83
C ARG C 309 25.13 18.02 -15.01
N ARG D 22 -25.45 41.48 23.92
CA ARG D 22 -26.65 42.28 23.43
C ARG D 22 -27.30 41.62 22.17
N LYS D 23 -26.82 41.86 20.97
CA LYS D 23 -27.52 41.20 19.84
C LYS D 23 -27.21 39.69 19.90
N VAL D 24 -25.91 39.33 19.81
CA VAL D 24 -25.56 37.88 19.94
C VAL D 24 -24.84 37.59 21.28
N PRO D 25 -25.49 36.78 22.16
CA PRO D 25 -24.92 36.33 23.43
C PRO D 25 -23.78 35.31 23.26
N GLY D 26 -22.66 35.60 23.88
CA GLY D 26 -21.43 34.84 23.66
C GLY D 26 -20.33 35.47 24.46
N PRO D 27 -19.06 35.07 24.25
CA PRO D 27 -18.68 34.18 23.15
C PRO D 27 -19.05 32.69 23.31
N ILE D 28 -19.25 32.21 24.53
CA ILE D 28 -19.64 30.79 24.78
C ILE D 28 -21.14 30.75 24.99
N THR D 29 -21.81 29.91 24.23
CA THR D 29 -23.29 29.95 24.12
C THR D 29 -23.85 28.55 24.24
N LEU D 30 -24.97 28.42 24.95
CA LEU D 30 -25.78 27.21 24.92
C LEU D 30 -26.87 27.44 23.87
N ILE D 31 -27.01 26.51 22.94
CA ILE D 31 -28.18 26.47 22.03
C ILE D 31 -29.20 25.55 22.64
N GLU D 32 -30.17 26.12 23.33
CA GLU D 32 -31.26 25.37 24.00
C GLU D 32 -32.40 25.19 22.99
N PRO D 33 -32.76 23.96 22.64
CA PRO D 33 -33.85 23.74 21.72
C PRO D 33 -35.10 24.22 22.45
N LEU D 34 -36.05 24.70 21.69
CA LEU D 34 -37.32 25.12 22.31
C LEU D 34 -38.37 24.33 21.56
N SER D 35 -38.62 24.65 20.32
CA SER D 35 -39.70 24.04 19.51
C SER D 35 -39.13 23.30 18.32
N GLY D 36 -37.84 23.41 18.04
CA GLY D 36 -37.29 22.91 16.75
C GLY D 36 -37.29 24.00 15.68
N ASN D 37 -38.25 24.94 15.69
CA ASN D 37 -38.21 26.08 14.73
C ASN D 37 -37.80 27.35 15.46
N THR D 38 -37.67 27.26 16.77
CA THR D 38 -37.17 28.33 17.64
C THR D 38 -36.18 27.66 18.60
N SER D 39 -35.04 28.31 18.81
CA SER D 39 -34.09 27.89 19.86
C SER D 39 -33.69 29.14 20.66
N LEU D 40 -33.19 28.90 21.86
CA LEU D 40 -32.65 29.98 22.71
C LEU D 40 -31.13 29.94 22.60
N LEU D 41 -30.51 31.12 22.50
CA LEU D 41 -29.06 31.30 22.59
C LEU D 41 -28.78 31.88 23.96
N ILE D 42 -28.08 31.14 24.80
CA ILE D 42 -27.88 31.55 26.22
C ILE D 42 -26.38 31.67 26.48
N LYS D 43 -25.94 32.84 26.94
CA LYS D 43 -24.52 33.05 27.29
C LYS D 43 -24.16 32.16 28.49
N ILE D 44 -23.08 31.39 28.33
CA ILE D 44 -22.45 30.49 29.34
C ILE D 44 -21.22 31.23 29.88
N ASN D 45 -21.09 31.33 31.20
CA ASN D 45 -19.88 31.92 31.84
C ASN D 45 -18.90 30.79 32.18
N ALA D 46 -19.37 29.59 32.48
CA ALA D 46 -18.53 28.50 33.01
C ALA D 46 -19.24 27.19 32.87
N ILE D 47 -18.49 26.12 32.69
CA ILE D 47 -19.00 24.73 32.75
C ILE D 47 -18.39 24.08 34.00
N HIS D 48 -19.23 23.60 34.90
CA HIS D 48 -18.82 22.98 36.17
C HIS D 48 -18.56 21.50 35.99
N SER D 49 -19.43 20.82 35.27
CA SER D 49 -19.37 19.35 35.12
C SER D 49 -20.07 18.97 33.82
N VAL D 50 -19.50 18.00 33.13
CA VAL D 50 -20.09 17.29 31.99
C VAL D 50 -20.01 15.81 32.32
N LYS D 51 -21.12 15.08 32.26
CA LYS D 51 -21.12 13.64 32.61
C LYS D 51 -22.10 12.96 31.67
N LYS D 52 -21.61 12.04 30.86
CA LYS D 52 -22.42 11.09 30.08
C LYS D 52 -22.83 9.99 31.05
N SER D 53 -24.08 10.01 31.52
CA SER D 53 -24.63 8.92 32.36
C SER D 53 -25.14 7.84 31.42
N PRO D 54 -25.49 6.64 31.90
CA PRO D 54 -26.11 5.63 31.04
C PRO D 54 -27.44 6.11 30.45
N TYR D 55 -28.11 7.07 31.11
CA TYR D 55 -29.46 7.52 30.72
C TYR D 55 -29.41 8.77 29.85
N GLN D 56 -28.51 9.71 30.11
CA GLN D 56 -28.64 11.07 29.50
C GLN D 56 -27.32 11.82 29.70
N GLU D 57 -27.14 12.86 28.90
CA GLU D 57 -25.94 13.73 29.00
C GLU D 57 -26.26 14.84 29.99
N ILE D 58 -25.41 15.00 31.01
CA ILE D 58 -25.63 15.94 32.13
C ILE D 58 -24.61 17.06 31.96
N ILE D 59 -25.07 18.31 31.98
CA ILE D 59 -24.15 19.48 32.04
C ILE D 59 -24.64 20.35 33.18
N ILE D 60 -23.70 20.73 34.05
CA ILE D 60 -23.93 21.80 35.03
C ILE D 60 -23.04 22.96 34.65
N ALA D 61 -23.64 24.13 34.51
CA ALA D 61 -23.01 25.32 33.90
C ALA D 61 -23.50 26.56 34.60
N ASP D 62 -22.77 27.64 34.44
CA ASP D 62 -23.17 28.98 34.94
C ASP D 62 -23.62 29.76 33.70
N THR D 63 -24.83 30.30 33.73
CA THR D 63 -25.34 31.20 32.69
C THR D 63 -25.35 32.60 33.26
N GLU D 64 -25.12 33.60 32.41
CA GLU D 64 -25.15 35.00 32.82
C GLU D 64 -26.58 35.34 33.27
N ASP D 65 -27.60 34.97 32.51
CA ASP D 65 -28.97 35.41 32.85
C ASP D 65 -29.54 34.63 34.01
N TYR D 66 -29.26 33.34 34.12
CA TYR D 66 -30.05 32.44 35.00
C TYR D 66 -29.20 31.87 36.12
N GLY D 67 -27.92 32.26 36.21
CA GLY D 67 -26.95 31.61 37.12
C GLY D 67 -26.80 30.15 36.80
N ARG D 68 -26.54 29.36 37.82
CA ARG D 68 -26.23 27.92 37.68
C ARG D 68 -27.44 27.15 37.15
N VAL D 69 -27.19 26.24 36.20
CA VAL D 69 -28.26 25.44 35.56
C VAL D 69 -27.86 23.97 35.55
N LEU D 70 -28.87 23.13 35.61
CA LEU D 70 -28.79 21.70 35.25
C LEU D 70 -29.36 21.56 33.85
N ILE D 71 -28.60 20.93 32.96
CA ILE D 71 -28.97 20.65 31.56
C ILE D 71 -28.97 19.13 31.39
N LEU D 72 -30.04 18.57 30.84
CA LEU D 72 -30.10 17.14 30.49
C LEU D 72 -30.42 17.05 29.01
N ASP D 73 -29.54 16.42 28.24
CA ASP D 73 -29.73 16.22 26.77
C ASP D 73 -30.10 17.56 26.13
N ASP D 74 -29.43 18.64 26.52
CA ASP D 74 -29.51 19.99 25.88
C ASP D 74 -30.65 20.86 26.48
N TYR D 75 -31.54 20.29 27.29
CA TYR D 75 -32.69 21.03 27.87
C TYR D 75 -32.36 21.46 29.31
N ILE D 76 -32.45 22.76 29.57
CA ILE D 76 -32.36 23.28 30.96
C ILE D 76 -33.49 22.66 31.78
N GLN D 77 -33.15 22.11 32.93
CA GLN D 77 -34.09 21.46 33.87
C GLN D 77 -34.45 22.46 34.95
N SER D 78 -33.52 23.33 35.34
N SER D 78 -33.52 23.33 35.33
CA SER D 78 -33.64 24.20 36.52
CA SER D 78 -33.63 24.20 36.52
C SER D 78 -32.52 25.22 36.48
C SER D 78 -32.50 25.22 36.49
N SER D 79 -32.79 26.42 36.97
CA SER D 79 -31.78 27.48 37.11
C SER D 79 -31.88 28.04 38.52
N TYR D 80 -30.78 28.52 39.06
CA TYR D 80 -30.75 29.22 40.35
C TYR D 80 -31.72 30.40 40.35
N VAL D 81 -31.85 31.18 39.28
CA VAL D 81 -32.64 32.44 39.41
C VAL D 81 -34.14 32.17 39.31
N ASP D 82 -34.59 31.05 38.74
CA ASP D 82 -36.06 30.87 38.54
C ASP D 82 -36.55 29.47 38.92
N GLU D 83 -35.73 28.59 39.46
CA GLU D 83 -36.23 27.23 39.79
C GLU D 83 -37.35 27.32 40.84
N GLN D 84 -37.34 28.31 41.73
CA GLN D 84 -38.36 28.37 42.80
C GLN D 84 -39.74 28.62 42.20
N TYR D 85 -39.83 29.34 41.06
CA TYR D 85 -41.10 29.47 40.32
C TYR D 85 -41.61 28.09 39.90
N TYR D 86 -40.70 27.27 39.39
CA TYR D 86 -41.05 25.92 38.87
C TYR D 86 -41.44 25.04 40.05
N HIS D 87 -40.56 24.90 41.04
CA HIS D 87 -40.71 23.88 42.10
C HIS D 87 -41.88 24.26 43.02
N GLU D 88 -42.05 25.54 43.33
CA GLU D 88 -43.17 25.97 44.20
C GLU D 88 -44.50 25.76 43.48
N SER D 89 -44.55 26.02 42.16
CA SER D 89 -45.78 25.87 41.35
C SER D 89 -46.11 24.42 41.17
N LEU D 90 -45.09 23.57 41.10
CA LEU D 90 -45.29 22.12 40.87
C LEU D 90 -45.87 21.51 42.14
N VAL D 91 -45.37 21.94 43.30
CA VAL D 91 -45.58 21.20 44.58
C VAL D 91 -46.76 21.79 45.37
N HIS D 92 -46.78 23.09 45.63
CA HIS D 92 -47.59 23.65 46.74
C HIS D 92 -49.08 23.62 46.41
N PRO D 93 -49.55 23.88 45.17
CA PRO D 93 -50.98 23.80 44.91
C PRO D 93 -51.57 22.41 45.28
N ALA D 94 -50.90 21.33 44.89
CA ALA D 94 -51.31 19.96 45.22
C ALA D 94 -51.24 19.74 46.73
N MET D 95 -50.13 20.11 47.36
CA MET D 95 -49.90 19.85 48.80
C MET D 95 -50.91 20.65 49.63
N ALA D 96 -51.20 21.88 49.22
CA ALA D 96 -52.13 22.78 49.93
C ALA D 96 -53.57 22.29 49.73
N THR D 97 -53.87 21.65 48.60
CA THR D 97 -55.21 21.11 48.29
C THR D 97 -55.48 19.91 49.19
N HIS D 98 -54.48 19.09 49.48
CA HIS D 98 -54.67 17.94 50.39
C HIS D 98 -54.74 18.47 51.81
N PRO D 99 -55.79 18.11 52.58
CA PRO D 99 -55.95 18.68 53.93
C PRO D 99 -54.93 18.16 54.94
N ASN D 100 -54.30 17.01 54.70
CA ASN D 100 -53.30 16.41 55.62
C ASN D 100 -52.39 15.45 54.87
N PRO D 101 -51.48 15.96 54.01
CA PRO D 101 -50.60 15.10 53.22
C PRO D 101 -49.46 14.56 54.11
N ARG D 102 -49.47 13.25 54.39
CA ARG D 102 -48.53 12.60 55.35
C ARG D 102 -47.48 11.81 54.59
N ASP D 103 -47.91 11.09 53.54
CA ASP D 103 -47.08 10.20 52.68
C ASP D 103 -47.02 10.81 51.27
N VAL D 104 -45.82 11.20 50.86
CA VAL D 104 -45.58 11.88 49.54
C VAL D 104 -44.62 11.03 48.72
N LEU D 105 -44.95 10.83 47.45
CA LEU D 105 -44.08 10.17 46.45
C LEU D 105 -43.74 11.20 45.38
N ILE D 106 -42.46 11.32 45.06
CA ILE D 106 -41.93 12.13 43.94
C ILE D 106 -41.28 11.21 42.93
N LEU D 107 -41.70 11.29 41.66
CA LEU D 107 -41.03 10.59 40.53
C LEU D 107 -40.20 11.64 39.79
N GLY D 108 -38.89 11.43 39.74
CA GLY D 108 -37.91 12.35 39.14
C GLY D 108 -37.44 13.33 40.20
N GLY D 109 -37.35 14.61 39.86
CA GLY D 109 -36.89 15.64 40.81
C GLY D 109 -35.44 15.48 41.19
N GLY D 110 -34.60 15.05 40.26
CA GLY D 110 -33.18 14.69 40.47
C GLY D 110 -32.37 15.70 41.25
N GLU D 111 -32.65 16.99 41.09
CA GLU D 111 -31.83 18.06 41.74
C GLU D 111 -32.24 18.22 43.21
N GLY D 112 -33.37 17.67 43.62
CA GLY D 112 -33.77 17.62 45.03
C GLY D 112 -34.64 18.79 45.44
N ALA D 113 -35.00 19.70 44.53
CA ALA D 113 -35.78 20.91 44.87
C ALA D 113 -37.26 20.56 45.06
N THR D 114 -37.80 19.62 44.29
CA THR D 114 -39.19 19.14 44.47
C THR D 114 -39.32 18.59 45.90
N LEU D 115 -38.38 17.74 46.30
CA LEU D 115 -38.32 17.16 47.66
C LEU D 115 -38.21 18.28 48.68
N ARG D 116 -37.35 19.27 48.44
CA ARG D 116 -37.18 20.42 49.35
C ARG D 116 -38.55 21.08 49.59
N GLU D 117 -39.31 21.33 48.53
CA GLU D 117 -40.61 22.05 48.67
C GLU D 117 -41.61 21.15 49.42
N ALA D 118 -41.68 19.86 49.10
CA ALA D 118 -42.65 18.95 49.72
C ALA D 118 -42.39 18.86 51.22
N LEU D 119 -41.12 18.79 51.64
CA LEU D 119 -40.72 18.57 53.04
C LEU D 119 -41.10 19.79 53.88
N LYS D 120 -41.34 20.96 53.28
CA LYS D 120 -41.68 22.15 54.06
C LYS D 120 -43.02 21.94 54.80
N HIS D 121 -43.91 21.10 54.26
CA HIS D 121 -45.23 20.82 54.85
C HIS D 121 -45.02 19.98 56.13
N GLY D 122 -45.28 20.58 57.30
CA GLY D 122 -45.15 19.93 58.63
C GLY D 122 -45.97 18.65 58.75
N THR D 123 -46.98 18.45 57.90
CA THR D 123 -47.84 17.23 57.94
C THR D 123 -47.07 16.03 57.38
N VAL D 124 -46.05 16.27 56.56
CA VAL D 124 -45.34 15.17 55.86
C VAL D 124 -44.53 14.35 56.87
N LYS D 125 -44.73 13.04 56.91
CA LYS D 125 -43.98 12.11 57.81
C LYS D 125 -43.00 11.31 56.96
N ARG D 126 -43.39 10.97 55.74
CA ARG D 126 -42.60 10.13 54.80
C ARG D 126 -42.68 10.76 53.39
N ALA D 127 -41.52 11.11 52.83
CA ALA D 127 -41.37 11.59 51.43
C ALA D 127 -40.40 10.66 50.73
N VAL D 128 -40.84 9.99 49.68
CA VAL D 128 -39.97 9.12 48.87
C VAL D 128 -39.76 9.82 47.52
N MET D 129 -38.51 9.91 47.08
CA MET D 129 -38.11 10.47 45.78
C MET D 129 -37.46 9.36 44.97
N VAL D 130 -37.96 9.11 43.76
CA VAL D 130 -37.50 8.00 42.88
C VAL D 130 -37.00 8.62 41.57
N ASP D 131 -35.68 8.61 41.37
CA ASP D 131 -35.08 9.08 40.10
C ASP D 131 -34.31 7.92 39.49
N ILE D 132 -34.38 7.78 38.18
CA ILE D 132 -33.72 6.68 37.44
C ILE D 132 -32.19 6.89 37.43
N ASP D 133 -31.69 8.10 37.66
CA ASP D 133 -30.29 8.46 37.31
C ASP D 133 -29.49 8.88 38.54
N ARG D 134 -28.68 7.97 39.08
CA ARG D 134 -27.87 8.24 40.29
C ARG D 134 -26.88 9.39 40.02
N ASP D 135 -26.44 9.57 38.78
CA ASP D 135 -25.47 10.67 38.45
C ASP D 135 -26.12 12.03 38.58
N VAL D 136 -27.40 12.16 38.23
CA VAL D 136 -28.10 13.47 38.35
C VAL D 136 -28.18 13.81 39.83
N VAL D 137 -28.55 12.85 40.65
CA VAL D 137 -28.70 13.08 42.11
C VAL D 137 -27.34 13.43 42.69
N GLU D 138 -26.30 12.65 42.39
CA GLU D 138 -25.00 12.89 43.07
C GLU D 138 -24.39 14.18 42.55
N LEU D 139 -24.53 14.48 41.26
CA LEU D 139 -23.94 15.74 40.72
C LEU D 139 -24.72 16.94 41.24
N SER D 140 -26.02 16.80 41.46
CA SER D 140 -26.88 17.86 42.05
C SER D 140 -26.50 18.06 43.51
N ARG D 141 -26.30 16.96 44.26
CA ARG D 141 -25.82 17.05 45.65
C ARG D 141 -24.56 17.94 45.70
N ALA D 142 -23.59 17.71 44.82
CA ALA D 142 -22.29 18.41 44.87
C ALA D 142 -22.40 19.84 44.28
N TYR D 143 -22.97 19.97 43.09
CA TYR D 143 -22.84 21.23 42.30
C TYR D 143 -24.09 22.12 42.38
N LEU D 144 -25.20 21.64 42.93
CA LEU D 144 -26.45 22.42 43.00
C LEU D 144 -26.99 22.44 44.43
N PRO D 145 -26.17 22.85 45.44
CA PRO D 145 -26.62 22.85 46.83
C PRO D 145 -27.82 23.78 47.08
N GLN D 146 -27.98 24.86 46.31
CA GLN D 146 -29.10 25.79 46.55
C GLN D 146 -30.41 25.16 46.04
N MET D 147 -30.34 24.05 45.31
CA MET D 147 -31.56 23.32 44.89
C MET D 147 -32.03 22.40 46.02
N HIS D 148 -31.20 21.46 46.45
CA HIS D 148 -31.65 20.42 47.42
C HIS D 148 -31.71 21.05 48.82
N GLN D 149 -30.80 21.98 49.15
CA GLN D 149 -30.70 22.63 50.48
C GLN D 149 -30.85 21.57 51.59
N GLY D 150 -30.17 20.43 51.46
CA GLY D 150 -30.12 19.39 52.52
C GLY D 150 -31.26 18.39 52.45
N ALA D 151 -32.21 18.59 51.54
CA ALA D 151 -33.44 17.76 51.47
C ALA D 151 -33.09 16.27 51.41
N PHE D 152 -32.03 15.90 50.71
CA PHE D 152 -31.64 14.48 50.49
C PHE D 152 -31.34 13.81 51.85
N ASP D 153 -30.92 14.58 52.86
CA ASP D 153 -30.50 14.06 54.18
C ASP D 153 -31.55 14.27 55.25
N ASP D 154 -32.73 14.81 54.91
CA ASP D 154 -33.84 14.95 55.88
C ASP D 154 -34.25 13.54 56.34
N PRO D 155 -34.41 13.31 57.65
CA PRO D 155 -34.80 11.99 58.16
C PRO D 155 -36.13 11.49 57.57
N ARG D 156 -37.02 12.39 57.16
CA ARG D 156 -38.33 11.99 56.58
C ARG D 156 -38.18 11.53 55.13
N ALA D 157 -37.02 11.79 54.49
CA ALA D 157 -36.83 11.57 53.05
C ALA D 157 -36.11 10.25 52.80
N LYS D 158 -36.54 9.56 51.76
CA LYS D 158 -35.90 8.35 51.21
C LYS D 158 -35.66 8.59 49.72
N VAL D 159 -34.40 8.53 49.29
CA VAL D 159 -34.01 8.60 47.86
C VAL D 159 -33.81 7.19 47.36
N VAL D 160 -34.58 6.83 46.34
CA VAL D 160 -34.51 5.54 45.62
C VAL D 160 -34.06 5.81 44.19
N ILE D 161 -33.01 5.10 43.76
CA ILE D 161 -32.57 5.11 42.35
C ILE D 161 -33.24 3.94 41.65
N GLN D 162 -34.23 4.24 40.84
CA GLN D 162 -35.01 3.22 40.10
C GLN D 162 -35.82 3.94 39.04
N ASP D 163 -36.14 3.25 37.95
CA ASP D 163 -37.15 3.70 36.98
C ASP D 163 -38.49 3.79 37.74
N GLY D 164 -39.12 4.95 37.66
CA GLY D 164 -40.39 5.25 38.33
C GLY D 164 -41.50 4.31 37.88
N PHE D 165 -41.46 3.84 36.64
CA PHE D 165 -42.47 2.88 36.09
C PHE D 165 -42.38 1.60 36.93
N VAL D 166 -41.16 1.08 37.12
CA VAL D 166 -40.92 -0.17 37.86
C VAL D 166 -41.31 0.07 39.31
N TYR D 167 -40.96 1.22 39.88
CA TYR D 167 -41.20 1.51 41.30
C TYR D 167 -42.71 1.48 41.55
N VAL D 168 -43.49 2.05 40.65
CA VAL D 168 -44.96 2.13 40.82
C VAL D 168 -45.55 0.71 40.67
N GLU D 169 -45.06 -0.11 39.75
CA GLU D 169 -45.56 -1.51 39.59
C GLU D 169 -45.30 -2.26 40.91
N GLU D 170 -44.11 -2.10 41.49
CA GLU D 170 -43.73 -2.79 42.75
C GLU D 170 -44.53 -2.20 43.92
N ALA D 171 -44.90 -0.92 43.88
CA ALA D 171 -45.71 -0.29 44.93
C ALA D 171 -47.14 -0.87 44.90
N ILE D 172 -47.66 -1.16 43.71
CA ILE D 172 -49.01 -1.76 43.57
C ILE D 172 -49.00 -3.14 44.24
N LYS D 173 -48.02 -3.98 43.89
CA LYS D 173 -47.88 -5.37 44.41
C LYS D 173 -47.74 -5.33 45.92
N ALA D 174 -47.07 -4.33 46.51
CA ALA D 174 -46.85 -4.22 47.98
C ALA D 174 -48.08 -3.60 48.66
N GLY D 175 -49.10 -3.25 47.86
CA GLY D 175 -50.22 -2.32 48.18
C GLY D 175 -49.80 -1.07 48.94
N ASP D 176 -48.72 -0.40 48.55
CA ASP D 176 -48.32 0.93 49.11
C ASP D 176 -49.35 1.99 48.69
N LYS D 177 -49.58 2.99 49.54
CA LYS D 177 -50.50 4.10 49.24
C LYS D 177 -49.90 5.42 49.72
N TYR D 178 -50.13 6.48 48.94
CA TYR D 178 -49.63 7.85 49.18
C TYR D 178 -50.80 8.81 49.15
N ASP D 179 -50.63 9.94 49.82
CA ASP D 179 -51.60 11.07 49.83
C ASP D 179 -51.40 11.96 48.60
N VAL D 180 -50.14 12.28 48.27
CA VAL D 180 -49.80 13.18 47.12
C VAL D 180 -48.69 12.50 46.33
N ILE D 181 -48.89 12.38 45.02
CA ILE D 181 -47.82 11.96 44.09
C ILE D 181 -47.47 13.12 43.15
N ILE D 182 -46.17 13.45 43.12
CA ILE D 182 -45.62 14.55 42.31
C ILE D 182 -44.73 13.94 41.24
N MET D 183 -45.10 14.13 39.98
CA MET D 183 -44.25 13.74 38.83
C MET D 183 -43.49 14.96 38.30
N ASP D 184 -42.17 14.93 38.44
CA ASP D 184 -41.21 15.98 38.04
C ASP D 184 -40.20 15.32 37.09
N LEU D 185 -40.67 14.84 35.96
CA LEU D 185 -39.87 14.05 35.02
C LEU D 185 -39.33 14.97 33.92
N THR D 186 -38.41 14.45 33.12
CA THR D 186 -38.00 15.01 31.82
C THR D 186 -39.24 15.12 30.93
N ASP D 187 -39.14 15.96 29.90
CA ASP D 187 -40.29 16.44 29.10
C ASP D 187 -40.93 15.28 28.35
N PRO D 188 -42.28 15.30 28.26
CA PRO D 188 -43.03 14.27 27.55
C PRO D 188 -42.78 14.28 26.04
N TYR D 189 -42.39 15.43 25.51
CA TYR D 189 -42.24 15.63 24.04
C TYR D 189 -40.82 15.27 23.61
N SER D 190 -39.90 15.00 24.51
CA SER D 190 -38.48 14.80 24.13
C SER D 190 -37.86 13.53 24.73
N SER D 191 -38.35 13.05 25.87
CA SER D 191 -37.61 12.15 26.80
C SER D 191 -38.13 10.72 26.61
N ASP D 192 -37.31 9.86 25.99
CA ASP D 192 -37.61 8.42 25.85
C ASP D 192 -37.70 7.79 27.26
N ILE D 193 -36.82 8.17 28.18
CA ILE D 193 -36.74 7.50 29.52
C ILE D 193 -38.01 7.73 30.33
N ALA D 194 -38.78 8.79 30.08
CA ALA D 194 -40.00 9.13 30.86
C ALA D 194 -41.29 8.74 30.11
N LYS D 195 -41.21 8.29 28.86
CA LYS D 195 -42.42 8.22 27.99
C LYS D 195 -43.49 7.29 28.60
N GLN D 196 -43.11 6.19 29.27
CA GLN D 196 -44.12 5.22 29.75
C GLN D 196 -44.87 5.81 30.94
N LEU D 197 -44.34 6.87 31.56
CA LEU D 197 -44.97 7.43 32.78
C LEU D 197 -45.97 8.52 32.43
N TYR D 198 -46.23 8.79 31.15
CA TYR D 198 -47.12 9.89 30.73
C TYR D 198 -48.43 9.36 30.11
N THR D 199 -48.68 8.06 30.17
CA THR D 199 -49.81 7.38 29.47
C THR D 199 -51.05 7.31 30.38
N ARG D 200 -52.22 7.23 29.78
CA ARG D 200 -53.52 6.86 30.42
C ARG D 200 -53.32 5.71 31.40
N GLU D 201 -52.63 4.68 30.92
CA GLU D 201 -52.41 3.39 31.63
C GLU D 201 -51.58 3.68 32.87
N PHE D 202 -50.61 4.58 32.77
CA PHE D 202 -49.74 4.90 33.94
C PHE D 202 -50.55 5.68 34.95
N PHE D 203 -51.46 6.55 34.53
CA PHE D 203 -52.28 7.35 35.48
C PHE D 203 -53.25 6.42 36.23
N ALA D 204 -53.68 5.33 35.58
CA ALA D 204 -54.51 4.28 36.24
C ALA D 204 -53.68 3.62 37.34
N LYS D 205 -52.40 3.35 37.07
CA LYS D 205 -51.47 2.76 38.06
C LYS D 205 -51.25 3.72 39.23
N ILE D 206 -51.13 5.01 38.92
CA ILE D 206 -50.98 6.07 39.96
C ILE D 206 -52.21 6.05 40.86
N ARG D 207 -53.40 6.00 40.28
CA ARG D 207 -54.65 6.01 41.09
C ARG D 207 -54.62 4.85 42.10
N ARG D 208 -54.09 3.69 41.69
CA ARG D 208 -54.04 2.46 42.53
C ARG D 208 -53.11 2.66 43.73
N ILE D 209 -52.16 3.60 43.70
CA ILE D 209 -51.24 3.83 44.85
C ILE D 209 -51.57 5.14 45.55
N LEU D 210 -52.74 5.68 45.27
CA LEU D 210 -53.27 6.85 46.02
C LEU D 210 -54.33 6.38 47.02
N ASN D 211 -54.31 6.97 48.20
CA ASN D 211 -55.45 6.96 49.15
C ASN D 211 -56.67 7.52 48.44
N ASP D 212 -57.85 7.34 49.03
CA ASP D 212 -59.17 7.64 48.42
C ASP D 212 -59.34 9.15 48.19
N ASP D 213 -58.64 9.98 48.96
CA ASP D 213 -58.66 11.46 48.84
C ASP D 213 -57.31 11.95 48.27
N GLY D 214 -56.60 11.11 47.53
CA GLY D 214 -55.25 11.38 47.00
C GLY D 214 -55.23 12.44 45.89
N VAL D 215 -54.07 13.07 45.67
CA VAL D 215 -53.86 14.04 44.56
C VAL D 215 -52.56 13.70 43.82
N VAL D 216 -52.62 13.76 42.49
CA VAL D 216 -51.45 13.65 41.60
C VAL D 216 -51.22 15.02 40.96
N VAL D 217 -49.97 15.43 40.81
CA VAL D 217 -49.64 16.56 39.92
C VAL D 217 -48.46 16.13 39.06
N THR D 218 -48.48 16.54 37.79
CA THR D 218 -47.34 16.34 36.87
C THR D 218 -47.06 17.62 36.07
N GLN D 219 -45.79 17.83 35.70
CA GLN D 219 -45.46 18.80 34.64
C GLN D 219 -45.86 18.09 33.35
N ALA D 220 -46.38 18.82 32.35
CA ALA D 220 -46.92 18.25 31.11
C ALA D 220 -46.35 18.96 29.88
N GLY D 221 -45.13 19.50 30.00
CA GLY D 221 -44.40 20.16 28.89
C GLY D 221 -44.97 21.52 28.63
N ASN D 222 -45.44 21.76 27.40
CA ASN D 222 -45.97 23.08 27.01
C ASN D 222 -47.10 22.94 26.00
N SER D 223 -48.26 23.54 26.31
CA SER D 223 -49.53 23.44 25.56
C SER D 223 -49.43 24.27 24.27
N PHE D 224 -48.60 25.30 24.26
CA PHE D 224 -48.46 26.21 23.10
C PHE D 224 -47.60 25.56 22.02
N TYR D 225 -46.41 25.08 22.39
CA TYR D 225 -45.44 24.53 21.42
C TYR D 225 -45.68 23.06 21.21
N PHE D 226 -46.14 22.33 22.22
CA PHE D 226 -46.32 20.86 22.11
C PHE D 226 -47.73 20.44 22.51
N PRO D 227 -48.75 20.92 21.76
CA PRO D 227 -50.14 20.70 22.16
C PRO D 227 -50.52 19.20 22.12
N ALA D 228 -50.04 18.44 21.15
CA ALA D 228 -50.40 17.02 20.98
C ALA D 228 -49.91 16.24 22.20
N GLU D 229 -48.67 16.44 22.62
CA GLU D 229 -48.11 15.71 23.79
C GLU D 229 -48.84 16.18 25.05
N TYR D 230 -49.12 17.48 25.15
CA TYR D 230 -49.86 18.02 26.32
C TYR D 230 -51.24 17.36 26.43
N ASP D 231 -51.96 17.33 25.31
CA ASP D 231 -53.35 16.80 25.22
C ASP D 231 -53.36 15.32 25.59
N MET D 232 -52.36 14.53 25.19
CA MET D 232 -52.26 13.10 25.53
C MET D 232 -52.19 12.95 27.05
N VAL D 233 -51.38 13.77 27.70
CA VAL D 233 -51.22 13.69 29.18
C VAL D 233 -52.56 14.06 29.81
N LEU D 234 -53.19 15.14 29.34
CA LEU D 234 -54.45 15.70 29.90
C LEU D 234 -55.54 14.62 29.82
N GLU D 235 -55.70 13.96 28.66
CA GLU D 235 -56.74 12.92 28.46
C GLU D 235 -56.48 11.75 29.41
N GLY D 236 -55.20 11.37 29.60
CA GLY D 236 -54.78 10.34 30.56
C GLY D 236 -55.20 10.64 31.99
N VAL D 237 -55.05 11.89 32.43
CA VAL D 237 -55.42 12.31 33.82
C VAL D 237 -56.95 12.39 33.91
N LYS D 238 -57.63 12.94 32.90
CA LYS D 238 -59.10 13.11 32.91
C LYS D 238 -59.81 11.75 32.94
N ALA D 239 -59.21 10.73 32.34
CA ALA D 239 -59.79 9.37 32.27
C ALA D 239 -59.68 8.69 33.64
N ASN D 240 -58.86 9.19 34.55
CA ASN D 240 -58.54 8.47 35.81
C ASN D 240 -58.94 9.27 37.03
N PHE D 241 -59.21 10.57 36.90
CA PHE D 241 -59.48 11.45 38.06
C PHE D 241 -60.68 12.33 37.71
N PRO D 242 -61.64 12.49 38.65
CA PRO D 242 -62.86 13.27 38.41
C PRO D 242 -62.66 14.79 38.53
N ILE D 243 -61.65 15.23 39.29
CA ILE D 243 -61.30 16.67 39.46
C ILE D 243 -59.93 16.89 38.81
N VAL D 244 -59.83 17.78 37.82
CA VAL D 244 -58.57 18.05 37.07
C VAL D 244 -58.40 19.55 36.92
N ALA D 245 -57.28 20.09 37.38
CA ALA D 245 -56.90 21.51 37.17
C ALA D 245 -55.66 21.56 36.27
N GLU D 246 -55.65 22.55 35.40
CA GLU D 246 -54.59 22.86 34.43
C GLU D 246 -54.10 24.25 34.77
N TYR D 247 -52.78 24.43 34.91
CA TYR D 247 -52.24 25.77 35.20
C TYR D 247 -50.83 25.84 34.64
N GLU D 248 -50.31 27.05 34.49
CA GLU D 248 -49.00 27.21 33.84
C GLU D 248 -48.26 28.33 34.54
N VAL D 249 -46.93 28.30 34.43
CA VAL D 249 -46.11 29.42 34.95
C VAL D 249 -44.94 29.64 34.00
N TRP D 250 -44.72 30.90 33.66
CA TRP D 250 -43.56 31.28 32.82
C TRP D 250 -42.28 30.95 33.60
N ILE D 251 -41.42 30.12 33.01
CA ILE D 251 -40.06 29.87 33.55
C ILE D 251 -39.07 30.45 32.55
N PRO D 252 -38.49 31.64 32.82
CA PRO D 252 -37.64 32.30 31.83
C PRO D 252 -36.56 31.37 31.24
N SER D 253 -35.88 30.58 32.08
CA SER D 253 -34.72 29.77 31.63
C SER D 253 -35.21 28.66 30.70
N PHE D 254 -36.49 28.33 30.69
CA PHE D 254 -37.07 27.30 29.78
C PHE D 254 -37.46 27.90 28.42
N GLY D 255 -37.72 29.21 28.36
CA GLY D 255 -38.30 29.87 27.17
C GLY D 255 -39.78 29.63 26.99
N TYR D 256 -40.48 29.18 28.05
CA TYR D 256 -41.94 28.96 27.97
C TYR D 256 -42.57 28.86 29.37
N ALA D 257 -43.90 28.95 29.39
CA ALA D 257 -44.77 28.69 30.57
C ALA D 257 -44.96 27.20 30.67
N VAL D 258 -44.36 26.59 31.70
CA VAL D 258 -44.52 25.12 31.91
C VAL D 258 -45.98 24.86 32.26
N ASN D 259 -46.55 23.81 31.72
CA ASN D 259 -47.92 23.36 32.03
C ASN D 259 -47.90 22.30 33.12
N PHE D 260 -48.80 22.45 34.07
CA PHE D 260 -49.04 21.48 35.17
C PHE D 260 -50.46 20.95 35.04
N ILE D 261 -50.62 19.67 35.34
CA ILE D 261 -51.93 18.99 35.43
C ILE D 261 -52.03 18.32 36.79
N LEU D 262 -53.05 18.72 37.53
CA LEU D 262 -53.35 18.24 38.89
C LEU D 262 -54.63 17.40 38.82
N GLY D 263 -54.56 16.15 39.26
CA GLY D 263 -55.71 15.23 39.37
C GLY D 263 -56.03 14.95 40.82
N SER D 264 -57.30 15.10 41.19
CA SER D 264 -57.75 14.95 42.60
C SER D 264 -58.94 13.98 42.66
N LEU D 265 -58.98 13.19 43.72
CA LEU D 265 -60.04 12.18 43.94
C LEU D 265 -61.20 12.77 44.75
N ARG D 266 -60.96 13.80 45.57
CA ARG D 266 -62.00 14.37 46.48
C ARG D 266 -61.97 15.91 46.47
N TYR D 267 -60.81 16.50 46.76
CA TYR D 267 -60.68 17.97 47.05
C TYR D 267 -60.39 18.71 45.76
N ASP D 268 -61.05 19.85 45.59
CA ASP D 268 -60.97 20.69 44.38
C ASP D 268 -60.06 21.87 44.68
N PRO D 269 -58.91 21.99 43.98
CA PRO D 269 -58.01 23.12 44.22
C PRO D 269 -58.67 24.46 43.87
N HIS D 270 -59.66 24.47 42.99
CA HIS D 270 -60.38 25.70 42.58
C HIS D 270 -61.18 26.25 43.76
N ALA D 271 -61.49 25.42 44.77
CA ALA D 271 -62.38 25.77 45.90
C ALA D 271 -61.59 26.44 47.01
N LEU D 272 -60.26 26.38 47.00
CA LEU D 272 -59.44 27.04 48.06
C LEU D 272 -59.44 28.55 47.84
N THR D 273 -59.66 29.32 48.89
CA THR D 273 -59.57 30.80 48.88
C THR D 273 -58.13 31.16 49.22
N PRO D 274 -57.67 32.36 48.89
CA PRO D 274 -56.36 32.82 49.35
C PRO D 274 -56.15 32.64 50.85
N SER D 275 -57.18 32.96 51.66
CA SER D 275 -57.09 32.90 53.15
C SER D 275 -56.87 31.46 53.60
N GLU D 276 -57.60 30.52 53.01
CA GLU D 276 -57.47 29.09 53.37
C GLU D 276 -56.06 28.62 52.98
N VAL D 277 -55.57 29.01 51.80
CA VAL D 277 -54.21 28.57 51.37
C VAL D 277 -53.22 29.14 52.38
N ASP D 278 -53.29 30.44 52.66
CA ASP D 278 -52.30 31.14 53.52
C ASP D 278 -52.35 30.53 54.92
N GLU D 279 -53.51 30.12 55.40
CA GLU D 279 -53.68 29.53 56.76
C GLU D 279 -53.03 28.14 56.77
N ARG D 280 -53.22 27.34 55.70
CA ARG D 280 -52.56 26.01 55.66
C ARG D 280 -51.05 26.17 55.63
N LEU D 281 -50.53 27.13 54.86
CA LEU D 281 -49.07 27.35 54.76
C LEU D 281 -48.54 27.73 56.15
N ARG D 282 -49.24 28.64 56.82
CA ARG D 282 -48.82 29.16 58.14
C ARG D 282 -48.86 28.00 59.14
N ALA D 283 -49.94 27.24 59.18
CA ALA D 283 -50.12 26.14 60.16
C ALA D 283 -49.05 25.09 59.92
N ARG D 284 -48.63 24.90 58.68
CA ARG D 284 -47.69 23.79 58.32
C ARG D 284 -46.23 24.26 58.34
N GLY D 285 -45.97 25.54 58.61
CA GLY D 285 -44.60 26.08 58.71
C GLY D 285 -43.96 26.27 57.33
N VAL D 286 -44.77 26.41 56.28
CA VAL D 286 -44.27 26.50 54.87
C VAL D 286 -43.87 27.95 54.55
N LYS D 287 -42.58 28.19 54.33
CA LYS D 287 -42.07 29.48 53.80
C LYS D 287 -41.76 29.32 52.30
N THR D 288 -42.15 30.30 51.48
CA THR D 288 -41.99 30.29 50.02
C THR D 288 -41.39 31.61 49.54
N ALA D 289 -40.77 31.60 48.37
CA ALA D 289 -40.35 32.81 47.63
C ALA D 289 -41.48 33.33 46.73
N PHE D 290 -42.44 32.50 46.36
CA PHE D 290 -43.40 32.85 45.29
C PHE D 290 -44.84 32.46 45.67
N TYR D 291 -45.08 31.19 45.94
CA TYR D 291 -46.44 30.66 46.19
C TYR D 291 -47.11 31.29 47.43
N THR D 292 -48.34 31.77 47.22
CA THR D 292 -49.25 32.37 48.21
C THR D 292 -50.68 32.04 47.82
N GLY D 293 -51.62 32.41 48.68
CA GLY D 293 -53.04 32.24 48.40
C GLY D 293 -53.43 32.95 47.11
N ARG D 294 -52.91 34.16 46.90
CA ARG D 294 -53.25 34.96 45.70
C ARG D 294 -52.68 34.29 44.46
N VAL D 295 -51.45 33.78 44.55
CA VAL D 295 -50.85 33.03 43.42
C VAL D 295 -51.77 31.86 43.12
N HIS D 296 -52.17 31.13 44.15
CA HIS D 296 -53.03 29.95 43.97
C HIS D 296 -54.28 30.35 43.18
N LEU D 297 -54.93 31.44 43.59
CA LEU D 297 -56.16 31.94 42.95
C LEU D 297 -55.86 32.23 41.47
N ALA D 298 -54.75 32.90 41.19
CA ALA D 298 -54.34 33.26 39.81
C ALA D 298 -54.13 31.99 38.98
N LEU D 299 -53.41 31.01 39.52
CA LEU D 299 -53.13 29.76 38.78
C LEU D 299 -54.42 29.05 38.43
N MET D 300 -55.40 29.07 39.34
CA MET D 300 -56.67 28.35 39.15
C MET D 300 -57.56 29.07 38.13
N ASN D 301 -57.26 30.33 37.80
CA ASN D 301 -58.18 31.17 36.98
C ASN D 301 -57.55 31.55 35.63
N MET D 302 -56.24 31.39 35.47
CA MET D 302 -55.55 31.75 34.18
C MET D 302 -55.70 30.55 33.24
N PRO D 303 -56.34 30.71 32.07
CA PRO D 303 -56.34 29.65 31.07
C PRO D 303 -54.91 29.45 30.54
N ILE D 304 -54.65 28.28 30.02
CA ILE D 304 -53.34 27.89 29.46
C ILE D 304 -53.23 28.45 28.03
N HIS D 305 -52.01 28.68 27.59
CA HIS D 305 -51.68 29.22 26.25
C HIS D 305 -51.87 28.16 25.17
N ARG D 306 -52.50 28.56 24.07
CA ARG D 306 -52.56 27.79 22.82
C ARG D 306 -52.20 28.71 21.66
N LYS D 307 -51.75 28.15 20.53
CA LYS D 307 -51.68 28.91 19.26
C LYS D 307 -53.08 29.32 18.85
N LEU D 308 -53.31 30.61 18.63
CA LEU D 308 -54.66 31.16 18.41
C LEU D 308 -54.96 31.24 16.91
N ARG D 309 -53.98 31.08 16.02
CA ARG D 309 -54.18 31.03 14.53
C ARG D 309 -53.19 30.01 13.97
N VAL E 24 -24.84 20.26 12.57
CA VAL E 24 -24.94 21.64 13.09
C VAL E 24 -24.16 21.72 14.41
N PRO E 25 -23.54 22.88 14.72
CA PRO E 25 -22.89 23.11 16.00
C PRO E 25 -23.81 23.28 17.21
N GLY E 26 -23.64 22.45 18.21
CA GLY E 26 -24.08 22.65 19.59
C GLY E 26 -23.96 21.30 20.29
N PRO E 27 -24.42 21.18 21.55
CA PRO E 27 -25.14 22.27 22.22
C PRO E 27 -24.32 23.48 22.72
N ILE E 28 -23.03 23.29 22.92
CA ILE E 28 -22.09 24.33 23.38
C ILE E 28 -21.38 24.80 22.13
N THR E 29 -21.38 26.11 21.93
CA THR E 29 -20.96 26.77 20.69
C THR E 29 -20.16 28.01 21.04
N LEU E 30 -19.12 28.28 20.26
CA LEU E 30 -18.41 29.57 20.30
C LEU E 30 -19.01 30.41 19.17
N ILE E 31 -19.40 31.62 19.47
CA ILE E 31 -19.75 32.62 18.44
C ILE E 31 -18.52 33.47 18.23
N GLU E 32 -17.78 33.16 17.18
CA GLU E 32 -16.57 33.93 16.82
C GLU E 32 -16.96 35.05 15.87
N PRO E 33 -16.72 36.31 16.24
CA PRO E 33 -17.01 37.42 15.35
C PRO E 33 -16.04 37.27 14.18
N LEU E 34 -16.45 37.71 13.04
CA LEU E 34 -15.52 37.72 11.90
C LEU E 34 -15.49 39.15 11.44
N SER E 35 -16.57 39.61 10.83
CA SER E 35 -16.63 40.96 10.20
C SER E 35 -17.65 41.83 10.89
N GLY E 36 -18.45 41.30 11.80
CA GLY E 36 -19.62 42.03 12.33
C GLY E 36 -20.88 41.73 11.51
N ASN E 37 -20.75 41.46 10.20
CA ASN E 37 -21.93 41.08 9.36
C ASN E 37 -21.87 39.59 9.06
N THR E 38 -20.78 38.95 9.43
CA THR E 38 -20.58 37.50 9.35
C THR E 38 -19.93 37.07 10.66
N SER E 39 -20.37 35.95 11.24
CA SER E 39 -19.77 35.34 12.41
C SER E 39 -19.66 33.84 12.16
N LEU E 40 -18.76 33.19 12.90
CA LEU E 40 -18.64 31.72 12.87
C LEU E 40 -19.33 31.14 14.08
N LEU E 41 -20.07 30.05 13.91
CA LEU E 41 -20.62 29.22 14.99
C LEU E 41 -19.81 27.97 15.05
N ILE E 42 -19.06 27.79 16.14
CA ILE E 42 -18.08 26.67 16.22
C ILE E 42 -18.45 25.77 17.40
N LYS E 43 -18.68 24.50 17.13
CA LYS E 43 -19.01 23.53 18.20
C LYS E 43 -17.79 23.39 19.14
N ILE E 44 -18.06 23.51 20.45
CA ILE E 44 -17.10 23.37 21.57
C ILE E 44 -17.34 21.99 22.17
N ASN E 45 -16.28 21.22 22.37
CA ASN E 45 -16.39 19.91 23.07
C ASN E 45 -16.08 20.10 24.57
N ALA E 46 -15.27 21.07 24.94
CA ALA E 46 -14.89 21.30 26.35
C ALA E 46 -14.38 22.72 26.49
N ILE E 47 -14.59 23.29 27.67
CA ILE E 47 -13.90 24.52 28.11
C ILE E 47 -12.87 24.14 29.17
N HIS E 48 -11.61 24.47 28.90
CA HIS E 48 -10.49 24.12 29.79
C HIS E 48 -10.31 25.20 30.85
N SER E 49 -10.40 26.46 30.45
CA SER E 49 -10.10 27.59 31.36
C SER E 49 -10.73 28.86 30.82
N VAL E 50 -11.24 29.68 31.71
CA VAL E 50 -11.75 31.05 31.44
C VAL E 50 -11.07 31.98 32.43
N LYS E 51 -10.45 33.06 31.97
CA LYS E 51 -9.75 34.02 32.86
C LYS E 51 -10.02 35.42 32.34
N LYS E 52 -10.66 36.24 33.14
CA LYS E 52 -10.80 37.69 32.87
C LYS E 52 -9.52 38.33 33.40
N SER E 53 -8.57 38.65 32.53
CA SER E 53 -7.32 39.34 32.89
C SER E 53 -7.65 40.83 32.84
N PRO E 54 -6.79 41.73 33.34
CA PRO E 54 -7.07 43.16 33.18
C PRO E 54 -7.03 43.59 31.69
N TYR E 55 -6.40 42.80 30.82
CA TYR E 55 -6.16 43.20 29.43
C TYR E 55 -7.23 42.60 28.50
N GLN E 56 -7.73 41.40 28.81
CA GLN E 56 -8.58 40.69 27.88
C GLN E 56 -9.23 39.52 28.56
N GLU E 57 -10.32 39.03 27.98
CA GLU E 57 -10.96 37.77 28.39
C GLU E 57 -10.28 36.62 27.66
N ILE E 58 -9.77 35.64 28.41
CA ILE E 58 -8.97 34.51 27.90
C ILE E 58 -9.84 33.27 28.01
N ILE E 59 -9.98 32.50 26.95
CA ILE E 59 -10.67 31.19 27.00
C ILE E 59 -9.79 30.20 26.30
N ILE E 60 -9.57 29.06 26.96
CA ILE E 60 -9.00 27.88 26.30
C ILE E 60 -10.07 26.82 26.22
N ALA E 61 -10.31 26.33 25.00
CA ALA E 61 -11.42 25.41 24.74
C ALA E 61 -10.96 24.35 23.74
N ASP E 62 -11.74 23.26 23.68
CA ASP E 62 -11.55 22.24 22.64
C ASP E 62 -12.67 22.43 21.64
N THR E 63 -12.34 22.59 20.35
CA THR E 63 -13.35 22.66 19.28
C THR E 63 -13.30 21.35 18.50
N GLU E 64 -14.44 20.93 17.99
CA GLU E 64 -14.52 19.70 17.17
C GLU E 64 -13.68 19.92 15.89
N ASP E 65 -13.82 21.06 15.22
CA ASP E 65 -13.14 21.23 13.91
C ASP E 65 -11.65 21.49 14.08
N TYR E 66 -11.26 22.27 15.08
CA TYR E 66 -9.91 22.89 15.10
C TYR E 66 -9.08 22.36 16.27
N GLY E 67 -9.62 21.43 17.06
CA GLY E 67 -9.00 20.99 18.32
C GLY E 67 -8.86 22.17 19.27
N ARG E 68 -7.82 22.16 20.09
CA ARG E 68 -7.66 23.13 21.19
C ARG E 68 -7.38 24.51 20.62
N VAL E 69 -8.01 25.54 21.21
CA VAL E 69 -7.89 26.93 20.73
C VAL E 69 -7.59 27.85 21.91
N LEU E 70 -6.88 28.93 21.60
CA LEU E 70 -6.81 30.12 22.45
C LEU E 70 -7.75 31.17 21.90
N ILE E 71 -8.63 31.70 22.75
CA ILE E 71 -9.59 32.77 22.41
C ILE E 71 -9.29 33.98 23.28
N LEU E 72 -9.16 35.16 22.66
CA LEU E 72 -8.95 36.42 23.39
C LEU E 72 -10.04 37.38 22.96
N ASP E 73 -10.85 37.87 23.89
CA ASP E 73 -11.98 38.80 23.62
C ASP E 73 -12.82 38.26 22.47
N ASP E 74 -13.12 36.97 22.46
CA ASP E 74 -14.04 36.29 21.53
C ASP E 74 -13.35 35.84 20.23
N TYR E 75 -12.13 36.29 19.94
CA TYR E 75 -11.42 35.96 18.67
C TYR E 75 -10.45 34.81 18.88
N ILE E 76 -10.58 33.75 18.10
CA ILE E 76 -9.57 32.66 18.06
C ILE E 76 -8.24 33.25 17.65
N GLN E 77 -7.20 32.96 18.42
CA GLN E 77 -5.82 33.42 18.19
C GLN E 77 -5.05 32.31 17.48
N SER E 78 -5.37 31.06 17.77
CA SER E 78 -4.58 29.90 17.30
C SER E 78 -5.38 28.65 17.60
N SER E 79 -5.21 27.64 16.76
CA SER E 79 -5.83 26.32 16.96
C SER E 79 -4.74 25.27 16.75
N TYR E 80 -4.87 24.15 17.39
CA TYR E 80 -3.98 22.98 17.18
C TYR E 80 -3.96 22.58 15.71
N VAL E 81 -5.08 22.61 14.98
CA VAL E 81 -5.08 21.97 13.63
C VAL E 81 -4.48 22.91 12.60
N ASP E 82 -4.43 24.22 12.83
CA ASP E 82 -3.96 25.14 11.76
C ASP E 82 -2.99 26.21 12.25
N GLU E 83 -2.57 26.20 13.52
CA GLU E 83 -1.66 27.28 13.98
C GLU E 83 -0.34 27.24 13.17
N GLN E 84 0.11 26.09 12.72
CA GLN E 84 1.44 26.02 12.00
C GLN E 84 1.36 26.82 10.69
N TYR E 85 0.19 26.89 10.05
CA TYR E 85 0.00 27.76 8.87
C TYR E 85 0.25 29.21 9.25
N TYR E 86 -0.31 29.62 10.39
CA TYR E 86 -0.19 31.02 10.88
C TYR E 86 1.28 31.29 11.24
N HIS E 87 1.84 30.48 12.15
CA HIS E 87 3.13 30.79 12.79
C HIS E 87 4.27 30.64 11.76
N GLU E 88 4.20 29.65 10.89
CA GLU E 88 5.23 29.46 9.85
C GLU E 88 5.20 30.62 8.87
N SER E 89 4.00 31.09 8.49
CA SER E 89 3.83 32.16 7.49
C SER E 89 4.24 33.49 8.12
N LEU E 90 4.05 33.63 9.43
CA LEU E 90 4.41 34.91 10.12
C LEU E 90 5.93 35.00 10.20
N VAL E 91 6.59 33.90 10.50
CA VAL E 91 8.01 33.92 10.93
C VAL E 91 8.99 33.68 9.77
N HIS E 92 8.81 32.62 9.01
CA HIS E 92 9.90 32.07 8.16
C HIS E 92 10.20 32.97 6.96
N PRO E 93 9.23 33.61 6.29
CA PRO E 93 9.59 34.50 5.18
C PRO E 93 10.56 35.61 5.62
N ALA E 94 10.30 36.26 6.74
CA ALA E 94 11.19 37.30 7.31
C ALA E 94 12.54 36.69 7.67
N MET E 95 12.54 35.58 8.40
CA MET E 95 13.77 34.95 8.94
C MET E 95 14.62 34.46 7.77
N ALA E 96 14.00 33.91 6.73
CA ALA E 96 14.70 33.36 5.54
C ALA E 96 15.24 34.50 4.70
N THR E 97 14.58 35.66 4.70
CA THR E 97 15.02 36.85 3.94
C THR E 97 16.27 37.43 4.60
N HIS E 98 16.38 37.40 5.92
CA HIS E 98 17.59 37.90 6.62
C HIS E 98 18.69 36.87 6.41
N PRO E 99 19.87 37.28 5.93
CA PRO E 99 20.94 36.31 5.63
C PRO E 99 21.56 35.68 6.87
N ASN E 100 21.46 36.33 8.04
CA ASN E 100 22.07 35.81 9.30
C ASN E 100 21.35 36.42 10.50
N PRO E 101 20.09 36.01 10.78
CA PRO E 101 19.34 36.59 11.89
C PRO E 101 19.83 36.00 13.22
N ARG E 102 20.47 36.82 14.05
CA ARG E 102 21.12 36.37 15.31
C ARG E 102 20.28 36.79 16.53
N ASP E 103 19.76 38.01 16.48
CA ASP E 103 18.97 38.67 17.56
C ASP E 103 17.54 38.89 17.04
N VAL E 104 16.58 38.23 17.69
CA VAL E 104 15.16 38.25 17.30
C VAL E 104 14.34 38.82 18.47
N LEU E 105 13.44 39.75 18.16
CA LEU E 105 12.44 40.30 19.11
C LEU E 105 11.06 39.91 18.59
N ILE E 106 10.24 39.35 19.47
CA ILE E 106 8.79 39.05 19.25
C ILE E 106 7.96 39.92 20.19
N LEU E 107 7.05 40.69 19.66
CA LEU E 107 6.02 41.42 20.47
C LEU E 107 4.70 40.65 20.37
N GLY E 108 4.21 40.18 21.49
CA GLY E 108 3.03 39.30 21.61
C GLY E 108 3.46 37.88 21.54
N GLY E 109 2.79 37.05 20.75
CA GLY E 109 3.11 35.63 20.61
C GLY E 109 2.89 34.86 21.88
N GLY E 110 1.85 35.21 22.65
CA GLY E 110 1.62 34.69 24.01
C GLY E 110 1.64 33.18 24.12
N GLU E 111 1.23 32.44 23.07
CA GLU E 111 1.13 30.96 23.16
C GLU E 111 2.51 30.32 22.95
N GLY E 112 3.48 31.07 22.47
CA GLY E 112 4.89 30.60 22.41
C GLY E 112 5.24 29.95 21.08
N ALA E 113 4.31 29.89 20.12
CA ALA E 113 4.54 29.24 18.81
C ALA E 113 5.38 30.11 17.88
N THR E 114 5.22 31.43 17.93
CA THR E 114 6.06 32.38 17.17
C THR E 114 7.52 32.16 17.59
N LEU E 115 7.75 32.14 18.91
CA LEU E 115 9.09 31.86 19.49
C LEU E 115 9.59 30.51 19.00
N ARG E 116 8.74 29.48 19.06
CA ARG E 116 9.11 28.12 18.62
C ARG E 116 9.64 28.17 17.18
N GLU E 117 8.94 28.87 16.29
CA GLU E 117 9.34 28.91 14.87
C GLU E 117 10.65 29.69 14.73
N ALA E 118 10.80 30.82 15.41
CA ALA E 118 12.00 31.66 15.25
C ALA E 118 13.24 30.89 15.73
N LEU E 119 13.12 30.14 16.83
CA LEU E 119 14.25 29.42 17.46
C LEU E 119 14.73 28.30 16.52
N LYS E 120 13.94 27.86 15.55
CA LYS E 120 14.38 26.77 14.65
C LYS E 120 15.59 27.20 13.82
N HIS E 121 15.74 28.51 13.58
CA HIS E 121 16.86 29.06 12.80
C HIS E 121 18.14 28.95 13.63
N GLY E 122 19.08 28.10 13.20
CA GLY E 122 20.34 27.84 13.91
C GLY E 122 21.19 29.09 14.06
N THR E 123 20.94 30.13 13.30
CA THR E 123 21.68 31.40 13.38
C THR E 123 21.26 32.19 14.62
N VAL E 124 20.07 31.90 15.17
CA VAL E 124 19.53 32.70 16.31
C VAL E 124 20.36 32.40 17.56
N LYS E 125 20.88 33.43 18.20
CA LYS E 125 21.63 33.32 19.49
C LYS E 125 20.73 33.82 20.63
N ARG E 126 19.92 34.85 20.36
CA ARG E 126 19.06 35.52 21.37
C ARG E 126 17.69 35.79 20.73
N ALA E 127 16.64 35.22 21.33
CA ALA E 127 15.22 35.52 20.98
C ALA E 127 14.52 36.04 22.23
N VAL E 128 14.01 37.26 22.16
CA VAL E 128 13.22 37.88 23.26
C VAL E 128 11.76 37.93 22.81
N MET E 129 10.86 37.44 23.64
CA MET E 129 9.40 37.49 23.44
C MET E 129 8.77 38.36 24.54
N VAL E 130 8.01 39.38 24.17
CA VAL E 130 7.42 40.38 25.09
C VAL E 130 5.90 40.36 24.95
N ASP E 131 5.21 39.80 25.93
CA ASP E 131 3.73 39.81 25.98
C ASP E 131 3.27 40.58 27.23
N ILE E 132 2.23 41.37 27.09
CA ILE E 132 1.69 42.25 28.15
C ILE E 132 0.98 41.38 29.20
N ASP E 133 0.55 40.15 28.87
CA ASP E 133 -0.44 39.42 29.68
C ASP E 133 0.17 38.10 30.18
N ARG E 134 0.58 38.09 31.47
CA ARG E 134 1.22 36.88 32.06
CA ARG E 134 1.22 36.89 32.07
C ARG E 134 0.23 35.72 32.04
N ASP E 135 -1.07 35.99 32.09
CA ASP E 135 -2.10 34.92 32.12
C ASP E 135 -2.15 34.19 30.77
N VAL E 136 -1.96 34.89 29.66
CA VAL E 136 -1.94 34.21 28.33
C VAL E 136 -0.76 33.26 28.29
N VAL E 137 0.41 33.74 28.72
CA VAL E 137 1.64 32.91 28.69
C VAL E 137 1.45 31.70 29.61
N GLU E 138 0.99 31.93 30.84
CA GLU E 138 0.96 30.82 31.82
C GLU E 138 -0.15 29.85 31.43
N LEU E 139 -1.28 30.33 30.93
CA LEU E 139 -2.36 29.40 30.54
C LEU E 139 -1.95 28.63 29.28
N SER E 140 -1.20 29.27 28.37
CA SER E 140 -0.63 28.60 27.17
C SER E 140 0.40 27.56 27.56
N ARG E 141 1.29 27.89 28.50
CA ARG E 141 2.28 26.92 29.03
C ARG E 141 1.53 25.65 29.46
N ALA E 142 0.46 25.78 30.24
CA ALA E 142 -0.22 24.63 30.86
C ALA E 142 -1.12 23.92 29.84
N TYR E 143 -1.95 24.66 29.11
CA TYR E 143 -3.06 24.06 28.33
C TYR E 143 -2.72 23.91 26.84
N LEU E 144 -1.67 24.54 26.34
CA LEU E 144 -1.35 24.53 24.89
C LEU E 144 0.10 24.11 24.67
N PRO E 145 0.54 22.95 25.23
CA PRO E 145 1.92 22.49 25.08
C PRO E 145 2.35 22.25 23.63
N GLN E 146 1.43 21.89 22.74
CA GLN E 146 1.80 21.63 21.32
C GLN E 146 2.09 22.96 20.61
N MET E 147 1.77 24.09 21.22
CA MET E 147 2.08 25.42 20.64
C MET E 147 3.53 25.77 21.00
N HIS E 148 3.87 25.86 22.27
CA HIS E 148 5.20 26.36 22.69
C HIS E 148 6.24 25.23 22.46
N GLN E 149 5.86 23.97 22.67
CA GLN E 149 6.77 22.80 22.55
C GLN E 149 8.10 23.08 23.25
N GLY E 150 8.08 23.68 24.45
CA GLY E 150 9.30 23.91 25.25
C GLY E 150 10.04 25.19 24.91
N ALA E 151 9.57 25.93 23.92
CA ALA E 151 10.27 27.16 23.43
C ALA E 151 10.52 28.11 24.58
N PHE E 152 9.58 28.23 25.53
CA PHE E 152 9.68 29.19 26.65
C PHE E 152 10.95 28.92 27.47
N ASP E 153 11.41 27.66 27.49
CA ASP E 153 12.54 27.19 28.35
C ASP E 153 13.82 27.03 27.56
N ASP E 154 13.83 27.34 26.27
CA ASP E 154 15.07 27.29 25.43
C ASP E 154 16.08 28.27 26.02
N PRO E 155 17.36 27.87 26.23
CA PRO E 155 18.38 28.76 26.76
C PRO E 155 18.56 30.05 25.96
N ARG E 156 18.25 30.03 24.66
CA ARG E 156 18.39 31.24 23.80
C ARG E 156 17.22 32.21 24.00
N ALA E 157 16.14 31.78 24.66
CA ALA E 157 14.88 32.54 24.76
C ALA E 157 14.80 33.28 26.10
N LYS E 158 14.28 34.50 26.04
CA LYS E 158 13.90 35.32 27.21
C LYS E 158 12.43 35.70 27.03
N VAL E 159 11.59 35.31 27.99
CA VAL E 159 10.16 35.74 28.02
C VAL E 159 10.05 36.89 29.01
N VAL E 160 9.60 38.03 28.51
CA VAL E 160 9.39 39.28 29.28
C VAL E 160 7.90 39.60 29.29
N ILE E 161 7.35 39.80 30.47
CA ILE E 161 5.95 40.28 30.62
C ILE E 161 6.03 41.78 30.76
N GLN E 162 5.65 42.47 29.71
CA GLN E 162 5.65 43.96 29.66
C GLN E 162 4.81 44.38 28.48
N ASP E 163 4.25 45.57 28.54
CA ASP E 163 3.68 46.27 27.36
C ASP E 163 4.79 46.44 26.34
N GLY E 164 4.56 45.96 25.12
CA GLY E 164 5.54 46.05 24.03
C GLY E 164 5.90 47.49 23.71
N PHE E 165 4.97 48.42 23.86
CA PHE E 165 5.23 49.88 23.65
C PHE E 165 6.34 50.32 24.61
N VAL E 166 6.20 49.97 25.89
CA VAL E 166 7.15 50.36 26.95
C VAL E 166 8.47 49.66 26.67
N TYR E 167 8.42 48.38 26.28
CA TYR E 167 9.65 47.60 26.07
C TYR E 167 10.47 48.24 24.96
N VAL E 168 9.81 48.67 23.90
CA VAL E 168 10.52 49.26 22.73
C VAL E 168 11.09 50.62 23.14
N GLU E 169 10.37 51.43 23.92
CA GLU E 169 10.92 52.75 24.36
C GLU E 169 12.18 52.49 25.19
N GLU E 170 12.16 51.50 26.09
CA GLU E 170 13.30 51.17 26.97
C GLU E 170 14.43 50.56 26.14
N ALA E 171 14.13 49.84 25.05
CA ALA E 171 15.15 49.27 24.15
C ALA E 171 15.87 50.39 23.40
N ILE E 172 15.16 51.46 23.03
CA ILE E 172 15.78 52.62 22.33
C ILE E 172 16.81 53.25 23.29
N LYS E 173 16.40 53.56 24.51
CA LYS E 173 17.24 54.19 25.56
C LYS E 173 18.47 53.33 25.85
N ALA E 174 18.36 52.00 25.82
CA ALA E 174 19.48 51.07 26.11
C ALA E 174 20.35 50.87 24.86
N GLY E 175 19.98 51.55 23.76
CA GLY E 175 20.42 51.29 22.37
C GLY E 175 20.46 49.83 21.97
N ASP E 176 19.46 49.01 22.34
CA ASP E 176 19.36 47.60 21.85
C ASP E 176 19.04 47.58 20.35
N LYS E 177 19.53 46.56 19.67
CA LYS E 177 19.33 46.39 18.21
C LYS E 177 19.09 44.90 17.92
N TYR E 178 18.18 44.65 16.99
CA TYR E 178 17.72 43.31 16.58
C TYR E 178 17.85 43.20 15.07
N ASP E 179 17.99 41.98 14.59
CA ASP E 179 18.04 41.65 13.15
C ASP E 179 16.61 41.50 12.59
N VAL E 180 15.74 40.81 13.31
CA VAL E 180 14.33 40.55 12.91
C VAL E 180 13.42 40.87 14.09
N ILE E 181 12.40 41.69 13.83
CA ILE E 181 11.32 41.97 14.80
C ILE E 181 10.01 41.42 14.25
N ILE E 182 9.37 40.55 15.04
CA ILE E 182 8.10 39.87 14.69
C ILE E 182 7.02 40.43 15.62
N MET E 183 6.04 41.10 15.06
CA MET E 183 4.82 41.54 15.79
C MET E 183 3.69 40.55 15.56
N ASP E 184 3.31 39.86 16.63
CA ASP E 184 2.26 38.82 16.69
C ASP E 184 1.26 39.27 17.76
N LEU E 185 0.61 40.38 17.52
CA LEU E 185 -0.28 41.03 18.46
C LEU E 185 -1.73 40.63 18.18
N THR E 186 -2.61 41.00 19.10
CA THR E 186 -4.07 40.98 18.88
C THR E 186 -4.37 41.93 17.73
N ASP E 187 -5.57 41.78 17.15
CA ASP E 187 -5.94 42.37 15.85
C ASP E 187 -5.96 43.89 15.96
N PRO E 188 -5.53 44.57 14.88
CA PRO E 188 -5.54 46.03 14.84
C PRO E 188 -6.97 46.59 14.77
N TYR E 189 -7.94 45.79 14.32
CA TYR E 189 -9.33 46.25 14.11
C TYR E 189 -10.15 46.07 15.38
N SER E 190 -9.62 45.40 16.39
CA SER E 190 -10.44 45.03 17.58
C SER E 190 -9.76 45.41 18.91
N SER E 191 -8.43 45.48 18.97
CA SER E 191 -7.66 45.34 20.23
C SER E 191 -7.20 46.71 20.71
N ASP E 192 -7.82 47.22 21.79
CA ASP E 192 -7.39 48.48 22.45
C ASP E 192 -5.93 48.32 22.95
N ILE E 193 -5.59 47.17 23.52
CA ILE E 193 -4.29 46.97 24.21
C ILE E 193 -3.12 47.04 23.20
N ALA E 194 -3.36 46.77 21.91
CA ALA E 194 -2.30 46.75 20.88
C ALA E 194 -2.30 48.02 20.03
N LYS E 195 -3.26 48.93 20.20
CA LYS E 195 -3.51 50.02 19.20
C LYS E 195 -2.26 50.90 19.07
N GLN E 196 -1.50 51.15 20.14
CA GLN E 196 -0.37 52.09 20.06
C GLN E 196 0.77 51.45 19.25
N LEU E 197 0.76 50.13 19.07
CA LEU E 197 1.88 49.42 18.41
C LEU E 197 1.64 49.30 16.90
N TYR E 198 0.56 49.85 16.36
CA TYR E 198 0.21 49.70 14.93
C TYR E 198 0.31 51.05 14.21
N THR E 199 0.87 52.09 14.85
CA THR E 199 0.96 53.47 14.30
C THR E 199 2.26 53.67 13.52
N ARG E 200 2.25 54.61 12.57
CA ARG E 200 3.43 55.19 11.87
C ARG E 200 4.55 55.42 12.90
N GLU E 201 4.21 56.07 14.02
CA GLU E 201 5.16 56.52 15.06
C GLU E 201 5.79 55.28 15.68
N PHE E 202 5.01 54.21 15.86
CA PHE E 202 5.57 52.98 16.48
C PHE E 202 6.51 52.31 15.50
N PHE E 203 6.21 52.32 14.21
CA PHE E 203 7.09 51.67 13.21
C PHE E 203 8.43 52.44 13.12
N ALA E 204 8.40 53.75 13.36
CA ALA E 204 9.62 54.60 13.45
C ALA E 204 10.46 54.12 14.62
N LYS E 205 9.83 53.83 15.75
CA LYS E 205 10.51 53.32 16.97
C LYS E 205 11.11 51.95 16.68
N ILE E 206 10.39 51.11 15.95
CA ILE E 206 10.87 49.75 15.54
C ILE E 206 12.13 49.93 14.69
N ARG E 207 12.12 50.84 13.72
CA ARG E 207 13.29 51.04 12.85
C ARG E 207 14.52 51.38 13.72
N ARG E 208 14.35 52.14 14.78
CA ARG E 208 15.45 52.59 15.67
C ARG E 208 16.07 51.41 16.44
N ILE E 209 15.36 50.28 16.59
CA ILE E 209 15.92 49.10 17.32
C ILE E 209 16.20 47.97 16.32
N LEU E 210 16.25 48.29 15.04
CA LEU E 210 16.74 47.36 14.01
C LEU E 210 18.17 47.73 13.62
N ASN E 211 19.00 46.72 13.41
CA ASN E 211 20.27 46.82 12.64
C ASN E 211 19.94 47.37 11.26
N ASP E 212 20.97 47.82 10.55
CA ASP E 212 20.87 48.58 9.27
C ASP E 212 20.26 47.69 8.17
N ASP E 213 20.42 46.37 8.27
CA ASP E 213 19.86 45.38 7.32
C ASP E 213 18.69 44.62 7.98
N GLY E 214 18.03 45.22 8.98
CA GLY E 214 16.97 44.57 9.77
C GLY E 214 15.67 44.37 8.99
N VAL E 215 14.82 43.45 9.46
CA VAL E 215 13.45 43.26 8.89
C VAL E 215 12.41 43.18 10.02
N VAL E 216 11.26 43.82 9.78
CA VAL E 216 10.05 43.72 10.64
C VAL E 216 9.00 42.93 9.88
N VAL E 217 8.27 42.09 10.58
CA VAL E 217 7.01 41.54 10.02
C VAL E 217 5.93 41.70 11.07
N THR E 218 4.73 42.03 10.63
CA THR E 218 3.53 42.07 11.52
C THR E 218 2.34 41.39 10.83
N GLN E 219 1.47 40.75 11.62
CA GLN E 219 0.11 40.42 11.16
C GLN E 219 -0.62 41.75 11.13
N ALA E 220 -1.51 41.95 10.15
CA ALA E 220 -2.22 43.23 9.93
C ALA E 220 -3.73 43.01 9.74
N GLY E 221 -4.26 41.98 10.39
CA GLY E 221 -5.70 41.65 10.41
C GLY E 221 -6.13 41.04 9.10
N ASN E 222 -7.07 41.68 8.40
CA ASN E 222 -7.62 41.15 7.13
C ASN E 222 -8.01 42.30 6.21
N SER E 223 -7.47 42.30 5.01
CA SER E 223 -7.59 43.35 3.95
C SER E 223 -8.98 43.31 3.34
N PHE E 224 -9.63 42.14 3.34
CA PHE E 224 -10.96 41.97 2.71
C PHE E 224 -12.05 42.56 3.62
N TYR E 225 -12.08 42.15 4.87
CA TYR E 225 -13.15 42.53 5.83
C TYR E 225 -12.78 43.81 6.53
N PHE E 226 -11.48 44.09 6.76
CA PHE E 226 -11.06 45.31 7.51
C PHE E 226 -10.03 46.11 6.74
N PRO E 227 -10.40 46.62 5.55
CA PRO E 227 -9.46 47.28 4.66
C PRO E 227 -8.88 48.57 5.26
N ALA E 228 -9.70 49.36 5.97
CA ALA E 228 -9.26 50.65 6.54
C ALA E 228 -8.15 50.40 7.57
N GLU E 229 -8.36 49.44 8.47
CA GLU E 229 -7.36 49.15 9.53
C GLU E 229 -6.12 48.55 8.87
N TYR E 230 -6.30 47.70 7.87
CA TYR E 230 -5.16 47.09 7.14
C TYR E 230 -4.31 48.21 6.49
N ASP E 231 -4.97 49.12 5.78
CA ASP E 231 -4.33 50.24 5.03
C ASP E 231 -3.56 51.15 6.01
N MET E 232 -4.10 51.40 7.21
CA MET E 232 -3.43 52.24 8.24
C MET E 232 -2.10 51.59 8.63
N VAL E 233 -2.10 50.27 8.83
CA VAL E 233 -0.87 49.56 9.24
C VAL E 233 0.11 49.65 8.06
N LEU E 234 -0.35 49.40 6.83
CA LEU E 234 0.50 49.37 5.61
C LEU E 234 1.18 50.72 5.43
N GLU E 235 0.44 51.83 5.56
CA GLU E 235 0.99 53.21 5.38
C GLU E 235 2.04 53.48 6.47
N GLY E 236 1.83 53.01 7.69
CA GLY E 236 2.78 53.09 8.81
C GLY E 236 4.10 52.39 8.49
N VAL E 237 4.05 51.21 7.89
CA VAL E 237 5.27 50.44 7.50
C VAL E 237 5.93 51.12 6.28
N LYS E 238 5.15 51.53 5.29
CA LYS E 238 5.68 52.14 4.04
C LYS E 238 6.39 53.47 4.35
N ALA E 239 5.96 54.19 5.38
CA ALA E 239 6.53 55.50 5.75
C ALA E 239 7.90 55.28 6.42
N ASN E 240 8.22 54.06 6.85
CA ASN E 240 9.43 53.84 7.69
C ASN E 240 10.39 52.86 7.02
N PHE E 241 9.96 52.12 6.01
CA PHE E 241 10.78 51.06 5.39
C PHE E 241 10.71 51.19 3.87
N PRO E 242 11.86 51.08 3.17
CA PRO E 242 11.91 51.23 1.72
C PRO E 242 11.45 50.00 0.94
N ILE E 243 11.54 48.80 1.54
CA ILE E 243 11.08 47.53 0.94
C ILE E 243 9.91 47.02 1.79
N VAL E 244 8.74 46.83 1.16
CA VAL E 244 7.50 46.35 1.85
C VAL E 244 6.86 45.27 1.00
N ALA E 245 6.66 44.08 1.57
CA ALA E 245 5.95 42.97 0.92
C ALA E 245 4.66 42.66 1.71
N GLU E 246 3.60 42.35 0.98
CA GLU E 246 2.27 42.05 1.54
C GLU E 246 1.96 40.62 1.12
N TYR E 247 1.52 39.78 2.04
CA TYR E 247 1.10 38.41 1.68
C TYR E 247 0.04 37.93 2.66
N GLU E 248 -0.67 36.86 2.31
CA GLU E 248 -1.77 36.40 3.16
C GLU E 248 -1.78 34.90 3.16
N VAL E 249 -2.43 34.31 4.17
CA VAL E 249 -2.65 32.85 4.21
C VAL E 249 -3.99 32.58 4.85
N TRP E 250 -4.77 31.70 4.24
CA TRP E 250 -6.06 31.24 4.79
C TRP E 250 -5.78 30.50 6.09
N ILE E 251 -6.37 30.95 7.18
CA ILE E 251 -6.36 30.20 8.47
C ILE E 251 -7.80 29.79 8.75
N PRO E 252 -8.15 28.51 8.52
CA PRO E 252 -9.54 28.10 8.66
C PRO E 252 -10.21 28.54 9.97
N SER E 253 -9.52 28.39 11.11
CA SER E 253 -10.10 28.64 12.44
C SER E 253 -10.40 30.14 12.59
N PHE E 254 -9.80 31.01 11.80
CA PHE E 254 -10.05 32.46 11.83
C PHE E 254 -11.27 32.84 10.99
N GLY E 255 -11.61 32.06 9.96
CA GLY E 255 -12.62 32.42 8.95
C GLY E 255 -12.08 33.37 7.90
N TYR E 256 -10.76 33.56 7.81
CA TYR E 256 -10.17 34.46 6.78
C TYR E 256 -8.69 34.19 6.56
N ALA E 257 -8.19 34.75 5.47
CA ALA E 257 -6.76 34.81 5.09
C ALA E 257 -6.11 35.96 5.88
N VAL E 258 -5.27 35.62 6.84
CA VAL E 258 -4.58 36.66 7.66
C VAL E 258 -3.63 37.39 6.74
N ASN E 259 -3.56 38.71 6.88
CA ASN E 259 -2.61 39.55 6.11
C ASN E 259 -1.34 39.80 6.93
N PHE E 260 -0.21 39.69 6.26
CA PHE E 260 1.13 39.97 6.80
C PHE E 260 1.75 41.11 6.00
N ILE E 261 2.49 41.95 6.69
CA ILE E 261 3.27 43.07 6.09
C ILE E 261 4.69 42.92 6.61
N LEU E 262 5.62 42.81 5.67
CA LEU E 262 7.06 42.67 5.93
C LEU E 262 7.75 43.95 5.47
N GLY E 263 8.47 44.61 6.40
CA GLY E 263 9.27 45.81 6.12
C GLY E 263 10.73 45.49 6.23
N SER E 264 11.51 45.82 5.19
CA SER E 264 12.96 45.45 5.11
C SER E 264 13.78 46.69 4.79
N LEU E 265 14.97 46.76 5.39
CA LEU E 265 15.89 47.92 5.21
C LEU E 265 16.87 47.63 4.05
N ARG E 266 17.15 46.36 3.72
CA ARG E 266 18.14 46.01 2.65
C ARG E 266 17.62 44.88 1.75
N TYR E 267 17.25 43.74 2.32
CA TYR E 267 16.98 42.48 1.58
C TYR E 267 15.51 42.42 1.18
N ASP E 268 15.28 42.00 -0.06
CA ASP E 268 13.93 41.98 -0.68
C ASP E 268 13.49 40.52 -0.72
N PRO E 269 12.41 40.15 0.00
CA PRO E 269 11.95 38.77 0.01
C PRO E 269 11.52 38.32 -1.38
N HIS E 270 11.14 39.24 -2.26
CA HIS E 270 10.71 38.91 -3.66
C HIS E 270 11.89 38.36 -4.46
N ALA E 271 13.13 38.64 -4.04
CA ALA E 271 14.38 38.28 -4.77
C ALA E 271 14.80 36.85 -4.45
N LEU E 272 14.28 36.24 -3.38
CA LEU E 272 14.65 34.84 -3.04
C LEU E 272 13.99 33.87 -4.00
N THR E 273 14.75 32.89 -4.49
CA THR E 273 14.23 31.77 -5.29
C THR E 273 13.84 30.66 -4.33
N PRO E 274 12.98 29.72 -4.74
CA PRO E 274 12.70 28.54 -3.96
C PRO E 274 13.97 27.82 -3.49
N SER E 275 14.97 27.69 -4.35
CA SER E 275 16.23 26.95 -4.09
C SER E 275 16.99 27.64 -2.99
N GLU E 276 17.08 28.96 -3.04
CA GLU E 276 17.81 29.75 -2.01
C GLU E 276 17.07 29.59 -0.68
N VAL E 277 15.74 29.67 -0.69
CA VAL E 277 14.96 29.51 0.58
C VAL E 277 15.24 28.12 1.13
N ASP E 278 15.09 27.08 0.30
CA ASP E 278 15.21 25.68 0.74
C ASP E 278 16.62 25.43 1.29
N GLU E 279 17.63 26.07 0.68
CA GLU E 279 19.04 25.89 1.11
C GLU E 279 19.25 26.59 2.46
N ARG E 280 18.68 27.77 2.67
CA ARG E 280 18.80 28.46 3.98
C ARG E 280 18.12 27.63 5.06
N LEU E 281 16.94 27.06 4.78
CA LEU E 281 16.21 26.24 5.78
C LEU E 281 17.07 25.05 6.14
N ARG E 282 17.63 24.40 5.12
CA ARG E 282 18.44 23.17 5.32
C ARG E 282 19.69 23.52 6.14
N ALA E 283 20.40 24.58 5.75
CA ALA E 283 21.67 24.99 6.39
C ALA E 283 21.38 25.37 7.83
N ARG E 284 20.20 25.90 8.13
CA ARG E 284 19.89 26.43 9.49
C ARG E 284 19.19 25.38 10.35
N GLY E 285 18.93 24.19 9.83
CA GLY E 285 18.30 23.08 10.59
C GLY E 285 16.80 23.30 10.79
N VAL E 286 16.16 24.11 9.95
CA VAL E 286 14.72 24.49 10.11
C VAL E 286 13.84 23.42 9.47
N LYS E 287 13.07 22.71 10.29
CA LYS E 287 12.05 21.73 9.87
C LYS E 287 10.67 22.39 9.99
N THR E 288 9.83 22.26 8.98
CA THR E 288 8.50 22.91 8.89
C THR E 288 7.43 21.90 8.50
N ALA E 289 6.17 22.18 8.84
CA ALA E 289 5.00 21.43 8.35
C ALA E 289 4.50 22.01 7.01
N PHE E 290 4.83 23.28 6.71
CA PHE E 290 4.17 24.00 5.60
C PHE E 290 5.17 24.77 4.76
N TYR E 291 5.91 25.69 5.37
CA TYR E 291 6.76 26.66 4.67
C TYR E 291 7.93 25.94 3.97
N THR E 292 8.10 26.29 2.68
CA THR E 292 9.13 25.84 1.73
C THR E 292 9.42 26.98 0.76
N GLY E 293 10.41 26.77 -0.09
CA GLY E 293 10.76 27.74 -1.14
C GLY E 293 9.59 27.99 -2.05
N ARG E 294 8.81 26.96 -2.38
CA ARG E 294 7.64 27.13 -3.28
C ARG E 294 6.56 27.93 -2.58
N VAL E 295 6.34 27.66 -1.30
CA VAL E 295 5.36 28.49 -0.51
C VAL E 295 5.83 29.93 -0.57
N HIS E 296 7.11 30.15 -0.30
CA HIS E 296 7.68 31.50 -0.31
C HIS E 296 7.35 32.19 -1.64
N LEU E 297 7.61 31.52 -2.74
CA LEU E 297 7.36 32.05 -4.10
C LEU E 297 5.87 32.40 -4.25
N ALA E 298 4.98 31.52 -3.79
CA ALA E 298 3.52 31.73 -3.88
C ALA E 298 3.13 32.97 -3.07
N LEU E 299 3.64 33.10 -1.85
CA LEU E 299 3.29 34.23 -0.96
C LEU E 299 3.73 35.53 -1.60
N MET E 300 4.88 35.53 -2.29
CA MET E 300 5.43 36.75 -2.90
C MET E 300 4.67 37.12 -4.18
N ASN E 301 3.87 36.23 -4.72
CA ASN E 301 3.24 36.41 -6.06
C ASN E 301 1.72 36.53 -5.97
N MET E 302 1.10 36.06 -4.90
CA MET E 302 -0.39 36.08 -4.76
C MET E 302 -0.80 37.44 -4.23
N PRO E 303 -1.59 38.24 -4.98
CA PRO E 303 -2.08 39.49 -4.45
C PRO E 303 -3.06 39.22 -3.31
N ILE E 304 -3.23 40.21 -2.43
CA ILE E 304 -4.11 40.09 -1.26
C ILE E 304 -5.55 40.32 -1.71
N HIS E 305 -6.49 39.75 -0.96
CA HIS E 305 -7.94 39.83 -1.23
C HIS E 305 -8.46 41.22 -0.85
N ARG E 306 -9.30 41.77 -1.73
CA ARG E 306 -10.12 42.97 -1.48
C ARG E 306 -11.54 42.67 -1.98
N LYS E 307 -12.52 43.43 -1.50
CA LYS E 307 -13.88 43.41 -2.08
C LYS E 307 -13.79 43.94 -3.51
N LEU E 308 -14.30 43.19 -4.48
CA LEU E 308 -14.12 43.51 -5.91
C LEU E 308 -15.30 44.32 -6.43
N ARG E 309 -16.39 44.37 -5.69
CA ARG E 309 -17.60 45.17 -5.99
C ARG E 309 -18.14 45.76 -4.69
N VAL F 24 45.80 -22.09 7.37
CA VAL F 24 46.45 -20.78 7.11
C VAL F 24 45.53 -19.97 6.20
N PRO F 25 45.44 -18.64 6.40
CA PRO F 25 44.62 -17.76 5.58
C PRO F 25 45.18 -17.51 4.18
N GLY F 26 44.41 -17.79 3.14
CA GLY F 26 44.93 -17.82 1.77
C GLY F 26 43.82 -18.24 0.85
N PRO F 27 44.08 -18.47 -0.45
CA PRO F 27 45.45 -18.44 -0.99
C PRO F 27 46.15 -17.08 -1.12
N ILE F 28 45.38 -15.98 -1.21
CA ILE F 28 45.96 -14.62 -1.35
C ILE F 28 45.92 -14.02 0.06
N THR F 29 47.05 -13.50 0.49
CA THR F 29 47.29 -13.09 1.87
C THR F 29 48.00 -11.76 1.89
N LEU F 30 47.64 -10.93 2.86
CA LEU F 30 48.44 -9.74 3.22
C LEU F 30 49.31 -10.15 4.38
N ILE F 31 50.61 -9.92 4.29
CA ILE F 31 51.53 -10.05 5.43
C ILE F 31 51.70 -8.65 5.97
N GLU F 32 50.96 -8.37 7.04
CA GLU F 32 51.04 -7.07 7.71
C GLU F 32 52.09 -7.13 8.79
N PRO F 33 53.13 -6.30 8.73
CA PRO F 33 54.13 -6.29 9.78
C PRO F 33 53.41 -5.76 11.01
N LEU F 34 53.85 -6.19 12.15
CA LEU F 34 53.31 -5.61 13.39
C LEU F 34 54.52 -5.08 14.12
N SER F 35 55.35 -5.96 14.63
CA SER F 35 56.51 -5.61 15.48
C SER F 35 57.81 -6.02 14.83
N GLY F 36 57.76 -6.78 13.74
CA GLY F 36 58.97 -7.46 13.23
C GLY F 36 59.11 -8.87 13.80
N ASN F 37 58.72 -9.10 15.05
CA ASN F 37 58.78 -10.45 15.67
C ASN F 37 57.37 -11.02 15.78
N THR F 38 56.38 -10.21 15.42
CA THR F 38 54.99 -10.66 15.17
C THR F 38 54.58 -10.04 13.86
N SER F 39 53.91 -10.79 12.99
CA SER F 39 53.22 -10.27 11.79
C SER F 39 51.82 -10.86 11.72
N LEU F 40 50.93 -10.18 11.02
CA LEU F 40 49.57 -10.69 10.78
C LEU F 40 49.52 -11.28 9.37
N LEU F 41 48.85 -12.42 9.23
CA LEU F 41 48.51 -13.02 7.92
C LEU F 41 47.04 -12.81 7.73
N ILE F 42 46.67 -12.02 6.74
CA ILE F 42 45.25 -11.59 6.57
C ILE F 42 44.77 -12.07 5.20
N LYS F 43 43.69 -12.85 5.17
CA LYS F 43 43.13 -13.32 3.89
C LYS F 43 42.61 -12.11 3.09
N ILE F 44 43.01 -12.02 1.82
CA ILE F 44 42.58 -11.01 0.83
C ILE F 44 41.57 -11.69 -0.09
N ASN F 45 40.42 -11.05 -0.28
CA ASN F 45 39.38 -11.55 -1.21
C ASN F 45 39.59 -10.89 -2.60
N ALA F 46 40.10 -9.67 -2.65
CA ALA F 46 40.30 -8.97 -3.94
C ALA F 46 41.29 -7.84 -3.73
N ILE F 47 42.04 -7.54 -4.78
CA ILE F 47 42.88 -6.31 -4.86
C ILE F 47 42.22 -5.34 -5.84
N HIS F 48 41.90 -4.16 -5.35
CA HIS F 48 41.17 -3.13 -6.14
C HIS F 48 42.18 -2.28 -6.90
N SER F 49 43.29 -1.91 -6.26
CA SER F 49 44.24 -0.97 -6.86
C SER F 49 45.58 -1.06 -6.18
N VAL F 50 46.65 -0.93 -6.98
CA VAL F 50 48.05 -0.92 -6.50
C VAL F 50 48.67 0.30 -7.16
N LYS F 51 49.30 1.19 -6.40
CA LYS F 51 49.94 2.39 -6.95
C LYS F 51 51.26 2.59 -6.20
N LYS F 52 52.37 2.53 -6.92
CA LYS F 52 53.68 2.95 -6.39
C LYS F 52 53.74 4.46 -6.58
N SER F 53 53.50 5.23 -5.54
CA SER F 53 53.63 6.70 -5.59
C SER F 53 55.10 7.00 -5.28
N PRO F 54 55.58 8.23 -5.48
CA PRO F 54 56.94 8.54 -5.07
C PRO F 54 57.11 8.48 -3.55
N TYR F 55 56.04 8.53 -2.79
CA TYR F 55 56.10 8.65 -1.31
C TYR F 55 55.92 7.26 -0.67
N GLN F 56 55.12 6.39 -1.26
CA GLN F 56 54.77 5.13 -0.61
C GLN F 56 54.10 4.20 -1.60
N GLU F 57 54.10 2.92 -1.27
CA GLU F 57 53.28 1.91 -2.00
C GLU F 57 51.86 1.90 -1.45
N ILE F 58 50.87 2.07 -2.31
CA ILE F 58 49.44 2.18 -1.95
C ILE F 58 48.75 0.93 -2.43
N ILE F 59 48.02 0.25 -1.57
CA ILE F 59 47.19 -0.92 -1.98
C ILE F 59 45.80 -0.70 -1.38
N ILE F 60 44.79 -0.83 -2.22
CA ILE F 60 43.39 -0.97 -1.75
C ILE F 60 42.93 -2.38 -2.05
N ALA F 61 42.45 -3.06 -1.01
CA ALA F 61 42.12 -4.48 -1.05
C ALA F 61 40.88 -4.75 -0.23
N ASP F 62 40.27 -5.91 -0.47
CA ASP F 62 39.14 -6.41 0.34
C ASP F 62 39.71 -7.53 1.19
N THR F 63 39.53 -7.46 2.51
CA THR F 63 39.95 -8.52 3.44
C THR F 63 38.69 -9.21 3.95
N GLU F 64 38.77 -10.50 4.23
CA GLU F 64 37.63 -11.27 4.75
C GLU F 64 37.27 -10.74 6.12
N ASP F 65 38.25 -10.48 6.99
CA ASP F 65 37.93 -10.10 8.40
C ASP F 65 37.50 -8.63 8.48
N TYR F 66 38.13 -7.76 7.72
CA TYR F 66 38.04 -6.30 8.00
C TYR F 66 37.34 -5.55 6.87
N GLY F 67 36.88 -6.26 5.84
CA GLY F 67 36.36 -5.66 4.59
C GLY F 67 37.45 -4.82 3.92
N ARG F 68 37.06 -3.75 3.26
CA ARG F 68 37.96 -2.95 2.42
C ARG F 68 38.99 -2.22 3.28
N VAL F 69 40.25 -2.20 2.83
CA VAL F 69 41.37 -1.59 3.58
C VAL F 69 42.19 -0.70 2.67
N LEU F 70 42.78 0.33 3.27
CA LEU F 70 43.90 1.08 2.67
C LEU F 70 45.17 0.57 3.33
N ILE F 71 46.15 0.20 2.51
CA ILE F 71 47.49 -0.25 2.95
C ILE F 71 48.52 0.72 2.39
N LEU F 72 49.43 1.21 3.23
CA LEU F 72 50.54 2.07 2.81
C LEU F 72 51.83 1.42 3.30
N ASP F 73 52.74 1.10 2.38
CA ASP F 73 54.05 0.47 2.71
C ASP F 73 53.81 -0.75 3.59
N ASP F 74 52.80 -1.55 3.30
CA ASP F 74 52.52 -2.86 3.95
C ASP F 74 51.64 -2.71 5.20
N TYR F 75 51.45 -1.50 5.73
CA TYR F 75 50.68 -1.27 6.98
C TYR F 75 49.24 -0.86 6.65
N ILE F 76 48.28 -1.59 7.17
CA ILE F 76 46.85 -1.17 7.12
C ILE F 76 46.71 0.16 7.81
N GLN F 77 46.08 1.11 7.14
CA GLN F 77 45.83 2.47 7.65
C GLN F 77 44.42 2.52 8.21
N SER F 78 43.50 1.76 7.63
CA SER F 78 42.05 1.87 7.94
C SER F 78 41.33 0.70 7.30
N SER F 79 40.27 0.23 7.92
CA SER F 79 39.42 -0.84 7.40
C SER F 79 37.98 -0.37 7.56
N TYR F 80 37.12 -0.84 6.66
CA TYR F 80 35.67 -0.61 6.76
C TYR F 80 35.14 -1.06 8.12
N VAL F 81 35.56 -2.19 8.67
CA VAL F 81 34.85 -2.72 9.87
C VAL F 81 35.29 -2.01 11.14
N ASP F 82 36.45 -1.35 11.19
CA ASP F 82 36.91 -0.78 12.48
C ASP F 82 37.49 0.63 12.36
N GLU F 83 37.45 1.27 11.19
CA GLU F 83 38.05 2.62 11.08
C GLU F 83 37.33 3.60 12.03
N GLN F 84 36.06 3.42 12.32
CA GLN F 84 35.31 4.39 13.16
C GLN F 84 35.88 4.40 14.57
N TYR F 85 36.39 3.27 15.05
CA TYR F 85 37.10 3.22 16.36
C TYR F 85 38.31 4.15 16.32
N TYR F 86 39.06 4.07 15.23
CA TYR F 86 40.30 4.85 15.07
C TYR F 86 39.93 6.35 14.94
N HIS F 87 39.08 6.68 13.97
CA HIS F 87 38.84 8.08 13.58
C HIS F 87 38.06 8.81 14.69
N GLU F 88 37.10 8.13 15.32
CA GLU F 88 36.34 8.78 16.43
C GLU F 88 37.25 9.05 17.61
N SER F 89 38.16 8.11 17.93
CA SER F 89 39.06 8.19 19.10
C SER F 89 40.12 9.25 18.82
N LEU F 90 40.51 9.41 17.55
CA LEU F 90 41.55 10.40 17.19
C LEU F 90 40.96 11.81 17.33
N VAL F 91 39.72 11.99 16.90
CA VAL F 91 39.15 13.35 16.68
C VAL F 91 38.36 13.86 17.88
N HIS F 92 37.40 13.09 18.39
CA HIS F 92 36.30 13.64 19.23
C HIS F 92 36.82 14.06 20.61
N PRO F 93 37.76 13.35 21.28
CA PRO F 93 38.22 13.82 22.58
C PRO F 93 38.81 15.23 22.52
N ALA F 94 39.65 15.51 21.52
CA ALA F 94 40.24 16.85 21.32
C ALA F 94 39.13 17.86 20.98
N MET F 95 38.25 17.53 20.05
CA MET F 95 37.21 18.46 19.56
C MET F 95 36.24 18.76 20.71
N ALA F 96 35.90 17.78 21.53
CA ALA F 96 34.95 17.91 22.65
C ALA F 96 35.60 18.69 23.78
N THR F 97 36.92 18.60 23.93
CA THR F 97 37.68 19.33 24.97
C THR F 97 37.71 20.82 24.63
N HIS F 98 37.80 21.18 23.35
CA HIS F 98 37.78 22.60 22.95
C HIS F 98 36.33 23.09 23.07
N PRO F 99 36.09 24.20 23.78
CA PRO F 99 34.72 24.67 24.00
C PRO F 99 34.04 25.21 22.73
N ASN F 100 34.79 25.63 21.73
CA ASN F 100 34.22 26.20 20.48
C ASN F 100 35.25 26.09 19.35
N PRO F 101 35.50 24.87 18.82
CA PRO F 101 36.49 24.67 17.78
C PRO F 101 35.93 25.13 16.42
N ARG F 102 36.46 26.22 15.86
CA ARG F 102 35.92 26.87 14.64
C ARG F 102 36.83 26.57 13.44
N ASP F 103 38.15 26.64 13.66
CA ASP F 103 39.21 26.43 12.65
C ASP F 103 39.99 25.15 13.00
N VAL F 104 39.92 24.17 12.12
CA VAL F 104 40.55 22.84 12.31
C VAL F 104 41.56 22.59 11.20
N LEU F 105 42.75 22.13 11.57
CA LEU F 105 43.81 21.67 10.65
C LEU F 105 44.04 20.18 10.88
N ILE F 106 43.99 19.40 9.80
CA ILE F 106 44.35 17.95 9.77
C ILE F 106 45.61 17.78 8.93
N LEU F 107 46.64 17.17 9.50
CA LEU F 107 47.83 16.73 8.74
C LEU F 107 47.72 15.22 8.50
N GLY F 108 47.68 14.83 7.23
CA GLY F 108 47.47 13.45 6.78
C GLY F 108 46.00 13.20 6.62
N GLY F 109 45.49 12.08 7.12
CA GLY F 109 44.06 11.75 7.00
C GLY F 109 43.64 11.51 5.56
N GLY F 110 44.51 10.91 4.76
CA GLY F 110 44.35 10.75 3.30
C GLY F 110 43.00 10.15 2.89
N GLU F 111 42.40 9.27 3.69
CA GLU F 111 41.15 8.57 3.28
C GLU F 111 39.94 9.46 3.55
N GLY F 112 40.10 10.54 4.31
CA GLY F 112 39.05 11.57 4.49
C GLY F 112 38.13 11.30 5.67
N ALA F 113 38.38 10.27 6.46
CA ALA F 113 37.53 9.92 7.64
C ALA F 113 37.83 10.83 8.81
N THR F 114 39.08 11.26 9.00
CA THR F 114 39.44 12.25 10.05
C THR F 114 38.64 13.53 9.78
N LEU F 115 38.67 14.00 8.53
CA LEU F 115 37.90 15.20 8.10
C LEU F 115 36.41 14.95 8.35
N ARG F 116 35.89 13.78 7.98
CA ARG F 116 34.46 13.44 8.17
C ARG F 116 34.10 13.63 9.65
N GLU F 117 34.92 13.12 10.57
CA GLU F 117 34.60 13.20 12.02
C GLU F 117 34.68 14.66 12.47
N ALA F 118 35.70 15.41 12.07
CA ALA F 118 35.88 16.81 12.53
C ALA F 118 34.69 17.66 12.06
N LEU F 119 34.22 17.46 10.83
CA LEU F 119 33.14 18.27 10.22
C LEU F 119 31.82 18.04 10.95
N LYS F 120 31.67 16.95 11.71
CA LYS F 120 30.40 16.67 12.42
C LYS F 120 30.13 17.77 13.47
N HIS F 121 31.19 18.40 13.99
CA HIS F 121 31.07 19.46 15.02
C HIS F 121 30.50 20.71 14.35
N GLY F 122 29.27 21.09 14.70
CA GLY F 122 28.55 22.26 14.14
C GLY F 122 29.30 23.57 14.37
N THR F 123 30.25 23.61 15.30
CA THR F 123 31.04 24.83 15.58
C THR F 123 32.08 25.06 14.48
N VAL F 124 32.43 24.01 13.72
CA VAL F 124 33.52 24.10 12.72
C VAL F 124 33.03 24.97 11.55
N LYS F 125 33.79 26.00 11.19
CA LYS F 125 33.51 26.86 10.03
C LYS F 125 34.51 26.56 8.92
N ARG F 126 35.75 26.23 9.28
CA ARG F 126 36.86 25.97 8.33
C ARG F 126 37.64 24.73 8.81
N ALA F 127 37.71 23.69 7.98
CA ALA F 127 38.56 22.50 8.19
C ALA F 127 39.51 22.39 6.99
N VAL F 128 40.81 22.44 7.23
CA VAL F 128 41.84 22.22 6.20
C VAL F 128 42.50 20.86 6.45
N MET F 129 42.59 20.04 5.42
CA MET F 129 43.24 18.71 5.45
C MET F 129 44.43 18.75 4.47
N VAL F 130 45.62 18.42 4.95
CA VAL F 130 46.89 18.52 4.18
C VAL F 130 47.54 17.13 4.14
N ASP F 131 47.51 16.48 2.98
CA ASP F 131 48.21 15.18 2.77
C ASP F 131 49.25 15.38 1.64
N ILE F 132 50.40 14.77 1.80
CA ILE F 132 51.54 14.89 0.85
C ILE F 132 51.22 14.13 -0.43
N ASP F 133 50.30 13.15 -0.41
CA ASP F 133 50.21 12.13 -1.49
C ASP F 133 48.85 12.21 -2.16
N ARG F 134 48.78 12.85 -3.33
CA ARG F 134 47.53 13.01 -4.11
CA ARG F 134 47.53 13.02 -4.11
C ARG F 134 46.96 11.64 -4.46
N ASP F 135 47.79 10.62 -4.64
CA ASP F 135 47.31 9.27 -5.02
C ASP F 135 46.51 8.65 -3.87
N VAL F 136 46.91 8.87 -2.63
CA VAL F 136 46.14 8.32 -1.47
C VAL F 136 44.74 8.96 -1.46
N VAL F 137 44.70 10.27 -1.61
CA VAL F 137 43.42 11.01 -1.59
C VAL F 137 42.55 10.56 -2.75
N GLU F 138 43.10 10.51 -3.96
CA GLU F 138 42.26 10.22 -5.15
C GLU F 138 41.83 8.75 -5.11
N LEU F 139 42.70 7.85 -4.67
CA LEU F 139 42.31 6.42 -4.64
C LEU F 139 41.28 6.20 -3.52
N SER F 140 41.39 6.94 -2.41
CA SER F 140 40.39 6.91 -1.30
C SER F 140 39.06 7.47 -1.76
N ARG F 141 39.09 8.59 -2.47
CA ARG F 141 37.85 9.18 -3.04
C ARG F 141 37.12 8.11 -3.85
N ALA F 142 37.82 7.38 -4.71
CA ALA F 142 37.17 6.42 -5.65
C ALA F 142 36.80 5.13 -4.93
N TYR F 143 37.73 4.53 -4.19
CA TYR F 143 37.58 3.12 -3.74
C TYR F 143 37.14 3.02 -2.28
N LEU F 144 37.17 4.11 -1.50
CA LEU F 144 36.82 4.06 -0.06
C LEU F 144 35.77 5.10 0.28
N PRO F 145 34.62 5.13 -0.45
CA PRO F 145 33.57 6.11 -0.20
C PRO F 145 32.98 6.07 1.21
N GLN F 146 32.98 4.92 1.87
CA GLN F 146 32.38 4.82 3.24
C GLN F 146 33.33 5.49 4.24
N MET F 147 34.56 5.82 3.84
CA MET F 147 35.50 6.54 4.73
C MET F 147 35.20 8.04 4.66
N HIS F 148 35.29 8.64 3.48
CA HIS F 148 35.18 10.12 3.36
C HIS F 148 33.68 10.52 3.50
N GLN F 149 32.76 9.70 2.97
CA GLN F 149 31.31 9.97 2.95
C GLN F 149 31.05 11.41 2.51
N GLY F 150 31.75 11.90 1.47
CA GLY F 150 31.50 13.25 0.91
C GLY F 150 32.22 14.37 1.63
N ALA F 151 32.97 14.07 2.69
CA ALA F 151 33.69 15.08 3.47
C ALA F 151 34.57 15.96 2.57
N PHE F 152 35.19 15.37 1.54
CA PHE F 152 36.14 16.10 0.67
C PHE F 152 35.43 17.27 -0.03
N ASP F 153 34.11 17.15 -0.24
CA ASP F 153 33.30 18.11 -1.04
C ASP F 153 32.49 19.04 -0.13
N ASP F 154 32.60 18.91 1.19
CA ASP F 154 31.90 19.81 2.15
C ASP F 154 32.41 21.23 1.91
N PRO F 155 31.49 22.23 1.81
CA PRO F 155 31.89 23.63 1.60
C PRO F 155 32.85 24.15 2.68
N ARG F 156 32.81 23.61 3.89
CA ARG F 156 33.70 24.06 4.99
C ARG F 156 35.12 23.48 4.83
N ALA F 157 35.31 22.49 3.96
CA ALA F 157 36.57 21.72 3.86
C ALA F 157 37.44 22.24 2.71
N LYS F 158 38.73 22.30 2.96
CA LYS F 158 39.78 22.56 1.94
C LYS F 158 40.77 21.40 1.99
N VAL F 159 40.92 20.68 0.88
CA VAL F 159 41.91 19.57 0.73
C VAL F 159 43.10 20.13 -0.01
N VAL F 160 44.26 20.09 0.63
CA VAL F 160 45.54 20.63 0.12
C VAL F 160 46.50 19.46 -0.01
N ILE F 161 47.11 19.31 -1.18
CA ILE F 161 48.19 18.32 -1.40
C ILE F 161 49.50 19.05 -1.21
N GLN F 162 50.14 18.78 -0.09
CA GLN F 162 51.43 19.42 0.25
C GLN F 162 52.04 18.61 1.40
N ASP F 163 53.36 18.61 1.50
CA ASP F 163 54.08 18.15 2.70
C ASP F 163 53.61 18.99 3.88
N GLY F 164 53.14 18.33 4.94
CA GLY F 164 52.64 18.99 6.15
C GLY F 164 53.69 19.84 6.81
N PHE F 165 54.96 19.46 6.73
CA PHE F 165 56.10 20.24 7.29
C PHE F 165 56.11 21.61 6.61
N VAL F 166 56.02 21.62 5.29
CA VAL F 166 56.09 22.85 4.46
C VAL F 166 54.83 23.65 4.76
N TYR F 167 53.69 23.01 4.86
CA TYR F 167 52.40 23.72 5.06
C TYR F 167 52.46 24.46 6.38
N VAL F 168 53.00 23.83 7.42
CA VAL F 168 53.06 24.46 8.76
C VAL F 168 54.06 25.62 8.72
N GLU F 169 55.20 25.49 8.04
CA GLU F 169 56.18 26.61 7.95
C GLU F 169 55.48 27.79 7.26
N GLU F 170 54.74 27.54 6.18
CA GLU F 170 54.04 28.62 5.42
C GLU F 170 52.88 29.18 6.24
N ALA F 171 52.26 28.39 7.11
CA ALA F 171 51.18 28.87 8.01
C ALA F 171 51.77 29.83 9.06
N ILE F 172 52.98 29.56 9.54
CA ILE F 172 53.65 30.44 10.52
C ILE F 172 53.89 31.82 9.84
N LYS F 173 54.49 31.82 8.65
CA LYS F 173 54.82 33.04 7.86
C LYS F 173 53.53 33.83 7.58
N ALA F 174 52.39 33.17 7.35
CA ALA F 174 51.09 33.84 7.03
C ALA F 174 50.40 34.28 8.32
N GLY F 175 51.03 34.01 9.47
CA GLY F 175 50.44 34.02 10.83
C GLY F 175 49.06 33.38 10.94
N ASP F 176 48.83 32.22 10.32
CA ASP F 176 47.56 31.45 10.47
C ASP F 176 47.48 30.90 11.90
N LYS F 177 46.26 30.76 12.42
CA LYS F 177 46.01 30.12 13.73
C LYS F 177 44.78 29.23 13.63
N TYR F 178 44.84 28.10 14.36
CA TYR F 178 43.78 27.08 14.42
C TYR F 178 43.43 26.83 15.88
N ASP F 179 42.21 26.34 16.09
CA ASP F 179 41.72 25.94 17.44
C ASP F 179 42.18 24.51 17.76
N VAL F 180 42.05 23.59 16.79
CA VAL F 180 42.39 22.15 16.96
C VAL F 180 43.24 21.73 15.76
N ILE F 181 44.39 21.12 16.06
CA ILE F 181 45.24 20.48 15.03
C ILE F 181 45.28 18.97 15.29
N ILE F 182 44.91 18.22 14.26
CA ILE F 182 44.83 16.73 14.30
C ILE F 182 45.91 16.19 13.36
N MET F 183 46.88 15.47 13.92
CA MET F 183 47.89 14.75 13.15
C MET F 183 47.48 13.28 13.01
N ASP F 184 47.20 12.89 11.77
CA ASP F 184 46.77 11.53 11.37
C ASP F 184 47.76 11.06 10.29
N LEU F 185 49.02 10.94 10.68
CA LEU F 185 50.13 10.63 9.77
C LEU F 185 50.40 9.13 9.78
N THR F 186 51.23 8.71 8.83
CA THR F 186 51.84 7.36 8.82
C THR F 186 52.68 7.23 10.10
N ASP F 187 53.01 6.00 10.46
CA ASP F 187 53.55 5.65 11.79
C ASP F 187 54.92 6.27 12.00
N PRO F 188 55.18 6.72 13.24
CA PRO F 188 56.48 7.30 13.58
C PRO F 188 57.61 6.26 13.55
N TYR F 189 57.28 4.98 13.71
CA TYR F 189 58.30 3.91 13.81
C TYR F 189 58.64 3.37 12.42
N SER F 190 57.93 3.77 11.38
CA SER F 190 58.12 3.14 10.05
C SER F 190 58.30 4.17 8.91
N SER F 191 57.77 5.39 9.05
CA SER F 191 57.47 6.29 7.91
C SER F 191 58.55 7.37 7.81
N ASP F 192 59.40 7.27 6.80
CA ASP F 192 60.43 8.30 6.52
C ASP F 192 59.71 9.63 6.17
N ILE F 193 58.63 9.57 5.41
CA ILE F 193 57.95 10.80 4.90
C ILE F 193 57.37 11.64 6.04
N ALA F 194 57.08 11.06 7.20
CA ALA F 194 56.43 11.77 8.33
C ALA F 194 57.44 12.09 9.43
N LYS F 195 58.69 11.65 9.34
CA LYS F 195 59.61 11.66 10.52
C LYS F 195 59.84 13.10 11.00
N GLN F 196 59.89 14.10 10.13
CA GLN F 196 60.20 15.49 10.55
C GLN F 196 59.00 16.07 11.33
N LEU F 197 57.83 15.47 11.21
CA LEU F 197 56.60 16.02 11.85
C LEU F 197 56.41 15.45 13.26
N TYR F 198 57.30 14.62 13.75
CA TYR F 198 57.15 13.94 15.06
C TYR F 198 58.22 14.44 16.06
N THR F 199 58.97 15.50 15.74
CA THR F 199 60.07 16.03 16.57
C THR F 199 59.56 17.11 17.54
N ARG F 200 60.28 17.31 18.65
CA ARG F 200 60.16 18.45 19.59
C ARG F 200 60.00 19.74 18.80
N GLU F 201 60.88 19.94 17.80
CA GLU F 201 60.96 21.20 17.01
C GLU F 201 59.66 21.35 16.23
N PHE F 202 59.09 20.26 15.73
CA PHE F 202 57.84 20.37 14.95
C PHE F 202 56.69 20.70 15.89
N PHE F 203 56.68 20.19 17.11
CA PHE F 203 55.58 20.48 18.05
C PHE F 203 55.66 21.96 18.47
N ALA F 204 56.86 22.54 18.50
CA ALA F 204 57.07 23.99 18.76
C ALA F 204 56.41 24.79 17.62
N LYS F 205 56.58 24.32 16.37
CA LYS F 205 55.98 24.97 15.19
C LYS F 205 54.44 24.87 15.27
N ILE F 206 53.94 23.71 15.71
CA ILE F 206 52.48 23.49 15.88
C ILE F 206 51.96 24.51 16.91
N ARG F 207 52.66 24.68 18.04
CA ARG F 207 52.19 25.61 19.09
C ARG F 207 52.04 27.02 18.48
N ARG F 208 52.93 27.41 17.57
CA ARG F 208 52.94 28.76 16.96
C ARG F 208 51.71 28.97 16.05
N ILE F 209 51.05 27.90 15.58
CA ILE F 209 49.84 28.07 14.72
C ILE F 209 48.58 27.64 15.48
N LEU F 210 48.68 27.54 16.80
CA LEU F 210 47.50 27.34 17.66
C LEU F 210 47.13 28.68 18.32
N ASN F 211 45.82 28.96 18.40
CA ASN F 211 45.25 29.95 19.33
C ASN F 211 45.69 29.60 20.74
N ASP F 212 45.54 30.55 21.68
CA ASP F 212 46.15 30.41 23.03
C ASP F 212 45.39 29.38 23.87
N ASP F 213 44.18 28.99 23.48
CA ASP F 213 43.42 27.88 24.11
C ASP F 213 43.37 26.66 23.16
N GLY F 214 44.34 26.53 22.26
CA GLY F 214 44.35 25.50 21.20
C GLY F 214 44.68 24.12 21.73
N VAL F 215 44.31 23.08 20.97
CA VAL F 215 44.67 21.66 21.31
C VAL F 215 45.21 20.94 20.06
N VAL F 216 46.24 20.14 20.28
CA VAL F 216 46.83 19.23 19.25
C VAL F 216 46.52 17.80 19.70
N VAL F 217 46.21 16.94 18.75
CA VAL F 217 46.20 15.48 19.02
C VAL F 217 46.94 14.79 17.89
N THR F 218 47.72 13.77 18.23
CA THR F 218 48.43 12.94 17.22
C THR F 218 48.32 11.46 17.58
N GLN F 219 48.25 10.59 16.57
CA GLN F 219 48.52 9.16 16.77
C GLN F 219 50.02 9.06 16.98
N ALA F 220 50.48 8.15 17.86
CA ALA F 220 51.89 8.03 18.25
C ALA F 220 52.35 6.56 18.16
N GLY F 221 51.76 5.79 17.26
CA GLY F 221 52.16 4.39 17.00
C GLY F 221 51.65 3.46 18.09
N ASN F 222 52.55 2.76 18.77
CA ASN F 222 52.16 1.77 19.81
C ASN F 222 53.23 1.69 20.89
N SER F 223 52.83 1.90 22.14
CA SER F 223 53.67 2.02 23.35
C SER F 223 54.18 0.64 23.75
N PHE F 224 53.45 -0.42 23.42
CA PHE F 224 53.82 -1.81 23.79
C PHE F 224 54.94 -2.33 22.88
N TYR F 225 54.74 -2.24 21.57
CA TYR F 225 55.69 -2.81 20.57
C TYR F 225 56.74 -1.78 20.21
N PHE F 226 56.43 -0.47 20.24
CA PHE F 226 57.41 0.57 19.82
C PHE F 226 57.56 1.64 20.90
N PRO F 227 58.03 1.26 22.11
CA PRO F 227 58.08 2.18 23.23
C PRO F 227 59.01 3.37 23.00
N ALA F 228 60.16 3.14 22.37
CA ALA F 228 61.18 4.19 22.14
C ALA F 228 60.58 5.27 21.23
N GLU F 229 59.94 4.88 20.14
CA GLU F 229 59.35 5.85 19.18
C GLU F 229 58.18 6.57 19.87
N TYR F 230 57.40 5.84 20.65
CA TYR F 230 56.25 6.44 21.38
C TYR F 230 56.78 7.53 22.35
N ASP F 231 57.79 7.18 23.14
CA ASP F 231 58.39 8.06 24.17
C ASP F 231 58.97 9.32 23.51
N MET F 232 59.59 9.21 22.33
CA MET F 232 60.16 10.37 21.58
C MET F 232 59.03 11.34 21.27
N VAL F 233 57.89 10.83 20.80
CA VAL F 233 56.74 11.71 20.43
C VAL F 233 56.24 12.37 21.71
N LEU F 234 56.08 11.59 22.79
CA LEU F 234 55.52 12.06 24.08
C LEU F 234 56.39 13.22 24.62
N GLU F 235 57.72 13.05 24.63
CA GLU F 235 58.66 14.07 25.14
C GLU F 235 58.56 15.35 24.31
N GLY F 236 58.40 15.21 22.99
CA GLY F 236 58.19 16.32 22.04
C GLY F 236 56.96 17.13 22.40
N VAL F 237 55.85 16.47 22.72
CA VAL F 237 54.57 17.15 23.08
C VAL F 237 54.71 17.76 24.49
N LYS F 238 55.29 17.03 25.44
CA LYS F 238 55.41 17.49 26.85
C LYS F 238 56.32 18.74 26.93
N ALA F 239 57.28 18.87 26.02
CA ALA F 239 58.23 20.01 26.00
C ALA F 239 57.52 21.26 25.50
N ASN F 240 56.36 21.13 24.86
CA ASN F 240 55.72 22.27 24.16
C ASN F 240 54.34 22.58 24.72
N PHE F 241 53.75 21.66 25.49
CA PHE F 241 52.35 21.81 25.96
C PHE F 241 52.28 21.49 27.45
N PRO F 242 51.59 22.33 28.25
CA PRO F 242 51.51 22.15 29.69
C PRO F 242 50.52 21.06 30.14
N ILE F 243 49.50 20.78 29.32
CA ILE F 243 48.50 19.71 29.59
C ILE F 243 48.67 18.64 28.51
N VAL F 244 48.93 17.40 28.92
CA VAL F 244 49.15 16.24 28.00
C VAL F 244 48.33 15.06 28.51
N ALA F 245 47.46 14.51 27.67
CA ALA F 245 46.75 13.24 27.95
C ALA F 245 47.24 12.17 26.96
N GLU F 246 47.36 10.95 27.48
CA GLU F 246 47.76 9.74 26.71
C GLU F 246 46.59 8.77 26.79
N TYR F 247 46.16 8.21 25.67
CA TYR F 247 45.09 7.18 25.67
C TYR F 247 45.30 6.25 24.49
N GLU F 248 44.63 5.10 24.50
CA GLU F 248 44.83 4.12 23.42
C GLU F 248 43.51 3.47 23.10
N VAL F 249 43.38 2.88 21.90
CA VAL F 249 42.20 2.08 21.54
C VAL F 249 42.64 0.90 20.69
N TRP F 250 42.14 -0.28 20.99
CA TRP F 250 42.39 -1.50 20.20
C TRP F 250 41.76 -1.29 18.81
N ILE F 251 42.57 -1.40 17.77
CA ILE F 251 42.08 -1.44 16.37
C ILE F 251 42.39 -2.82 15.82
N PRO F 252 41.39 -3.73 15.73
CA PRO F 252 41.68 -5.10 15.32
C PRO F 252 42.53 -5.20 14.05
N SER F 253 42.22 -4.42 13.01
CA SER F 253 42.90 -4.55 11.69
C SER F 253 44.36 -4.12 11.81
N PHE F 254 44.76 -3.40 12.84
CA PHE F 254 46.16 -2.99 13.07
C PHE F 254 46.94 -4.06 13.82
N GLY F 255 46.28 -4.92 14.59
CA GLY F 255 46.94 -5.88 15.50
C GLY F 255 47.39 -5.24 16.80
N TYR F 256 46.95 -4.02 17.12
CA TYR F 256 47.36 -3.36 18.38
C TYR F 256 46.40 -2.22 18.76
N ALA F 257 46.55 -1.76 20.01
CA ALA F 257 45.90 -0.55 20.56
C ALA F 257 46.72 0.66 20.13
N VAL F 258 46.17 1.47 19.23
CA VAL F 258 46.88 2.68 18.75
C VAL F 258 46.98 3.65 19.93
N ASN F 259 48.12 4.28 20.09
CA ASN F 259 48.34 5.32 21.13
C ASN F 259 48.08 6.71 20.55
N PHE F 260 47.38 7.53 21.32
CA PHE F 260 47.10 8.95 21.02
C PHE F 260 47.71 9.81 22.13
N ILE F 261 48.22 10.97 21.72
CA ILE F 261 48.76 12.00 22.63
C ILE F 261 48.06 13.31 22.28
N LEU F 262 47.43 13.89 23.27
CA LEU F 262 46.67 15.16 23.19
C LEU F 262 47.44 16.21 24.00
N GLY F 263 47.81 17.32 23.35
CA GLY F 263 48.48 18.48 23.97
C GLY F 263 47.53 19.66 24.00
N SER F 264 47.34 20.26 25.16
CA SER F 264 46.35 21.36 25.36
C SER F 264 47.04 22.55 26.05
N LEU F 265 46.65 23.76 25.63
CA LEU F 265 47.21 25.02 26.17
C LEU F 265 46.38 25.51 27.36
N ARG F 266 45.09 25.17 27.44
CA ARG F 266 44.19 25.68 28.52
C ARG F 266 43.32 24.56 29.11
N TYR F 267 42.54 23.86 28.28
CA TYR F 267 41.46 22.95 28.71
C TYR F 267 42.02 21.54 28.91
N ASP F 268 41.60 20.90 30.00
CA ASP F 268 42.10 19.57 30.41
C ASP F 268 41.01 18.56 30.09
N PRO F 269 41.27 17.60 29.17
CA PRO F 269 40.26 16.61 28.82
C PRO F 269 39.90 15.72 30.01
N HIS F 270 40.77 15.59 31.01
CA HIS F 270 40.50 14.78 32.23
C HIS F 270 39.38 15.41 33.05
N ALA F 271 39.10 16.70 32.87
CA ALA F 271 38.12 17.46 33.68
C ALA F 271 36.69 17.27 33.13
N LEU F 272 36.53 16.80 31.90
CA LEU F 272 35.18 16.65 31.29
C LEU F 272 34.46 15.45 31.90
N THR F 273 33.21 15.59 32.28
CA THR F 273 32.36 14.48 32.77
C THR F 273 31.65 13.87 31.57
N PRO F 274 31.16 12.63 31.67
CA PRO F 274 30.34 12.06 30.62
C PRO F 274 29.21 12.98 30.17
N SER F 275 28.51 13.60 31.13
CA SER F 275 27.32 14.45 30.87
C SER F 275 27.73 15.67 30.05
N GLU F 276 28.84 16.29 30.41
CA GLU F 276 29.34 17.48 29.68
C GLU F 276 29.72 17.06 28.25
N VAL F 277 30.40 15.91 28.10
CA VAL F 277 30.79 15.45 26.74
C VAL F 277 29.51 15.22 25.94
N ASP F 278 28.55 14.48 26.50
CA ASP F 278 27.33 14.07 25.77
C ASP F 278 26.54 15.33 25.38
N GLU F 279 26.55 16.36 26.23
CA GLU F 279 25.83 17.62 25.97
C GLU F 279 26.51 18.38 24.83
N ARG F 280 27.85 18.42 24.81
CA ARG F 280 28.56 19.09 23.68
C ARG F 280 28.27 18.35 22.37
N LEU F 281 28.27 17.02 22.38
CA LEU F 281 28.01 16.23 21.16
C LEU F 281 26.59 16.55 20.66
N ARG F 282 25.63 16.56 21.58
CA ARG F 282 24.20 16.79 21.24
C ARG F 282 24.07 18.22 20.69
N ALA F 283 24.63 19.22 21.37
CA ALA F 283 24.51 20.64 20.99
C ALA F 283 25.14 20.83 19.61
N ARG F 284 26.19 20.08 19.30
CA ARG F 284 26.96 20.30 18.05
C ARG F 284 26.47 19.42 16.91
N GLY F 285 25.47 18.56 17.15
CA GLY F 285 24.86 17.69 16.11
C GLY F 285 25.76 16.51 15.76
N VAL F 286 26.66 16.11 16.67
CA VAL F 286 27.67 15.04 16.40
C VAL F 286 27.05 13.67 16.67
N LYS F 287 26.89 12.87 15.63
CA LYS F 287 26.44 11.46 15.68
C LYS F 287 27.67 10.55 15.53
N THR F 288 27.80 9.54 16.39
CA THR F 288 28.98 8.64 16.44
C THR F 288 28.52 7.17 16.48
N ALA F 289 29.38 6.25 16.06
CA ALA F 289 29.20 4.79 16.23
C ALA F 289 29.77 4.34 17.58
N PHE F 290 30.69 5.10 18.18
CA PHE F 290 31.48 4.62 19.33
C PHE F 290 31.61 5.67 20.42
N TYR F 291 32.16 6.83 20.10
CA TYR F 291 32.53 7.85 21.10
C TYR F 291 31.29 8.43 21.79
N THR F 292 31.36 8.44 23.13
CA THR F 292 30.35 8.97 24.08
C THR F 292 31.10 9.52 25.28
N GLY F 293 30.36 10.14 26.20
CA GLY F 293 30.91 10.64 27.46
C GLY F 293 31.56 9.51 28.24
N ARG F 294 30.96 8.33 28.25
CA ARG F 294 31.51 7.18 29.03
C ARG F 294 32.82 6.71 28.36
N VAL F 295 32.85 6.67 27.03
CA VAL F 295 34.10 6.33 26.31
C VAL F 295 35.16 7.34 26.72
N HIS F 296 34.81 8.62 26.68
CA HIS F 296 35.76 9.69 27.03
C HIS F 296 36.35 9.42 28.42
N LEU F 297 35.49 9.13 29.38
CA LEU F 297 35.90 8.85 30.78
C LEU F 297 36.87 7.66 30.79
N ALA F 298 36.56 6.59 30.06
CA ALA F 298 37.40 5.37 30.00
C ALA F 298 38.76 5.71 29.40
N LEU F 299 38.79 6.48 28.30
CA LEU F 299 40.06 6.84 27.63
C LEU F 299 40.94 7.63 28.59
N MET F 300 40.34 8.50 29.39
CA MET F 300 41.08 9.39 30.32
C MET F 300 41.58 8.60 31.54
N ASN F 301 41.09 7.40 31.76
CA ASN F 301 41.38 6.64 33.02
C ASN F 301 42.20 5.36 32.75
N MET F 302 42.23 4.88 31.50
CA MET F 302 42.93 3.62 31.16
C MET F 302 44.41 3.95 30.94
N PRO F 303 45.35 3.39 31.72
CA PRO F 303 46.76 3.54 31.43
C PRO F 303 47.08 2.82 30.12
N ILE F 304 48.15 3.25 29.47
CA ILE F 304 48.58 2.67 28.16
C ILE F 304 49.36 1.39 28.46
N HIS F 305 49.37 0.48 27.50
CA HIS F 305 50.05 -0.84 27.58
C HIS F 305 51.55 -0.65 27.43
N ARG F 306 52.31 -1.36 28.27
CA ARG F 306 53.77 -1.53 28.19
C ARG F 306 54.07 -3.01 28.41
N LYS F 307 55.23 -3.48 27.98
CA LYS F 307 55.73 -4.83 28.34
C LYS F 307 55.97 -4.83 29.85
N LEU F 308 55.38 -5.80 30.56
CA LEU F 308 55.35 -5.80 32.04
C LEU F 308 56.51 -6.60 32.61
N ARG F 309 57.18 -7.40 31.79
CA ARG F 309 58.44 -8.09 32.12
C ARG F 309 59.38 -8.03 30.93
N VAL G 24 13.24 32.60 58.14
CA VAL G 24 11.93 31.91 58.07
C VAL G 24 11.36 32.08 56.66
N PRO G 25 10.70 31.02 56.13
CA PRO G 25 10.39 30.90 54.70
C PRO G 25 9.26 31.82 54.22
N GLY G 26 9.54 32.62 53.21
CA GLY G 26 8.58 33.61 52.71
C GLY G 26 9.20 34.32 51.52
N PRO G 27 8.59 35.40 51.01
CA PRO G 27 7.40 36.00 51.64
C PRO G 27 6.06 35.26 51.49
N ILE G 28 5.93 34.41 50.49
CA ILE G 28 4.71 33.61 50.22
C ILE G 28 5.03 32.22 50.77
N THR G 29 4.13 31.72 51.60
CA THR G 29 4.33 30.49 52.38
C THR G 29 3.10 29.63 52.31
N LEU G 30 3.29 28.31 52.25
CA LEU G 30 2.21 27.35 52.49
C LEU G 30 2.33 26.95 53.97
N ILE G 31 1.24 27.05 54.70
CA ILE G 31 1.16 26.49 56.07
C ILE G 31 0.48 25.14 55.93
N GLU G 32 1.28 24.08 55.90
N GLU G 32 1.28 24.08 55.90
CA GLU G 32 0.77 22.72 55.75
CA GLU G 32 0.77 22.72 55.75
C GLU G 32 0.53 22.14 57.14
C GLU G 32 0.54 22.13 57.13
N PRO G 33 -0.70 21.75 57.46
CA PRO G 33 -0.96 21.16 58.76
C PRO G 33 -0.23 19.82 58.74
N LEU G 34 0.17 19.37 59.88
CA LEU G 34 0.80 18.03 59.92
C LEU G 34 -0.01 17.27 60.93
N SER G 35 0.16 17.60 62.21
CA SER G 35 -0.54 16.91 63.31
C SER G 35 -1.53 17.83 64.01
N GLY G 36 -1.54 19.12 63.70
CA GLY G 36 -2.26 20.09 64.54
C GLY G 36 -1.35 20.71 65.57
N ASN G 37 -0.41 19.96 66.14
CA ASN G 37 0.55 20.49 67.17
C ASN G 37 1.93 20.68 66.52
N THR G 38 2.05 20.27 65.27
CA THR G 38 3.18 20.57 64.39
C THR G 38 2.57 20.96 63.04
N SER G 39 3.12 21.97 62.37
CA SER G 39 2.80 22.33 60.99
C SER G 39 4.09 22.62 60.24
N LEU G 40 4.02 22.53 58.92
CA LEU G 40 5.17 22.86 58.04
C LEU G 40 4.96 24.25 57.48
N LEU G 41 6.01 25.07 57.43
CA LEU G 41 6.02 26.36 56.71
C LEU G 41 6.86 26.16 55.48
N ILE G 42 6.25 26.24 54.31
CA ILE G 42 6.94 25.88 53.04
C ILE G 42 6.97 27.10 52.12
N LYS G 43 8.16 27.52 51.72
CA LYS G 43 8.26 28.70 50.81
C LYS G 43 7.65 28.32 49.45
N ILE G 44 6.77 29.19 48.95
CA ILE G 44 6.08 29.12 47.64
C ILE G 44 6.78 30.09 46.70
N ASN G 45 7.15 29.62 45.51
CA ASN G 45 7.76 30.48 44.47
C ASN G 45 6.66 30.99 43.53
N ALA G 46 5.57 30.25 43.33
CA ALA G 46 4.50 30.66 42.40
C ALA G 46 3.26 29.84 42.72
N ILE G 47 2.10 30.46 42.51
CA ILE G 47 0.80 29.76 42.51
C ILE G 47 0.31 29.63 41.07
N HIS G 48 0.07 28.41 40.64
CA HIS G 48 -0.36 28.12 39.24
C HIS G 48 -1.88 28.22 39.14
N SER G 49 -2.59 27.66 40.11
CA SER G 49 -4.06 27.55 40.04
C SER G 49 -4.64 27.36 41.41
N VAL G 50 -5.77 27.96 41.68
CA VAL G 50 -6.57 27.83 42.92
C VAL G 50 -7.99 27.59 42.46
N LYS G 51 -8.63 26.54 42.93
CA LYS G 51 -10.00 26.16 42.48
C LYS G 51 -10.73 25.63 43.70
N LYS G 52 -11.79 26.27 44.09
CA LYS G 52 -12.74 25.77 45.11
C LYS G 52 -13.72 24.87 44.36
N SER G 53 -13.55 23.56 44.41
CA SER G 53 -14.50 22.59 43.83
C SER G 53 -15.59 22.34 44.86
N PRO G 54 -16.69 21.67 44.54
CA PRO G 54 -17.66 21.29 45.57
C PRO G 54 -17.09 20.32 46.58
N TYR G 55 -16.01 19.63 46.26
CA TYR G 55 -15.47 18.52 47.09
C TYR G 55 -14.31 19.03 47.96
N GLN G 56 -13.51 19.97 47.44
CA GLN G 56 -12.29 20.38 48.16
C GLN G 56 -11.73 21.64 47.54
N GLU G 57 -10.87 22.32 48.28
CA GLU G 57 -10.05 23.43 47.75
C GLU G 57 -8.78 22.85 47.13
N ILE G 58 -8.53 23.19 45.87
CA ILE G 58 -7.41 22.65 45.05
C ILE G 58 -6.42 23.77 44.85
N ILE G 59 -5.16 23.56 45.14
CA ILE G 59 -4.08 24.53 44.83
C ILE G 59 -2.98 23.78 44.12
N ILE G 60 -2.51 24.31 43.01
CA ILE G 60 -1.25 23.90 42.39
C ILE G 60 -0.27 25.03 42.51
N ALA G 61 0.90 24.75 43.07
CA ALA G 61 1.90 25.76 43.39
C ALA G 61 3.29 25.20 43.15
N ASP G 62 4.27 26.09 43.08
CA ASP G 62 5.69 25.73 42.99
C ASP G 62 6.29 26.00 44.34
N THR G 63 6.94 25.00 44.95
CA THR G 63 7.64 25.17 46.23
C THR G 63 9.13 25.13 45.94
N GLU G 64 9.90 25.88 46.70
CA GLU G 64 11.37 25.89 46.56
C GLU G 64 11.93 24.49 46.87
N ASP G 65 11.46 23.86 47.94
CA ASP G 65 12.07 22.58 48.38
C ASP G 65 11.60 21.43 47.51
N TYR G 66 10.33 21.41 47.10
CA TYR G 66 9.70 20.17 46.58
C TYR G 66 9.29 20.34 45.12
N GLY G 67 9.58 21.50 44.51
CA GLY G 67 9.03 21.85 43.18
C GLY G 67 7.53 21.88 43.19
N ARG G 68 6.92 21.55 42.07
CA ARG G 68 5.46 21.70 41.88
C ARG G 68 4.71 20.71 42.78
N VAL G 69 3.62 21.17 43.40
CA VAL G 69 2.81 20.35 44.32
C VAL G 69 1.33 20.47 43.97
N LEU G 70 0.59 19.42 44.26
CA LEU G 70 -0.87 19.45 44.37
C LEU G 70 -1.22 19.53 45.85
N ILE G 71 -2.07 20.49 46.21
CA ILE G 71 -2.58 20.68 47.57
C ILE G 71 -4.09 20.53 47.56
N LEU G 72 -4.67 19.74 48.45
CA LEU G 72 -6.13 19.57 48.60
C LEU G 72 -6.50 19.84 50.05
N ASP G 73 -7.36 20.80 50.30
CA ASP G 73 -7.77 21.25 51.66
C ASP G 73 -6.55 21.43 52.54
N ASP G 74 -5.50 22.08 52.02
CA ASP G 74 -4.29 22.51 52.75
C ASP G 74 -3.21 21.42 52.79
N TYR G 75 -3.51 20.16 52.44
CA TYR G 75 -2.55 19.05 52.53
C TYR G 75 -1.88 18.78 51.18
N ILE G 76 -0.56 18.80 51.15
CA ILE G 76 0.19 18.35 49.95
C ILE G 76 -0.16 16.89 49.67
N GLN G 77 -0.53 16.62 48.42
CA GLN G 77 -0.89 15.28 47.95
C GLN G 77 0.32 14.64 47.27
N SER G 78 1.16 15.44 46.65
CA SER G 78 2.26 14.97 45.80
C SER G 78 3.15 16.15 45.44
N SER G 79 4.43 15.91 45.27
CA SER G 79 5.41 16.91 44.83
C SER G 79 6.23 16.30 43.71
N TYR G 80 6.70 17.13 42.80
CA TYR G 80 7.64 16.70 41.72
C TYR G 80 8.86 16.00 42.33
N VAL G 81 9.44 16.48 43.43
CA VAL G 81 10.76 15.92 43.84
C VAL G 81 10.60 14.59 44.57
N ASP G 82 9.43 14.25 45.13
CA ASP G 82 9.34 13.00 45.94
C ASP G 82 8.08 12.17 45.65
N GLU G 83 7.26 12.54 44.68
CA GLU G 83 6.01 11.76 44.44
C GLU G 83 6.36 10.31 44.07
N GLN G 84 7.48 10.06 43.43
CA GLN G 84 7.83 8.68 42.97
C GLN G 84 8.00 7.76 44.18
N TYR G 85 8.48 8.27 45.30
CA TYR G 85 8.56 7.50 46.57
C TYR G 85 7.16 7.07 46.99
N TYR G 86 6.20 7.99 46.90
CA TYR G 86 4.81 7.73 47.33
C TYR G 86 4.19 6.71 46.34
N HIS G 87 4.20 7.03 45.06
CA HIS G 87 3.40 6.29 44.05
C HIS G 87 4.00 4.90 43.83
N GLU G 88 5.33 4.80 43.82
CA GLU G 88 5.97 3.47 43.63
C GLU G 88 5.69 2.58 44.86
N SER G 89 5.71 3.15 46.06
CA SER G 89 5.50 2.39 47.32
C SER G 89 4.03 1.98 47.43
N LEU G 90 3.13 2.82 46.89
CA LEU G 90 1.69 2.51 46.97
C LEU G 90 1.37 1.34 46.01
N VAL G 91 1.98 1.35 44.82
CA VAL G 91 1.52 0.50 43.70
C VAL G 91 2.31 -0.81 43.60
N HIS G 92 3.63 -0.76 43.59
CA HIS G 92 4.47 -1.89 43.10
C HIS G 92 4.44 -3.07 44.06
N PRO G 93 4.43 -2.91 45.41
CA PRO G 93 4.38 -4.07 46.27
C PRO G 93 3.15 -4.94 45.99
N ALA G 94 1.97 -4.33 45.85
CA ALA G 94 0.73 -5.04 45.53
C ALA G 94 0.83 -5.67 44.13
N MET G 95 1.26 -4.90 43.14
CA MET G 95 1.30 -5.36 41.74
C MET G 95 2.31 -6.51 41.61
N ALA G 96 3.44 -6.43 42.30
CA ALA G 96 4.52 -7.45 42.25
C ALA G 96 4.07 -8.70 43.01
N THR G 97 3.23 -8.55 44.04
CA THR G 97 2.70 -9.67 44.83
C THR G 97 1.70 -10.48 44.00
N HIS G 98 0.92 -9.82 43.15
CA HIS G 98 -0.02 -10.53 42.25
C HIS G 98 0.78 -11.16 41.12
N PRO G 99 0.63 -12.48 40.88
CA PRO G 99 1.45 -13.16 39.86
C PRO G 99 1.10 -12.75 38.42
N ASN G 100 -0.10 -12.22 38.15
CA ASN G 100 -0.51 -11.80 36.79
C ASN G 100 -1.65 -10.80 36.89
N PRO G 101 -1.35 -9.54 37.30
CA PRO G 101 -2.40 -8.53 37.46
C PRO G 101 -2.81 -7.97 36.09
N ARG G 102 -4.04 -8.27 35.66
CA ARG G 102 -4.53 -7.91 34.30
C ARG G 102 -5.52 -6.74 34.39
N ASP G 103 -6.40 -6.77 35.39
CA ASP G 103 -7.49 -5.79 35.61
C ASP G 103 -7.21 -5.05 36.93
N VAL G 104 -6.98 -3.75 36.81
CA VAL G 104 -6.59 -2.89 37.96
C VAL G 104 -7.64 -1.81 38.13
N LEU G 105 -8.08 -1.60 39.37
CA LEU G 105 -8.96 -0.47 39.77
C LEU G 105 -8.18 0.43 40.72
N ILE G 106 -8.18 1.73 40.42
CA ILE G 106 -7.64 2.81 41.29
C ILE G 106 -8.81 3.68 41.74
N LEU G 107 -8.95 3.84 43.06
CA LEU G 107 -9.89 4.83 43.64
C LEU G 107 -9.08 6.05 44.08
N GLY G 108 -9.38 7.22 43.49
CA GLY G 108 -8.64 8.46 43.69
C GLY G 108 -7.53 8.56 42.69
N GLY G 109 -6.32 8.92 43.13
CA GLY G 109 -5.17 9.02 42.23
C GLY G 109 -5.33 10.15 41.23
N GLY G 110 -5.95 11.26 41.62
CA GLY G 110 -6.36 12.36 40.73
C GLY G 110 -5.23 12.88 39.85
N GLU G 111 -3.97 12.85 40.28
CA GLU G 111 -2.86 13.47 39.51
C GLU G 111 -2.39 12.49 38.40
N GLY G 112 -2.78 11.22 38.48
CA GLY G 112 -2.51 10.26 37.39
C GLY G 112 -1.21 9.51 37.53
N ALA G 113 -0.46 9.72 38.60
CA ALA G 113 0.82 9.03 38.87
C ALA G 113 0.58 7.59 39.36
N THR G 114 -0.47 7.34 40.13
CA THR G 114 -0.82 5.96 40.54
C THR G 114 -1.10 5.14 39.26
N LEU G 115 -1.89 5.69 38.35
CA LEU G 115 -2.21 5.07 37.05
C LEU G 115 -0.91 4.85 36.28
N ARG G 116 -0.03 5.87 36.23
CA ARG G 116 1.27 5.77 35.52
C ARG G 116 2.03 4.56 36.04
N GLU G 117 2.11 4.37 37.35
CA GLU G 117 2.91 3.25 37.93
C GLU G 117 2.23 1.93 37.59
N ALA G 118 0.92 1.83 37.72
CA ALA G 118 0.20 0.54 37.49
C ALA G 118 0.37 0.12 36.03
N LEU G 119 0.31 1.07 35.09
CA LEU G 119 0.37 0.78 33.63
C LEU G 119 1.77 0.25 33.26
N LYS G 120 2.79 0.47 34.07
CA LYS G 120 4.14 -0.01 33.74
C LYS G 120 4.17 -1.55 33.69
N HIS G 121 3.29 -2.22 34.43
CA HIS G 121 3.20 -3.70 34.45
C HIS G 121 2.64 -4.17 33.11
N GLY G 122 3.46 -4.84 32.30
CA GLY G 122 3.07 -5.34 30.96
C GLY G 122 1.89 -6.32 31.02
N THR G 123 1.60 -6.89 32.19
CA THR G 123 0.46 -7.83 32.35
C THR G 123 -0.87 -7.07 32.34
N VAL G 124 -0.85 -5.76 32.64
CA VAL G 124 -2.10 -4.97 32.76
C VAL G 124 -2.75 -4.82 31.37
N LYS G 125 -4.01 -5.19 31.25
CA LYS G 125 -4.81 -5.06 30.00
C LYS G 125 -5.80 -3.91 30.18
N ARG G 126 -6.32 -3.72 31.39
CA ARG G 126 -7.36 -2.73 31.73
C ARG G 126 -7.03 -2.12 33.11
N ALA G 127 -6.82 -0.80 33.15
CA ALA G 127 -6.66 0.00 34.39
C ALA G 127 -7.77 1.05 34.42
N VAL G 128 -8.64 0.99 35.41
CA VAL G 128 -9.71 1.99 35.62
C VAL G 128 -9.33 2.85 36.83
N MET G 129 -9.38 4.17 36.63
CA MET G 129 -9.10 5.16 37.68
C MET G 129 -10.39 5.95 37.93
N VAL G 130 -10.85 6.00 39.18
CA VAL G 130 -12.15 6.61 39.58
C VAL G 130 -11.87 7.70 40.60
N ASP G 131 -11.98 8.96 40.22
CA ASP G 131 -11.83 10.11 41.15
C ASP G 131 -13.17 10.88 41.13
N ILE G 132 -13.58 11.37 42.30
CA ILE G 132 -14.85 12.10 42.46
C ILE G 132 -14.75 13.49 41.82
N ASP G 133 -13.55 14.03 41.62
CA ASP G 133 -13.37 15.50 41.40
C ASP G 133 -12.70 15.72 40.03
N ARG G 134 -13.50 16.11 39.03
CA ARG G 134 -13.00 16.33 37.67
C ARG G 134 -11.99 17.45 37.66
N ASP G 135 -12.07 18.42 38.57
CA ASP G 135 -11.12 19.56 38.61
C ASP G 135 -9.73 19.08 39.01
N VAL G 136 -9.62 18.11 39.90
CA VAL G 136 -8.28 17.59 40.30
C VAL G 136 -7.62 16.96 39.06
N VAL G 137 -8.40 16.14 38.36
CA VAL G 137 -7.87 15.43 37.16
C VAL G 137 -7.50 16.44 36.10
N GLU G 138 -8.38 17.40 35.81
CA GLU G 138 -8.13 18.31 34.66
C GLU G 138 -6.99 19.25 35.03
N LEU G 139 -6.92 19.72 36.28
CA LEU G 139 -5.83 20.65 36.65
C LEU G 139 -4.51 19.88 36.69
N SER G 140 -4.52 18.61 37.08
CA SER G 140 -3.32 17.73 37.07
C SER G 140 -2.87 17.45 35.63
N ARG G 141 -3.82 17.17 34.74
CA ARG G 141 -3.52 17.00 33.31
C ARG G 141 -2.74 18.21 32.81
N ALA G 142 -3.20 19.43 33.12
CA ALA G 142 -2.58 20.67 32.57
C ALA G 142 -1.30 21.01 33.30
N TYR G 143 -1.32 21.03 34.64
CA TYR G 143 -0.23 21.69 35.42
C TYR G 143 0.74 20.66 36.01
N LEU G 144 0.46 19.38 35.97
CA LEU G 144 1.34 18.34 36.59
C LEU G 144 1.66 17.24 35.58
N PRO G 145 2.15 17.58 34.36
CA PRO G 145 2.45 16.60 33.34
C PRO G 145 3.50 15.56 33.76
N GLN G 146 4.43 15.91 34.64
CA GLN G 146 5.48 14.95 35.07
C GLN G 146 4.88 13.91 36.02
N MET G 147 3.66 14.12 36.50
CA MET G 147 2.96 13.12 37.33
C MET G 147 2.29 12.08 36.41
N HIS G 148 1.40 12.49 35.53
CA HIS G 148 0.61 11.54 34.71
C HIS G 148 1.49 10.97 33.58
N GLN G 149 2.36 11.77 33.02
CA GLN G 149 3.26 11.42 31.87
C GLN G 149 2.45 10.70 30.80
N GLY G 150 1.24 11.16 30.47
CA GLY G 150 0.41 10.61 29.38
C GLY G 150 -0.42 9.40 29.79
N ALA G 151 -0.31 8.95 31.03
CA ALA G 151 -1.07 7.78 31.54
C ALA G 151 -2.56 7.91 31.24
N PHE G 152 -3.12 9.12 31.35
CA PHE G 152 -4.58 9.33 31.17
C PHE G 152 -5.00 8.93 29.75
N ASP G 153 -4.09 8.96 28.78
CA ASP G 153 -4.38 8.77 27.33
C ASP G 153 -3.93 7.37 26.88
N ASP G 154 -3.38 6.54 27.77
CA ASP G 154 -2.99 5.15 27.44
C ASP G 154 -4.25 4.39 27.04
N PRO G 155 -4.22 3.63 25.91
CA PRO G 155 -5.37 2.86 25.45
C PRO G 155 -5.89 1.87 26.50
N ARG G 156 -5.04 1.41 27.41
CA ARG G 156 -5.44 0.45 28.48
C ARG G 156 -6.16 1.17 29.64
N ALA G 157 -6.15 2.50 29.66
CA ALA G 157 -6.67 3.29 30.82
C ALA G 157 -8.07 3.81 30.54
N LYS G 158 -8.93 3.77 31.55
CA LYS G 158 -10.26 4.41 31.57
C LYS G 158 -10.31 5.32 32.80
N VAL G 159 -10.54 6.61 32.58
CA VAL G 159 -10.75 7.62 33.65
C VAL G 159 -12.23 7.85 33.82
N VAL G 160 -12.72 7.57 35.01
CA VAL G 160 -14.14 7.73 35.40
C VAL G 160 -14.19 8.80 36.50
N ILE G 161 -15.02 9.82 36.30
CA ILE G 161 -15.33 10.83 37.35
C ILE G 161 -16.60 10.35 38.03
N GLN G 162 -16.46 9.85 39.23
CA GLN G 162 -17.58 9.33 40.05
C GLN G 162 -17.07 9.17 41.46
N ASP G 163 -17.96 9.26 42.44
CA ASP G 163 -17.68 8.84 43.83
C ASP G 163 -17.31 7.36 43.80
N GLY G 164 -16.17 7.01 44.37
CA GLY G 164 -15.66 5.64 44.44
C GLY G 164 -16.61 4.73 45.15
N PHE G 165 -17.33 5.23 46.16
CA PHE G 165 -18.34 4.43 46.90
C PHE G 165 -19.41 3.95 45.90
N VAL G 166 -19.93 4.88 45.10
CA VAL G 166 -21.01 4.61 44.12
C VAL G 166 -20.43 3.67 43.05
N TYR G 167 -19.21 3.88 42.62
CA TYR G 167 -18.60 3.09 41.53
C TYR G 167 -18.50 1.65 41.99
N VAL G 168 -18.09 1.44 43.23
CA VAL G 168 -17.93 0.06 43.76
C VAL G 168 -19.31 -0.59 43.89
N GLU G 169 -20.35 0.14 44.33
CA GLU G 169 -21.70 -0.45 44.46
C GLU G 169 -22.17 -0.89 43.06
N GLU G 170 -21.94 -0.05 42.04
CA GLU G 170 -22.37 -0.34 40.65
C GLU G 170 -21.51 -1.49 40.08
N ALA G 171 -20.26 -1.62 40.50
CA ALA G 171 -19.38 -2.73 40.06
C ALA G 171 -19.88 -4.06 40.64
N ILE G 172 -20.39 -4.06 41.87
CA ILE G 172 -20.93 -5.28 42.51
C ILE G 172 -22.15 -5.75 41.67
N LYS G 173 -23.09 -4.84 41.41
CA LYS G 173 -24.34 -5.13 40.65
C LYS G 173 -23.99 -5.65 39.25
N ALA G 174 -22.92 -5.17 38.61
CA ALA G 174 -22.50 -5.58 37.25
C ALA G 174 -21.70 -6.89 37.31
N GLY G 175 -21.49 -7.42 38.51
CA GLY G 175 -20.47 -8.41 38.89
C GLY G 175 -19.09 -8.19 38.25
N ASP G 176 -18.57 -6.95 38.23
CA ASP G 176 -17.16 -6.68 37.82
C ASP G 176 -16.20 -7.25 38.85
N LYS G 177 -15.02 -7.65 38.38
CA LYS G 177 -13.96 -8.20 39.25
C LYS G 177 -12.62 -7.72 38.76
N TYR G 178 -11.73 -7.44 39.72
CA TYR G 178 -10.37 -6.90 39.47
C TYR G 178 -9.37 -7.79 40.20
N ASP G 179 -8.14 -7.77 39.70
CA ASP G 179 -6.98 -8.48 40.30
C ASP G 179 -6.39 -7.65 41.44
N VAL G 180 -6.19 -6.35 41.20
CA VAL G 180 -5.58 -5.42 42.19
C VAL G 180 -6.45 -4.17 42.29
N ILE G 181 -6.82 -3.82 43.52
CA ILE G 181 -7.50 -2.52 43.79
C ILE G 181 -6.57 -1.64 44.65
N ILE G 182 -6.31 -0.44 44.14
CA ILE G 182 -5.40 0.55 44.74
C ILE G 182 -6.25 1.74 45.20
N MET G 183 -6.30 1.98 46.50
CA MET G 183 -6.95 3.17 47.09
C MET G 183 -5.90 4.24 47.37
N ASP G 184 -6.00 5.34 46.64
CA ASP G 184 -5.12 6.52 46.69
C ASP G 184 -6.00 7.74 46.97
N LEU G 185 -6.66 7.73 48.11
CA LEU G 185 -7.66 8.74 48.49
C LEU G 185 -7.00 9.81 49.34
N THR G 186 -7.73 10.90 49.57
CA THR G 186 -7.45 11.91 50.61
C THR G 186 -7.42 11.21 51.96
N ASP G 187 -6.80 11.86 52.94
CA ASP G 187 -6.44 11.25 54.24
C ASP G 187 -7.68 10.86 55.02
N PRO G 188 -7.61 9.72 55.72
CA PRO G 188 -8.73 9.25 56.54
C PRO G 188 -8.92 10.14 57.78
N TYR G 189 -7.92 10.89 58.21
CA TYR G 189 -7.99 11.72 59.43
C TYR G 189 -8.54 13.11 59.11
N SER G 190 -8.71 13.46 57.85
CA SER G 190 -9.07 14.85 57.48
C SER G 190 -10.25 14.92 56.50
N SER G 191 -10.49 13.91 55.68
CA SER G 191 -11.26 14.01 54.42
C SER G 191 -12.68 13.46 54.61
N ASP G 192 -13.67 14.34 54.68
CA ASP G 192 -15.09 13.94 54.75
C ASP G 192 -15.45 13.22 53.43
N ILE G 193 -14.97 13.67 52.29
CA ILE G 193 -15.37 13.10 50.97
C ILE G 193 -14.92 11.63 50.81
N ALA G 194 -13.90 11.18 51.55
CA ALA G 194 -13.37 9.80 51.44
C ALA G 194 -13.84 8.93 52.62
N LYS G 195 -14.55 9.47 53.60
CA LYS G 195 -14.77 8.77 54.90
C LYS G 195 -15.51 7.45 54.68
N GLN G 196 -16.44 7.35 53.74
CA GLN G 196 -17.25 6.11 53.60
C GLN G 196 -16.37 5.00 53.00
N LEU G 197 -15.23 5.33 52.41
CA LEU G 197 -14.39 4.34 51.71
C LEU G 197 -13.35 3.74 52.66
N TYR G 198 -13.34 4.13 53.93
CA TYR G 198 -12.30 3.66 54.89
C TYR G 198 -12.92 2.75 55.96
N THR G 199 -14.19 2.33 55.81
CA THR G 199 -14.94 1.53 56.83
C THR G 199 -14.75 0.03 56.55
N ARG G 200 -14.89 -0.77 57.61
CA ARG G 200 -15.04 -2.25 57.56
C ARG G 200 -15.99 -2.64 56.42
N GLU G 201 -17.14 -1.98 56.36
CA GLU G 201 -18.25 -2.31 55.42
C GLU G 201 -17.74 -2.04 54.00
N PHE G 202 -16.94 -1.00 53.80
CA PHE G 202 -16.44 -0.71 52.43
C PHE G 202 -15.41 -1.76 52.04
N PHE G 203 -14.59 -2.24 52.97
CA PHE G 203 -13.55 -3.25 52.62
C PHE G 203 -14.26 -4.58 52.27
N ALA G 204 -15.43 -4.85 52.86
CA ALA G 204 -16.27 -6.02 52.51
C ALA G 204 -16.74 -5.89 51.04
N LYS G 205 -17.13 -4.67 50.64
CA LYS G 205 -17.56 -4.39 49.26
C LYS G 205 -16.38 -4.56 48.29
N ILE G 206 -15.19 -4.13 48.71
CA ILE G 206 -13.95 -4.29 47.92
C ILE G 206 -13.70 -5.78 47.70
N ARG G 207 -13.81 -6.59 48.75
CA ARG G 207 -13.54 -8.04 48.60
C ARG G 207 -14.48 -8.63 47.52
N ARG G 208 -15.72 -8.16 47.44
CA ARG G 208 -16.74 -8.68 46.49
C ARG G 208 -16.38 -8.34 45.04
N ILE G 209 -15.52 -7.34 44.79
CA ILE G 209 -15.13 -7.00 43.39
C ILE G 209 -13.66 -7.40 43.14
N LEU G 210 -13.11 -8.23 44.02
CA LEU G 210 -11.79 -8.86 43.79
C LEU G 210 -11.99 -10.30 43.32
N ASN G 211 -11.17 -10.72 42.36
CA ASN G 211 -10.95 -12.16 42.04
C ASN G 211 -10.49 -12.85 43.31
N ASP G 212 -10.49 -14.18 43.32
CA ASP G 212 -10.27 -15.04 44.51
C ASP G 212 -8.83 -14.90 45.01
N ASP G 213 -7.91 -14.53 44.12
CA ASP G 213 -6.48 -14.27 44.46
C ASP G 213 -6.18 -12.76 44.40
N GLY G 214 -7.20 -11.91 44.61
CA GLY G 214 -7.07 -10.45 44.48
C GLY G 214 -6.30 -9.81 45.63
N VAL G 215 -5.77 -8.60 45.41
CA VAL G 215 -5.09 -7.81 46.48
C VAL G 215 -5.59 -6.36 46.47
N VAL G 216 -5.79 -5.82 47.68
CA VAL G 216 -6.12 -4.39 47.90
C VAL G 216 -4.92 -3.74 48.56
N VAL G 217 -4.64 -2.50 48.18
CA VAL G 217 -3.69 -1.67 48.98
C VAL G 217 -4.33 -0.30 49.16
N THR G 218 -4.17 0.29 50.32
CA THR G 218 -4.62 1.68 50.62
C THR G 218 -3.56 2.44 51.40
N GLN G 219 -3.44 3.75 51.16
CA GLN G 219 -2.72 4.64 52.09
C GLN G 219 -3.64 4.77 53.31
N ALA G 220 -3.07 4.85 54.51
CA ALA G 220 -3.85 4.88 55.78
C ALA G 220 -3.40 6.03 56.68
N GLY G 221 -2.92 7.12 56.09
CA GLY G 221 -2.53 8.35 56.81
C GLY G 221 -1.18 8.16 57.47
N ASN G 222 -1.14 8.33 58.79
CA ASN G 222 0.12 8.20 59.55
C ASN G 222 -0.15 7.67 60.95
N SER G 223 0.54 6.59 61.31
CA SER G 223 0.38 5.77 62.55
C SER G 223 0.97 6.54 63.73
N PHE G 224 1.96 7.39 63.49
CA PHE G 224 2.64 8.16 64.56
C PHE G 224 1.76 9.31 65.04
N TYR G 225 1.30 10.15 64.12
CA TYR G 225 0.54 11.38 64.45
C TYR G 225 -0.95 11.04 64.53
N PHE G 226 -1.46 10.09 63.75
CA PHE G 226 -2.91 9.76 63.74
C PHE G 226 -3.17 8.28 63.99
N PRO G 227 -2.77 7.76 65.17
CA PRO G 227 -2.85 6.34 65.45
C PRO G 227 -4.29 5.81 65.45
N ALA G 228 -5.25 6.57 65.99
CA ALA G 228 -6.65 6.13 66.10
C ALA G 228 -7.22 5.92 64.69
N GLU G 229 -7.02 6.87 63.79
CA GLU G 229 -7.57 6.77 62.40
C GLU G 229 -6.84 5.63 61.69
N TYR G 230 -5.55 5.48 61.90
CA TYR G 230 -4.76 4.41 61.28
C TYR G 230 -5.32 3.05 61.72
N ASP G 231 -5.51 2.88 63.02
CA ASP G 231 -5.98 1.62 63.65
C ASP G 231 -7.39 1.27 63.11
N MET G 232 -8.27 2.27 62.93
CA MET G 232 -9.64 2.04 62.38
C MET G 232 -9.52 1.41 60.99
N VAL G 233 -8.63 1.95 60.15
CA VAL G 233 -8.46 1.44 58.77
C VAL G 233 -7.94 0.01 58.85
N LEU G 234 -6.92 -0.23 59.70
CA LEU G 234 -6.25 -1.53 59.85
C LEU G 234 -7.28 -2.60 60.25
N GLU G 235 -8.13 -2.30 61.25
CA GLU G 235 -9.17 -3.26 61.74
C GLU G 235 -10.16 -3.57 60.61
N GLY G 236 -10.53 -2.57 59.82
CA GLY G 236 -11.42 -2.70 58.64
C GLY G 236 -10.83 -3.70 57.62
N VAL G 237 -9.53 -3.61 57.35
CA VAL G 237 -8.85 -4.51 56.38
C VAL G 237 -8.70 -5.90 57.01
N LYS G 238 -8.30 -5.99 58.28
CA LYS G 238 -8.07 -7.29 58.96
C LYS G 238 -9.38 -8.08 59.07
N ALA G 239 -10.53 -7.41 59.15
CA ALA G 239 -11.85 -8.05 59.29
C ALA G 239 -12.25 -8.69 57.96
N ASN G 240 -11.63 -8.30 56.85
CA ASN G 240 -12.10 -8.71 55.51
C ASN G 240 -11.05 -9.51 54.74
N PHE G 241 -9.79 -9.48 55.18
CA PHE G 241 -8.67 -10.12 54.44
C PHE G 241 -7.85 -10.95 55.40
N PRO G 242 -7.49 -12.19 54.99
CA PRO G 242 -6.72 -13.09 55.86
C PRO G 242 -5.22 -12.79 55.89
N ILE G 243 -4.69 -12.15 54.85
CA ILE G 243 -3.26 -11.71 54.78
C ILE G 243 -3.26 -10.18 54.74
N VAL G 244 -2.57 -9.56 55.71
CA VAL G 244 -2.46 -8.08 55.85
C VAL G 244 -1.01 -7.72 56.13
N ALA G 245 -0.42 -6.87 55.29
CA ALA G 245 0.91 -6.28 55.53
C ALA G 245 0.76 -4.77 55.77
N GLU G 246 1.57 -4.26 56.66
CA GLU G 246 1.67 -2.83 57.03
C GLU G 246 3.07 -2.38 56.67
N TYR G 247 3.22 -1.25 56.01
CA TYR G 247 4.55 -0.69 55.72
C TYR G 247 4.44 0.83 55.57
N GLU G 248 5.57 1.51 55.62
CA GLU G 248 5.54 2.99 55.61
C GLU G 248 6.73 3.50 54.83
N VAL G 249 6.66 4.74 54.33
CA VAL G 249 7.81 5.37 53.64
C VAL G 249 7.80 6.86 53.95
N TRP G 250 8.95 7.40 54.29
CA TRP G 250 9.10 8.84 54.54
C TRP G 250 8.85 9.58 53.22
N ILE G 251 7.89 10.50 53.22
CA ILE G 251 7.69 11.44 52.09
C ILE G 251 8.00 12.83 52.60
N PRO G 252 9.19 13.39 52.25
CA PRO G 252 9.58 14.69 52.81
C PRO G 252 8.50 15.79 52.69
N SER G 253 7.85 15.91 51.54
CA SER G 253 6.89 17.00 51.28
C SER G 253 5.64 16.83 52.18
N PHE G 254 5.40 15.65 52.73
CA PHE G 254 4.27 15.39 53.65
C PHE G 254 4.63 15.74 55.11
N GLY G 255 5.93 15.72 55.46
CA GLY G 255 6.39 15.84 56.85
C GLY G 255 6.25 14.56 57.65
N TYR G 256 6.00 13.41 57.01
CA TYR G 256 5.85 12.13 57.71
C TYR G 256 6.04 10.92 56.78
N ALA G 257 6.19 9.75 57.39
CA ALA G 257 6.22 8.44 56.72
C ALA G 257 4.77 8.01 56.51
N VAL G 258 4.33 7.99 55.26
CA VAL G 258 2.94 7.57 54.93
C VAL G 258 2.83 6.08 55.26
N ASN G 259 1.71 5.68 55.85
CA ASN G 259 1.40 4.27 56.17
C ASN G 259 0.56 3.66 55.04
N PHE G 260 0.92 2.45 54.63
CA PHE G 260 0.19 1.62 53.66
C PHE G 260 -0.28 0.34 54.34
N ILE G 261 -1.47 -0.10 53.94
CA ILE G 261 -2.05 -1.39 54.39
C ILE G 261 -2.44 -2.17 53.13
N LEU G 262 -1.88 -3.36 53.01
CA LEU G 262 -2.08 -4.30 51.89
C LEU G 262 -2.88 -5.51 52.39
N GLY G 263 -4.03 -5.77 51.77
CA GLY G 263 -4.88 -6.93 52.08
C GLY G 263 -4.86 -7.89 50.92
N SER G 264 -4.62 -9.17 51.17
CA SER G 264 -4.46 -10.21 50.13
C SER G 264 -5.32 -11.42 50.46
N LEU G 265 -5.88 -12.04 49.42
CA LEU G 265 -6.76 -13.20 49.55
C LEU G 265 -5.95 -14.50 49.42
N ARG G 266 -4.79 -14.50 48.75
CA ARG G 266 -3.98 -15.73 48.53
C ARG G 266 -2.48 -15.48 48.78
N TYR G 267 -1.89 -14.52 48.08
CA TYR G 267 -0.42 -14.34 48.01
C TYR G 267 0.04 -13.40 49.13
N ASP G 268 1.14 -13.79 49.78
CA ASP G 268 1.70 -13.07 50.96
C ASP G 268 2.91 -12.29 50.48
N PRO G 269 2.87 -10.93 50.55
CA PRO G 269 3.99 -10.12 50.09
C PRO G 269 5.25 -10.38 50.94
N HIS G 270 5.12 -10.87 52.18
CA HIS G 270 6.26 -11.18 53.05
C HIS G 270 7.06 -12.36 52.48
N ALA G 271 6.45 -13.18 51.63
CA ALA G 271 7.06 -14.42 51.09
C ALA G 271 7.92 -14.13 49.86
N LEU G 272 7.80 -12.95 49.25
CA LEU G 272 8.59 -12.60 48.04
C LEU G 272 10.05 -12.32 48.44
N THR G 273 11.01 -12.86 47.71
CA THR G 273 12.45 -12.55 47.88
C THR G 273 12.77 -11.37 46.98
N PRO G 274 13.86 -10.64 47.26
CA PRO G 274 14.31 -9.60 46.34
C PRO G 274 14.43 -10.09 44.89
N SER G 275 14.97 -11.30 44.69
CA SER G 275 15.22 -11.86 43.33
C SER G 275 13.89 -12.06 42.61
N GLU G 276 12.90 -12.62 43.31
CA GLU G 276 11.56 -12.85 42.72
CA GLU G 276 11.55 -12.85 42.73
C GLU G 276 10.94 -11.49 42.34
N VAL G 277 11.04 -10.50 43.22
CA VAL G 277 10.46 -9.17 42.91
C VAL G 277 11.17 -8.62 41.67
N ASP G 278 12.49 -8.63 41.67
CA ASP G 278 13.30 -8.02 40.57
C ASP G 278 13.01 -8.75 39.25
N GLU G 279 12.77 -10.06 39.30
CA GLU G 279 12.50 -10.86 38.09
C GLU G 279 11.11 -10.49 37.57
N ARG G 280 10.11 -10.32 38.45
CA ARG G 280 8.76 -9.91 37.97
C ARG G 280 8.84 -8.52 37.34
N LEU G 281 9.58 -7.59 37.94
CA LEU G 281 9.70 -6.21 37.40
C LEU G 281 10.34 -6.29 36.00
N ARG G 282 11.39 -7.08 35.89
CA ARG G 282 12.17 -7.21 34.62
C ARG G 282 11.26 -7.84 33.57
N ALA G 283 10.58 -8.94 33.90
CA ALA G 283 9.73 -9.67 32.95
C ALA G 283 8.60 -8.75 32.48
N ARG G 284 8.12 -7.85 33.35
CA ARG G 284 6.92 -7.04 33.04
C ARG G 284 7.30 -5.68 32.43
N GLY G 285 8.59 -5.39 32.30
CA GLY G 285 9.09 -4.14 31.66
C GLY G 285 8.96 -2.95 32.60
N VAL G 286 8.91 -3.17 33.90
CA VAL G 286 8.70 -2.10 34.93
C VAL G 286 10.05 -1.46 35.26
N LYS G 287 10.21 -0.19 34.89
CA LYS G 287 11.32 0.70 35.28
C LYS G 287 10.86 1.62 36.43
N THR G 288 11.67 1.73 37.48
CA THR G 288 11.35 2.52 38.70
C THR G 288 12.51 3.45 39.05
N ALA G 289 12.23 4.51 39.78
CA ALA G 289 13.23 5.41 40.40
C ALA G 289 13.61 4.89 41.80
N PHE G 290 12.78 4.05 42.43
CA PHE G 290 12.97 3.71 43.86
C PHE G 290 12.77 2.22 44.11
N TYR G 291 11.57 1.70 43.80
CA TYR G 291 11.16 0.33 44.19
C TYR G 291 12.02 -0.72 43.48
N THR G 292 12.51 -1.67 44.29
CA THR G 292 13.30 -2.86 43.92
C THR G 292 12.97 -3.98 44.88
N GLY G 293 13.53 -5.16 44.63
CA GLY G 293 13.39 -6.32 45.52
C GLY G 293 13.88 -6.00 46.91
N ARG G 294 14.99 -5.26 47.03
CA ARG G 294 15.57 -4.94 48.36
C ARG G 294 14.66 -3.95 49.07
N VAL G 295 14.10 -2.97 48.36
CA VAL G 295 13.11 -2.05 48.96
C VAL G 295 11.96 -2.89 49.47
N HIS G 296 11.45 -3.79 48.65
CA HIS G 296 10.32 -4.65 49.04
C HIS G 296 10.65 -5.35 50.36
N LEU G 297 11.83 -5.94 50.46
CA LEU G 297 12.27 -6.69 51.67
C LEU G 297 12.28 -5.72 52.87
N ALA G 298 12.80 -4.52 52.69
CA ALA G 298 12.87 -3.50 53.77
C ALA G 298 11.46 -3.13 54.21
N LEU G 299 10.55 -2.88 53.27
CA LEU G 299 9.16 -2.49 53.59
C LEU G 299 8.49 -3.59 54.41
N MET G 300 8.76 -4.85 54.09
CA MET G 300 8.10 -6.00 54.74
C MET G 300 8.70 -6.22 56.14
N ASN G 301 9.83 -5.62 56.46
CA ASN G 301 10.59 -5.94 57.70
C ASN G 301 10.66 -4.74 58.66
N MET G 302 10.40 -3.53 58.19
CA MET G 302 10.46 -2.30 59.02
C MET G 302 9.14 -2.16 59.76
N PRO G 303 9.13 -2.18 61.10
CA PRO G 303 7.88 -1.92 61.83
C PRO G 303 7.50 -0.46 61.63
N ILE G 304 6.22 -0.16 61.78
CA ILE G 304 5.72 1.23 61.57
C ILE G 304 6.01 2.04 62.84
N HIS G 305 6.12 3.36 62.68
CA HIS G 305 6.39 4.32 63.76
C HIS G 305 5.14 4.51 64.63
N ARG G 306 5.38 4.51 65.95
CA ARG G 306 4.39 4.88 66.98
C ARG G 306 5.09 5.82 67.95
N LYS G 307 4.31 6.60 68.70
CA LYS G 307 4.87 7.35 69.86
C LYS G 307 5.33 6.33 70.89
N LEU G 308 6.58 6.40 71.32
CA LEU G 308 7.20 5.38 72.19
C LEU G 308 7.06 5.80 73.65
N ARG G 309 6.75 7.06 73.92
CA ARG G 309 6.35 7.51 75.29
C ARG G 309 5.11 8.42 75.18
N VAL H 24 39.30 27.87 -26.79
CA VAL H 24 40.28 26.89 -27.45
C VAL H 24 40.81 25.87 -26.43
N PRO H 25 40.58 24.56 -26.66
CA PRO H 25 40.74 23.54 -25.63
C PRO H 25 42.19 23.15 -25.34
N GLY H 26 42.59 23.25 -24.08
CA GLY H 26 43.87 22.73 -23.57
C GLY H 26 44.11 23.32 -22.21
N PRO H 27 45.31 23.15 -21.61
CA PRO H 27 46.42 22.50 -22.29
C PRO H 27 46.37 20.97 -22.47
N ILE H 28 45.57 20.28 -21.66
CA ILE H 28 45.40 18.82 -21.74
C ILE H 28 44.10 18.60 -22.48
N THR H 29 44.18 17.77 -23.51
CA THR H 29 43.11 17.60 -24.51
C THR H 29 42.93 16.13 -24.80
N LEU H 30 41.69 15.71 -25.02
CA LEU H 30 41.37 14.42 -25.62
C LEU H 30 41.18 14.67 -27.11
N ILE H 31 41.87 13.90 -27.94
CA ILE H 31 41.59 13.89 -29.39
C ILE H 31 40.69 12.70 -29.64
N GLU H 32 39.39 12.97 -29.76
CA GLU H 32 38.39 11.92 -29.98
C GLU H 32 38.21 11.76 -31.48
N PRO H 33 38.47 10.60 -32.06
CA PRO H 33 38.24 10.41 -33.48
C PRO H 33 36.73 10.47 -33.65
N LEU H 34 36.29 10.91 -34.79
CA LEU H 34 34.84 10.88 -35.05
C LEU H 34 34.72 10.06 -36.32
N SER H 35 35.12 10.62 -37.44
CA SER H 35 34.94 10.00 -38.77
C SER H 35 36.28 9.67 -39.39
N GLY H 36 37.40 10.12 -38.81
CA GLY H 36 38.68 10.07 -39.56
C GLY H 36 38.95 11.36 -40.32
N ASN H 37 37.92 12.03 -40.85
CA ASN H 37 38.12 13.34 -41.54
C ASN H 37 37.62 14.47 -40.64
N THR H 38 36.99 14.11 -39.54
CA THR H 38 36.59 15.03 -38.46
C THR H 38 36.98 14.36 -37.15
N SER H 39 37.56 15.13 -36.23
CA SER H 39 37.88 14.70 -34.86
C SER H 39 37.45 15.77 -33.90
N LEU H 40 37.23 15.39 -32.65
CA LEU H 40 36.86 16.35 -31.59
C LEU H 40 38.12 16.62 -30.76
N LEU H 41 38.35 17.87 -30.38
CA LEU H 41 39.35 18.28 -29.38
C LEU H 41 38.60 18.67 -28.15
N ILE H 42 38.78 17.89 -27.08
CA ILE H 42 37.96 18.09 -25.85
C ILE H 42 38.90 18.40 -24.70
N LYS H 43 38.71 19.53 -24.04
CA LYS H 43 39.56 19.91 -22.87
C LYS H 43 39.30 18.89 -21.75
N ILE H 44 40.39 18.38 -21.18
CA ILE H 44 40.45 17.44 -20.03
C ILE H 44 40.83 18.26 -18.80
N ASN H 45 40.07 18.12 -17.72
CA ASN H 45 40.43 18.78 -16.44
C ASN H 45 41.25 17.82 -15.56
N ALA H 46 41.06 16.51 -15.69
CA ALA H 46 41.76 15.53 -14.83
C ALA H 46 41.68 14.17 -15.48
N ILE H 47 42.72 13.37 -15.27
CA ILE H 47 42.71 11.93 -15.63
C ILE H 47 42.64 11.13 -14.34
N HIS H 48 41.60 10.31 -14.21
CA HIS H 48 41.35 9.53 -12.98
C HIS H 48 42.10 8.21 -13.05
N SER H 49 42.09 7.56 -14.20
CA SER H 49 42.66 6.21 -14.35
C SER H 49 42.94 5.92 -15.82
N VAL H 50 44.04 5.25 -16.09
CA VAL H 50 44.41 4.70 -17.42
C VAL H 50 44.76 3.24 -17.21
N LYS H 51 44.18 2.34 -17.97
CA LYS H 51 44.41 0.88 -17.83
C LYS H 51 44.46 0.29 -19.23
N LYS H 52 45.59 -0.29 -19.58
CA LYS H 52 45.73 -1.07 -20.84
C LYS H 52 45.28 -2.49 -20.45
N SER H 53 44.06 -2.86 -20.80
CA SER H 53 43.54 -4.21 -20.56
C SER H 53 43.95 -5.07 -21.75
N PRO H 54 43.80 -6.39 -21.71
CA PRO H 54 44.09 -7.19 -22.90
C PRO H 54 43.15 -6.88 -24.05
N TYR H 55 41.99 -6.28 -23.77
CA TYR H 55 40.91 -6.09 -24.77
C TYR H 55 40.97 -4.68 -25.35
N GLN H 56 41.36 -3.67 -24.56
CA GLN H 56 41.22 -2.27 -24.99
C GLN H 56 41.97 -1.37 -24.03
N GLU H 57 42.27 -0.15 -24.47
CA GLU H 57 42.83 0.89 -23.58
C GLU H 57 41.67 1.64 -22.93
N ILE H 58 41.66 1.71 -21.61
CA ILE H 58 40.56 2.27 -20.79
C ILE H 58 41.05 3.56 -20.19
N ILE H 59 40.32 4.65 -20.36
CA ILE H 59 40.66 5.95 -19.70
C ILE H 59 39.39 6.45 -19.04
N ILE H 60 39.50 6.83 -17.78
CA ILE H 60 38.46 7.63 -17.11
C ILE H 60 39.03 9.00 -16.82
N ALA H 61 38.32 10.02 -17.30
CA ALA H 61 38.81 11.40 -17.24
C ALA H 61 37.64 12.34 -16.94
N ASP H 62 37.99 13.56 -16.55
CA ASP H 62 36.99 14.63 -16.35
C ASP H 62 37.15 15.57 -17.54
N THR H 63 36.07 15.84 -18.26
CA THR H 63 36.06 16.83 -19.36
C THR H 63 35.29 18.05 -18.86
N GLU H 64 35.69 19.22 -19.31
CA GLU H 64 34.99 20.47 -18.96
C GLU H 64 33.56 20.43 -19.50
N ASP H 65 33.35 20.01 -20.73
CA ASP H 65 32.01 20.10 -21.36
C ASP H 65 31.10 18.98 -20.85
N TYR H 66 31.64 17.78 -20.66
CA TYR H 66 30.77 16.58 -20.51
C TYR H 66 30.90 15.97 -19.12
N GLY H 67 31.69 16.58 -18.24
CA GLY H 67 32.06 15.97 -16.94
C GLY H 67 32.78 14.66 -17.15
N ARG H 68 32.57 13.71 -16.22
CA ARG H 68 33.35 12.47 -16.21
C ARG H 68 32.97 11.59 -17.40
N VAL H 69 33.98 10.97 -18.03
CA VAL H 69 33.78 10.12 -19.24
C VAL H 69 34.51 8.80 -19.07
N LEU H 70 33.95 7.77 -19.68
CA LEU H 70 34.65 6.52 -19.99
C LEU H 70 35.08 6.57 -21.45
N ILE H 71 36.37 6.33 -21.69
CA ILE H 71 36.98 6.26 -23.03
C ILE H 71 37.53 4.86 -23.24
N LEU H 72 37.23 4.24 -24.37
CA LEU H 72 37.78 2.91 -24.75
C LEU H 72 38.39 3.05 -26.13
N ASP H 73 39.69 2.78 -26.25
CA ASP H 73 40.45 2.88 -27.53
C ASP H 73 40.17 4.24 -28.18
N ASP H 74 40.19 5.32 -27.38
CA ASP H 74 40.12 6.73 -27.85
C ASP H 74 38.67 7.22 -28.00
N TYR H 75 37.67 6.35 -27.97
CA TYR H 75 36.24 6.72 -28.18
C TYR H 75 35.52 6.88 -26.86
N ILE H 76 34.92 8.04 -26.64
CA ILE H 76 34.00 8.25 -25.49
C ILE H 76 32.85 7.25 -25.60
N GLN H 77 32.60 6.53 -24.52
CA GLN H 77 31.51 5.54 -24.44
C GLN H 77 30.32 6.20 -23.75
N SER H 78 30.56 7.13 -22.83
N SER H 78 30.57 7.12 -22.83
CA SER H 78 29.53 7.67 -21.93
CA SER H 78 29.54 7.67 -21.92
C SER H 78 30.11 8.87 -21.19
C SER H 78 30.12 8.88 -21.18
N SER H 79 29.28 9.87 -20.92
CA SER H 79 29.64 11.06 -20.14
C SER H 79 28.56 11.27 -19.10
N TYR H 80 28.93 11.84 -17.97
CA TYR H 80 27.96 12.22 -16.91
C TYR H 80 26.87 13.13 -17.48
N VAL H 81 27.19 14.09 -18.36
CA VAL H 81 26.15 15.12 -18.70
C VAL H 81 25.18 14.59 -19.74
N ASP H 82 25.50 13.54 -20.51
CA ASP H 82 24.55 13.10 -21.58
C ASP H 82 24.36 11.60 -21.66
N GLU H 83 24.93 10.81 -20.75
CA GLU H 83 24.77 9.32 -20.88
C GLU H 83 23.29 8.94 -20.79
N GLN H 84 22.46 9.68 -20.06
CA GLN H 84 21.04 9.29 -19.89
C GLN H 84 20.31 9.35 -21.22
N TYR H 85 20.69 10.26 -22.13
CA TYR H 85 20.15 10.28 -23.50
C TYR H 85 20.47 8.95 -24.20
N TYR H 86 21.71 8.48 -24.05
CA TYR H 86 22.17 7.26 -24.74
C TYR H 86 21.44 6.05 -24.10
N HIS H 87 21.53 5.89 -22.78
CA HIS H 87 21.10 4.65 -22.10
C HIS H 87 19.56 4.56 -22.12
N GLU H 88 18.88 5.68 -21.95
CA GLU H 88 17.39 5.65 -22.00
C GLU H 88 16.91 5.32 -23.40
N SER H 89 17.57 5.85 -24.44
CA SER H 89 17.18 5.64 -25.86
C SER H 89 17.50 4.21 -26.27
N LEU H 90 18.56 3.64 -25.68
CA LEU H 90 18.97 2.25 -26.01
C LEU H 90 17.96 1.28 -25.41
N VAL H 91 17.51 1.52 -24.20
CA VAL H 91 16.79 0.50 -23.38
C VAL H 91 15.27 0.64 -23.49
N HIS H 92 14.71 1.83 -23.26
CA HIS H 92 13.27 1.97 -22.93
C HIS H 92 12.38 1.67 -24.13
N PRO H 93 12.71 2.07 -25.39
CA PRO H 93 11.84 1.74 -26.52
C PRO H 93 11.58 0.23 -26.64
N ALA H 94 12.64 -0.57 -26.54
CA ALA H 94 12.55 -2.05 -26.59
C ALA H 94 11.75 -2.56 -25.38
N MET H 95 12.08 -2.11 -24.18
CA MET H 95 11.47 -2.60 -22.93
C MET H 95 9.99 -2.22 -22.92
N ALA H 96 9.64 -1.03 -23.39
CA ALA H 96 8.24 -0.53 -23.41
C ALA H 96 7.45 -1.25 -24.50
N THR H 97 8.10 -1.68 -25.57
CA THR H 97 7.46 -2.44 -26.68
C THR H 97 7.10 -3.85 -26.19
N HIS H 98 7.91 -4.46 -25.35
CA HIS H 98 7.60 -5.79 -24.79
C HIS H 98 6.52 -5.61 -23.73
N PRO H 99 5.40 -6.35 -23.80
CA PRO H 99 4.29 -6.15 -22.86
C PRO H 99 4.60 -6.63 -21.44
N ASN H 100 5.55 -7.54 -21.25
CA ASN H 100 5.91 -8.06 -19.91
C ASN H 100 7.33 -8.61 -19.93
N PRO H 101 8.36 -7.74 -19.99
CA PRO H 101 9.75 -8.21 -20.04
C PRO H 101 10.21 -8.65 -18.63
N ARG H 102 10.43 -9.96 -18.44
CA ARG H 102 10.75 -10.55 -17.12
C ARG H 102 12.24 -10.93 -17.04
N ASP H 103 12.78 -11.46 -18.15
CA ASP H 103 14.17 -11.93 -18.28
C ASP H 103 14.89 -11.06 -19.32
N VAL H 104 15.90 -10.33 -18.86
CA VAL H 104 16.67 -9.38 -19.70
C VAL H 104 18.13 -9.82 -19.75
N LEU H 105 18.71 -9.83 -20.96
CA LEU H 105 20.15 -10.04 -21.18
C LEU H 105 20.74 -8.76 -21.78
N ILE H 106 21.84 -8.29 -21.21
CA ILE H 106 22.67 -7.17 -21.73
C ILE H 106 24.04 -7.72 -22.14
N LEU H 107 24.45 -7.48 -23.37
CA LEU H 107 25.83 -7.74 -23.83
C LEU H 107 26.59 -6.42 -23.88
N GLY H 108 27.66 -6.32 -23.09
CA GLY H 108 28.44 -5.10 -22.89
C GLY H 108 27.87 -4.30 -21.77
N GLY H 109 27.72 -2.99 -21.94
CA GLY H 109 27.13 -2.15 -20.86
C GLY H 109 28.05 -2.06 -19.65
N GLY H 110 29.37 -2.06 -19.88
CA GLY H 110 30.41 -2.13 -18.83
C GLY H 110 30.23 -1.13 -17.69
N GLU H 111 29.70 0.07 -17.96
CA GLU H 111 29.61 1.14 -16.93
C GLU H 111 28.40 0.89 -16.01
N GLY H 112 27.48 0.03 -16.43
CA GLY H 112 26.36 -0.40 -15.57
C GLY H 112 25.10 0.44 -15.76
N ALA H 113 25.10 1.42 -16.66
CA ALA H 113 23.95 2.33 -16.87
C ALA H 113 22.86 1.63 -17.69
N THR H 114 23.21 0.79 -18.65
CA THR H 114 22.22 -0.01 -19.41
C THR H 114 21.45 -0.88 -18.42
N LEU H 115 22.16 -1.58 -17.53
CA LEU H 115 21.58 -2.42 -16.46
C LEU H 115 20.67 -1.54 -15.59
N ARG H 116 21.16 -0.36 -15.19
CA ARG H 116 20.37 0.57 -14.33
C ARG H 116 19.02 0.85 -15.01
N GLU H 117 19.02 1.14 -16.30
CA GLU H 117 17.77 1.52 -17.02
C GLU H 117 16.87 0.28 -17.10
N ALA H 118 17.39 -0.88 -17.44
CA ALA H 118 16.56 -2.10 -17.62
C ALA H 118 15.90 -2.47 -16.29
N LEU H 119 16.62 -2.35 -15.17
CA LEU H 119 16.12 -2.76 -13.83
C LEU H 119 14.96 -1.84 -13.42
N LYS H 120 14.79 -0.66 -13.99
CA LYS H 120 13.70 0.25 -13.58
C LYS H 120 12.34 -0.38 -13.88
N HIS H 121 12.26 -1.26 -14.89
CA HIS H 121 11.00 -1.94 -15.27
C HIS H 121 10.65 -2.96 -14.18
N GLY H 122 9.56 -2.70 -13.45
CA GLY H 122 9.08 -3.55 -12.33
C GLY H 122 8.75 -4.96 -12.78
N THR H 123 8.57 -5.20 -14.08
CA THR H 123 8.29 -6.55 -14.61
C THR H 123 9.56 -7.42 -14.57
N VAL H 124 10.74 -6.79 -14.54
CA VAL H 124 12.03 -7.53 -14.65
C VAL H 124 12.24 -8.32 -13.35
N LYS H 125 12.46 -9.63 -13.46
CA LYS H 125 12.77 -10.52 -12.31
C LYS H 125 14.25 -10.88 -12.35
N ARG H 126 14.82 -11.03 -13.55
CA ARG H 126 16.22 -11.46 -13.78
C ARG H 126 16.82 -10.62 -14.91
N ALA H 127 17.90 -9.90 -14.60
CA ALA H 127 18.73 -9.15 -15.57
C ALA H 127 20.16 -9.70 -15.52
N VAL H 128 20.65 -10.22 -16.63
CA VAL H 128 22.07 -10.65 -16.75
C VAL H 128 22.80 -9.64 -17.64
N MET H 129 23.94 -9.18 -17.18
CA MET H 129 24.86 -8.29 -17.94
C MET H 129 26.18 -9.03 -18.16
N VAL H 130 26.61 -9.12 -19.41
CA VAL H 130 27.82 -9.89 -19.83
C VAL H 130 28.80 -8.94 -20.51
N ASP H 131 29.89 -8.60 -19.85
CA ASP H 131 30.98 -7.78 -20.46
C ASP H 131 32.27 -8.60 -20.45
N ILE H 132 33.05 -8.50 -21.52
CA ILE H 132 34.30 -9.28 -21.71
C ILE H 132 35.38 -8.73 -20.77
N ASP H 133 35.28 -7.50 -20.27
CA ASP H 133 36.43 -6.79 -19.68
C ASP H 133 36.14 -6.43 -18.22
N ARG H 134 36.70 -7.20 -17.29
CA ARG H 134 36.50 -6.99 -15.84
C ARG H 134 37.03 -5.61 -15.44
N ASP H 135 38.04 -5.08 -16.12
CA ASP H 135 38.62 -3.77 -15.77
C ASP H 135 37.63 -2.65 -16.08
N VAL H 136 36.84 -2.76 -17.13
CA VAL H 136 35.82 -1.71 -17.43
C VAL H 136 34.81 -1.68 -16.29
N VAL H 137 34.33 -2.84 -15.91
CA VAL H 137 33.30 -2.96 -14.84
C VAL H 137 33.87 -2.45 -13.53
N GLU H 138 35.07 -2.87 -13.16
CA GLU H 138 35.61 -2.51 -11.83
C GLU H 138 35.96 -1.03 -11.82
N LEU H 139 36.51 -0.50 -12.92
CA LEU H 139 36.88 0.94 -12.94
C LEU H 139 35.60 1.79 -12.96
N SER H 140 34.54 1.31 -13.61
CA SER H 140 33.21 1.99 -13.63
C SER H 140 32.57 1.96 -12.25
N ARG H 141 32.64 0.81 -11.57
CA ARG H 141 32.14 0.67 -10.18
C ARG H 141 32.79 1.78 -9.34
N ALA H 142 34.10 1.97 -9.43
CA ALA H 142 34.84 2.89 -8.54
C ALA H 142 34.67 4.33 -9.00
N TYR H 143 34.89 4.62 -10.29
CA TYR H 143 35.07 6.00 -10.77
C TYR H 143 33.79 6.58 -11.41
N LEU H 144 32.79 5.77 -11.71
CA LEU H 144 31.57 6.24 -12.41
C LEU H 144 30.31 5.83 -11.64
N PRO H 145 30.22 6.15 -10.33
CA PRO H 145 29.05 5.76 -9.53
C PRO H 145 27.72 6.32 -10.03
N GLN H 146 27.72 7.49 -10.67
CA GLN H 146 26.45 8.09 -11.19
C GLN H 146 25.97 7.32 -12.42
N MET H 147 26.79 6.43 -12.98
CA MET H 147 26.37 5.59 -14.12
C MET H 147 25.63 4.36 -13.57
N HIS H 148 26.28 3.54 -12.74
CA HIS H 148 25.68 2.25 -12.31
C HIS H 148 24.61 2.53 -11.24
N GLN H 149 24.82 3.52 -10.38
CA GLN H 149 23.90 3.88 -9.27
C GLN H 149 23.46 2.62 -8.52
N GLY H 150 24.38 1.70 -8.24
CA GLY H 150 24.10 0.49 -7.43
C GLY H 150 23.52 -0.67 -8.22
N ALA H 151 23.30 -0.50 -9.53
CA ALA H 151 22.69 -1.52 -10.39
C ALA H 151 23.45 -2.85 -10.25
N PHE H 152 24.79 -2.80 -10.12
CA PHE H 152 25.62 -4.02 -10.09
C PHE H 152 25.24 -4.89 -8.87
N ASP H 153 24.72 -4.28 -7.80
CA ASP H 153 24.42 -4.95 -6.51
C ASP H 153 22.92 -5.24 -6.35
N ASP H 154 22.08 -4.90 -7.34
CA ASP H 154 20.62 -5.20 -7.29
C ASP H 154 20.45 -6.72 -7.22
N PRO H 155 19.60 -7.23 -6.30
CA PRO H 155 19.37 -8.66 -6.17
C PRO H 155 18.89 -9.33 -7.47
N ARG H 156 18.23 -8.58 -8.34
CA ARG H 156 17.72 -9.14 -9.64
C ARG H 156 18.84 -9.25 -10.68
N ALA H 157 20.00 -8.64 -10.43
CA ALA H 157 21.10 -8.51 -11.44
C ALA H 157 22.17 -9.59 -11.21
N LYS H 158 22.69 -10.11 -12.30
CA LYS H 158 23.90 -10.97 -12.35
C LYS H 158 24.87 -10.32 -13.34
N VAL H 159 26.06 -9.98 -12.88
CA VAL H 159 27.19 -9.48 -13.72
C VAL H 159 28.12 -10.64 -14.00
N VAL H 160 28.28 -10.96 -15.28
CA VAL H 160 29.13 -12.06 -15.78
C VAL H 160 30.25 -11.43 -16.63
N ILE H 161 31.49 -11.79 -16.32
CA ILE H 161 32.66 -11.40 -17.14
C ILE H 161 32.93 -12.56 -18.09
N GLN H 162 32.57 -12.36 -19.34
CA GLN H 162 32.74 -13.38 -20.40
C GLN H 162 32.59 -12.66 -21.74
N ASP H 163 33.22 -13.20 -22.78
CA ASP H 163 32.94 -12.82 -24.18
C ASP H 163 31.47 -13.11 -24.46
N GLY H 164 30.74 -12.12 -24.93
CA GLY H 164 29.31 -12.23 -25.24
C GLY H 164 29.04 -13.32 -26.27
N PHE H 165 29.95 -13.51 -27.22
CA PHE H 165 29.85 -14.57 -28.25
C PHE H 165 29.78 -15.94 -27.55
N VAL H 166 30.70 -16.18 -26.64
CA VAL H 166 30.82 -17.46 -25.89
C VAL H 166 29.59 -17.61 -25.02
N TYR H 167 29.16 -16.52 -24.37
CA TYR H 167 28.02 -16.60 -23.42
C TYR H 167 26.78 -17.03 -24.19
N VAL H 168 26.58 -16.48 -25.38
CA VAL H 168 25.37 -16.79 -26.17
C VAL H 168 25.46 -18.23 -26.66
N GLU H 169 26.63 -18.73 -27.05
CA GLU H 169 26.75 -20.15 -27.52
C GLU H 169 26.37 -21.06 -26.35
N GLU H 170 26.88 -20.76 -25.14
CA GLU H 170 26.60 -21.58 -23.94
C GLU H 170 25.13 -21.44 -23.52
N ALA H 171 24.50 -20.29 -23.76
CA ALA H 171 23.07 -20.08 -23.45
C ALA H 171 22.20 -20.92 -24.38
N ILE H 172 22.60 -21.09 -25.64
CA ILE H 172 21.84 -21.91 -26.61
C ILE H 172 21.84 -23.36 -26.09
N LYS H 173 23.04 -23.89 -25.78
CA LYS H 173 23.20 -25.29 -25.31
C LYS H 173 22.42 -25.51 -24.01
N ALA H 174 22.31 -24.52 -23.13
CA ALA H 174 21.57 -24.63 -21.84
C ALA H 174 20.07 -24.45 -22.06
N GLY H 175 19.66 -24.22 -23.32
CA GLY H 175 18.37 -23.65 -23.76
C GLY H 175 17.86 -22.49 -22.89
N ASP H 176 18.70 -21.52 -22.54
CA ASP H 176 18.26 -20.27 -21.85
C ASP H 176 17.45 -19.42 -22.83
N LYS H 177 16.45 -18.68 -22.33
CA LYS H 177 15.60 -17.81 -23.18
C LYS H 177 15.31 -16.52 -22.43
N TYR H 178 15.29 -15.40 -23.16
CA TYR H 178 15.12 -14.03 -22.63
C TYR H 178 13.98 -13.36 -23.40
N ASP H 179 13.36 -12.39 -22.77
CA ASP H 179 12.30 -11.54 -23.37
C ASP H 179 12.92 -10.39 -24.17
N VAL H 180 13.94 -9.73 -23.61
CA VAL H 180 14.62 -8.57 -24.26
C VAL H 180 16.12 -8.80 -24.16
N ILE H 181 16.80 -8.68 -25.29
CA ILE H 181 18.28 -8.68 -25.35
C ILE H 181 18.75 -7.31 -25.84
N ILE H 182 19.62 -6.70 -25.03
CA ILE H 182 20.17 -5.35 -25.29
C ILE H 182 21.66 -5.51 -25.56
N MET H 183 22.09 -5.15 -26.77
CA MET H 183 23.52 -5.08 -27.13
C MET H 183 24.01 -3.64 -27.02
N ASP H 184 24.92 -3.43 -26.07
CA ASP H 184 25.57 -2.15 -25.75
C ASP H 184 27.08 -2.36 -25.87
N LEU H 185 27.52 -2.68 -27.05
CA LEU H 185 28.94 -3.02 -27.33
C LEU H 185 29.68 -1.79 -27.80
N THR H 186 31.00 -1.91 -27.86
CA THR H 186 31.89 -0.98 -28.59
C THR H 186 31.47 -0.95 -30.07
N ASP H 187 31.89 0.08 -30.78
CA ASP H 187 31.38 0.45 -32.11
C ASP H 187 31.70 -0.64 -33.13
N PRO H 188 30.76 -0.89 -34.06
CA PRO H 188 30.96 -1.88 -35.12
C PRO H 188 32.03 -1.42 -36.13
N TYR H 189 32.27 -0.11 -36.24
CA TYR H 189 33.20 0.45 -37.25
C TYR H 189 34.63 0.49 -36.71
N SER H 190 34.84 0.22 -35.43
CA SER H 190 36.18 0.39 -34.81
C SER H 190 36.66 -0.84 -34.02
N SER H 191 35.76 -1.66 -33.49
CA SER H 191 36.05 -2.56 -32.35
C SER H 191 36.24 -3.99 -32.85
N ASP H 192 37.49 -4.47 -32.84
CA ASP H 192 37.84 -5.87 -33.17
C ASP H 192 37.13 -6.80 -32.17
N ILE H 193 37.10 -6.45 -30.89
CA ILE H 193 36.61 -7.37 -29.82
C ILE H 193 35.10 -7.64 -29.98
N ALA H 194 34.35 -6.74 -30.62
CA ALA H 194 32.88 -6.88 -30.77
C ALA H 194 32.50 -7.38 -32.17
N LYS H 195 33.43 -7.53 -33.11
CA LYS H 195 33.07 -7.69 -34.54
C LYS H 195 32.24 -8.96 -34.75
N GLN H 196 32.47 -10.05 -34.02
CA GLN H 196 31.74 -11.31 -34.24
C GLN H 196 30.29 -11.16 -33.80
N LEU H 197 29.98 -10.16 -32.97
CA LEU H 197 28.62 -10.01 -32.38
C LEU H 197 27.74 -9.14 -33.27
N TYR H 198 28.22 -8.67 -34.41
CA TYR H 198 27.47 -7.74 -35.28
C TYR H 198 27.09 -8.42 -36.62
N THR H 199 27.30 -9.74 -36.75
CA THR H 199 27.08 -10.50 -38.01
C THR H 199 25.65 -11.05 -38.06
N ARG H 200 25.17 -11.30 -39.29
CA ARG H 200 23.94 -12.08 -39.61
C ARG H 200 23.88 -13.33 -38.70
N GLU H 201 25.00 -14.07 -38.65
CA GLU H 201 25.10 -15.38 -37.96
C GLU H 201 24.87 -15.14 -36.48
N PHE H 202 25.39 -14.03 -35.94
CA PHE H 202 25.23 -13.78 -34.48
C PHE H 202 23.78 -13.41 -34.19
N PHE H 203 23.10 -12.69 -35.09
CA PHE H 203 21.69 -12.30 -34.84
C PHE H 203 20.81 -13.55 -34.89
N ALA H 204 21.20 -14.57 -35.68
CA ALA H 204 20.51 -15.89 -35.72
C ALA H 204 20.64 -16.56 -34.35
N LYS H 205 21.82 -16.48 -33.75
CA LYS H 205 22.09 -17.05 -32.40
C LYS H 205 21.25 -16.31 -31.36
N ILE H 206 21.14 -14.98 -31.50
CA ILE H 206 20.31 -14.15 -30.59
C ILE H 206 18.86 -14.61 -30.69
N ARG H 207 18.35 -14.82 -31.90
CA ARG H 207 16.94 -15.24 -32.06
C ARG H 207 16.71 -16.55 -31.29
N ARG H 208 17.68 -17.46 -31.27
CA ARG H 208 17.56 -18.78 -30.62
C ARG H 208 17.47 -18.65 -29.10
N ILE H 209 17.91 -17.53 -28.49
CA ILE H 209 17.82 -17.35 -27.01
C ILE H 209 16.75 -16.30 -26.69
N LEU H 210 15.89 -15.98 -27.65
CA LEU H 210 14.70 -15.14 -27.41
C LEU H 210 13.47 -16.04 -27.32
N ASN H 211 12.57 -15.71 -26.40
CA ASN H 211 11.16 -16.19 -26.39
C ASN H 211 10.54 -15.76 -27.72
N ASP H 212 9.37 -16.33 -28.02
CA ASP H 212 8.68 -16.25 -29.33
C ASP H 212 8.23 -14.81 -29.61
N ASP H 213 8.00 -14.02 -28.55
CA ASP H 213 7.60 -12.59 -28.65
C ASP H 213 8.77 -11.68 -28.22
N GLY H 214 10.02 -12.17 -28.34
CA GLY H 214 11.22 -11.47 -27.85
C GLY H 214 11.59 -10.26 -28.69
N VAL H 215 12.39 -9.34 -28.11
CA VAL H 215 12.94 -8.17 -28.86
C VAL H 215 14.43 -8.01 -28.57
N VAL H 216 15.18 -7.70 -29.63
CA VAL H 216 16.61 -7.34 -29.56
C VAL H 216 16.73 -5.86 -29.89
N VAL H 217 17.63 -5.17 -29.18
CA VAL H 217 18.03 -3.82 -29.65
C VAL H 217 19.56 -3.77 -29.59
N THR H 218 20.17 -3.12 -30.57
CA THR H 218 21.62 -2.85 -30.56
C THR H 218 21.90 -1.40 -30.99
N GLN H 219 22.98 -0.81 -30.46
CA GLN H 219 23.56 0.41 -31.04
C GLN H 219 24.26 -0.08 -32.31
N ALA H 220 24.25 0.74 -33.38
CA ALA H 220 24.79 0.35 -34.70
C ALA H 220 25.72 1.43 -35.25
N GLY H 221 26.38 2.17 -34.36
CA GLY H 221 27.37 3.20 -34.73
C GLY H 221 26.68 4.46 -35.26
N ASN H 222 26.97 4.85 -36.50
CA ASN H 222 26.42 6.09 -37.09
C ASN H 222 26.26 5.94 -38.60
N SER H 223 25.05 6.19 -39.09
CA SER H 223 24.59 5.98 -40.48
C SER H 223 25.17 7.08 -41.37
N PHE H 224 25.46 8.26 -40.82
CA PHE H 224 25.95 9.42 -41.59
C PHE H 224 27.44 9.24 -41.90
N TYR H 225 28.26 8.97 -40.87
CA TYR H 225 29.72 8.89 -41.01
C TYR H 225 30.12 7.46 -41.37
N PHE H 226 29.40 6.43 -40.92
CA PHE H 226 29.79 5.02 -41.17
C PHE H 226 28.64 4.22 -41.77
N PRO H 227 28.18 4.60 -42.98
CA PRO H 227 27.00 3.99 -43.57
C PRO H 227 27.20 2.49 -43.87
N ALA H 228 28.38 2.10 -44.34
CA ALA H 228 28.64 0.69 -44.74
C ALA H 228 28.53 -0.20 -43.50
N GLU H 229 29.16 0.18 -42.39
CA GLU H 229 29.12 -0.63 -41.16
C GLU H 229 27.69 -0.63 -40.61
N TYR H 230 27.00 0.50 -40.69
CA TYR H 230 25.60 0.60 -40.23
C TYR H 230 24.73 -0.38 -41.02
N ASP H 231 24.84 -0.33 -42.35
CA ASP H 231 24.04 -1.15 -43.29
C ASP H 231 24.32 -2.65 -43.04
N MET H 232 25.56 -3.05 -42.74
CA MET H 232 25.92 -4.46 -42.45
C MET H 232 25.13 -4.93 -41.23
N VAL H 233 25.06 -4.11 -40.19
CA VAL H 233 24.34 -4.50 -38.95
C VAL H 233 22.87 -4.61 -39.29
N LEU H 234 22.32 -3.63 -40.03
CA LEU H 234 20.88 -3.56 -40.38
C LEU H 234 20.49 -4.83 -41.15
N GLU H 235 21.28 -5.24 -42.17
CA GLU H 235 21.00 -6.43 -43.00
C GLU H 235 21.00 -7.69 -42.12
N GLY H 236 21.93 -7.76 -41.16
CA GLY H 236 22.03 -8.86 -40.17
C GLY H 236 20.75 -9.00 -39.35
N VAL H 237 20.19 -7.88 -38.89
CA VAL H 237 18.94 -7.86 -38.08
C VAL H 237 17.75 -8.20 -38.99
N LYS H 238 17.68 -7.60 -40.18
CA LYS H 238 16.54 -7.79 -41.12
C LYS H 238 16.46 -9.25 -41.58
N ALA H 239 17.59 -9.96 -41.66
CA ALA H 239 17.63 -11.36 -42.12
C ALA H 239 17.08 -12.28 -41.03
N ASN H 240 16.96 -11.81 -39.78
CA ASN H 240 16.62 -12.69 -38.65
C ASN H 240 15.33 -12.27 -37.97
N PHE H 241 14.83 -11.06 -38.21
CA PHE H 241 13.66 -10.51 -37.50
C PHE H 241 12.71 -9.89 -38.50
N PRO H 242 11.39 -10.18 -38.38
CA PRO H 242 10.39 -9.66 -39.32
C PRO H 242 9.99 -8.20 -39.09
N ILE H 243 10.13 -7.71 -37.86
CA ILE H 243 9.86 -6.28 -37.49
C ILE H 243 11.20 -5.63 -37.10
N VAL H 244 11.56 -4.55 -37.79
CA VAL H 244 12.84 -3.83 -37.56
C VAL H 244 12.54 -2.33 -37.55
N ALA H 245 12.89 -1.66 -36.45
CA ALA H 245 12.80 -0.18 -36.34
C ALA H 245 14.21 0.39 -36.21
N GLU H 246 14.42 1.51 -36.88
CA GLU H 246 15.69 2.26 -36.92
C GLU H 246 15.41 3.61 -36.31
N TYR H 247 16.23 4.07 -35.37
CA TYR H 247 16.05 5.41 -34.77
C TYR H 247 17.41 5.91 -34.31
N GLU H 248 17.51 7.21 -34.04
CA GLU H 248 18.83 7.78 -33.68
C GLU H 248 18.61 8.86 -32.63
N VAL H 249 19.67 9.19 -31.88
CA VAL H 249 19.60 10.35 -30.93
C VAL H 249 20.96 11.02 -30.92
N TRP H 250 20.98 12.33 -30.97
CA TRP H 250 22.21 13.13 -30.84
C TRP H 250 22.78 12.91 -29.45
N ILE H 251 24.01 12.45 -29.37
CA ILE H 251 24.78 12.39 -28.08
C ILE H 251 25.94 13.38 -28.21
N PRO H 252 25.85 14.56 -27.58
CA PRO H 252 26.88 15.57 -27.78
C PRO H 252 28.31 15.06 -27.57
N SER H 253 28.56 14.28 -26.52
CA SER H 253 29.93 13.83 -26.15
C SER H 253 30.48 12.87 -27.24
N PHE H 254 29.62 12.30 -28.07
CA PHE H 254 30.06 11.42 -29.19
C PHE H 254 30.41 12.20 -30.45
N GLY H 255 29.85 13.41 -30.61
CA GLY H 255 29.94 14.18 -31.87
C GLY H 255 28.98 13.70 -32.94
N TYR H 256 28.00 12.85 -32.61
CA TYR H 256 27.03 12.35 -33.60
C TYR H 256 25.76 11.80 -32.95
N ALA H 257 24.74 11.59 -33.79
CA ALA H 257 23.47 10.93 -33.45
C ALA H 257 23.71 9.42 -33.54
N VAL H 258 23.72 8.74 -32.41
CA VAL H 258 23.94 7.27 -32.38
C VAL H 258 22.74 6.62 -33.04
N ASN H 259 22.97 5.61 -33.85
CA ASN H 259 21.90 4.81 -34.50
C ASN H 259 21.61 3.56 -33.67
N PHE H 260 20.33 3.27 -33.50
CA PHE H 260 19.80 2.05 -32.84
C PHE H 260 18.96 1.27 -33.82
N ILE H 261 19.05 -0.06 -33.70
CA ILE H 261 18.26 -1.01 -34.53
C ILE H 261 17.59 -1.95 -33.55
N LEU H 262 16.27 -2.00 -33.62
CA LEU H 262 15.38 -2.83 -32.78
C LEU H 262 14.77 -3.91 -33.66
N GLY H 263 14.97 -5.17 -33.29
CA GLY H 263 14.40 -6.36 -33.98
C GLY H 263 13.38 -7.01 -33.09
N SER H 264 12.18 -7.23 -33.61
CA SER H 264 11.03 -7.77 -32.84
C SER H 264 10.42 -8.96 -33.58
N LEU H 265 9.99 -9.95 -32.80
CA LEU H 265 9.38 -11.20 -33.32
C LEU H 265 7.85 -11.03 -33.43
N ARG H 266 7.22 -10.16 -32.60
CA ARG H 266 5.74 -10.02 -32.56
C ARG H 266 5.30 -8.55 -32.51
N TYR H 267 5.79 -7.78 -31.53
CA TYR H 267 5.26 -6.43 -31.22
C TYR H 267 6.04 -5.37 -32.01
N ASP H 268 5.30 -4.42 -32.57
CA ASP H 268 5.84 -3.36 -33.44
C ASP H 268 5.90 -2.07 -32.62
N PRO H 269 7.10 -1.52 -32.38
CA PRO H 269 7.24 -0.29 -31.60
C PRO H 269 6.54 0.89 -32.29
N HIS H 270 6.36 0.84 -33.61
CA HIS H 270 5.68 1.92 -34.38
C HIS H 270 4.20 1.98 -33.99
N ALA H 271 3.63 0.90 -33.44
CA ALA H 271 2.19 0.79 -33.14
C ALA H 271 1.86 1.41 -31.78
N LEU H 272 2.86 1.66 -30.93
CA LEU H 272 2.63 2.24 -29.57
C LEU H 272 2.27 3.72 -29.72
N THR H 273 1.25 4.18 -29.01
CA THR H 273 0.90 5.61 -28.85
C THR H 273 1.68 6.15 -27.66
N PRO H 274 1.88 7.48 -27.60
CA PRO H 274 2.44 8.09 -26.40
C PRO H 274 1.76 7.64 -25.11
N SER H 275 0.43 7.56 -25.11
CA SER H 275 -0.39 7.22 -23.91
C SER H 275 -0.06 5.80 -23.47
N GLU H 276 0.04 4.86 -24.42
CA GLU H 276 0.36 3.45 -24.10
C GLU H 276 1.76 3.40 -23.50
N VAL H 277 2.72 4.13 -24.10
CA VAL H 277 4.11 4.12 -23.55
C VAL H 277 4.07 4.67 -22.12
N ASP H 278 3.45 5.83 -21.93
CA ASP H 278 3.46 6.54 -20.62
C ASP H 278 2.74 5.67 -19.57
N GLU H 279 1.72 4.91 -19.97
CA GLU H 279 0.96 4.03 -19.04
C GLU H 279 1.86 2.86 -18.65
N ARG H 280 2.61 2.28 -19.59
CA ARG H 280 3.53 1.17 -19.23
C ARG H 280 4.61 1.68 -18.28
N LEU H 281 5.16 2.87 -18.53
CA LEU H 281 6.23 3.44 -17.66
C LEU H 281 5.66 3.61 -16.25
N ARG H 282 4.46 4.17 -16.17
CA ARG H 282 3.80 4.49 -14.87
C ARG H 282 3.54 3.15 -14.15
N ALA H 283 2.93 2.18 -14.83
CA ALA H 283 2.54 0.89 -14.24
C ALA H 283 3.81 0.17 -13.74
N ARG H 284 4.94 0.36 -14.42
CA ARG H 284 6.17 -0.41 -14.11
C ARG H 284 7.08 0.34 -13.15
N GLY H 285 6.72 1.56 -12.74
CA GLY H 285 7.51 2.35 -11.79
C GLY H 285 8.76 2.95 -12.42
N VAL H 286 8.76 3.14 -13.74
CA VAL H 286 9.96 3.63 -14.50
C VAL H 286 10.00 5.15 -14.46
N LYS H 287 11.02 5.70 -13.79
CA LYS H 287 11.31 7.16 -13.80
C LYS H 287 12.49 7.40 -14.76
N THR H 288 12.38 8.40 -15.62
CA THR H 288 13.39 8.74 -16.64
C THR H 288 13.68 10.23 -16.61
N ALA H 289 14.86 10.62 -17.10
CA ALA H 289 15.25 12.03 -17.33
C ALA H 289 14.81 12.46 -18.73
N PHE H 290 14.57 11.54 -19.66
CA PHE H 290 14.41 11.89 -21.10
C PHE H 290 13.24 11.15 -21.72
N TYR H 291 13.29 9.81 -21.73
CA TYR H 291 12.32 8.98 -22.48
C TYR H 291 10.89 9.14 -21.92
N THR H 292 9.95 9.37 -22.84
CA THR H 292 8.50 9.48 -22.64
C THR H 292 7.78 8.95 -23.88
N GLY H 293 6.46 8.89 -23.82
CA GLY H 293 5.64 8.50 -24.97
C GLY H 293 5.89 9.39 -26.16
N ARG H 294 6.03 10.70 -25.94
CA ARG H 294 6.26 11.64 -27.06
C ARG H 294 7.65 11.40 -27.66
N VAL H 295 8.65 11.16 -26.81
CA VAL H 295 10.01 10.82 -27.33
C VAL H 295 9.85 9.58 -28.20
N HIS H 296 9.18 8.57 -27.69
CA HIS H 296 8.98 7.30 -28.42
C HIS H 296 8.40 7.60 -29.81
N LEU H 297 7.36 8.41 -29.87
CA LEU H 297 6.68 8.78 -31.14
C LEU H 297 7.70 9.46 -32.07
N ALA H 298 8.49 10.38 -31.54
CA ALA H 298 9.51 11.12 -32.34
C ALA H 298 10.55 10.13 -32.88
N LEU H 299 11.04 9.21 -32.05
CA LEU H 299 12.08 8.23 -32.48
C LEU H 299 11.52 7.38 -33.61
N MET H 300 10.23 7.01 -33.54
CA MET H 300 9.61 6.12 -34.53
C MET H 300 9.33 6.88 -35.85
N ASN H 301 9.41 8.20 -35.85
CA ASN H 301 8.98 9.03 -37.02
C ASN H 301 10.15 9.81 -37.63
N MET H 302 11.26 9.94 -36.93
CA MET H 302 12.44 10.72 -37.45
C MET H 302 13.26 9.78 -38.31
N PRO H 303 13.43 10.07 -39.63
CA PRO H 303 14.33 9.27 -40.45
C PRO H 303 15.76 9.46 -39.97
N ILE H 304 16.61 8.48 -40.25
CA ILE H 304 18.04 8.53 -39.80
C ILE H 304 18.80 9.40 -40.80
N HIS H 305 19.89 9.99 -40.35
CA HIS H 305 20.76 10.88 -41.14
C HIS H 305 21.61 10.06 -42.10
N ARG H 306 21.72 10.56 -43.32
CA ARG H 306 22.64 10.12 -44.37
C ARG H 306 23.25 11.38 -44.98
N LYS H 307 24.38 11.24 -45.64
CA LYS H 307 24.96 12.30 -46.50
C LYS H 307 23.99 12.48 -47.67
N LEU H 308 23.55 13.70 -47.90
CA LEU H 308 22.48 14.01 -48.87
C LEU H 308 23.10 14.36 -50.22
N ARG H 309 24.39 14.67 -50.26
CA ARG H 309 25.16 14.89 -51.51
C ARG H 309 26.56 14.30 -51.32
N VAL I 24 -45.16 -28.66 -48.51
CA VAL I 24 -45.93 -28.16 -47.32
C VAL I 24 -45.58 -28.98 -46.08
N PRO I 25 -45.20 -28.29 -44.96
CA PRO I 25 -44.82 -28.92 -43.70
C PRO I 25 -45.99 -29.56 -42.95
N GLY I 26 -45.86 -30.82 -42.60
CA GLY I 26 -46.94 -31.59 -41.97
C GLY I 26 -46.46 -32.99 -41.70
N PRO I 27 -47.36 -33.94 -41.39
CA PRO I 27 -48.81 -33.70 -41.44
C PRO I 27 -49.43 -32.84 -40.33
N ILE I 28 -48.78 -32.76 -39.18
CA ILE I 28 -49.25 -31.92 -38.04
C ILE I 28 -48.49 -30.62 -38.10
N THR I 29 -49.24 -29.53 -38.09
CA THR I 29 -48.74 -28.19 -38.43
C THR I 29 -49.25 -27.20 -37.39
N LEU I 30 -48.37 -26.26 -37.01
CA LEU I 30 -48.77 -25.05 -36.29
C LEU I 30 -48.97 -23.97 -37.33
N ILE I 31 -50.11 -23.32 -37.32
CA ILE I 31 -50.34 -22.08 -38.10
C ILE I 31 -50.06 -20.92 -37.15
N GLU I 32 -48.85 -20.37 -37.26
CA GLU I 32 -48.42 -19.24 -36.41
C GLU I 32 -48.77 -17.97 -37.15
N PRO I 33 -49.61 -17.09 -36.57
CA PRO I 33 -49.91 -15.83 -37.22
C PRO I 33 -48.61 -15.05 -37.20
N LEU I 34 -48.43 -14.20 -38.18
CA LEU I 34 -47.26 -13.31 -38.17
C LEU I 34 -47.87 -11.92 -38.23
N SER I 35 -48.42 -11.55 -39.38
CA SER I 35 -48.90 -10.18 -39.64
C SER I 35 -50.41 -10.17 -39.85
N GLY I 36 -51.06 -11.34 -39.97
CA GLY I 36 -52.46 -11.35 -40.47
C GLY I 36 -52.51 -11.54 -41.98
N ASN I 37 -51.57 -10.98 -42.74
CA ASN I 37 -51.52 -11.19 -44.21
C ASN I 37 -50.39 -12.14 -44.57
N THR I 38 -49.60 -12.52 -43.58
CA THR I 38 -48.56 -13.57 -43.69
C THR I 38 -48.70 -14.44 -42.44
N SER I 39 -48.61 -15.76 -42.59
CA SER I 39 -48.55 -16.70 -41.45
C SER I 39 -47.43 -17.69 -41.70
N LEU I 40 -46.97 -18.34 -40.64
CA LEU I 40 -45.99 -19.43 -40.76
C LEU I 40 -46.73 -20.76 -40.64
N LEU I 41 -46.35 -21.73 -41.46
CA LEU I 41 -46.75 -23.14 -41.30
C LEU I 41 -45.55 -23.88 -40.75
N ILE I 42 -45.67 -24.40 -39.54
CA ILE I 42 -44.52 -25.03 -38.84
C ILE I 42 -44.85 -26.49 -38.54
N LYS I 43 -44.03 -27.41 -39.01
CA LYS I 43 -44.19 -28.85 -38.73
C LYS I 43 -44.00 -29.08 -37.22
N ILE I 44 -44.96 -29.77 -36.60
CA ILE I 44 -45.01 -30.22 -35.19
C ILE I 44 -44.68 -31.72 -35.17
N ASN I 45 -43.77 -32.14 -34.34
CA ASN I 45 -43.42 -33.58 -34.15
C ASN I 45 -44.21 -34.14 -32.98
N ALA I 46 -44.54 -33.34 -31.98
CA ALA I 46 -45.24 -33.84 -30.77
C ALA I 46 -45.85 -32.67 -30.02
N ILE I 47 -46.96 -32.94 -29.35
CA ILE I 47 -47.59 -31.99 -28.41
C ILE I 47 -47.39 -32.52 -27.00
N HIS I 48 -46.74 -31.72 -26.16
CA HIS I 48 -46.41 -32.12 -24.77
C HIS I 48 -47.55 -31.77 -23.85
N SER I 49 -48.13 -30.59 -24.01
CA SER I 49 -49.20 -30.10 -23.11
C SER I 49 -50.04 -29.08 -23.84
N VAL I 50 -51.34 -29.10 -23.57
CA VAL I 50 -52.30 -28.04 -23.96
C VAL I 50 -53.04 -27.65 -22.67
N LYS I 51 -53.09 -26.37 -22.35
CA LYS I 51 -53.77 -25.90 -21.13
C LYS I 51 -54.47 -24.59 -21.46
N LYS I 52 -55.79 -24.57 -21.35
CA LYS I 52 -56.58 -23.32 -21.33
C LYS I 52 -56.47 -22.76 -19.91
N SER I 53 -55.63 -21.75 -19.70
CA SER I 53 -55.52 -21.06 -18.39
C SER I 53 -56.60 -20.00 -18.37
N PRO I 54 -56.89 -19.37 -17.22
CA PRO I 54 -57.85 -18.26 -17.22
C PRO I 54 -57.37 -17.07 -18.07
N TYR I 55 -56.07 -16.97 -18.33
CA TYR I 55 -55.49 -15.80 -19.04
C TYR I 55 -55.30 -16.08 -20.53
N GLN I 56 -54.93 -17.29 -20.91
CA GLN I 56 -54.46 -17.54 -22.29
C GLN I 56 -54.41 -19.04 -22.56
N GLU I 57 -54.39 -19.40 -23.83
CA GLU I 57 -54.24 -20.81 -24.26
C GLU I 57 -52.75 -21.12 -24.36
N ILE I 58 -52.30 -22.16 -23.68
CA ILE I 58 -50.89 -22.56 -23.57
C ILE I 58 -50.69 -23.84 -24.37
N ILE I 59 -49.72 -23.87 -25.27
CA ILE I 59 -49.30 -25.14 -25.92
C ILE I 59 -47.81 -25.27 -25.76
N ILE I 60 -47.37 -26.44 -25.32
CA ILE I 60 -45.94 -26.82 -25.39
C ILE I 60 -45.83 -27.96 -26.39
N ALA I 61 -44.98 -27.77 -27.40
CA ALA I 61 -44.89 -28.69 -28.55
C ALA I 61 -43.43 -28.84 -28.96
N ASP I 62 -43.14 -29.86 -29.73
CA ASP I 62 -41.83 -30.07 -30.38
C ASP I 62 -42.03 -29.71 -31.85
N THR I 63 -41.24 -28.79 -32.38
CA THR I 63 -41.22 -28.44 -33.81
C THR I 63 -39.97 -29.04 -34.43
N GLU I 64 -40.06 -29.44 -35.68
CA GLU I 64 -38.91 -29.99 -36.41
C GLU I 64 -37.85 -28.91 -36.54
N ASP I 65 -38.21 -27.67 -36.91
CA ASP I 65 -37.18 -26.63 -37.19
C ASP I 65 -36.60 -26.08 -35.88
N TYR I 66 -37.43 -25.89 -34.86
CA TYR I 66 -37.06 -25.03 -33.71
C TYR I 66 -36.96 -25.83 -32.41
N GLY I 67 -37.15 -27.13 -32.45
CA GLY I 67 -37.26 -27.98 -31.26
C GLY I 67 -38.45 -27.55 -30.40
N ARG I 68 -38.33 -27.70 -29.10
CA ARG I 68 -39.44 -27.47 -28.15
C ARG I 68 -39.80 -25.98 -28.10
N VAL I 69 -41.10 -25.68 -28.08
CA VAL I 69 -41.61 -24.28 -28.11
C VAL I 69 -42.65 -24.09 -27.02
N LEU I 70 -42.73 -22.87 -26.53
CA LEU I 70 -43.91 -22.38 -25.78
C LEU I 70 -44.73 -21.53 -26.72
N ILE I 71 -46.03 -21.82 -26.81
CA ILE I 71 -47.01 -21.06 -27.63
C ILE I 71 -48.06 -20.50 -26.69
N LEU I 72 -48.38 -19.20 -26.80
CA LEU I 72 -49.46 -18.56 -26.02
C LEU I 72 -50.39 -17.89 -27.00
N ASP I 73 -51.67 -18.26 -26.98
CA ASP I 73 -52.71 -17.71 -27.89
C ASP I 73 -52.20 -17.75 -29.33
N ASP I 74 -51.55 -18.85 -29.74
CA ASP I 74 -51.13 -19.13 -31.15
C ASP I 74 -49.74 -18.56 -31.47
N TYR I 75 -49.17 -17.71 -30.63
CA TYR I 75 -47.86 -17.06 -30.89
C TYR I 75 -46.73 -17.80 -30.17
N ILE I 76 -45.72 -18.22 -30.92
CA ILE I 76 -44.48 -18.79 -30.31
C ILE I 76 -43.85 -17.70 -29.43
N GLN I 77 -43.53 -18.07 -28.20
CA GLN I 77 -42.90 -17.17 -27.21
C GLN I 77 -41.41 -17.44 -27.22
N SER I 78 -40.99 -18.67 -27.47
CA SER I 78 -39.59 -19.11 -27.32
C SER I 78 -39.43 -20.49 -27.92
N SER I 79 -38.27 -20.80 -28.45
CA SER I 79 -37.92 -22.15 -28.97
C SER I 79 -36.57 -22.54 -28.42
N TYR I 80 -36.34 -23.82 -28.23
CA TYR I 80 -35.02 -24.36 -27.82
C TYR I 80 -33.92 -23.88 -28.79
N VAL I 81 -34.13 -23.82 -30.09
CA VAL I 81 -32.98 -23.57 -31.01
C VAL I 81 -32.62 -22.09 -31.07
N ASP I 82 -33.52 -21.17 -30.73
CA ASP I 82 -33.21 -19.74 -30.91
C ASP I 82 -33.62 -18.86 -29.71
N GLU I 83 -34.08 -19.41 -28.61
CA GLU I 83 -34.49 -18.57 -27.47
C GLU I 83 -33.28 -17.79 -26.95
N GLN I 84 -32.06 -18.31 -27.05
CA GLN I 84 -30.87 -17.64 -26.50
C GLN I 84 -30.63 -16.33 -27.25
N TYR I 85 -30.93 -16.27 -28.54
CA TYR I 85 -30.87 -15.01 -29.30
C TYR I 85 -31.81 -13.97 -28.68
N TYR I 86 -33.03 -14.41 -28.34
CA TYR I 86 -34.07 -13.53 -27.79
C TYR I 86 -33.64 -13.10 -26.38
N HIS I 87 -33.40 -14.05 -25.49
CA HIS I 87 -33.23 -13.76 -24.05
C HIS I 87 -31.91 -13.03 -23.82
N GLU I 88 -30.85 -13.40 -24.53
CA GLU I 88 -29.55 -12.70 -24.36
C GLU I 88 -29.67 -11.26 -24.86
N SER I 89 -30.37 -11.02 -25.95
CA SER I 89 -30.56 -9.69 -26.58
C SER I 89 -31.47 -8.84 -25.69
N LEU I 90 -32.42 -9.47 -25.03
CA LEU I 90 -33.39 -8.75 -24.17
C LEU I 90 -32.67 -8.27 -22.91
N VAL I 91 -31.79 -9.11 -22.36
CA VAL I 91 -31.27 -8.91 -20.97
C VAL I 91 -29.92 -8.22 -20.98
N HIS I 92 -28.94 -8.72 -21.73
CA HIS I 92 -27.51 -8.39 -21.46
C HIS I 92 -27.18 -6.96 -21.84
N PRO I 93 -27.70 -6.35 -22.94
CA PRO I 93 -27.36 -4.96 -23.22
C PRO I 93 -27.75 -4.04 -22.04
N ALA I 94 -28.92 -4.18 -21.48
CA ALA I 94 -29.36 -3.39 -20.29
C ALA I 94 -28.47 -3.70 -19.09
N MET I 95 -28.25 -4.97 -18.79
CA MET I 95 -27.52 -5.41 -17.59
C MET I 95 -26.06 -4.96 -17.70
N ALA I 96 -25.48 -5.03 -18.89
CA ALA I 96 -24.06 -4.67 -19.15
C ALA I 96 -23.92 -3.15 -19.11
N THR I 97 -24.97 -2.41 -19.48
CA THR I 97 -24.98 -0.93 -19.46
C THR I 97 -24.99 -0.44 -18.02
N HIS I 98 -25.68 -1.13 -17.12
CA HIS I 98 -25.69 -0.75 -15.70
C HIS I 98 -24.36 -1.17 -15.09
N PRO I 99 -23.65 -0.26 -14.42
CA PRO I 99 -22.31 -0.56 -13.89
C PRO I 99 -22.32 -1.54 -12.71
N ASN I 100 -23.45 -1.65 -11.99
CA ASN I 100 -23.55 -2.55 -10.81
C ASN I 100 -25.02 -2.88 -10.55
N PRO I 101 -25.65 -3.72 -11.41
CA PRO I 101 -27.06 -4.08 -11.24
C PRO I 101 -27.21 -5.10 -10.11
N ARG I 102 -27.82 -4.68 -9.00
CA ARG I 102 -27.92 -5.51 -7.76
C ARG I 102 -29.34 -6.04 -7.61
N ASP I 103 -30.34 -5.18 -7.89
CA ASP I 103 -31.79 -5.45 -7.76
C ASP I 103 -32.43 -5.43 -9.14
N VAL I 104 -32.94 -6.57 -9.57
CA VAL I 104 -33.54 -6.75 -10.92
C VAL I 104 -35.00 -7.16 -10.77
N LEU I 105 -35.87 -6.47 -11.52
CA LEU I 105 -37.30 -6.84 -11.66
C LEU I 105 -37.55 -7.29 -13.11
N ILE I 106 -38.18 -8.45 -13.25
CA ILE I 106 -38.67 -9.00 -14.55
C ILE I 106 -40.19 -9.05 -14.52
N LEU I 107 -40.83 -8.42 -15.50
CA LEU I 107 -42.28 -8.55 -15.71
C LEU I 107 -42.51 -9.53 -16.87
N GLY I 108 -43.19 -10.64 -16.59
CA GLY I 108 -43.41 -11.75 -17.54
C GLY I 108 -42.28 -12.72 -17.44
N GLY I 109 -41.73 -13.16 -18.57
CA GLY I 109 -40.61 -14.14 -18.58
C GLY I 109 -41.03 -15.48 -18.04
N GLY I 110 -42.28 -15.91 -18.32
CA GLY I 110 -42.89 -17.11 -17.73
C GLY I 110 -42.04 -18.37 -17.84
N GLU I 111 -41.23 -18.53 -18.89
CA GLU I 111 -40.46 -19.79 -19.10
C GLU I 111 -39.20 -19.78 -18.24
N GLY I 112 -38.81 -18.63 -17.71
CA GLY I 112 -37.70 -18.53 -16.73
C GLY I 112 -36.36 -18.28 -17.40
N ALA I 113 -36.29 -18.08 -18.72
CA ALA I 113 -35.02 -17.85 -19.43
C ALA I 113 -34.54 -16.41 -19.24
N THR I 114 -35.44 -15.44 -19.16
CA THR I 114 -35.10 -14.03 -18.84
C THR I 114 -34.39 -14.00 -17.47
N LEU I 115 -35.01 -14.65 -16.49
CA LEU I 115 -34.44 -14.78 -15.12
C LEU I 115 -33.09 -15.47 -15.20
N ARG I 116 -32.98 -16.56 -15.95
CA ARG I 116 -31.70 -17.30 -16.11
C ARG I 116 -30.61 -16.34 -16.58
N GLU I 117 -30.89 -15.52 -17.59
CA GLU I 117 -29.85 -14.60 -18.16
C GLU I 117 -29.51 -13.53 -17.10
N ALA I 118 -30.49 -12.95 -16.43
CA ALA I 118 -30.24 -11.87 -15.45
C ALA I 118 -29.37 -12.40 -14.30
N LEU I 119 -29.65 -13.62 -13.82
CA LEU I 119 -28.94 -14.22 -12.66
C LEU I 119 -27.49 -14.47 -12.99
N LYS I 120 -27.11 -14.54 -14.26
CA LYS I 120 -25.69 -14.81 -14.63
C LYS I 120 -24.80 -13.67 -14.12
N HIS I 121 -25.32 -12.45 -14.00
CA HIS I 121 -24.55 -11.28 -13.55
C HIS I 121 -24.26 -11.45 -12.05
N GLY I 122 -22.99 -11.64 -11.68
CA GLY I 122 -22.55 -11.85 -10.30
C GLY I 122 -22.89 -10.67 -9.40
N THR I 123 -23.19 -9.50 -9.95
CA THR I 123 -23.56 -8.30 -9.16
C THR I 123 -24.98 -8.44 -8.61
N VAL I 124 -25.79 -9.30 -9.22
CA VAL I 124 -27.23 -9.42 -8.84
C VAL I 124 -27.32 -10.09 -7.47
N LYS I 125 -28.02 -9.45 -6.53
CA LYS I 125 -28.27 -9.99 -5.17
C LYS I 125 -29.73 -10.43 -5.07
N ARG I 126 -30.63 -9.72 -5.74
CA ARG I 126 -32.09 -9.95 -5.70
C ARG I 126 -32.67 -9.80 -7.12
N ALA I 127 -33.31 -10.85 -7.60
CA ALA I 127 -34.08 -10.87 -8.87
C ALA I 127 -35.51 -11.25 -8.56
N VAL I 128 -36.45 -10.38 -8.85
CA VAL I 128 -37.90 -10.68 -8.72
C VAL I 128 -38.48 -10.85 -10.13
N MET I 129 -39.20 -11.94 -10.35
CA MET I 129 -39.91 -12.24 -11.61
C MET I 129 -41.41 -12.27 -11.30
N VAL I 130 -42.19 -11.49 -12.02
CA VAL I 130 -43.65 -11.34 -11.82
C VAL I 130 -44.38 -11.75 -13.10
N ASP I 131 -45.03 -12.91 -13.09
CA ASP I 131 -45.88 -13.35 -14.22
C ASP I 131 -47.32 -13.51 -13.73
N ILE I 132 -48.28 -13.12 -14.54
CA ILE I 132 -49.72 -13.17 -14.17
C ILE I 132 -50.21 -14.63 -14.16
N ASP I 133 -49.51 -15.57 -14.82
CA ASP I 133 -50.09 -16.88 -15.18
C ASP I 133 -49.27 -18.01 -14.55
N ARG I 134 -49.76 -18.57 -13.44
CA ARG I 134 -49.09 -19.67 -12.71
C ARG I 134 -48.95 -20.89 -13.64
N ASP I 135 -49.88 -21.10 -14.57
CA ASP I 135 -49.82 -22.29 -15.46
C ASP I 135 -48.61 -22.19 -16.41
N VAL I 136 -48.27 -20.98 -16.88
CA VAL I 136 -47.11 -20.82 -17.79
C VAL I 136 -45.86 -21.22 -17.02
N VAL I 137 -45.72 -20.70 -15.81
CA VAL I 137 -44.52 -20.97 -14.97
C VAL I 137 -44.45 -22.45 -14.68
N GLU I 138 -45.54 -23.07 -14.24
CA GLU I 138 -45.47 -24.47 -13.77
C GLU I 138 -45.27 -25.39 -14.99
N LEU I 139 -45.89 -25.08 -16.12
CA LEU I 139 -45.71 -25.94 -17.32
C LEU I 139 -44.30 -25.76 -17.87
N SER I 140 -43.73 -24.56 -17.77
CA SER I 140 -42.34 -24.26 -18.19
C SER I 140 -41.35 -24.99 -17.27
N ARG I 141 -41.60 -24.95 -15.96
CA ARG I 141 -40.76 -25.68 -14.97
C ARG I 141 -40.68 -27.15 -15.41
N ALA I 142 -41.81 -27.77 -15.75
CA ALA I 142 -41.85 -29.23 -16.07
C ALA I 142 -41.34 -29.50 -17.48
N TYR I 143 -41.82 -28.79 -18.48
CA TYR I 143 -41.64 -29.19 -19.91
C TYR I 143 -40.54 -28.41 -20.60
N LEU I 144 -40.03 -27.33 -20.02
CA LEU I 144 -39.00 -26.47 -20.68
C LEU I 144 -37.80 -26.28 -19.77
N PRO I 145 -37.18 -27.37 -19.27
CA PRO I 145 -36.04 -27.25 -18.36
C PRO I 145 -34.83 -26.56 -18.98
N GLN I 146 -34.62 -26.64 -20.29
CA GLN I 146 -33.44 -25.99 -20.91
C GLN I 146 -33.68 -24.48 -21.00
N MET I 147 -34.89 -24.00 -20.72
CA MET I 147 -35.16 -22.54 -20.65
C MET I 147 -34.76 -22.02 -19.26
N HIS I 148 -35.36 -22.53 -18.19
CA HIS I 148 -35.15 -21.98 -16.83
C HIS I 148 -33.79 -22.43 -16.31
N GLN I 149 -33.36 -23.65 -16.61
CA GLN I 149 -32.09 -24.26 -16.14
C GLN I 149 -31.93 -24.01 -14.63
N GLY I 150 -32.98 -24.18 -13.85
CA GLY I 150 -32.93 -24.09 -12.37
C GLY I 150 -33.15 -22.68 -11.85
N ALA I 151 -33.27 -21.68 -12.73
CA ALA I 151 -33.34 -20.26 -12.34
C ALA I 151 -34.42 -20.04 -11.30
N PHE I 152 -35.55 -20.74 -11.40
CA PHE I 152 -36.71 -20.53 -10.49
C PHE I 152 -36.32 -20.82 -9.04
N ASP I 153 -35.33 -21.70 -8.83
CA ASP I 153 -34.94 -22.19 -7.49
C ASP I 153 -33.64 -21.52 -7.01
N ASP I 154 -33.08 -20.59 -7.77
CA ASP I 154 -31.89 -19.81 -7.31
C ASP I 154 -32.27 -19.04 -6.05
N PRO I 155 -31.44 -19.10 -4.98
CA PRO I 155 -31.73 -18.39 -3.73
C PRO I 155 -31.90 -16.87 -3.93
N ARG I 156 -31.29 -16.29 -4.96
CA ARG I 156 -31.41 -14.84 -5.24
C ARG I 156 -32.74 -14.51 -5.91
N ALA I 157 -33.50 -15.50 -6.39
CA ALA I 157 -34.71 -15.31 -7.21
C ALA I 157 -35.97 -15.43 -6.33
N LYS I 158 -36.95 -14.59 -6.61
CA LYS I 158 -38.32 -14.64 -6.06
C LYS I 158 -39.29 -14.64 -7.27
N VAL I 159 -40.10 -15.68 -7.40
CA VAL I 159 -41.19 -15.77 -8.39
C VAL I 159 -42.49 -15.37 -7.71
N VAL I 160 -43.12 -14.35 -8.26
CA VAL I 160 -44.43 -13.81 -7.81
C VAL I 160 -45.42 -14.02 -8.94
N ILE I 161 -46.56 -14.64 -8.62
CA ILE I 161 -47.71 -14.74 -9.56
C ILE I 161 -48.64 -13.58 -9.27
N GLN I 162 -48.63 -12.60 -10.14
CA GLN I 162 -49.44 -11.37 -10.00
C GLN I 162 -49.44 -10.65 -11.35
N ASP I 163 -50.49 -9.91 -11.63
CA ASP I 163 -50.53 -8.94 -12.73
C ASP I 163 -49.43 -7.92 -12.46
N GLY I 164 -48.55 -7.71 -13.44
CA GLY I 164 -47.41 -6.80 -13.33
C GLY I 164 -47.88 -5.38 -13.08
N PHE I 165 -49.04 -4.98 -13.60
CA PHE I 165 -49.62 -3.64 -13.37
C PHE I 165 -49.83 -3.45 -11.86
N VAL I 166 -50.48 -4.43 -11.23
CA VAL I 166 -50.79 -4.37 -9.78
C VAL I 166 -49.49 -4.39 -9.00
N TYR I 167 -48.53 -5.23 -9.42
CA TYR I 167 -47.27 -5.39 -8.67
C TYR I 167 -46.54 -4.04 -8.65
N VAL I 168 -46.52 -3.35 -9.78
CA VAL I 168 -45.79 -2.05 -9.89
C VAL I 168 -46.53 -1.00 -9.04
N GLU I 169 -47.86 -0.97 -9.02
CA GLU I 169 -48.61 0.00 -8.18
C GLU I 169 -48.24 -0.26 -6.70
N GLU I 170 -48.19 -1.53 -6.28
CA GLU I 170 -47.88 -1.91 -4.88
C GLU I 170 -46.41 -1.62 -4.59
N ALA I 171 -45.52 -1.72 -5.59
CA ALA I 171 -44.07 -1.42 -5.41
C ALA I 171 -43.90 0.09 -5.18
N ILE I 172 -44.69 0.92 -5.84
CA ILE I 172 -44.62 2.40 -5.65
C ILE I 172 -44.98 2.72 -4.19
N LYS I 173 -46.12 2.20 -3.72
CA LYS I 173 -46.64 2.42 -2.35
C LYS I 173 -45.62 1.95 -1.32
N ALA I 174 -44.88 0.86 -1.57
CA ALA I 174 -43.88 0.30 -0.64
C ALA I 174 -42.54 1.05 -0.75
N GLY I 175 -42.49 2.03 -1.66
CA GLY I 175 -41.28 2.67 -2.22
C GLY I 175 -40.15 1.69 -2.56
N ASP I 176 -40.44 0.55 -3.22
CA ASP I 176 -39.40 -0.35 -3.78
C ASP I 176 -38.66 0.35 -4.92
N LYS I 177 -37.38 0.01 -5.09
CA LYS I 177 -36.54 0.54 -6.19
C LYS I 177 -35.64 -0.58 -6.72
N TYR I 178 -35.45 -0.59 -8.05
CA TYR I 178 -34.66 -1.58 -8.79
C TYR I 178 -33.63 -0.86 -9.65
N ASP I 179 -32.55 -1.55 -9.98
CA ASP I 179 -31.48 -1.04 -10.88
C ASP I 179 -31.88 -1.28 -12.33
N VAL I 180 -32.37 -2.47 -12.65
CA VAL I 180 -32.79 -2.85 -14.05
C VAL I 180 -34.18 -3.48 -13.98
N ILE I 181 -35.07 -2.98 -14.82
CA ILE I 181 -36.42 -3.58 -15.03
C ILE I 181 -36.52 -4.10 -16.45
N ILE I 182 -36.83 -5.40 -16.56
CA ILE I 182 -36.88 -6.13 -17.86
C ILE I 182 -38.33 -6.55 -18.06
N MET I 183 -38.95 -6.03 -19.11
CA MET I 183 -40.32 -6.40 -19.52
C MET I 183 -40.25 -7.41 -20.66
N ASP I 184 -40.68 -8.64 -20.37
CA ASP I 184 -40.71 -9.81 -21.26
C ASP I 184 -42.15 -10.30 -21.34
N LEU I 185 -43.03 -9.46 -21.85
CA LEU I 185 -44.48 -9.72 -21.86
C LEU I 185 -44.87 -10.31 -23.22
N THR I 186 -46.10 -10.80 -23.29
CA THR I 186 -46.81 -11.09 -24.56
C THR I 186 -46.88 -9.81 -25.38
N ASP I 187 -47.12 -9.98 -26.68
CA ASP I 187 -46.92 -8.92 -27.69
C ASP I 187 -47.90 -7.79 -27.48
N PRO I 188 -47.43 -6.54 -27.71
CA PRO I 188 -48.25 -5.36 -27.57
C PRO I 188 -49.35 -5.28 -28.64
N TYR I 189 -49.16 -5.95 -29.77
CA TYR I 189 -50.09 -5.87 -30.91
C TYR I 189 -51.19 -6.94 -30.79
N SER I 190 -51.09 -7.85 -29.84
CA SER I 190 -52.04 -8.99 -29.78
C SER I 190 -52.65 -9.20 -28.39
N SER I 191 -51.97 -8.81 -27.32
CA SER I 191 -52.19 -9.35 -25.96
C SER I 191 -53.02 -8.37 -25.13
N ASP I 192 -54.28 -8.68 -24.89
CA ASP I 192 -55.18 -7.89 -24.00
C ASP I 192 -54.58 -7.90 -22.57
N ILE I 193 -54.05 -9.04 -22.11
CA ILE I 193 -53.59 -9.17 -20.71
C ILE I 193 -52.39 -8.25 -20.42
N ALA I 194 -51.62 -7.85 -21.41
CA ALA I 194 -50.39 -7.02 -21.23
C ALA I 194 -50.64 -5.56 -21.61
N LYS I 195 -51.81 -5.19 -22.14
CA LYS I 195 -51.95 -3.90 -22.87
C LYS I 195 -51.69 -2.71 -21.92
N GLN I 196 -52.05 -2.78 -20.66
CA GLN I 196 -51.92 -1.63 -19.72
C GLN I 196 -50.44 -1.42 -19.40
N LEU I 197 -49.57 -2.40 -19.65
CA LEU I 197 -48.14 -2.28 -19.28
C LEU I 197 -47.31 -1.68 -20.42
N TYR I 198 -47.94 -1.27 -21.51
CA TYR I 198 -47.21 -0.74 -22.69
C TYR I 198 -47.49 0.76 -22.90
N THR I 199 -48.12 1.44 -21.94
CA THR I 199 -48.61 2.84 -22.08
C THR I 199 -47.57 3.82 -21.54
N ARG I 200 -47.61 5.07 -22.00
CA ARG I 200 -46.90 6.24 -21.43
C ARG I 200 -47.01 6.22 -19.89
N GLU I 201 -48.22 6.03 -19.41
CA GLU I 201 -48.60 6.12 -17.97
C GLU I 201 -47.85 4.99 -17.25
N PHE I 202 -47.73 3.81 -17.87
CA PHE I 202 -47.08 2.68 -17.20
C PHE I 202 -45.58 2.94 -17.13
N PHE I 203 -45.00 3.56 -18.15
CA PHE I 203 -43.54 3.83 -18.15
C PHE I 203 -43.21 4.89 -17.09
N ALA I 204 -44.15 5.79 -16.80
CA ALA I 204 -44.03 6.78 -15.70
C ALA I 204 -43.97 6.04 -14.36
N LYS I 205 -44.80 5.01 -14.21
CA LYS I 205 -44.82 4.18 -12.98
C LYS I 205 -43.51 3.42 -12.84
N ILE I 206 -42.99 2.91 -13.96
CA ILE I 206 -41.69 2.19 -14.00
C ILE I 206 -40.60 3.15 -13.52
N ARG I 207 -40.58 4.38 -14.02
CA ARG I 207 -39.52 5.34 -13.62
C ARG I 207 -39.52 5.51 -12.09
N ARG I 208 -40.69 5.50 -11.47
CA ARG I 208 -40.85 5.72 -10.01
C ARG I 208 -40.26 4.55 -9.21
N ILE I 209 -40.09 3.36 -9.80
CA ILE I 209 -39.51 2.19 -9.05
C ILE I 209 -38.10 1.88 -9.58
N LEU I 210 -37.51 2.83 -10.29
CA LEU I 210 -36.07 2.74 -10.68
C LEU I 210 -35.25 3.64 -9.75
N ASN I 211 -34.06 3.16 -9.38
CA ASN I 211 -32.97 3.99 -8.83
C ASN I 211 -32.63 5.06 -9.87
N ASP I 212 -31.86 6.06 -9.46
CA ASP I 212 -31.57 7.31 -10.20
C ASP I 212 -30.78 7.00 -11.48
N ASP I 213 -30.02 5.91 -11.48
CA ASP I 213 -29.23 5.44 -12.64
C ASP I 213 -29.85 4.18 -13.24
N GLY I 214 -31.15 3.98 -13.06
CA GLY I 214 -31.85 2.74 -13.45
C GLY I 214 -32.05 2.64 -14.96
N VAL I 215 -32.26 1.41 -15.44
CA VAL I 215 -32.58 1.16 -16.89
C VAL I 215 -33.76 0.21 -17.00
N VAL I 216 -34.64 0.51 -17.94
CA VAL I 216 -35.77 -0.35 -18.35
C VAL I 216 -35.48 -0.87 -19.75
N VAL I 217 -35.80 -2.13 -20.01
CA VAL I 217 -35.79 -2.64 -21.39
C VAL I 217 -37.09 -3.44 -21.56
N THR I 218 -37.71 -3.33 -22.72
CA THR I 218 -38.91 -4.10 -23.08
C THR I 218 -38.79 -4.62 -24.52
N GLN I 219 -39.38 -5.80 -24.79
CA GLN I 219 -39.63 -6.23 -26.17
C GLN I 219 -40.82 -5.36 -26.61
N ALA I 220 -40.86 -4.94 -27.88
CA ALA I 220 -41.87 -4.00 -28.37
C ALA I 220 -42.49 -4.50 -29.68
N GLY I 221 -42.56 -5.82 -29.84
CA GLY I 221 -43.18 -6.47 -31.00
C GLY I 221 -42.28 -6.39 -32.21
N ASN I 222 -42.79 -5.79 -33.29
CA ASN I 222 -42.03 -5.69 -34.56
C ASN I 222 -42.43 -4.40 -35.28
N SER I 223 -41.43 -3.61 -35.62
CA SER I 223 -41.51 -2.26 -36.25
C SER I 223 -41.93 -2.38 -37.71
N PHE I 224 -41.60 -3.49 -38.35
CA PHE I 224 -41.89 -3.69 -39.80
C PHE I 224 -43.36 -4.05 -39.99
N TYR I 225 -43.84 -5.06 -39.28
CA TYR I 225 -45.21 -5.60 -39.43
C TYR I 225 -46.19 -4.82 -38.56
N PHE I 226 -45.77 -4.34 -37.39
CA PHE I 226 -46.69 -3.65 -36.45
C PHE I 226 -46.13 -2.29 -36.05
N PRO I 227 -45.95 -1.38 -37.02
CA PRO I 227 -45.29 -0.09 -36.75
C PRO I 227 -46.09 0.78 -35.76
N ALA I 228 -47.42 0.79 -35.86
CA ALA I 228 -48.27 1.66 -35.02
C ALA I 228 -48.11 1.23 -33.55
N GLU I 229 -48.18 -0.06 -33.27
CA GLU I 229 -48.06 -0.56 -31.87
C GLU I 229 -46.62 -0.33 -31.40
N TYR I 230 -45.63 -0.53 -32.27
CA TYR I 230 -44.21 -0.29 -31.92
C TYR I 230 -44.03 1.19 -31.53
N ASP I 231 -44.52 2.09 -32.36
CA ASP I 231 -44.41 3.57 -32.19
C ASP I 231 -45.08 4.00 -30.87
N MET I 232 -46.22 3.40 -30.51
CA MET I 232 -46.93 3.71 -29.23
C MET I 232 -46.01 3.39 -28.06
N VAL I 233 -45.35 2.23 -28.11
CA VAL I 233 -44.43 1.81 -27.00
C VAL I 233 -43.27 2.81 -26.96
N LEU I 234 -42.70 3.12 -28.13
CA LEU I 234 -41.50 4.00 -28.25
C LEU I 234 -41.82 5.37 -27.65
N GLU I 235 -42.97 5.97 -28.01
CA GLU I 235 -43.37 7.32 -27.52
C GLU I 235 -43.54 7.28 -26.01
N GLY I 236 -44.11 6.20 -25.47
CA GLY I 236 -44.24 5.95 -24.03
C GLY I 236 -42.92 5.99 -23.29
N VAL I 237 -41.90 5.34 -23.85
CA VAL I 237 -40.55 5.29 -23.23
C VAL I 237 -39.87 6.66 -23.40
N LYS I 238 -39.96 7.26 -24.58
CA LYS I 238 -39.30 8.56 -24.87
C LYS I 238 -39.85 9.67 -23.96
N ALA I 239 -41.13 9.59 -23.58
CA ALA I 239 -41.79 10.62 -22.74
C ALA I 239 -41.28 10.51 -21.30
N ASN I 240 -40.66 9.40 -20.92
CA ASN I 240 -40.35 9.13 -19.49
C ASN I 240 -38.86 8.99 -19.24
N PHE I 241 -38.07 8.81 -20.30
CA PHE I 241 -36.63 8.54 -20.15
C PHE I 241 -35.87 9.46 -21.10
N PRO I 242 -34.77 10.08 -20.60
CA PRO I 242 -33.95 10.97 -21.39
C PRO I 242 -32.99 10.27 -22.36
N ILE I 243 -32.63 9.01 -22.09
CA ILE I 243 -31.86 8.15 -23.04
C ILE I 243 -32.77 7.00 -23.47
N VAL I 244 -32.91 6.81 -24.78
CA VAL I 244 -33.68 5.66 -25.37
C VAL I 244 -32.83 5.05 -26.49
N ALA I 245 -32.60 3.74 -26.44
CA ALA I 245 -31.99 2.98 -27.54
C ALA I 245 -33.01 1.99 -28.11
N GLU I 246 -32.95 1.81 -29.42
CA GLU I 246 -33.80 0.88 -30.20
C GLU I 246 -32.88 -0.11 -30.85
N TYR I 247 -33.15 -1.40 -30.75
CA TYR I 247 -32.34 -2.41 -31.47
C TYR I 247 -33.22 -3.62 -31.75
N GLU I 248 -32.78 -4.52 -32.64
CA GLU I 248 -33.65 -5.65 -33.04
C GLU I 248 -32.78 -6.86 -33.29
N VAL I 249 -33.36 -8.05 -33.26
CA VAL I 249 -32.63 -9.30 -33.57
C VAL I 249 -33.58 -10.26 -34.26
N TRP I 250 -33.13 -10.87 -35.34
CA TRP I 250 -33.91 -11.89 -36.06
C TRP I 250 -34.08 -13.09 -35.13
N ILE I 251 -35.32 -13.47 -34.86
CA ILE I 251 -35.64 -14.74 -34.15
C ILE I 251 -36.37 -15.62 -35.15
N PRO I 252 -35.69 -16.63 -35.74
CA PRO I 252 -36.32 -17.44 -36.77
C PRO I 252 -37.71 -17.96 -36.39
N SER I 253 -37.89 -18.48 -35.18
CA SER I 253 -39.14 -19.15 -34.76
C SER I 253 -40.28 -18.13 -34.68
N PHE I 254 -39.98 -16.82 -34.60
CA PHE I 254 -41.01 -15.76 -34.59
C PHE I 254 -41.43 -15.35 -36.00
N GLY I 255 -40.55 -15.55 -37.00
CA GLY I 255 -40.77 -15.04 -38.37
C GLY I 255 -40.41 -13.58 -38.51
N TYR I 256 -39.72 -12.98 -37.53
CA TYR I 256 -39.32 -11.56 -37.59
C TYR I 256 -38.17 -11.24 -36.64
N ALA I 257 -37.60 -10.06 -36.84
CA ALA I 257 -36.60 -9.42 -35.96
C ALA I 257 -37.37 -8.73 -34.84
N VAL I 258 -37.28 -9.27 -33.63
CA VAL I 258 -37.97 -8.68 -32.45
C VAL I 258 -37.34 -7.32 -32.19
N ASN I 259 -38.15 -6.33 -31.89
CA ASN I 259 -37.67 -4.97 -31.50
C ASN I 259 -37.58 -4.85 -29.98
N PHE I 260 -36.50 -4.25 -29.53
CA PHE I 260 -36.25 -3.91 -28.12
C PHE I 260 -36.17 -2.39 -27.99
N ILE I 261 -36.71 -1.90 -26.88
CA ILE I 261 -36.58 -0.47 -26.50
C ILE I 261 -36.03 -0.42 -25.09
N LEU I 262 -34.91 0.27 -24.94
CA LEU I 262 -34.15 0.44 -23.68
C LEU I 262 -34.29 1.92 -23.27
N GLY I 263 -34.78 2.17 -22.07
CA GLY I 263 -34.85 3.51 -21.45
C GLY I 263 -33.90 3.61 -20.30
N SER I 264 -33.08 4.67 -20.29
CA SER I 264 -32.01 4.85 -19.27
C SER I 264 -32.09 6.25 -18.65
N LEU I 265 -31.81 6.31 -17.36
CA LEU I 265 -31.79 7.57 -16.58
C LEU I 265 -30.40 8.18 -16.59
N ARG I 266 -29.31 7.39 -16.77
CA ARG I 266 -27.94 7.92 -16.75
C ARG I 266 -27.06 7.35 -17.87
N TYR I 267 -26.95 6.01 -17.96
CA TYR I 267 -25.97 5.32 -18.83
C TYR I 267 -26.59 5.07 -20.22
N ASP I 268 -25.84 5.35 -21.24
CA ASP I 268 -26.21 5.22 -22.68
C ASP I 268 -25.52 3.97 -23.19
N PRO I 269 -26.26 2.93 -23.60
CA PRO I 269 -25.65 1.70 -24.14
C PRO I 269 -24.82 1.99 -25.39
N HIS I 270 -25.09 3.06 -26.12
CA HIS I 270 -24.30 3.46 -27.31
C HIS I 270 -22.86 3.82 -26.93
N ALA I 271 -22.62 4.19 -25.67
CA ALA I 271 -21.31 4.68 -25.16
C ALA I 271 -20.43 3.52 -24.75
N LEU I 272 -20.94 2.31 -24.58
CA LEU I 272 -20.12 1.14 -24.20
C LEU I 272 -19.32 0.68 -25.41
N THR I 273 -18.03 0.41 -25.20
CA THR I 273 -17.17 -0.19 -26.24
C THR I 273 -17.28 -1.71 -26.11
N PRO I 274 -16.98 -2.46 -27.18
CA PRO I 274 -16.89 -3.91 -27.07
C PRO I 274 -16.02 -4.38 -25.89
N SER I 275 -14.88 -3.72 -25.66
CA SER I 275 -13.90 -4.11 -24.63
C SER I 275 -14.54 -3.94 -23.25
N GLU I 276 -15.25 -2.85 -23.03
CA GLU I 276 -15.93 -2.59 -21.74
C GLU I 276 -17.01 -3.65 -21.54
N VAL I 277 -17.79 -3.95 -22.57
CA VAL I 277 -18.86 -5.00 -22.45
C VAL I 277 -18.19 -6.31 -22.08
N ASP I 278 -17.15 -6.71 -22.82
CA ASP I 278 -16.51 -8.04 -22.64
C ASP I 278 -15.90 -8.12 -21.24
N GLU I 279 -15.36 -7.01 -20.73
CA GLU I 279 -14.71 -6.96 -19.39
C GLU I 279 -15.81 -7.09 -18.33
N ARG I 280 -16.96 -6.45 -18.49
CA ARG I 280 -18.04 -6.59 -17.50
C ARG I 280 -18.55 -8.03 -17.49
N LEU I 281 -18.71 -8.64 -18.66
CA LEU I 281 -19.21 -10.03 -18.73
C LEU I 281 -18.22 -10.94 -17.99
N ARG I 282 -16.93 -10.75 -18.26
CA ARG I 282 -15.86 -11.60 -17.68
C ARG I 282 -15.85 -11.39 -16.16
N ALA I 283 -15.85 -10.14 -15.70
CA ALA I 283 -15.77 -9.81 -14.26
C ALA I 283 -16.99 -10.39 -13.56
N ARG I 284 -18.14 -10.44 -14.22
CA ARG I 284 -19.41 -10.83 -13.57
C ARG I 284 -19.70 -12.33 -13.74
N GLY I 285 -18.84 -13.07 -14.43
CA GLY I 285 -18.97 -14.53 -14.59
C GLY I 285 -20.08 -14.89 -15.59
N VAL I 286 -20.40 -13.97 -16.52
CA VAL I 286 -21.52 -14.15 -17.48
C VAL I 286 -21.03 -14.95 -18.69
N LYS I 287 -21.56 -16.18 -18.86
CA LYS I 287 -21.30 -17.01 -20.06
C LYS I 287 -22.52 -16.92 -21.00
N THR I 288 -22.29 -16.71 -22.29
CA THR I 288 -23.35 -16.52 -23.29
C THR I 288 -23.10 -17.42 -24.50
N ALA I 289 -24.17 -17.74 -25.24
CA ALA I 289 -24.10 -18.40 -26.55
C ALA I 289 -23.98 -17.38 -27.67
N PHE I 290 -24.37 -16.12 -27.44
CA PHE I 290 -24.51 -15.14 -28.54
C PHE I 290 -23.91 -13.79 -28.18
N TYR I 291 -24.40 -13.18 -27.11
CA TYR I 291 -24.02 -11.79 -26.75
C TYR I 291 -22.54 -11.66 -26.40
N THR I 292 -21.91 -10.66 -27.03
CA THR I 292 -20.50 -10.22 -26.84
C THR I 292 -20.43 -8.72 -27.05
N GLY I 293 -19.26 -8.13 -26.82
CA GLY I 293 -19.04 -6.69 -27.05
C GLY I 293 -19.28 -6.36 -28.51
N ARG I 294 -18.87 -7.23 -29.44
CA ARG I 294 -19.07 -6.96 -30.89
C ARG I 294 -20.56 -7.02 -31.23
N VAL I 295 -21.28 -7.99 -30.65
CA VAL I 295 -22.76 -8.05 -30.86
C VAL I 295 -23.33 -6.73 -30.35
N HIS I 296 -22.92 -6.32 -29.16
CA HIS I 296 -23.45 -5.07 -28.56
C HIS I 296 -23.26 -3.91 -29.54
N LEU I 297 -22.06 -3.79 -30.10
CA LEU I 297 -21.72 -2.71 -31.06
C LEU I 297 -22.66 -2.79 -32.26
N ALA I 298 -22.88 -4.01 -32.79
CA ALA I 298 -23.75 -4.21 -33.97
C ALA I 298 -25.18 -3.80 -33.64
N LEU I 299 -25.70 -4.23 -32.49
CA LEU I 299 -27.09 -3.90 -32.08
C LEU I 299 -27.26 -2.38 -31.99
N MET I 300 -26.24 -1.68 -31.50
CA MET I 300 -26.31 -0.22 -31.28
C MET I 300 -26.20 0.53 -32.60
N ASN I 301 -25.77 -0.14 -33.69
CA ASN I 301 -25.47 0.56 -34.97
C ASN I 301 -26.45 0.15 -36.08
N MET I 302 -27.16 -0.97 -35.92
CA MET I 302 -28.11 -1.45 -36.96
C MET I 302 -29.43 -0.72 -36.76
N PRO I 303 -29.92 0.05 -37.75
CA PRO I 303 -31.23 0.66 -37.64
C PRO I 303 -32.30 -0.46 -37.70
N ILE I 304 -33.47 -0.16 -37.17
CA ILE I 304 -34.60 -1.11 -37.13
C ILE I 304 -35.28 -1.12 -38.49
N HIS I 305 -35.93 -2.23 -38.83
CA HIS I 305 -36.63 -2.44 -40.11
C HIS I 305 -37.95 -1.68 -40.12
N ARG I 306 -38.22 -1.02 -41.25
CA ARG I 306 -39.51 -0.39 -41.59
C ARG I 306 -39.85 -0.77 -43.02
N LYS I 307 -41.14 -0.72 -43.36
CA LYS I 307 -41.58 -0.80 -44.77
C LYS I 307 -41.05 0.45 -45.47
N LEU I 308 -40.32 0.29 -46.57
CA LEU I 308 -39.61 1.41 -47.24
C LEU I 308 -40.49 1.98 -48.34
N ARG I 309 -41.56 1.28 -48.75
CA ARG I 309 -42.56 1.79 -49.72
C ARG I 309 -43.93 1.31 -49.24
N VAL J 24 -32.61 -70.06 -13.36
CA VAL J 24 -31.73 -68.89 -13.02
C VAL J 24 -30.87 -69.29 -11.81
N PRO J 25 -29.60 -68.83 -11.78
CA PRO J 25 -28.58 -69.40 -10.90
C PRO J 25 -28.71 -69.05 -9.42
N GLY J 26 -28.79 -70.06 -8.58
CA GLY J 26 -29.09 -69.87 -7.16
C GLY J 26 -29.14 -71.23 -6.50
N PRO J 27 -29.60 -71.32 -5.24
CA PRO J 27 -30.17 -70.17 -4.52
C PRO J 27 -29.22 -69.08 -4.03
N ILE J 28 -27.93 -69.38 -3.87
CA ILE J 28 -26.93 -68.38 -3.41
C ILE J 28 -26.22 -67.89 -4.67
N THR J 29 -26.19 -66.58 -4.84
CA THR J 29 -25.80 -65.92 -6.10
C THR J 29 -24.87 -64.77 -5.78
N LEU J 30 -23.86 -64.59 -6.63
CA LEU J 30 -23.08 -63.34 -6.68
C LEU J 30 -23.70 -62.48 -7.77
N ILE J 31 -24.02 -61.25 -7.46
CA ILE J 31 -24.38 -60.23 -8.49
C ILE J 31 -23.12 -59.46 -8.78
N GLU J 32 -22.45 -59.82 -9.88
CA GLU J 32 -21.23 -59.15 -10.31
C GLU J 32 -21.59 -58.02 -11.25
N PRO J 33 -21.26 -56.77 -10.91
CA PRO J 33 -21.59 -55.66 -11.79
C PRO J 33 -20.69 -55.86 -13.01
N LEU J 34 -21.16 -55.40 -14.13
CA LEU J 34 -20.33 -55.48 -15.34
C LEU J 34 -20.23 -54.06 -15.83
N SER J 35 -21.31 -53.53 -16.37
CA SER J 35 -21.35 -52.17 -16.98
C SER J 35 -22.24 -51.23 -16.18
N GLY J 36 -22.99 -51.73 -15.20
CA GLY J 36 -24.07 -50.94 -14.60
C GLY J 36 -25.40 -51.15 -15.30
N ASN J 37 -25.41 -51.40 -16.61
CA ASN J 37 -26.67 -51.69 -17.35
C ASN J 37 -26.73 -53.17 -17.69
N THR J 38 -25.64 -53.89 -17.41
CA THR J 38 -25.56 -55.36 -17.50
C THR J 38 -24.85 -55.82 -16.24
N SER J 39 -25.33 -56.92 -15.63
CA SER J 39 -24.66 -57.57 -14.49
C SER J 39 -24.62 -59.08 -14.75
N LEU J 40 -23.72 -59.77 -14.06
CA LEU J 40 -23.69 -61.24 -14.07
C LEU J 40 -24.35 -61.76 -12.81
N LEU J 41 -25.11 -62.84 -12.95
CA LEU J 41 -25.62 -63.65 -11.82
C LEU J 41 -24.83 -64.92 -11.79
N ILE J 42 -24.06 -65.14 -10.74
CA ILE J 42 -23.14 -66.31 -10.66
C ILE J 42 -23.51 -67.19 -9.48
N LYS J 43 -23.80 -68.46 -9.74
CA LYS J 43 -24.14 -69.39 -8.63
C LYS J 43 -22.89 -69.59 -7.74
N ILE J 44 -23.07 -69.43 -6.44
CA ILE J 44 -22.08 -69.64 -5.34
C ILE J 44 -22.40 -70.98 -4.70
N ASN J 45 -21.40 -71.85 -4.54
CA ASN J 45 -21.56 -73.15 -3.84
C ASN J 45 -21.19 -72.99 -2.36
N ALA J 46 -20.26 -72.09 -2.04
CA ALA J 46 -19.69 -72.00 -0.67
C ALA J 46 -19.00 -70.66 -0.51
N ILE J 47 -19.05 -70.12 0.70
CA ILE J 47 -18.27 -68.92 1.07
C ILE J 47 -17.19 -69.37 2.05
N HIS J 48 -15.93 -69.13 1.71
CA HIS J 48 -14.78 -69.55 2.53
C HIS J 48 -14.45 -68.47 3.56
N SER J 49 -14.49 -67.20 3.17
CA SER J 49 -14.18 -66.09 4.09
C SER J 49 -14.74 -64.79 3.57
N VAL J 50 -15.23 -63.95 4.47
CA VAL J 50 -15.69 -62.57 4.20
C VAL J 50 -14.97 -61.65 5.17
N LYS J 51 -14.33 -60.61 4.68
CA LYS J 51 -13.52 -59.71 5.55
C LYS J 51 -13.72 -58.30 5.03
N LYS J 52 -14.29 -57.43 5.85
CA LYS J 52 -14.34 -55.98 5.59
C LYS J 52 -12.99 -55.43 6.04
N SER J 53 -12.10 -55.16 5.10
CA SER J 53 -10.78 -54.53 5.41
C SER J 53 -11.02 -53.03 5.40
N PRO J 54 -10.07 -52.20 5.84
CA PRO J 54 -10.25 -50.75 5.71
C PRO J 54 -10.31 -50.30 4.25
N TYR J 55 -9.83 -51.11 3.33
CA TYR J 55 -9.66 -50.70 1.91
C TYR J 55 -10.82 -51.21 1.06
N GLN J 56 -11.36 -52.39 1.38
CA GLN J 56 -12.32 -53.05 0.49
C GLN J 56 -12.97 -54.21 1.19
N GLU J 57 -14.11 -54.64 0.67
CA GLU J 57 -14.77 -55.88 1.15
C GLU J 57 -14.20 -57.05 0.37
N ILE J 58 -13.70 -58.05 1.09
CA ILE J 58 -12.99 -59.22 0.52
C ILE J 58 -13.89 -60.43 0.68
N ILE J 59 -14.13 -61.17 -0.38
CA ILE J 59 -14.90 -62.44 -0.27
C ILE J 59 -14.09 -63.48 -1.03
N ILE J 60 -13.86 -64.61 -0.39
CA ILE J 60 -13.37 -65.82 -1.09
C ILE J 60 -14.47 -66.85 -1.05
N ALA J 61 -14.83 -67.35 -2.23
CA ALA J 61 -16.05 -68.15 -2.43
C ALA J 61 -15.76 -69.21 -3.49
N ASP J 62 -16.60 -70.23 -3.53
CA ASP J 62 -16.56 -71.27 -4.58
C ASP J 62 -17.74 -70.97 -5.51
N THR J 63 -17.49 -70.82 -6.80
CA THR J 63 -18.54 -70.67 -7.82
C THR J 63 -18.63 -71.96 -8.60
N GLU J 64 -19.84 -72.30 -9.06
CA GLU J 64 -20.03 -73.53 -9.85
C GLU J 64 -19.26 -73.39 -11.16
N ASP J 65 -19.36 -72.24 -11.84
CA ASP J 65 -18.77 -72.12 -13.19
C ASP J 65 -17.25 -71.95 -13.12
N TYR J 66 -16.75 -71.20 -12.15
CA TYR J 66 -15.36 -70.69 -12.20
C TYR J 66 -14.51 -71.27 -11.08
N GLY J 67 -15.06 -72.17 -10.26
CA GLY J 67 -14.40 -72.65 -9.04
C GLY J 67 -14.14 -71.50 -8.09
N ARG J 68 -13.06 -71.59 -7.33
CA ARG J 68 -12.76 -70.65 -6.23
C ARG J 68 -12.40 -69.28 -6.82
N VAL J 69 -12.93 -68.21 -6.19
CA VAL J 69 -12.73 -66.83 -6.65
C VAL J 69 -12.30 -65.95 -5.50
N LEU J 70 -11.56 -64.91 -5.84
CA LEU J 70 -11.38 -63.70 -5.02
C LEU J 70 -12.30 -62.62 -5.54
N ILE J 71 -13.11 -62.04 -4.64
CA ILE J 71 -14.02 -60.91 -4.94
C ILE J 71 -13.59 -59.73 -4.08
N LEU J 72 -13.43 -58.55 -4.67
CA LEU J 72 -13.15 -57.29 -3.96
C LEU J 72 -14.24 -56.29 -4.35
N ASP J 73 -14.98 -55.78 -3.37
CA ASP J 73 -16.05 -54.78 -3.59
C ASP J 73 -16.95 -55.22 -4.76
N ASP J 74 -17.36 -56.48 -4.74
CA ASP J 74 -18.38 -57.07 -5.67
C ASP J 74 -17.75 -57.59 -6.99
N TYR J 75 -16.50 -57.24 -7.30
CA TYR J 75 -15.85 -57.61 -8.58
C TYR J 75 -14.94 -58.83 -8.39
N ILE J 76 -15.18 -59.88 -9.15
CA ILE J 76 -14.24 -61.02 -9.25
C ILE J 76 -12.88 -60.50 -9.74
N GLN J 77 -11.84 -60.86 -9.02
CA GLN J 77 -10.45 -60.48 -9.33
C GLN J 77 -9.78 -61.62 -10.10
N SER J 78 -10.15 -62.86 -9.77
CA SER J 78 -9.46 -64.07 -10.24
C SER J 78 -10.31 -65.28 -9.91
N SER J 79 -10.33 -66.26 -10.79
CA SER J 79 -10.98 -67.56 -10.59
C SER J 79 -9.98 -68.67 -10.87
N TYR J 80 -10.14 -69.80 -10.19
CA TYR J 80 -9.32 -71.01 -10.44
C TYR J 80 -9.40 -71.40 -11.91
N VAL J 81 -10.56 -71.31 -12.58
CA VAL J 81 -10.66 -71.95 -13.93
C VAL J 81 -10.06 -71.03 -14.99
N ASP J 82 -9.93 -69.72 -14.78
CA ASP J 82 -9.46 -68.84 -15.87
C ASP J 82 -8.41 -67.81 -15.44
N GLU J 83 -7.93 -67.83 -14.20
CA GLU J 83 -6.95 -66.79 -13.78
C GLU J 83 -5.67 -66.89 -14.63
N GLN J 84 -5.31 -68.08 -15.12
CA GLN J 84 -4.04 -68.23 -15.89
C GLN J 84 -4.13 -67.43 -17.19
N TYR J 85 -5.32 -67.31 -17.79
CA TYR J 85 -5.52 -66.43 -18.97
C TYR J 85 -5.16 -64.99 -18.61
N TYR J 86 -5.62 -64.54 -17.45
CA TYR J 86 -5.42 -63.14 -16.99
C TYR J 86 -3.93 -62.95 -16.68
N HIS J 87 -3.38 -63.78 -15.79
CA HIS J 87 -2.03 -63.54 -15.22
C HIS J 87 -0.96 -63.76 -16.29
N GLU J 88 -1.13 -64.76 -17.14
CA GLU J 88 -0.15 -65.02 -18.23
C GLU J 88 -0.17 -63.86 -19.23
N SER J 89 -1.35 -63.33 -19.55
CA SER J 89 -1.52 -62.24 -20.55
C SER J 89 -1.00 -60.93 -19.96
N LEU J 90 -1.12 -60.77 -18.65
CA LEU J 90 -0.66 -59.53 -17.99
C LEU J 90 0.87 -59.52 -17.97
N VAL J 91 1.48 -60.65 -17.69
CA VAL J 91 2.92 -60.70 -17.31
C VAL J 91 3.83 -61.01 -18.51
N HIS J 92 3.55 -62.06 -19.26
CA HIS J 92 4.56 -62.67 -20.16
C HIS J 92 4.86 -61.79 -21.36
N PRO J 93 3.90 -61.08 -21.99
CA PRO J 93 4.25 -60.23 -23.13
C PRO J 93 5.31 -59.18 -22.75
N ALA J 94 5.16 -58.52 -21.61
CA ALA J 94 6.13 -57.52 -21.11
C ALA J 94 7.46 -58.22 -20.80
N MET J 95 7.43 -59.33 -20.07
CA MET J 95 8.64 -60.02 -19.59
C MET J 95 9.40 -60.57 -20.80
N ALA J 96 8.69 -61.09 -21.80
CA ALA J 96 9.29 -61.70 -23.01
C ALA J 96 9.85 -60.59 -23.90
N THR J 97 9.26 -59.40 -23.88
CA THR J 97 9.73 -58.23 -24.66
C THR J 97 11.05 -57.71 -24.09
N HIS J 98 11.22 -57.74 -22.77
CA HIS J 98 12.50 -57.33 -22.15
C HIS J 98 13.52 -58.43 -22.38
N PRO J 99 14.71 -58.09 -22.94
CA PRO J 99 15.68 -59.12 -23.29
C PRO J 99 16.34 -59.79 -22.07
N ASN J 100 16.35 -59.12 -20.91
CA ASN J 100 16.98 -59.67 -19.68
C ASN J 100 16.37 -59.00 -18.45
N PRO J 101 15.11 -59.34 -18.10
CA PRO J 101 14.45 -58.73 -16.95
C PRO J 101 14.99 -59.33 -15.64
N ARG J 102 15.71 -58.53 -14.86
CA ARG J 102 16.41 -59.02 -13.63
C ARG J 102 15.66 -58.51 -12.39
N ASP J 103 15.22 -57.26 -12.42
CA ASP J 103 14.52 -56.56 -11.31
C ASP J 103 13.07 -56.24 -11.75
N VAL J 104 12.12 -56.85 -11.05
CA VAL J 104 10.68 -56.74 -11.38
C VAL J 104 9.93 -56.14 -10.18
N LEU J 105 9.08 -55.15 -10.45
CA LEU J 105 8.15 -54.56 -9.47
C LEU J 105 6.72 -54.87 -9.90
N ILE J 106 5.91 -55.39 -8.96
CA ILE J 106 4.45 -55.61 -9.12
C ILE J 106 3.71 -54.71 -8.14
N LEU J 107 2.78 -53.91 -8.65
CA LEU J 107 1.86 -53.10 -7.80
C LEU J 107 0.50 -53.82 -7.82
N GLY J 108 0.05 -54.23 -6.65
CA GLY J 108 -1.18 -55.03 -6.48
C GLY J 108 -0.84 -56.50 -6.58
N GLY J 109 -1.63 -57.28 -7.29
CA GLY J 109 -1.39 -58.71 -7.43
C GLY J 109 -1.55 -59.48 -6.12
N GLY J 110 -2.52 -59.06 -5.30
CA GLY J 110 -2.72 -59.56 -3.92
C GLY J 110 -2.76 -61.07 -3.80
N GLU J 111 -3.27 -61.80 -4.80
CA GLU J 111 -3.44 -63.27 -4.69
C GLU J 111 -2.11 -63.98 -4.97
N GLY J 112 -1.12 -63.28 -5.52
CA GLY J 112 0.23 -63.82 -5.68
C GLY J 112 0.45 -64.52 -7.03
N ALA J 113 -0.53 -64.50 -7.93
CA ALA J 113 -0.42 -65.19 -9.25
C ALA J 113 0.43 -64.36 -10.22
N THR J 114 0.35 -63.03 -10.17
CA THR J 114 1.20 -62.14 -10.97
C THR J 114 2.66 -62.44 -10.61
N LEU J 115 2.98 -62.48 -9.32
CA LEU J 115 4.33 -62.82 -8.81
C LEU J 115 4.71 -64.21 -9.30
N ARG J 116 3.82 -65.19 -9.20
CA ARG J 116 4.09 -66.57 -9.65
C ARG J 116 4.54 -66.54 -11.12
N GLU J 117 3.85 -65.81 -11.98
CA GLU J 117 4.17 -65.79 -13.43
C GLU J 117 5.52 -65.09 -13.63
N ALA J 118 5.77 -63.97 -12.97
CA ALA J 118 7.02 -63.20 -13.17
C ALA J 118 8.22 -64.07 -12.74
N LEU J 119 8.10 -64.79 -11.64
CA LEU J 119 9.22 -65.60 -11.06
C LEU J 119 9.59 -66.74 -12.00
N LYS J 120 8.72 -67.14 -12.93
CA LYS J 120 9.05 -68.25 -13.86
C LYS J 120 10.25 -67.87 -14.74
N HIS J 121 10.45 -66.59 -15.00
CA HIS J 121 11.58 -66.09 -15.85
C HIS J 121 12.89 -66.27 -15.06
N GLY J 122 13.75 -67.19 -15.51
CA GLY J 122 15.04 -67.52 -14.88
C GLY J 122 15.97 -66.32 -14.79
N THR J 123 15.75 -65.27 -15.56
CA THR J 123 16.57 -64.04 -15.53
C THR J 123 16.26 -63.22 -14.27
N VAL J 124 15.09 -63.43 -13.66
CA VAL J 124 14.64 -62.59 -12.52
C VAL J 124 15.50 -62.92 -11.30
N LYS J 125 16.13 -61.91 -10.70
CA LYS J 125 16.93 -62.06 -9.46
C LYS J 125 16.13 -61.49 -8.28
N ARG J 126 15.39 -60.42 -8.51
CA ARG J 126 14.64 -59.67 -7.47
C ARG J 126 13.25 -59.32 -8.03
N ALA J 127 12.21 -59.81 -7.36
CA ALA J 127 10.79 -59.47 -7.64
C ALA J 127 10.18 -58.87 -6.38
N VAL J 128 9.72 -57.63 -6.45
CA VAL J 128 9.03 -56.95 -5.33
C VAL J 128 7.54 -56.83 -5.69
N MET J 129 6.68 -57.27 -4.78
CA MET J 129 5.22 -57.17 -4.91
C MET J 129 4.71 -56.24 -3.80
N VAL J 130 3.97 -55.20 -4.16
CA VAL J 130 3.47 -54.16 -3.22
C VAL J 130 1.95 -54.11 -3.30
N ASP J 131 1.29 -54.61 -2.26
CA ASP J 131 -0.19 -54.53 -2.16
C ASP J 131 -0.55 -53.72 -0.91
N ILE J 132 -1.57 -52.88 -1.02
CA ILE J 132 -2.00 -51.98 0.09
C ILE J 132 -2.68 -52.82 1.18
N ASP J 133 -3.18 -54.03 0.88
CA ASP J 133 -4.15 -54.73 1.74
C ASP J 133 -3.58 -56.07 2.24
N ARG J 134 -3.10 -56.09 3.49
CA ARG J 134 -2.50 -57.29 4.10
C ARG J 134 -3.56 -58.41 4.16
N ASP J 135 -4.84 -58.09 4.28
CA ASP J 135 -5.90 -59.10 4.41
C ASP J 135 -6.06 -59.86 3.08
N VAL J 136 -5.91 -59.17 1.94
CA VAL J 136 -6.02 -59.87 0.63
C VAL J 136 -4.88 -60.89 0.54
N VAL J 137 -3.67 -60.46 0.88
CA VAL J 137 -2.49 -61.36 0.78
C VAL J 137 -2.67 -62.53 1.74
N GLU J 138 -3.05 -62.28 2.99
CA GLU J 138 -3.07 -63.37 4.00
C GLU J 138 -4.24 -64.30 3.68
N LEU J 139 -5.38 -63.77 3.23
CA LEU J 139 -6.53 -64.65 2.90
C LEU J 139 -6.22 -65.45 1.64
N SER J 140 -5.48 -64.87 0.69
CA SER J 140 -5.03 -65.56 -0.55
C SER J 140 -4.02 -66.65 -0.19
N ARG J 141 -3.07 -66.35 0.70
CA ARG J 141 -2.07 -67.35 1.17
C ARG J 141 -2.85 -68.58 1.67
N ALA J 142 -3.89 -68.40 2.49
CA ALA J 142 -4.59 -69.53 3.14
C ALA J 142 -5.56 -70.20 2.16
N TYR J 143 -6.41 -69.42 1.49
CA TYR J 143 -7.59 -69.97 0.78
C TYR J 143 -7.38 -70.10 -0.73
N LEU J 144 -6.33 -69.52 -1.29
CA LEU J 144 -6.10 -69.54 -2.75
C LEU J 144 -4.70 -70.06 -3.08
N PRO J 145 -4.32 -71.26 -2.56
CA PRO J 145 -2.98 -71.78 -2.79
C PRO J 145 -2.67 -72.04 -4.28
N GLN J 146 -3.66 -72.34 -5.11
CA GLN J 146 -3.40 -72.61 -6.55
C GLN J 146 -3.10 -71.31 -7.28
N MET J 147 -3.32 -70.16 -6.65
CA MET J 147 -2.96 -68.85 -7.24
C MET J 147 -1.47 -68.58 -6.98
N HIS J 148 -1.05 -68.51 -5.71
CA HIS J 148 0.33 -68.09 -5.37
C HIS J 148 1.30 -69.25 -5.67
N GLN J 149 0.88 -70.50 -5.44
CA GLN J 149 1.70 -71.72 -5.60
C GLN J 149 3.09 -71.50 -4.99
N GLY J 150 3.16 -70.92 -3.79
CA GLY J 150 4.44 -70.76 -3.06
C GLY J 150 5.21 -69.50 -3.42
N ALA J 151 4.73 -68.72 -4.38
CA ALA J 151 5.43 -67.52 -4.88
C ALA J 151 5.80 -66.59 -3.71
N PHE J 152 4.94 -66.47 -2.71
CA PHE J 152 5.17 -65.53 -1.57
C PHE J 152 6.46 -65.90 -0.82
N ASP J 153 6.87 -67.15 -0.87
CA ASP J 153 7.99 -67.71 -0.07
C ASP J 153 9.25 -67.90 -0.95
N ASP J 154 9.20 -67.55 -2.24
CA ASP J 154 10.38 -67.65 -3.13
C ASP J 154 11.47 -66.73 -2.59
N PRO J 155 12.73 -67.20 -2.47
CA PRO J 155 13.84 -66.37 -1.98
C PRO J 155 14.04 -65.09 -2.80
N ARG J 156 13.67 -65.10 -4.08
CA ARG J 156 13.83 -63.92 -4.97
C ARG J 156 12.72 -62.88 -4.73
N ALA J 157 11.67 -63.25 -3.99
CA ALA J 157 10.45 -62.40 -3.84
C ALA J 157 10.49 -61.64 -2.52
N LYS J 158 10.03 -60.39 -2.56
CA LYS J 158 9.79 -59.54 -1.38
C LYS J 158 8.35 -59.03 -1.47
N VAL J 159 7.54 -59.36 -0.47
CA VAL J 159 6.13 -58.88 -0.35
C VAL J 159 6.13 -57.71 0.62
N VAL J 160 5.69 -56.56 0.13
CA VAL J 160 5.58 -55.29 0.88
C VAL J 160 4.11 -54.91 0.95
N ILE J 161 3.62 -54.64 2.16
CA ILE J 161 2.26 -54.09 2.38
C ILE J 161 2.40 -52.58 2.49
N GLN J 162 2.01 -51.89 1.44
CA GLN J 162 2.07 -50.43 1.35
C GLN J 162 1.21 -49.97 0.19
N ASP J 163 0.70 -48.74 0.28
CA ASP J 163 0.08 -48.05 -0.87
C ASP J 163 1.15 -47.92 -1.95
N GLY J 164 0.84 -48.38 -3.15
CA GLY J 164 1.77 -48.36 -4.29
C GLY J 164 2.19 -46.95 -4.64
N PHE J 165 1.31 -45.96 -4.46
CA PHE J 165 1.63 -44.53 -4.71
C PHE J 165 2.81 -44.12 -3.81
N VAL J 166 2.70 -44.44 -2.52
CA VAL J 166 3.73 -44.08 -1.50
C VAL J 166 4.99 -44.85 -1.84
N TYR J 167 4.87 -46.12 -2.21
CA TYR J 167 6.05 -46.98 -2.44
C TYR J 167 6.86 -46.40 -3.60
N VAL J 168 6.17 -45.96 -4.64
CA VAL J 168 6.84 -45.43 -5.85
C VAL J 168 7.51 -44.09 -5.50
N GLU J 169 6.87 -43.23 -4.69
CA GLU J 169 7.49 -41.93 -4.31
C GLU J 169 8.78 -42.23 -3.53
N GLU J 170 8.74 -43.20 -2.62
CA GLU J 170 9.92 -43.57 -1.79
C GLU J 170 10.98 -44.27 -2.65
N ALA J 171 10.58 -44.98 -3.69
CA ALA J 171 11.53 -45.63 -4.64
C ALA J 171 12.27 -44.56 -5.44
N ILE J 172 11.61 -43.47 -5.80
CA ILE J 172 12.25 -42.35 -6.55
C ILE J 172 13.35 -41.76 -5.65
N LYS J 173 13.01 -41.41 -4.41
CA LYS J 173 13.94 -40.80 -3.43
C LYS J 173 15.13 -41.72 -3.18
N ALA J 174 14.95 -43.05 -3.18
CA ALA J 174 16.03 -44.04 -2.93
C ALA J 174 16.83 -44.29 -4.21
N GLY J 175 16.44 -43.61 -5.30
CA GLY J 175 16.79 -43.91 -6.71
C GLY J 175 16.76 -45.38 -7.08
N ASP J 176 15.74 -46.17 -6.66
CA ASP J 176 15.54 -47.55 -7.13
C ASP J 176 15.20 -47.56 -8.64
N LYS J 177 15.60 -48.63 -9.32
CA LYS J 177 15.27 -48.81 -10.76
C LYS J 177 14.96 -50.27 -11.02
N TYR J 178 13.97 -50.50 -11.89
CA TYR J 178 13.46 -51.83 -12.27
C TYR J 178 13.50 -51.96 -13.78
N ASP J 179 13.57 -53.20 -14.26
CA ASP J 179 13.51 -53.55 -15.70
C ASP J 179 12.06 -53.61 -16.17
N VAL J 180 11.18 -54.25 -15.40
CA VAL J 180 9.73 -54.41 -15.76
C VAL J 180 8.90 -54.03 -14.53
N ILE J 181 7.91 -53.16 -14.74
CA ILE J 181 6.89 -52.84 -13.71
C ILE J 181 5.52 -53.30 -14.20
N ILE J 182 4.88 -54.13 -13.37
CA ILE J 182 3.57 -54.76 -13.66
C ILE J 182 2.56 -54.16 -12.68
N MET J 183 1.56 -53.46 -13.21
CA MET J 183 0.42 -52.95 -12.42
C MET J 183 -0.78 -53.89 -12.58
N ASP J 184 -1.14 -54.54 -11.48
CA ASP J 184 -2.25 -55.51 -11.35
C ASP J 184 -3.18 -55.00 -10.26
N LEU J 185 -3.77 -53.84 -10.49
CA LEU J 185 -4.60 -53.13 -9.50
C LEU J 185 -6.07 -53.45 -9.74
N THR J 186 -6.90 -53.05 -8.79
CA THR J 186 -8.37 -52.96 -8.93
C THR J 186 -8.68 -51.99 -10.07
N ASP J 187 -9.90 -52.07 -10.59
CA ASP J 187 -10.29 -51.45 -11.87
C ASP J 187 -10.23 -49.92 -11.77
N PRO J 188 -9.80 -49.27 -12.87
CA PRO J 188 -9.74 -47.82 -12.93
C PRO J 188 -11.13 -47.17 -12.93
N TYR J 189 -12.16 -47.90 -13.33
CA TYR J 189 -13.54 -47.33 -13.47
C TYR J 189 -14.30 -47.48 -12.15
N SER J 190 -13.76 -48.20 -11.17
CA SER J 190 -14.53 -48.51 -9.94
C SER J 190 -13.78 -48.20 -8.64
N SER J 191 -12.44 -48.20 -8.64
CA SER J 191 -11.62 -48.39 -7.42
C SER J 191 -11.04 -47.05 -6.98
N ASP J 192 -11.57 -46.49 -5.89
CA ASP J 192 -11.03 -45.25 -5.27
C ASP J 192 -9.59 -45.50 -4.82
N ILE J 193 -9.30 -46.67 -4.25
CA ILE J 193 -7.96 -46.94 -3.64
C ILE J 193 -6.85 -46.93 -4.70
N ALA J 194 -7.17 -47.20 -5.98
CA ALA J 194 -6.17 -47.29 -7.06
C ALA J 194 -6.16 -46.03 -7.93
N LYS J 195 -7.06 -45.06 -7.73
CA LYS J 195 -7.34 -44.02 -8.76
C LYS J 195 -6.06 -43.19 -9.04
N GLN J 196 -5.23 -42.90 -8.02
CA GLN J 196 -4.11 -41.95 -8.32
C GLN J 196 -2.99 -42.73 -8.99
N LEU J 197 -3.07 -44.07 -9.11
CA LEU J 197 -2.01 -44.86 -9.80
C LEU J 197 -2.33 -45.00 -11.29
N TYR J 198 -3.38 -44.39 -11.80
CA TYR J 198 -3.80 -44.53 -13.22
C TYR J 198 -3.65 -43.20 -13.98
N THR J 199 -2.99 -42.19 -13.39
CA THR J 199 -2.91 -40.81 -13.95
C THR J 199 -1.63 -40.66 -14.81
N ARG J 200 -1.65 -39.69 -15.73
CA ARG J 200 -0.45 -39.17 -16.47
C ARG J 200 0.72 -39.01 -15.48
N GLU J 201 0.45 -38.36 -14.36
CA GLU J 201 1.48 -37.95 -13.36
C GLU J 201 2.07 -39.24 -12.77
N PHE J 202 1.24 -40.26 -12.56
CA PHE J 202 1.77 -41.51 -11.95
C PHE J 202 2.63 -42.24 -12.97
N PHE J 203 2.28 -42.20 -14.25
CA PHE J 203 3.09 -42.91 -15.28
C PHE J 203 4.44 -42.21 -15.42
N ALA J 204 4.51 -40.90 -15.19
CA ALA J 204 5.78 -40.12 -15.16
C ALA J 204 6.64 -40.64 -14.00
N LYS J 205 6.03 -40.91 -12.85
CA LYS J 205 6.75 -41.44 -11.66
C LYS J 205 7.26 -42.84 -11.97
N ILE J 206 6.46 -43.64 -12.65
CA ILE J 206 6.85 -45.02 -13.07
C ILE J 206 8.09 -44.93 -13.98
N ARG J 207 8.07 -44.02 -14.95
CA ARG J 207 9.22 -43.89 -15.88
C ARG J 207 10.50 -43.61 -15.07
N ARG J 208 10.42 -42.83 -13.99
CA ARG J 208 11.59 -42.44 -13.18
C ARG J 208 12.16 -43.64 -12.42
N ILE J 209 11.41 -44.73 -12.21
CA ILE J 209 11.95 -45.94 -11.52
C ILE J 209 12.14 -47.09 -12.51
N LEU J 210 12.13 -46.78 -13.80
CA LEU J 210 12.51 -47.74 -14.86
C LEU J 210 13.94 -47.45 -15.32
N ASN J 211 14.71 -48.50 -15.55
CA ASN J 211 15.95 -48.47 -16.36
C ASN J 211 15.59 -47.91 -17.75
N ASP J 212 16.61 -47.54 -18.51
CA ASP J 212 16.49 -46.80 -19.80
C ASP J 212 15.78 -47.66 -20.86
N ASP J 213 15.87 -49.00 -20.72
CA ASP J 213 15.20 -49.97 -21.62
C ASP J 213 14.01 -50.65 -20.89
N GLY J 214 13.43 -49.98 -19.89
CA GLY J 214 12.38 -50.54 -19.03
C GLY J 214 11.03 -50.69 -19.74
N VAL J 215 10.17 -51.56 -19.22
CA VAL J 215 8.76 -51.69 -19.73
C VAL J 215 7.78 -51.71 -18.55
N VAL J 216 6.66 -51.02 -18.75
CA VAL J 216 5.50 -51.04 -17.81
C VAL J 216 4.36 -51.77 -18.52
N VAL J 217 3.62 -52.57 -17.78
CA VAL J 217 2.31 -53.06 -18.29
C VAL J 217 1.28 -52.85 -17.19
N THR J 218 0.07 -52.46 -17.57
CA THR J 218 -1.06 -52.34 -16.63
C THR J 218 -2.32 -52.93 -17.25
N GLN J 219 -3.20 -53.51 -16.41
CA GLN J 219 -4.60 -53.78 -16.84
C GLN J 219 -5.27 -52.39 -16.85
N ALA J 220 -6.17 -52.13 -17.77
CA ALA J 220 -6.81 -50.81 -17.98
C ALA J 220 -8.34 -50.94 -18.08
N GLY J 221 -8.91 -51.95 -17.40
CA GLY J 221 -10.36 -52.17 -17.33
C GLY J 221 -10.89 -52.75 -18.62
N ASN J 222 -11.82 -52.07 -19.27
CA ASN J 222 -12.47 -52.58 -20.50
C ASN J 222 -12.86 -51.40 -21.41
N SER J 223 -12.40 -51.46 -22.65
CA SER J 223 -12.50 -50.40 -23.68
C SER J 223 -13.94 -50.36 -24.22
N PHE J 224 -14.65 -51.49 -24.19
CA PHE J 224 -16.01 -51.58 -24.75
C PHE J 224 -17.02 -50.93 -23.78
N TYR J 225 -17.00 -51.34 -22.52
CA TYR J 225 -18.00 -50.88 -21.52
C TYR J 225 -17.51 -49.60 -20.86
N PHE J 226 -16.19 -49.39 -20.70
CA PHE J 226 -15.67 -48.20 -20.00
C PHE J 226 -14.62 -47.47 -20.84
N PRO J 227 -15.03 -46.96 -22.02
CA PRO J 227 -14.09 -46.35 -22.94
C PRO J 227 -13.39 -45.10 -22.38
N ALA J 228 -14.12 -44.25 -21.66
CA ALA J 228 -13.58 -42.98 -21.11
C ALA J 228 -12.45 -43.31 -20.14
N GLU J 229 -12.67 -44.25 -19.22
CA GLU J 229 -11.63 -44.59 -18.20
C GLU J 229 -10.47 -45.26 -18.92
N TYR J 230 -10.74 -46.11 -19.91
CA TYR J 230 -9.68 -46.78 -20.68
C TYR J 230 -8.80 -45.72 -21.38
N ASP J 231 -9.44 -44.78 -22.05
CA ASP J 231 -8.78 -43.71 -22.84
C ASP J 231 -7.91 -42.84 -21.91
N MET J 232 -8.36 -42.55 -20.68
CA MET J 232 -7.59 -41.76 -19.68
C MET J 232 -6.28 -42.49 -19.39
N VAL J 233 -6.34 -43.79 -19.17
CA VAL J 233 -5.14 -44.60 -18.84
C VAL J 233 -4.22 -44.56 -20.06
N LEU J 234 -4.77 -44.77 -21.26
CA LEU J 234 -4.01 -44.86 -22.53
C LEU J 234 -3.24 -43.54 -22.76
N GLU J 235 -3.90 -42.40 -22.59
CA GLU J 235 -3.30 -41.05 -22.81
C GLU J 235 -2.16 -40.85 -21.80
N GLY J 236 -2.35 -41.30 -20.55
CA GLY J 236 -1.34 -41.26 -19.48
C GLY J 236 -0.08 -42.04 -19.86
N VAL J 237 -0.22 -43.21 -20.45
CA VAL J 237 0.93 -44.05 -20.87
C VAL J 237 1.57 -43.43 -22.12
N LYS J 238 0.78 -42.99 -23.09
CA LYS J 238 1.29 -42.43 -24.36
C LYS J 238 2.09 -41.14 -24.10
N ALA J 239 1.74 -40.38 -23.06
CA ALA J 239 2.42 -39.12 -22.73
C ALA J 239 3.79 -39.40 -22.12
N ASN J 240 4.06 -40.63 -21.67
CA ASN J 240 5.28 -40.93 -20.89
C ASN J 240 6.17 -41.95 -21.58
N PHE J 241 5.64 -42.68 -22.56
CA PHE J 241 6.36 -43.80 -23.21
C PHE J 241 6.22 -43.69 -24.72
N PRO J 242 7.33 -43.85 -25.47
CA PRO J 242 7.32 -43.71 -26.93
C PRO J 242 6.77 -44.94 -27.67
N ILE J 243 6.82 -46.12 -27.06
CA ILE J 243 6.25 -47.38 -27.61
C ILE J 243 5.09 -47.81 -26.70
N VAL J 244 3.91 -47.96 -27.29
CA VAL J 244 2.67 -48.36 -26.53
C VAL J 244 1.96 -49.44 -27.34
N ALA J 245 1.73 -50.61 -26.73
CA ALA J 245 0.87 -51.66 -27.30
C ALA J 245 -0.40 -51.82 -26.46
N GLU J 246 -1.50 -52.06 -27.14
CA GLU J 246 -2.85 -52.28 -26.55
C GLU J 246 -3.25 -53.69 -26.93
N TYR J 247 -3.68 -54.51 -25.98
CA TYR J 247 -4.17 -55.87 -26.29
C TYR J 247 -5.22 -56.28 -25.28
N GLU J 248 -6.00 -57.30 -25.60
CA GLU J 248 -7.11 -57.68 -24.69
C GLU J 248 -7.23 -59.20 -24.67
N VAL J 249 -7.84 -59.74 -23.62
CA VAL J 249 -8.12 -61.20 -23.55
C VAL J 249 -9.46 -61.39 -22.84
N TRP J 250 -10.31 -62.24 -23.41
CA TRP J 250 -11.59 -62.61 -22.77
C TRP J 250 -11.27 -63.37 -21.48
N ILE J 251 -11.77 -62.87 -20.35
CA ILE J 251 -11.73 -63.61 -19.06
C ILE J 251 -13.17 -63.94 -18.69
N PRO J 252 -13.61 -65.20 -18.89
CA PRO J 252 -15.01 -65.53 -18.67
C PRO J 252 -15.56 -65.06 -17.32
N SER J 253 -14.83 -65.24 -16.22
CA SER J 253 -15.31 -64.94 -14.86
C SER J 253 -15.51 -63.43 -14.70
N PHE J 254 -14.90 -62.60 -15.53
CA PHE J 254 -15.07 -61.13 -15.50
C PHE J 254 -16.29 -60.67 -16.29
N GLY J 255 -16.74 -61.46 -17.27
CA GLY J 255 -17.78 -61.06 -18.23
C GLY J 255 -17.28 -60.15 -19.34
N TYR J 256 -15.95 -60.01 -19.51
CA TYR J 256 -15.41 -59.16 -20.59
C TYR J 256 -13.94 -59.51 -20.91
N ALA J 257 -13.48 -58.96 -22.05
CA ALA J 257 -12.08 -59.01 -22.48
C ALA J 257 -11.34 -57.89 -21.76
N VAL J 258 -10.46 -58.25 -20.83
CA VAL J 258 -9.67 -57.25 -20.06
C VAL J 258 -8.73 -56.58 -21.04
N ASN J 259 -8.58 -55.27 -20.93
CA ASN J 259 -7.62 -54.48 -21.74
C ASN J 259 -6.30 -54.31 -20.98
N PHE J 260 -5.21 -54.49 -21.69
CA PHE J 260 -3.83 -54.27 -21.21
C PHE J 260 -3.18 -53.17 -22.05
N ILE J 261 -2.37 -52.35 -21.38
CA ILE J 261 -1.56 -51.30 -22.04
C ILE J 261 -0.12 -51.51 -21.57
N LEU J 262 0.76 -51.68 -22.54
CA LEU J 262 2.20 -51.93 -22.36
C LEU J 262 2.95 -50.70 -22.86
N GLY J 263 3.75 -50.08 -21.99
CA GLY J 263 4.60 -48.93 -22.33
C GLY J 263 6.06 -49.34 -22.29
N SER J 264 6.80 -49.06 -23.35
CA SER J 264 8.21 -49.49 -23.50
C SER J 264 9.09 -48.30 -23.89
N LEU J 265 10.30 -48.27 -23.35
CA LEU J 265 11.28 -47.20 -23.59
C LEU J 265 12.17 -47.55 -24.79
N ARG J 266 12.38 -48.85 -25.09
CA ARG J 266 13.30 -49.28 -26.19
C ARG J 266 12.69 -50.38 -27.07
N TYR J 267 12.27 -51.49 -26.48
CA TYR J 267 11.90 -52.72 -27.21
C TYR J 267 10.40 -52.70 -27.53
N ASP J 268 10.07 -53.09 -28.77
CA ASP J 268 8.70 -53.06 -29.32
C ASP J 268 8.18 -54.49 -29.32
N PRO J 269 7.11 -54.78 -28.53
CA PRO J 269 6.57 -56.13 -28.48
C PRO J 269 6.02 -56.57 -29.84
N HIS J 270 5.63 -55.63 -30.71
CA HIS J 270 5.10 -55.94 -32.05
C HIS J 270 6.19 -56.60 -32.92
N ALA J 271 7.47 -56.38 -32.58
CA ALA J 271 8.62 -56.83 -33.40
C ALA J 271 9.00 -58.28 -33.09
N LEU J 272 8.52 -58.85 -31.98
CA LEU J 272 8.87 -60.24 -31.61
C LEU J 272 8.12 -61.23 -32.51
N THR J 273 8.81 -62.23 -33.03
CA THR J 273 8.19 -63.33 -33.81
C THR J 273 7.80 -64.43 -32.84
N PRO J 274 6.87 -65.32 -33.21
CA PRO J 274 6.57 -66.47 -32.37
C PRO J 274 7.82 -67.25 -31.95
N SER J 275 8.75 -67.45 -32.88
CA SER J 275 9.98 -68.27 -32.66
C SER J 275 10.84 -67.60 -31.60
N GLU J 276 11.00 -66.27 -31.67
CA GLU J 276 11.82 -65.52 -30.70
C GLU J 276 11.13 -65.63 -29.33
N VAL J 277 9.81 -65.48 -29.26
CA VAL J 277 9.10 -65.55 -27.96
C VAL J 277 9.33 -66.96 -27.40
N ASP J 278 9.08 -68.00 -28.20
CA ASP J 278 9.14 -69.40 -27.74
C ASP J 278 10.56 -69.72 -27.28
N GLU J 279 11.57 -69.16 -27.93
CA GLU J 279 13.01 -69.40 -27.58
C GLU J 279 13.31 -68.72 -26.24
N ARG J 280 12.82 -67.50 -26.02
CA ARG J 280 13.04 -66.81 -24.71
C ARG J 280 12.36 -67.61 -23.59
N LEU J 281 11.14 -68.10 -23.82
CA LEU J 281 10.41 -68.88 -22.79
C LEU J 281 11.22 -70.14 -22.45
N ARG J 282 11.70 -70.82 -23.49
CA ARG J 282 12.44 -72.09 -23.34
C ARG J 282 13.74 -71.79 -22.58
N ALA J 283 14.50 -70.78 -23.01
CA ALA J 283 15.80 -70.43 -22.42
C ALA J 283 15.60 -70.05 -20.95
N ARG J 284 14.47 -69.45 -20.61
CA ARG J 284 14.24 -68.90 -19.25
C ARG J 284 13.53 -69.91 -18.35
N GLY J 285 13.17 -71.09 -18.86
CA GLY J 285 12.52 -72.15 -18.07
C GLY J 285 11.05 -71.85 -17.81
N VAL J 286 10.41 -71.02 -18.62
CA VAL J 286 9.01 -70.55 -18.40
C VAL J 286 8.03 -71.57 -18.96
N LYS J 287 7.26 -72.22 -18.09
CA LYS J 287 6.15 -73.14 -18.46
C LYS J 287 4.82 -72.39 -18.30
N THR J 288 3.94 -72.47 -19.30
CA THR J 288 2.63 -71.75 -19.30
C THR J 288 1.50 -72.70 -19.64
N ALA J 289 0.28 -72.36 -19.26
CA ALA J 289 -0.97 -73.03 -19.69
C ALA J 289 -1.50 -72.39 -20.98
N PHE J 290 -1.10 -71.16 -21.30
CA PHE J 290 -1.76 -70.37 -22.37
C PHE J 290 -0.76 -69.66 -23.24
N TYR J 291 0.05 -68.78 -22.67
CA TYR J 291 0.96 -67.88 -23.42
C TYR J 291 2.03 -68.66 -24.19
N THR J 292 2.13 -68.34 -25.49
CA THR J 292 3.10 -68.87 -26.48
C THR J 292 3.44 -67.75 -27.47
N GLY J 293 4.38 -68.04 -28.36
CA GLY J 293 4.74 -67.10 -29.44
C GLY J 293 3.53 -66.79 -30.29
N ARG J 294 2.69 -67.78 -30.58
CA ARG J 294 1.50 -67.56 -31.43
C ARG J 294 0.48 -66.69 -30.69
N VAL J 295 0.30 -66.92 -29.39
CA VAL J 295 -0.59 -66.05 -28.58
C VAL J 295 -0.05 -64.63 -28.67
N HIS J 296 1.26 -64.48 -28.46
CA HIS J 296 1.88 -63.15 -28.52
C HIS J 296 1.53 -62.46 -29.84
N LEU J 297 1.70 -63.17 -30.95
CA LEU J 297 1.41 -62.64 -32.30
C LEU J 297 -0.06 -62.20 -32.38
N ALA J 298 -0.96 -63.03 -31.87
CA ALA J 298 -2.41 -62.74 -31.90
C ALA J 298 -2.70 -61.47 -31.07
N LEU J 299 -2.13 -61.37 -29.88
CA LEU J 299 -2.37 -60.21 -28.98
C LEU J 299 -1.90 -58.94 -29.67
N MET J 300 -0.79 -59.00 -30.40
CA MET J 300 -0.18 -57.82 -31.06
C MET J 300 -0.99 -57.42 -32.29
N ASN J 301 -1.88 -58.29 -32.79
CA ASN J 301 -2.55 -58.05 -34.09
C ASN J 301 -4.07 -57.85 -33.91
N MET J 302 -4.65 -58.26 -32.79
CA MET J 302 -6.13 -58.15 -32.59
C MET J 302 -6.43 -56.75 -32.07
N PRO J 303 -7.19 -55.91 -32.79
CA PRO J 303 -7.58 -54.62 -32.27
C PRO J 303 -8.54 -54.83 -31.08
N ILE J 304 -8.62 -53.83 -30.22
CA ILE J 304 -9.45 -53.90 -29.00
C ILE J 304 -10.90 -53.60 -29.40
N HIS J 305 -11.83 -54.10 -28.60
CA HIS J 305 -13.29 -53.93 -28.80
C HIS J 305 -13.71 -52.50 -28.43
N ARG J 306 -14.54 -51.93 -29.30
CA ARG J 306 -15.31 -50.69 -29.04
C ARG J 306 -16.74 -50.95 -29.47
N LYS J 307 -17.68 -50.15 -28.94
CA LYS J 307 -19.06 -50.12 -29.44
C LYS J 307 -19.03 -49.61 -30.88
N LEU J 308 -19.63 -50.36 -31.80
CA LEU J 308 -19.54 -50.05 -33.26
C LEU J 308 -20.69 -49.17 -33.72
N ARG J 309 -21.74 -49.04 -32.90
CA ARG J 309 -22.84 -48.08 -33.13
C ARG J 309 -23.23 -47.45 -31.80
N VAL K 24 -9.12 -60.10 34.85
CA VAL K 24 -8.64 -61.55 34.69
C VAL K 24 -8.42 -61.77 33.15
N PRO K 25 -7.65 -60.83 32.55
CA PRO K 25 -7.74 -60.55 31.11
C PRO K 25 -7.03 -61.58 30.22
N GLY K 26 -7.76 -62.12 29.26
CA GLY K 26 -7.21 -62.97 28.22
C GLY K 26 -8.35 -63.59 27.46
N PRO K 27 -8.08 -64.63 26.63
CA PRO K 27 -6.76 -65.26 26.56
C PRO K 27 -5.64 -64.49 25.86
N ILE K 28 -5.99 -63.55 24.97
CA ILE K 28 -5.01 -62.75 24.23
C ILE K 28 -4.90 -61.41 24.94
N THR K 29 -3.67 -61.05 25.28
CA THR K 29 -3.40 -59.94 26.21
C THR K 29 -2.30 -59.06 25.65
N LEU K 30 -2.42 -57.76 25.84
CA LEU K 30 -1.32 -56.81 25.61
C LEU K 30 -0.69 -56.58 26.99
N ILE K 31 0.62 -56.75 27.08
CA ILE K 31 1.39 -56.35 28.27
C ILE K 31 1.94 -54.97 27.99
N GLU K 32 1.23 -53.96 28.52
CA GLU K 32 1.61 -52.55 28.35
C GLU K 32 2.53 -52.18 29.50
N PRO K 33 3.78 -51.75 29.21
CA PRO K 33 4.67 -51.34 30.28
C PRO K 33 4.06 -50.05 30.84
N LEU K 34 4.25 -49.81 32.11
CA LEU K 34 3.75 -48.55 32.68
C LEU K 34 4.99 -47.91 33.28
N SER K 35 5.49 -48.46 34.37
CA SER K 35 6.63 -47.86 35.12
C SER K 35 7.86 -48.76 35.06
N GLY K 36 7.72 -49.99 34.58
CA GLY K 36 8.78 -51.00 34.78
C GLY K 36 8.53 -51.84 36.03
N ASN K 37 7.98 -51.26 37.10
CA ASN K 37 7.63 -52.02 38.32
C ASN K 37 6.13 -52.23 38.41
N THR K 38 5.40 -51.61 37.50
CA THR K 38 3.96 -51.85 37.26
C THR K 38 3.78 -51.99 35.75
N SER K 39 2.97 -52.96 35.32
CA SER K 39 2.55 -53.11 33.91
C SER K 39 1.03 -53.31 33.87
N LEU K 40 0.44 -53.04 32.73
CA LEU K 40 -0.99 -53.32 32.51
C LEU K 40 -1.11 -54.60 31.71
N LEU K 41 -2.08 -55.43 32.06
CA LEU K 41 -2.54 -56.57 31.26
C LEU K 41 -3.86 -56.17 30.64
N ILE K 42 -3.91 -56.04 29.32
CA ILE K 42 -5.14 -55.56 28.64
C ILE K 42 -5.64 -56.64 27.67
N LYS K 43 -6.88 -57.05 27.82
CA LYS K 43 -7.51 -58.03 26.92
C LYS K 43 -7.61 -57.43 25.51
N ILE K 44 -7.11 -58.19 24.52
CA ILE K 44 -7.15 -57.93 23.06
C ILE K 44 -8.26 -58.80 22.47
N ASN K 45 -9.16 -58.22 21.69
CA ASN K 45 -10.21 -58.96 20.97
C ASN K 45 -9.72 -59.28 19.56
N ALA K 46 -8.90 -58.42 18.96
CA ALA K 46 -8.50 -58.55 17.55
C ALA K 46 -7.26 -57.73 17.31
N ILE K 47 -6.41 -58.21 16.41
CA ILE K 47 -5.27 -57.46 15.86
C ILE K 47 -5.61 -57.12 14.40
N HIS K 48 -5.64 -55.84 14.08
CA HIS K 48 -6.01 -55.34 12.74
C HIS K 48 -4.79 -55.30 11.85
N SER K 49 -3.66 -54.83 12.37
CA SER K 49 -2.43 -54.67 11.57
C SER K 49 -1.23 -54.66 12.50
N VAL K 50 -0.16 -55.28 12.04
CA VAL K 50 1.19 -55.23 12.68
C VAL K 50 2.17 -54.79 11.61
N LYS K 51 2.97 -53.78 11.86
CA LYS K 51 3.90 -53.24 10.84
C LYS K 51 5.17 -52.83 11.56
N LYS K 52 6.29 -53.47 11.21
CA LYS K 52 7.63 -53.02 11.62
C LYS K 52 8.01 -51.91 10.63
N SER K 53 7.92 -50.65 11.05
CA SER K 53 8.35 -49.51 10.23
C SER K 53 9.85 -49.34 10.49
N PRO K 54 10.58 -48.51 9.73
CA PRO K 54 11.98 -48.26 10.05
C PRO K 54 12.16 -47.57 11.42
N TYR K 55 11.11 -46.92 11.93
CA TYR K 55 11.20 -46.11 13.16
C TYR K 55 10.71 -46.88 14.38
N GLN K 56 9.70 -47.73 14.25
CA GLN K 56 9.01 -48.29 15.44
C GLN K 56 8.12 -49.44 15.00
N GLU K 57 7.77 -50.28 15.96
CA GLU K 57 6.80 -51.38 15.73
C GLU K 57 5.39 -50.81 15.98
N ILE K 58 4.52 -50.99 15.00
CA ILE K 58 3.15 -50.41 14.99
C ILE K 58 2.18 -51.57 15.15
N ILE K 59 1.26 -51.48 16.10
CA ILE K 59 0.13 -52.45 16.20
C ILE K 59 -1.14 -51.65 16.28
N ILE K 60 -2.11 -52.02 15.45
CA ILE K 60 -3.50 -51.55 15.62
C ILE K 60 -4.35 -52.75 16.00
N ALA K 61 -5.06 -52.63 17.12
CA ALA K 61 -5.72 -53.73 17.81
C ALA K 61 -7.04 -53.25 18.40
N ASP K 62 -7.92 -54.18 18.71
CA ASP K 62 -9.19 -53.90 19.40
C ASP K 62 -9.00 -54.42 20.82
N THR K 63 -9.22 -53.56 21.82
CA THR K 63 -9.20 -53.94 23.24
C THR K 63 -10.63 -53.96 23.73
N GLU K 64 -10.92 -54.87 24.66
CA GLU K 64 -12.25 -54.96 25.25
C GLU K 64 -12.55 -53.66 26.01
N ASP K 65 -11.61 -53.15 26.81
CA ASP K 65 -11.92 -52.00 27.67
C ASP K 65 -11.93 -50.70 26.86
N TYR K 66 -11.04 -50.55 25.90
CA TYR K 66 -10.73 -49.22 25.32
C TYR K 66 -11.10 -49.15 23.85
N GLY K 67 -11.69 -50.22 23.29
CA GLY K 67 -11.91 -50.34 21.83
C GLY K 67 -10.60 -50.27 21.07
N ARG K 68 -10.62 -49.74 19.87
CA ARG K 68 -9.48 -49.75 18.95
C ARG K 68 -8.35 -48.86 19.48
N VAL K 69 -7.11 -49.34 19.39
CA VAL K 69 -5.91 -48.65 19.92
C VAL K 69 -4.83 -48.61 18.86
N LEU K 70 -4.02 -47.55 18.92
CA LEU K 70 -2.69 -47.52 18.27
C LEU K 70 -1.65 -47.81 19.34
N ILE K 71 -0.77 -48.76 19.06
CA ILE K 71 0.35 -49.14 19.93
C ILE K 71 1.65 -48.89 19.16
N LEU K 72 2.60 -48.18 19.77
CA LEU K 72 3.94 -47.96 19.18
C LEU K 72 4.96 -48.45 20.18
N ASP K 73 5.78 -49.43 19.76
CA ASP K 73 6.84 -50.02 20.62
C ASP K 73 6.24 -50.41 21.98
N ASP K 74 5.05 -50.99 22.00
CA ASP K 74 4.40 -51.61 23.20
C ASP K 74 3.55 -50.61 23.97
N TYR K 75 3.65 -49.30 23.68
CA TYR K 75 2.90 -48.26 24.42
C TYR K 75 1.65 -47.85 23.65
N ILE K 76 0.49 -47.94 24.31
CA ILE K 76 -0.75 -47.38 23.73
C ILE K 76 -0.56 -45.88 23.56
N GLN K 77 -0.88 -45.38 22.37
CA GLN K 77 -0.78 -43.95 22.03
C GLN K 77 -2.15 -43.31 22.17
N SER K 78 -3.21 -44.07 21.90
CA SER K 78 -4.59 -43.53 21.75
C SER K 78 -5.56 -44.70 21.72
N SER K 79 -6.73 -44.52 22.26
CA SER K 79 -7.83 -45.50 22.20
C SER K 79 -9.10 -44.80 21.76
N TYR K 80 -9.99 -45.50 21.09
CA TYR K 80 -11.32 -44.96 20.70
C TYR K 80 -12.06 -44.46 21.94
N VAL K 81 -12.01 -45.13 23.09
CA VAL K 81 -12.96 -44.73 24.18
C VAL K 81 -12.41 -43.52 24.94
N ASP K 82 -11.12 -43.22 24.90
CA ASP K 82 -10.61 -42.11 25.74
C ASP K 82 -9.64 -41.18 24.99
N GLU K 83 -9.42 -41.35 23.70
CA GLU K 83 -8.47 -40.44 22.99
C GLU K 83 -8.98 -38.99 23.08
N GLN K 84 -10.29 -38.75 23.13
CA GLN K 84 -10.82 -37.36 23.12
C GLN K 84 -10.38 -36.64 24.41
N TYR K 85 -10.25 -37.35 25.53
CA TYR K 85 -9.69 -36.78 26.78
C TYR K 85 -8.27 -36.28 26.53
N TYR K 86 -7.48 -37.10 25.83
CA TYR K 86 -6.05 -36.80 25.55
C TYR K 86 -5.99 -35.62 24.58
N HIS K 87 -6.62 -35.76 23.42
CA HIS K 87 -6.43 -34.80 22.30
C HIS K 87 -7.08 -33.45 22.64
N GLU K 88 -8.21 -33.45 23.31
CA GLU K 88 -8.87 -32.17 23.70
C GLU K 88 -8.02 -31.46 24.74
N SER K 89 -7.44 -32.19 25.69
CA SER K 89 -6.63 -31.64 26.80
C SER K 89 -5.30 -31.13 26.24
N LEU K 90 -4.80 -31.79 25.19
CA LEU K 90 -3.49 -31.42 24.61
C LEU K 90 -3.67 -30.12 23.83
N VAL K 91 -4.78 -29.97 23.12
CA VAL K 91 -4.93 -28.92 22.08
C VAL K 91 -5.65 -27.69 22.62
N HIS K 92 -6.82 -27.82 23.22
CA HIS K 92 -7.77 -26.69 23.39
C HIS K 92 -7.26 -25.68 24.40
N PRO K 93 -6.63 -26.04 25.54
CA PRO K 93 -6.17 -25.02 26.47
C PRO K 93 -5.19 -24.02 25.79
N ALA K 94 -4.23 -24.54 25.01
CA ALA K 94 -3.26 -23.70 24.27
C ALA K 94 -4.02 -22.87 23.22
N MET K 95 -4.88 -23.50 22.42
CA MET K 95 -5.58 -22.83 21.29
C MET K 95 -6.52 -21.75 21.85
N ALA K 96 -7.18 -22.03 22.98
CA ALA K 96 -8.15 -21.11 23.60
C ALA K 96 -7.40 -19.94 24.26
N THR K 97 -6.17 -20.18 24.73
CA THR K 97 -5.33 -19.15 25.37
C THR K 97 -4.86 -18.15 24.31
N HIS K 98 -4.57 -18.61 23.09
CA HIS K 98 -4.17 -17.70 22.00
C HIS K 98 -5.41 -16.98 21.52
N PRO K 99 -5.40 -15.62 21.45
CA PRO K 99 -6.60 -14.87 21.09
C PRO K 99 -7.00 -15.02 19.62
N ASN K 100 -6.07 -15.39 18.73
CA ASN K 100 -6.37 -15.55 17.28
C ASN K 100 -5.33 -16.46 16.64
N PRO K 101 -5.40 -17.79 16.92
CA PRO K 101 -4.41 -18.72 16.37
C PRO K 101 -4.73 -19.02 14.90
N ARG K 102 -3.86 -18.58 14.00
CA ARG K 102 -4.11 -18.61 12.52
C ARG K 102 -3.23 -19.69 11.89
N ASP K 103 -1.98 -19.78 12.34
CA ASP K 103 -0.94 -20.71 11.83
C ASP K 103 -0.56 -21.66 12.96
N VAL K 104 -0.85 -22.95 12.75
CA VAL K 104 -0.63 -24.02 13.77
C VAL K 104 0.36 -25.04 13.21
N LEU K 105 1.34 -25.41 14.02
CA LEU K 105 2.28 -26.52 13.74
C LEU K 105 2.04 -27.63 14.78
N ILE K 106 1.88 -28.85 14.29
CA ILE K 106 1.84 -30.09 15.11
C ILE K 106 3.05 -30.96 14.81
N LEU K 107 3.81 -31.32 15.82
CA LEU K 107 4.91 -32.31 15.70
C LEU K 107 4.40 -33.64 16.28
N GLY K 108 4.38 -34.67 15.43
CA GLY K 108 3.81 -35.98 15.75
C GLY K 108 2.34 -35.98 15.44
N GLY K 109 1.50 -36.52 16.34
CA GLY K 109 0.05 -36.57 16.12
C GLY K 109 -0.31 -37.50 14.95
N GLY K 110 0.43 -38.59 14.78
CA GLY K 110 0.34 -39.52 13.65
C GLY K 110 -1.05 -39.99 13.31
N GLU K 111 -1.94 -40.15 14.30
CA GLU K 111 -3.29 -40.71 14.07
C GLU K 111 -4.23 -39.62 13.52
N GLY K 112 -3.84 -38.36 13.60
CA GLY K 112 -4.57 -37.25 12.98
C GLY K 112 -5.60 -36.63 13.91
N ALA K 113 -5.69 -37.05 15.17
CA ALA K 113 -6.70 -36.53 16.12
C ALA K 113 -6.26 -35.16 16.67
N THR K 114 -4.97 -34.93 16.88
CA THR K 114 -4.44 -33.62 17.28
C THR K 114 -4.83 -32.60 16.20
N LEU K 115 -4.58 -32.94 14.93
CA LEU K 115 -4.95 -32.09 13.78
C LEU K 115 -6.47 -31.86 13.78
N ARG K 116 -7.25 -32.91 13.99
CA ARG K 116 -8.73 -32.82 14.03
C ARG K 116 -9.14 -31.75 15.04
N GLU K 117 -8.56 -31.79 16.25
CA GLU K 117 -8.97 -30.84 17.32
C GLU K 117 -8.53 -29.42 16.94
N ALA K 118 -7.31 -29.24 16.43
CA ALA K 118 -6.80 -27.90 16.10
C ALA K 118 -7.66 -27.26 15.00
N LEU K 119 -8.07 -28.04 14.00
CA LEU K 119 -8.82 -27.53 12.83
C LEU K 119 -10.21 -27.04 13.27
N LYS K 120 -10.72 -27.46 14.42
CA LYS K 120 -12.06 -27.01 14.86
C LYS K 120 -12.08 -25.50 15.10
N HIS K 121 -10.94 -24.90 15.43
CA HIS K 121 -10.83 -23.44 15.69
C HIS K 121 -10.97 -22.70 14.35
N GLY K 122 -12.09 -21.98 14.17
CA GLY K 122 -12.40 -21.23 12.94
C GLY K 122 -11.33 -20.19 12.58
N THR K 123 -10.49 -19.80 13.52
CA THR K 123 -9.40 -18.81 13.29
C THR K 123 -8.27 -19.45 12.49
N VAL K 124 -8.17 -20.79 12.50
CA VAL K 124 -7.01 -21.49 11.87
C VAL K 124 -7.15 -21.39 10.35
N LYS K 125 -6.11 -20.88 9.69
CA LYS K 125 -6.06 -20.79 8.20
C LYS K 125 -5.12 -21.85 7.66
N ARG K 126 -4.05 -22.14 8.39
CA ARG K 126 -2.98 -23.09 7.98
C ARG K 126 -2.59 -23.94 9.21
N ALA K 127 -2.75 -25.26 9.08
CA ALA K 127 -2.31 -26.26 10.07
C ALA K 127 -1.34 -27.21 9.38
N VAL K 128 -0.10 -27.27 9.89
CA VAL K 128 0.93 -28.20 9.37
C VAL K 128 1.13 -29.28 10.44
N MET K 129 1.07 -30.54 10.03
CA MET K 129 1.33 -31.71 10.89
C MET K 129 2.57 -32.42 10.36
N VAL K 130 3.58 -32.63 11.20
CA VAL K 130 4.88 -33.23 10.82
C VAL K 130 5.09 -34.49 11.64
N ASP K 131 4.98 -35.65 10.99
CA ASP K 131 5.27 -36.95 11.64
C ASP K 131 6.41 -37.61 10.89
N ILE K 132 7.32 -38.25 11.63
CA ILE K 132 8.50 -38.91 11.04
C ILE K 132 8.09 -40.17 10.28
N ASP K 133 6.91 -40.75 10.56
CA ASP K 133 6.61 -42.14 10.18
C ASP K 133 5.38 -42.20 9.27
N ARG K 134 5.62 -42.34 7.96
CA ARG K 134 4.52 -42.39 6.95
C ARG K 134 3.62 -43.61 7.24
N ASP K 135 4.16 -44.68 7.81
CA ASP K 135 3.37 -45.91 8.08
C ASP K 135 2.32 -45.62 9.17
N VAL K 136 2.65 -44.82 10.18
CA VAL K 136 1.69 -44.49 11.26
C VAL K 136 0.54 -43.70 10.63
N VAL K 137 0.86 -42.72 9.81
CA VAL K 137 -0.18 -41.86 9.19
C VAL K 137 -1.05 -42.73 8.27
N GLU K 138 -0.45 -43.55 7.42
CA GLU K 138 -1.26 -44.29 6.42
C GLU K 138 -2.06 -45.38 7.13
N LEU K 139 -1.50 -46.03 8.13
CA LEU K 139 -2.25 -47.10 8.85
C LEU K 139 -3.36 -46.45 9.69
N SER K 140 -3.14 -45.25 10.22
CA SER K 140 -4.18 -44.47 10.96
C SER K 140 -5.28 -44.04 10.00
N ARG K 141 -4.92 -43.55 8.81
CA ARG K 141 -5.91 -43.18 7.77
C ARG K 141 -6.85 -44.39 7.57
N ALA K 142 -6.31 -45.59 7.40
CA ALA K 142 -7.12 -46.78 7.03
C ALA K 142 -7.85 -47.34 8.26
N TYR K 143 -7.16 -47.56 9.37
CA TYR K 143 -7.68 -48.40 10.48
C TYR K 143 -8.21 -47.55 11.64
N LEU K 144 -7.96 -46.25 11.67
CA LEU K 144 -8.40 -45.39 12.80
C LEU K 144 -9.17 -44.19 12.28
N PRO K 145 -10.24 -44.39 11.47
CA PRO K 145 -10.99 -43.27 10.90
C PRO K 145 -11.67 -42.39 11.97
N GLN K 146 -12.04 -42.94 13.13
CA GLN K 146 -12.72 -42.12 14.18
C GLN K 146 -11.67 -41.21 14.85
N MET K 147 -10.37 -41.40 14.61
CA MET K 147 -9.35 -40.50 15.13
C MET K 147 -9.22 -39.28 14.19
N HIS K 148 -8.89 -39.48 12.93
CA HIS K 148 -8.60 -38.34 12.01
C HIS K 148 -9.91 -37.68 11.59
N GLN K 149 -10.98 -38.46 11.40
CA GLN K 149 -12.32 -37.97 10.93
C GLN K 149 -12.13 -37.01 9.76
N GLY K 150 -11.27 -37.33 8.79
CA GLY K 150 -11.10 -36.54 7.55
C GLY K 150 -10.12 -35.38 7.69
N ALA K 151 -9.54 -35.18 8.87
CA ALA K 151 -8.63 -34.06 9.14
C ALA K 151 -7.50 -34.02 8.11
N PHE K 152 -7.01 -35.18 7.69
CA PHE K 152 -5.86 -35.28 6.75
C PHE K 152 -6.20 -34.60 5.41
N ASP K 153 -7.48 -34.52 5.06
CA ASP K 153 -7.99 -34.06 3.75
C ASP K 153 -8.56 -32.64 3.85
N ASP K 154 -8.53 -32.01 5.02
CA ASP K 154 -9.00 -30.62 5.18
C ASP K 154 -8.12 -29.71 4.32
N PRO K 155 -8.72 -28.81 3.51
CA PRO K 155 -7.93 -27.90 2.66
C PRO K 155 -6.94 -27.03 3.45
N ARG K 156 -7.21 -26.77 4.74
CA ARG K 156 -6.31 -25.94 5.58
C ARG K 156 -5.10 -26.74 6.07
N ALA K 157 -5.13 -28.07 5.92
CA ALA K 157 -4.13 -28.98 6.53
C ALA K 157 -3.07 -29.39 5.50
N LYS K 158 -1.83 -29.46 5.97
CA LYS K 158 -0.67 -29.99 5.20
C LYS K 158 -0.01 -31.05 6.09
N VAL K 159 0.06 -32.28 5.59
CA VAL K 159 0.75 -33.40 6.29
C VAL K 159 2.12 -33.56 5.64
N VAL K 160 3.16 -33.41 6.46
CA VAL K 160 4.58 -33.53 6.06
C VAL K 160 5.17 -34.71 6.80
N ILE K 161 5.79 -35.61 6.05
CA ILE K 161 6.55 -36.76 6.61
C ILE K 161 8.01 -36.32 6.70
N GLN K 162 8.44 -36.05 7.91
CA GLN K 162 9.82 -35.60 8.18
C GLN K 162 10.06 -35.73 9.68
N ASP K 163 11.31 -35.94 10.07
CA ASP K 163 11.75 -35.79 11.47
C ASP K 163 11.48 -34.34 11.87
N GLY K 164 10.76 -34.15 12.98
CA GLY K 164 10.37 -32.83 13.49
C GLY K 164 11.60 -31.98 13.81
N PHE K 165 12.71 -32.59 14.24
CA PHE K 165 13.98 -31.86 14.51
C PHE K 165 14.43 -31.17 13.21
N VAL K 166 14.47 -31.92 12.12
CA VAL K 166 14.93 -31.42 10.80
C VAL K 166 13.93 -30.36 10.34
N TYR K 167 12.64 -30.60 10.51
CA TYR K 167 11.60 -29.67 10.01
C TYR K 167 11.77 -28.32 10.69
N VAL K 168 12.03 -28.34 11.99
CA VAL K 168 12.16 -27.08 12.77
C VAL K 168 13.45 -26.36 12.35
N GLU K 169 14.55 -27.08 12.10
CA GLU K 169 15.80 -26.42 11.64
C GLU K 169 15.53 -25.74 10.30
N GLU K 170 14.82 -26.41 9.38
CA GLU K 170 14.50 -25.86 8.04
C GLU K 170 13.50 -24.71 8.17
N ALA K 171 12.61 -24.74 9.16
CA ALA K 171 11.63 -23.64 9.40
C ALA K 171 12.38 -22.39 9.88
N ILE K 172 13.43 -22.56 10.69
CA ILE K 172 14.23 -21.40 11.18
C ILE K 172 14.88 -20.73 9.96
N LYS K 173 15.57 -21.51 9.12
CA LYS K 173 16.29 -21.02 7.91
C LYS K 173 15.30 -20.29 6.98
N ALA K 174 14.05 -20.75 6.87
CA ALA K 174 13.03 -20.15 5.98
C ALA K 174 12.38 -18.93 6.65
N GLY K 175 12.81 -18.63 7.88
CA GLY K 175 12.12 -17.77 8.89
C GLY K 175 10.61 -17.98 8.97
N ASP K 176 10.12 -19.21 9.00
CA ASP K 176 8.68 -19.52 9.23
C ASP K 176 8.32 -19.18 10.68
N LYS K 177 7.08 -18.75 10.91
CA LYS K 177 6.58 -18.45 12.27
C LYS K 177 5.15 -18.96 12.41
N TYR K 178 4.83 -19.47 13.60
CA TYR K 178 3.51 -20.05 13.95
C TYR K 178 2.98 -19.36 15.20
N ASP K 179 1.66 -19.39 15.37
CA ASP K 179 0.97 -18.87 16.58
C ASP K 179 0.98 -19.92 17.70
N VAL K 180 0.67 -21.17 17.37
CA VAL K 180 0.61 -22.30 18.35
C VAL K 180 1.39 -23.48 17.79
N ILE K 181 2.30 -24.02 18.59
CA ILE K 181 3.01 -25.27 18.28
C ILE K 181 2.61 -26.34 19.29
N ILE K 182 2.11 -27.46 18.77
CA ILE K 182 1.61 -28.61 19.58
C ILE K 182 2.55 -29.79 19.34
N MET K 183 3.24 -30.23 20.38
CA MET K 183 4.09 -31.43 20.35
C MET K 183 3.33 -32.61 20.95
N ASP K 184 3.03 -33.59 20.09
CA ASP K 184 2.29 -34.83 20.39
C ASP K 184 3.17 -36.00 19.97
N LEU K 185 4.31 -36.13 20.63
CA LEU K 185 5.35 -37.12 20.29
C LEU K 185 5.18 -38.35 21.16
N THR K 186 5.91 -39.40 20.81
CA THR K 186 6.16 -40.58 21.66
C THR K 186 6.83 -40.10 22.95
N ASP K 187 6.79 -40.94 23.98
CA ASP K 187 7.11 -40.55 25.38
C ASP K 187 8.57 -40.19 25.51
N PRO K 188 8.85 -39.18 26.35
CA PRO K 188 10.23 -38.74 26.60
C PRO K 188 11.04 -39.78 27.37
N TYR K 189 10.37 -40.66 28.11
CA TYR K 189 11.06 -41.64 29.00
C TYR K 189 11.35 -42.93 28.24
N SER K 190 10.85 -43.09 27.01
CA SER K 190 10.98 -44.38 26.30
C SER K 190 11.51 -44.23 24.87
N SER K 191 11.32 -43.09 24.21
CA SER K 191 11.35 -42.98 22.72
C SER K 191 12.67 -42.39 22.27
N ASP K 192 13.55 -43.20 21.69
CA ASP K 192 14.83 -42.71 21.09
C ASP K 192 14.51 -41.75 19.94
N ILE K 193 13.49 -42.04 19.12
CA ILE K 193 13.21 -41.23 17.91
C ILE K 193 12.78 -39.80 18.26
N ALA K 194 12.26 -39.55 19.46
CA ALA K 194 11.77 -38.21 19.89
C ALA K 194 12.77 -37.51 20.81
N LYS K 195 13.86 -38.14 21.23
CA LYS K 195 14.66 -37.66 22.40
C LYS K 195 15.21 -36.25 22.11
N GLN K 196 15.62 -35.94 20.90
CA GLN K 196 16.27 -34.63 20.60
C GLN K 196 15.22 -33.52 20.66
N LEU K 197 13.93 -33.85 20.61
CA LEU K 197 12.86 -32.82 20.57
C LEU K 197 12.40 -32.45 21.99
N TYR K 198 13.01 -33.01 23.03
CA TYR K 198 12.58 -32.77 24.42
C TYR K 198 13.64 -31.97 25.21
N THR K 199 14.66 -31.44 24.54
CA THR K 199 15.83 -30.76 25.18
C THR K 199 15.58 -29.25 25.30
N ARG K 200 16.24 -28.61 26.27
CA ARG K 200 16.39 -27.13 26.41
C ARG K 200 16.65 -26.52 25.03
N GLU K 201 17.62 -27.09 24.30
CA GLU K 201 18.11 -26.56 23.01
C GLU K 201 16.97 -26.62 22.01
N PHE K 202 16.15 -27.68 22.06
CA PHE K 202 15.04 -27.81 21.09
C PHE K 202 13.97 -26.77 21.41
N PHE K 203 13.73 -26.48 22.69
CA PHE K 203 12.68 -25.49 23.07
C PHE K 203 13.14 -24.09 22.64
N ALA K 204 14.45 -23.83 22.62
CA ALA K 204 15.03 -22.57 22.09
C ALA K 204 14.72 -22.46 20.61
N LYS K 205 14.85 -23.56 19.87
CA LYS K 205 14.54 -23.60 18.42
C LYS K 205 13.04 -23.36 18.20
N ILE K 206 12.20 -23.94 19.06
CA ILE K 206 10.73 -23.74 19.00
C ILE K 206 10.43 -22.25 19.19
N ARG K 207 11.06 -21.61 20.17
CA ARG K 207 10.79 -20.17 20.43
C ARG K 207 11.07 -19.36 19.15
N ARG K 208 12.12 -19.72 18.41
CA ARG K 208 12.53 -18.98 17.19
C ARG K 208 11.50 -19.11 16.07
N ILE K 209 10.61 -20.12 16.10
CA ILE K 209 9.57 -20.26 15.03
C ILE K 209 8.18 -19.94 15.59
N LEU K 210 8.14 -19.29 16.75
CA LEU K 210 6.89 -18.73 17.29
C LEU K 210 6.84 -17.23 17.05
N ASN K 211 5.67 -16.71 16.70
CA ASN K 211 5.34 -15.27 16.78
C ASN K 211 5.58 -14.81 18.23
N ASP K 212 5.60 -13.50 18.45
CA ASP K 212 6.02 -12.93 19.76
C ASP K 212 4.94 -13.17 20.81
N ASP K 213 3.71 -13.48 20.42
CA ASP K 213 2.62 -13.89 21.35
C ASP K 213 2.31 -15.39 21.20
N GLY K 214 3.29 -16.19 20.77
CA GLY K 214 3.12 -17.62 20.46
C GLY K 214 2.99 -18.47 21.72
N VAL K 215 2.40 -19.66 21.57
CA VAL K 215 2.33 -20.67 22.68
C VAL K 215 2.74 -22.05 22.15
N VAL K 216 3.52 -22.76 22.98
CA VAL K 216 3.89 -24.18 22.75
C VAL K 216 3.17 -25.02 23.81
N VAL K 217 2.69 -26.19 23.43
CA VAL K 217 2.27 -27.20 24.43
C VAL K 217 2.89 -28.52 24.02
N THR K 218 3.35 -29.29 25.00
CA THR K 218 3.84 -30.67 24.78
C THR K 218 3.27 -31.62 25.84
N GLN K 219 3.04 -32.87 25.47
CA GLN K 219 2.87 -33.95 26.47
C GLN K 219 4.28 -34.19 27.03
N ALA K 220 4.40 -34.50 28.32
CA ALA K 220 5.70 -34.61 29.01
C ALA K 220 5.77 -35.91 29.83
N GLY K 221 5.05 -36.95 29.38
CA GLY K 221 5.06 -38.28 30.02
C GLY K 221 4.24 -38.27 31.29
N ASN K 222 4.87 -38.62 32.41
CA ASN K 222 4.16 -38.71 33.71
C ASN K 222 5.11 -38.37 34.86
N SER K 223 4.68 -37.40 35.68
CA SER K 223 5.44 -36.78 36.79
C SER K 223 5.53 -37.75 37.96
N PHE K 224 4.55 -38.64 38.11
CA PHE K 224 4.49 -39.58 39.24
C PHE K 224 5.48 -40.73 39.01
N TYR K 225 5.40 -41.38 37.85
CA TYR K 225 6.20 -42.59 37.55
C TYR K 225 7.54 -42.20 36.94
N PHE K 226 7.62 -41.10 36.19
CA PHE K 226 8.87 -40.69 35.50
C PHE K 226 9.25 -39.26 35.84
N PRO K 227 9.49 -38.96 37.13
CA PRO K 227 9.73 -37.58 37.57
C PRO K 227 10.98 -36.95 36.93
N ALA K 228 12.06 -37.73 36.79
CA ALA K 228 13.34 -37.23 36.26
C ALA K 228 13.14 -36.77 34.81
N GLU K 229 12.50 -37.59 33.98
CA GLU K 229 12.29 -37.24 32.56
C GLU K 229 11.30 -36.08 32.48
N TYR K 230 10.28 -36.06 33.34
CA TYR K 230 9.30 -34.95 33.36
C TYR K 230 10.02 -33.63 33.69
N ASP K 231 10.84 -33.65 34.74
CA ASP K 231 11.58 -32.46 35.24
C ASP K 231 12.54 -31.95 34.16
N MET K 232 13.19 -32.82 33.39
CA MET K 232 14.11 -32.41 32.28
C MET K 232 13.31 -31.61 31.26
N VAL K 233 12.11 -32.07 30.90
CA VAL K 233 11.27 -31.36 29.90
C VAL K 233 10.87 -30.01 30.49
N LEU K 234 10.43 -30.00 31.75
CA LEU K 234 9.92 -28.79 32.45
C LEU K 234 11.02 -27.72 32.48
N GLU K 235 12.26 -28.09 32.85
CA GLU K 235 13.40 -27.15 32.94
C GLU K 235 13.70 -26.58 31.55
N GLY K 236 13.62 -27.41 30.51
CA GLY K 236 13.78 -27.01 29.10
C GLY K 236 12.78 -25.94 28.68
N VAL K 237 11.52 -26.08 29.07
CA VAL K 237 10.45 -25.11 28.73
C VAL K 237 10.64 -23.84 29.58
N LYS K 238 10.93 -23.99 30.88
CA LYS K 238 11.07 -22.82 31.80
C LYS K 238 12.26 -21.95 31.39
N ALA K 239 13.31 -22.54 30.80
CA ALA K 239 14.52 -21.81 30.38
C ALA K 239 14.22 -20.97 29.14
N ASN K 240 13.12 -21.23 28.43
CA ASN K 240 12.88 -20.60 27.11
C ASN K 240 11.60 -19.77 27.12
N PHE K 241 10.72 -19.95 28.09
CA PHE K 241 9.39 -19.29 28.11
C PHE K 241 9.14 -18.69 29.48
N PRO K 242 8.65 -17.42 29.52
CA PRO K 242 8.40 -16.73 30.78
C PRO K 242 7.11 -17.15 31.49
N ILE K 243 6.12 -17.66 30.75
CA ILE K 243 4.86 -18.22 31.32
C ILE K 243 4.84 -19.71 31.05
N VAL K 244 4.72 -20.52 32.09
CA VAL K 244 4.68 -22.01 32.01
C VAL K 244 3.53 -22.51 32.88
N ALA K 245 2.61 -23.26 32.29
CA ALA K 245 1.54 -23.98 33.03
C ALA K 245 1.78 -25.49 32.91
N GLU K 246 1.50 -26.18 34.00
CA GLU K 246 1.59 -27.64 34.13
C GLU K 246 0.17 -28.12 34.42
N TYR K 247 -0.31 -29.13 33.71
CA TYR K 247 -1.63 -29.73 34.03
C TYR K 247 -1.60 -31.20 33.63
N GLU K 248 -2.55 -31.97 34.13
CA GLU K 248 -2.54 -33.42 33.83
C GLU K 248 -3.96 -33.89 33.65
N VAL K 249 -4.13 -35.02 32.96
CA VAL K 249 -5.47 -35.64 32.78
C VAL K 249 -5.29 -37.15 32.82
N TRP K 250 -6.13 -37.82 33.60
CA TRP K 250 -6.17 -39.29 33.64
C TRP K 250 -6.59 -39.80 32.28
N ILE K 251 -5.76 -40.63 31.66
CA ILE K 251 -6.13 -41.37 30.42
C ILE K 251 -6.16 -42.84 30.80
N PRO K 252 -7.36 -43.43 30.99
CA PRO K 252 -7.44 -44.81 31.45
C PRO K 252 -6.56 -45.78 30.65
N SER K 253 -6.55 -45.68 29.31
CA SER K 253 -5.85 -46.66 28.45
C SER K 253 -4.33 -46.55 28.64
N PHE K 254 -3.84 -45.44 29.20
CA PHE K 254 -2.40 -45.25 29.48
C PHE K 254 -2.00 -45.84 30.84
N GLY K 255 -2.94 -45.96 31.77
CA GLY K 255 -2.65 -46.33 33.17
C GLY K 255 -2.11 -45.16 34.00
N TYR K 256 -2.24 -43.92 33.51
CA TYR K 256 -1.76 -42.73 34.27
C TYR K 256 -2.38 -41.43 33.75
N ALA K 257 -2.21 -40.38 34.55
CA ALA K 257 -2.56 -38.98 34.21
C ALA K 257 -1.40 -38.42 33.40
N VAL K 258 -1.64 -38.19 32.12
CA VAL K 258 -0.60 -37.62 31.21
C VAL K 258 -0.33 -36.20 31.70
N ASN K 259 0.94 -35.81 31.73
CA ASN K 259 1.35 -34.43 32.06
C ASN K 259 1.52 -33.62 30.78
N PHE K 260 1.00 -32.39 30.82
CA PHE K 260 1.15 -31.38 29.75
C PHE K 260 1.92 -30.19 30.31
N ILE K 261 2.77 -29.62 29.47
CA ILE K 261 3.54 -28.39 29.79
C ILE K 261 3.27 -27.42 28.65
N LEU K 262 2.74 -26.26 29.03
CA LEU K 262 2.35 -25.17 28.12
C LEU K 262 3.33 -24.00 28.38
N GLY K 263 4.02 -23.56 27.34
CA GLY K 263 4.93 -22.40 27.38
C GLY K 263 4.33 -21.28 26.57
N SER K 264 4.24 -20.08 27.14
CA SER K 264 3.59 -18.92 26.52
C SER K 264 4.52 -17.70 26.59
N LEU K 265 4.50 -16.89 25.53
CA LEU K 265 5.35 -15.69 25.42
C LEU K 265 4.57 -14.47 25.95
N ARG K 266 3.23 -14.47 25.92
CA ARG K 266 2.41 -13.30 26.32
C ARG K 266 1.22 -13.69 27.20
N TYR K 267 0.35 -14.58 26.73
CA TYR K 267 -0.95 -14.86 27.39
C TYR K 267 -0.80 -16.00 28.40
N ASP K 268 -1.41 -15.81 29.57
CA ASP K 268 -1.38 -16.76 30.69
C ASP K 268 -2.69 -17.53 30.71
N PRO K 269 -2.67 -18.86 30.50
CA PRO K 269 -3.89 -19.66 30.50
C PRO K 269 -4.59 -19.62 31.86
N HIS K 270 -3.85 -19.32 32.95
CA HIS K 270 -4.44 -19.23 34.30
C HIS K 270 -5.41 -18.06 34.40
N ALA K 271 -5.29 -17.07 33.51
CA ALA K 271 -6.08 -15.82 33.55
C ALA K 271 -7.45 -15.99 32.88
N LEU K 272 -7.64 -17.03 32.09
CA LEU K 272 -8.94 -17.23 31.37
C LEU K 272 -10.01 -17.70 32.37
N THR K 273 -11.20 -17.12 32.32
CA THR K 273 -12.37 -17.56 33.12
C THR K 273 -13.11 -18.61 32.32
N PRO K 274 -13.94 -19.46 32.97
CA PRO K 274 -14.80 -20.37 32.24
C PRO K 274 -15.62 -19.69 31.15
N SER K 275 -16.17 -18.50 31.44
CA SER K 275 -17.05 -17.75 30.51
C SER K 275 -16.27 -17.34 29.27
N GLU K 276 -15.06 -16.85 29.47
CA GLU K 276 -14.19 -16.41 28.35
C GLU K 276 -13.84 -17.64 27.51
N VAL K 277 -13.51 -18.77 28.13
CA VAL K 277 -13.17 -20.00 27.36
C VAL K 277 -14.40 -20.39 26.55
N ASP K 278 -15.56 -20.47 27.19
CA ASP K 278 -16.80 -20.98 26.53
C ASP K 278 -17.18 -20.04 25.38
N GLU K 279 -16.93 -18.73 25.54
CA GLU K 279 -17.25 -17.73 24.50
C GLU K 279 -16.30 -17.91 23.31
N ARG K 280 -15.02 -18.14 23.55
CA ARG K 280 -14.05 -18.38 22.44
C ARG K 280 -14.44 -19.66 21.69
N LEU K 281 -14.82 -20.72 22.41
CA LEU K 281 -15.18 -22.00 21.76
C LEU K 281 -16.40 -21.77 20.87
N ARG K 282 -17.39 -21.05 21.40
CA ARG K 282 -18.67 -20.79 20.69
C ARG K 282 -18.35 -19.94 19.46
N ALA K 283 -17.59 -18.85 19.62
CA ALA K 283 -17.29 -17.90 18.52
C ALA K 283 -16.52 -18.64 17.44
N ARG K 284 -15.69 -19.62 17.80
CA ARG K 284 -14.78 -20.28 16.83
C ARG K 284 -15.40 -21.55 16.25
N GLY K 285 -16.62 -21.92 16.67
CA GLY K 285 -17.35 -23.10 16.14
C GLY K 285 -16.78 -24.41 16.68
N VAL K 286 -16.10 -24.38 17.83
CA VAL K 286 -15.41 -25.57 18.41
C VAL K 286 -16.42 -26.39 19.23
N LYS K 287 -16.73 -27.60 18.76
CA LYS K 287 -17.57 -28.59 19.49
C LYS K 287 -16.65 -29.64 20.10
N THR K 288 -16.85 -29.98 21.39
CA THR K 288 -15.98 -30.91 22.14
C THR K 288 -16.83 -31.97 22.85
N ALA K 289 -16.23 -33.11 23.16
CA ALA K 289 -16.82 -34.15 24.02
C ALA K 289 -16.47 -33.89 25.50
N PHE K 290 -15.43 -33.10 25.79
CA PHE K 290 -14.88 -33.00 27.16
C PHE K 290 -14.58 -31.56 27.53
N TYR K 291 -13.69 -30.90 26.78
CA TYR K 291 -13.14 -29.58 27.15
C TYR K 291 -14.24 -28.51 27.15
N THR K 292 -14.27 -27.75 28.25
CA THR K 292 -15.16 -26.60 28.54
C THR K 292 -14.40 -25.60 29.40
N GLY K 293 -15.02 -24.45 29.65
CA GLY K 293 -14.46 -23.43 30.55
C GLY K 293 -14.20 -24.00 31.93
N ARG K 294 -15.11 -24.83 32.42
CA ARG K 294 -14.96 -25.42 33.79
C ARG K 294 -13.79 -26.41 33.78
N VAL K 295 -13.66 -27.20 32.73
CA VAL K 295 -12.49 -28.12 32.61
C VAL K 295 -11.23 -27.26 32.63
N HIS K 296 -11.21 -26.21 31.84
CA HIS K 296 -10.04 -25.32 31.77
C HIS K 296 -9.66 -24.85 33.18
N LEU K 297 -10.65 -24.39 33.94
CA LEU K 297 -10.44 -23.91 35.34
C LEU K 297 -9.84 -25.03 36.17
N ALA K 298 -10.37 -26.24 36.06
CA ALA K 298 -9.89 -27.40 36.85
C ALA K 298 -8.44 -27.71 36.48
N LEU K 299 -8.12 -27.74 35.19
CA LEU K 299 -6.75 -28.07 34.73
C LEU K 299 -5.77 -27.04 35.28
N MET K 300 -6.17 -25.77 35.34
CA MET K 300 -5.27 -24.68 35.78
C MET K 300 -5.09 -24.71 37.30
N ASN K 301 -5.93 -25.44 38.03
CA ASN K 301 -5.95 -25.36 39.52
C ASN K 301 -5.49 -26.67 40.16
N MET K 302 -5.51 -27.79 39.43
CA MET K 302 -5.11 -29.09 39.99
C MET K 302 -3.61 -29.24 39.93
N PRO K 303 -2.89 -29.37 41.06
CA PRO K 303 -1.46 -29.64 41.01
C PRO K 303 -1.23 -31.05 40.46
N ILE K 304 -0.04 -31.27 39.92
CA ILE K 304 0.33 -32.55 39.28
C ILE K 304 0.71 -33.54 40.38
N HIS K 305 0.55 -34.83 40.08
CA HIS K 305 0.86 -35.95 40.99
C HIS K 305 2.36 -36.15 41.09
N ARG K 306 2.83 -36.39 42.31
CA ARG K 306 4.19 -36.81 42.66
C ARG K 306 4.07 -37.93 43.68
N LYS K 307 5.11 -38.75 43.83
CA LYS K 307 5.24 -39.69 44.96
C LYS K 307 5.37 -38.85 46.23
N LEU K 308 4.52 -39.09 47.22
CA LEU K 308 4.41 -38.24 48.43
C LEU K 308 5.31 -38.78 49.55
N ARG K 309 5.78 -40.02 49.42
CA ARG K 309 6.80 -40.61 50.32
C ARG K 309 7.80 -41.40 49.49
N VAL L 24 -56.18 -13.96 -41.22
CA VAL L 24 -55.37 -15.12 -41.75
C VAL L 24 -55.46 -15.13 -43.28
N PRO L 25 -54.34 -15.44 -43.96
CA PRO L 25 -54.14 -15.02 -45.35
C PRO L 25 -54.88 -15.83 -46.39
N GLY L 26 -55.70 -15.16 -47.19
CA GLY L 26 -56.45 -15.76 -48.30
C GLY L 26 -57.48 -14.75 -48.76
N PRO L 27 -58.37 -15.11 -49.70
CA PRO L 27 -58.45 -16.47 -50.23
C PRO L 27 -57.33 -16.93 -51.19
N ILE L 28 -56.64 -15.99 -51.83
CA ILE L 28 -55.54 -16.31 -52.77
C ILE L 28 -54.25 -16.10 -52.01
N THR L 29 -53.41 -17.11 -52.01
CA THR L 29 -52.26 -17.25 -51.10
C THR L 29 -51.08 -17.75 -51.90
N LEU L 30 -49.90 -17.22 -51.58
CA LEU L 30 -48.63 -17.80 -52.02
C LEU L 30 -48.15 -18.70 -50.89
N ILE L 31 -47.83 -19.94 -51.21
CA ILE L 31 -47.15 -20.85 -50.26
C ILE L 31 -45.68 -20.77 -50.61
N GLU L 32 -44.94 -19.96 -49.87
CA GLU L 32 -43.50 -19.78 -50.05
C GLU L 32 -42.79 -20.80 -49.19
N PRO L 33 -41.97 -21.70 -49.78
CA PRO L 33 -41.23 -22.65 -48.98
C PRO L 33 -40.22 -21.81 -48.21
N LEU L 34 -39.85 -22.26 -47.04
CA LEU L 34 -38.81 -21.54 -46.29
C LEU L 34 -37.73 -22.58 -46.07
N SER L 35 -37.98 -23.53 -45.19
CA SER L 35 -37.00 -24.54 -44.76
C SER L 35 -37.44 -25.94 -45.19
N GLY L 36 -38.67 -26.12 -45.66
CA GLY L 36 -39.26 -27.46 -45.79
C GLY L 36 -40.02 -27.88 -44.53
N ASN L 37 -39.59 -27.47 -43.35
CA ASN L 37 -40.31 -27.76 -42.08
C ASN L 37 -41.05 -26.52 -41.59
N THR L 38 -40.82 -25.40 -42.27
CA THR L 38 -41.57 -24.14 -42.11
C THR L 38 -41.85 -23.63 -43.52
N SER L 39 -43.03 -23.10 -43.78
CA SER L 39 -43.39 -22.37 -45.01
C SER L 39 -44.13 -21.10 -44.65
N LEU L 40 -44.14 -20.14 -45.55
CA LEU L 40 -44.88 -18.88 -45.37
C LEU L 40 -46.17 -18.97 -46.17
N LEU L 41 -47.27 -18.50 -45.59
CA LEU L 41 -48.54 -18.27 -46.30
C LEU L 41 -48.68 -16.77 -46.48
N ILE L 42 -48.66 -16.30 -47.71
CA ILE L 42 -48.67 -14.85 -48.00
C ILE L 42 -49.91 -14.51 -48.82
N LYS L 43 -50.72 -13.57 -48.35
CA LYS L 43 -51.94 -13.16 -49.08
C LYS L 43 -51.51 -12.45 -50.36
N ILE L 44 -52.10 -12.86 -51.49
CA ILE L 44 -51.93 -12.29 -52.85
C ILE L 44 -53.16 -11.44 -53.14
N ASN L 45 -52.95 -10.21 -53.58
CA ASN L 45 -54.08 -9.32 -53.96
C ASN L 45 -54.32 -9.44 -55.47
N ALA L 46 -53.27 -9.70 -56.27
CA ALA L 46 -53.40 -9.74 -57.75
C ALA L 46 -52.20 -10.45 -58.32
N ILE L 47 -52.41 -11.15 -59.42
CA ILE L 47 -51.33 -11.76 -60.23
C ILE L 47 -51.22 -10.96 -61.54
N HIS L 48 -50.04 -10.42 -61.79
CA HIS L 48 -49.77 -9.56 -62.96
C HIS L 48 -49.36 -10.44 -64.15
N SER L 49 -48.51 -11.42 -63.92
CA SER L 49 -47.97 -12.26 -65.00
C SER L 49 -47.50 -13.59 -64.43
N VAL L 50 -47.76 -14.66 -65.17
CA VAL L 50 -47.21 -16.01 -64.91
C VAL L 50 -46.54 -16.45 -66.21
N LYS L 51 -45.30 -16.87 -66.15
CA LYS L 51 -44.55 -17.26 -67.37
C LYS L 51 -43.69 -18.47 -67.01
N LYS L 52 -43.96 -19.59 -67.68
CA LYS L 52 -43.06 -20.76 -67.65
C LYS L 52 -41.95 -20.49 -68.66
N SER L 53 -40.78 -20.09 -68.20
CA SER L 53 -39.60 -19.89 -69.08
C SER L 53 -38.93 -21.25 -69.21
N PRO L 54 -37.96 -21.44 -70.11
CA PRO L 54 -37.23 -22.70 -70.16
C PRO L 54 -36.45 -22.97 -68.87
N TYR L 55 -36.15 -21.93 -68.08
CA TYR L 55 -35.27 -22.06 -66.90
C TYR L 55 -36.08 -22.20 -65.61
N GLN L 56 -37.22 -21.53 -65.52
CA GLN L 56 -37.91 -21.40 -64.22
C GLN L 56 -39.32 -20.91 -64.43
N GLU L 57 -40.16 -21.12 -63.43
CA GLU L 57 -41.53 -20.55 -63.40
C GLU L 57 -41.45 -19.15 -62.78
N ILE L 58 -41.97 -18.16 -63.47
CA ILE L 58 -41.87 -16.73 -63.11
C ILE L 58 -43.27 -16.29 -62.72
N ILE L 59 -43.43 -15.67 -61.56
CA ILE L 59 -44.73 -15.04 -61.18
C ILE L 59 -44.42 -13.62 -60.72
N ILE L 60 -45.15 -12.67 -61.26
CA ILE L 60 -45.18 -11.30 -60.71
C ILE L 60 -46.58 -11.06 -60.15
N ALA L 61 -46.62 -10.68 -58.88
CA ALA L 61 -47.87 -10.60 -58.11
C ALA L 61 -47.80 -9.41 -57.16
N ASP L 62 -48.97 -8.99 -56.66
CA ASP L 62 -49.09 -8.01 -55.58
C ASP L 62 -49.40 -8.79 -54.30
N THR L 63 -48.61 -8.57 -53.27
CA THR L 63 -48.87 -9.14 -51.92
C THR L 63 -49.33 -8.00 -51.02
N GLU L 64 -50.21 -8.31 -50.07
CA GLU L 64 -50.71 -7.31 -49.12
C GLU L 64 -49.54 -6.79 -48.28
N ASP L 65 -48.68 -7.67 -47.76
CA ASP L 65 -47.62 -7.25 -46.83
C ASP L 65 -46.48 -6.55 -47.57
N TYR L 66 -46.10 -7.04 -48.74
CA TYR L 66 -44.78 -6.70 -49.33
C TYR L 66 -44.94 -5.93 -50.64
N GLY L 67 -46.18 -5.62 -51.04
CA GLY L 67 -46.48 -5.05 -52.36
C GLY L 67 -46.02 -6.00 -53.46
N ARG L 68 -45.56 -5.43 -54.58
CA ARG L 68 -45.27 -6.20 -55.79
C ARG L 68 -44.03 -7.08 -55.57
N VAL L 69 -44.07 -8.32 -56.03
CA VAL L 69 -42.99 -9.30 -55.84
C VAL L 69 -42.62 -9.96 -57.17
N LEU L 70 -41.36 -10.36 -57.26
CA LEU L 70 -40.92 -11.36 -58.23
C LEU L 70 -40.78 -12.69 -57.51
N ILE L 71 -41.39 -13.73 -58.06
CA ILE L 71 -41.31 -15.13 -57.56
C ILE L 71 -40.69 -15.99 -58.65
N LEU L 72 -39.67 -16.77 -58.31
CA LEU L 72 -39.04 -17.73 -59.25
C LEU L 72 -39.06 -19.10 -58.61
N ASP L 73 -39.70 -20.07 -59.26
CA ASP L 73 -39.84 -21.46 -58.74
C ASP L 73 -40.30 -21.42 -57.29
N ASP L 74 -41.31 -20.59 -56.99
CA ASP L 74 -42.02 -20.56 -55.68
C ASP L 74 -41.33 -19.61 -54.66
N TYR L 75 -40.11 -19.17 -54.91
CA TYR L 75 -39.33 -18.35 -53.95
C TYR L 75 -39.41 -16.88 -54.32
N ILE L 76 -39.84 -16.05 -53.38
CA ILE L 76 -39.77 -14.57 -53.55
C ILE L 76 -38.29 -14.18 -53.73
N GLN L 77 -38.04 -13.41 -54.77
CA GLN L 77 -36.69 -12.91 -55.11
C GLN L 77 -36.55 -11.48 -54.57
N SER L 78 -37.63 -10.72 -54.56
CA SER L 78 -37.61 -9.28 -54.29
C SER L 78 -39.04 -8.79 -54.08
N SER L 79 -39.21 -7.81 -53.23
CA SER L 79 -40.50 -7.14 -52.98
C SER L 79 -40.28 -5.65 -53.03
N TYR L 80 -41.28 -4.91 -53.45
CA TYR L 80 -41.25 -3.43 -53.42
C TYR L 80 -40.94 -2.93 -52.01
N VAL L 81 -41.47 -3.53 -50.93
CA VAL L 81 -41.35 -2.86 -49.60
C VAL L 81 -39.99 -3.14 -48.99
N ASP L 82 -39.25 -4.17 -49.38
CA ASP L 82 -37.97 -4.48 -48.68
C ASP L 82 -36.82 -4.83 -49.62
N GLU L 83 -36.99 -4.73 -50.93
CA GLU L 83 -35.85 -5.10 -51.83
C GLU L 83 -34.65 -4.20 -51.56
N GLN L 84 -34.84 -2.96 -51.12
CA GLN L 84 -33.69 -2.02 -50.92
C GLN L 84 -32.78 -2.55 -49.81
N TYR L 85 -33.35 -3.22 -48.79
CA TYR L 85 -32.52 -3.88 -47.75
C TYR L 85 -31.60 -4.92 -48.39
N TYR L 86 -32.16 -5.72 -49.30
CA TYR L 86 -31.42 -6.81 -49.95
C TYR L 86 -30.37 -6.20 -50.88
N HIS L 87 -30.78 -5.34 -51.81
CA HIS L 87 -29.89 -4.89 -52.91
C HIS L 87 -28.81 -3.97 -52.35
N GLU L 88 -29.14 -3.12 -51.38
CA GLU L 88 -28.12 -2.23 -50.78
C GLU L 88 -27.09 -3.03 -50.02
N SER L 89 -27.53 -4.07 -49.29
CA SER L 89 -26.65 -4.91 -48.44
C SER L 89 -25.78 -5.78 -49.35
N LEU L 90 -26.31 -6.18 -50.50
CA LEU L 90 -25.56 -7.05 -51.43
C LEU L 90 -24.44 -6.25 -52.09
N VAL L 91 -24.72 -5.00 -52.45
CA VAL L 91 -23.85 -4.21 -53.36
C VAL L 91 -22.87 -3.31 -52.59
N HIS L 92 -23.36 -2.48 -51.68
CA HIS L 92 -22.59 -1.30 -51.22
C HIS L 92 -21.40 -1.69 -50.36
N PRO L 93 -21.46 -2.71 -49.46
CA PRO L 93 -20.27 -3.06 -48.68
C PRO L 93 -19.07 -3.41 -49.58
N ALA L 94 -19.29 -4.21 -50.62
CA ALA L 94 -18.22 -4.57 -51.57
C ALA L 94 -17.75 -3.33 -52.33
N MET L 95 -18.69 -2.54 -52.86
CA MET L 95 -18.35 -1.38 -53.72
C MET L 95 -17.61 -0.34 -52.87
N ALA L 96 -18.01 -0.16 -51.61
CA ALA L 96 -17.41 0.85 -50.69
C ALA L 96 -16.04 0.36 -50.23
N THR L 97 -15.82 -0.94 -50.16
CA THR L 97 -14.53 -1.55 -49.77
C THR L 97 -13.50 -1.34 -50.88
N HIS L 98 -13.93 -1.40 -52.14
CA HIS L 98 -13.01 -1.13 -53.27
C HIS L 98 -12.77 0.37 -53.34
N PRO L 99 -11.50 0.82 -53.36
CA PRO L 99 -11.20 2.25 -53.34
C PRO L 99 -11.58 2.99 -54.63
N ASN L 100 -11.70 2.28 -55.76
CA ASN L 100 -12.05 2.92 -57.06
C ASN L 100 -12.62 1.85 -58.00
N PRO L 101 -13.85 1.38 -57.76
CA PRO L 101 -14.46 0.34 -58.59
C PRO L 101 -14.95 0.96 -59.92
N ARG L 102 -14.28 0.61 -61.03
CA ARG L 102 -14.55 1.21 -62.35
C ARG L 102 -15.31 0.22 -63.24
N ASP L 103 -14.93 -1.07 -63.18
CA ASP L 103 -15.49 -2.17 -63.98
C ASP L 103 -16.20 -3.15 -63.03
N VAL L 104 -17.51 -3.27 -63.19
CA VAL L 104 -18.36 -4.10 -62.31
C VAL L 104 -19.05 -5.17 -63.16
N LEU L 105 -19.00 -6.41 -62.67
CA LEU L 105 -19.76 -7.55 -63.25
C LEU L 105 -20.81 -8.00 -62.23
N ILE L 106 -22.05 -8.13 -62.68
CA ILE L 106 -23.18 -8.73 -61.93
C ILE L 106 -23.59 -10.04 -62.61
N LEU L 107 -23.63 -11.13 -61.86
CA LEU L 107 -24.21 -12.42 -62.31
C LEU L 107 -25.60 -12.55 -61.68
N GLY L 108 -26.63 -12.63 -62.50
CA GLY L 108 -28.03 -12.67 -62.09
C GLY L 108 -28.57 -11.26 -61.99
N GLY L 109 -29.30 -10.95 -60.93
CA GLY L 109 -29.85 -9.60 -60.75
C GLY L 109 -30.91 -9.25 -61.78
N GLY L 110 -31.71 -10.24 -62.19
CA GLY L 110 -32.69 -10.13 -63.30
C GLY L 110 -33.61 -8.93 -63.21
N GLU L 111 -33.99 -8.49 -61.99
CA GLU L 111 -35.00 -7.40 -61.85
C GLU L 111 -34.32 -6.04 -62.04
N GLY L 112 -32.99 -5.97 -62.02
CA GLY L 112 -32.24 -4.75 -62.38
C GLY L 112 -31.95 -3.86 -61.19
N ALA L 113 -32.31 -4.25 -59.96
CA ALA L 113 -32.07 -3.45 -58.74
C ALA L 113 -30.59 -3.56 -58.32
N THR L 114 -29.95 -4.72 -58.50
CA THR L 114 -28.50 -4.86 -58.20
C THR L 114 -27.73 -3.86 -59.08
N LEU L 115 -28.05 -3.85 -60.37
CA LEU L 115 -27.46 -2.91 -61.35
C LEU L 115 -27.75 -1.47 -60.91
N ARG L 116 -28.97 -1.17 -60.52
CA ARG L 116 -29.38 0.18 -60.05
C ARG L 116 -28.44 0.62 -58.91
N GLU L 117 -28.19 -0.25 -57.95
CA GLU L 117 -27.36 0.11 -56.77
C GLU L 117 -25.91 0.30 -57.22
N ALA L 118 -25.37 -0.59 -58.05
CA ALA L 118 -23.96 -0.52 -58.47
C ALA L 118 -23.71 0.77 -59.25
N LEU L 119 -24.64 1.17 -60.11
CA LEU L 119 -24.48 2.36 -60.98
C LEU L 119 -24.44 3.64 -60.14
N LYS L 120 -24.93 3.63 -58.91
CA LYS L 120 -24.94 4.86 -58.07
C LYS L 120 -23.49 5.31 -57.80
N HIS L 121 -22.53 4.40 -57.80
CA HIS L 121 -21.10 4.73 -57.55
C HIS L 121 -20.55 5.49 -58.78
N GLY L 122 -20.25 6.77 -58.61
CA GLY L 122 -19.71 7.66 -59.66
C GLY L 122 -18.40 7.15 -60.24
N THR L 123 -17.70 6.25 -59.56
CA THR L 123 -16.43 5.67 -60.08
C THR L 123 -16.72 4.68 -61.21
N VAL L 124 -17.93 4.13 -61.26
CA VAL L 124 -18.25 3.04 -62.22
C VAL L 124 -18.30 3.62 -63.64
N LYS L 125 -17.54 3.04 -64.56
CA LYS L 125 -17.51 3.43 -65.99
C LYS L 125 -18.25 2.36 -66.80
N ARG L 126 -18.12 1.10 -66.41
CA ARG L 126 -18.70 -0.07 -67.12
C ARG L 126 -19.28 -1.05 -66.09
N ALA L 127 -20.59 -1.31 -66.18
CA ALA L 127 -21.31 -2.34 -65.40
C ALA L 127 -21.91 -3.33 -66.37
N VAL L 128 -21.52 -4.59 -66.28
CA VAL L 128 -22.09 -5.70 -67.09
C VAL L 128 -22.96 -6.56 -66.17
N MET L 129 -24.19 -6.82 -66.59
CA MET L 129 -25.16 -7.68 -65.88
C MET L 129 -25.46 -8.88 -66.77
N VAL L 130 -25.26 -10.09 -66.25
CA VAL L 130 -25.42 -11.37 -67.00
C VAL L 130 -26.48 -12.21 -66.31
N ASP L 131 -27.64 -12.34 -66.92
CA ASP L 131 -28.72 -13.23 -66.41
C ASP L 131 -29.02 -14.27 -67.49
N ILE L 132 -29.27 -15.50 -67.09
CA ILE L 132 -29.55 -16.62 -68.02
C ILE L 132 -30.94 -16.45 -68.63
N ASP L 133 -31.85 -15.67 -68.03
CA ASP L 133 -33.29 -15.74 -68.35
C ASP L 133 -33.82 -14.41 -68.88
N ARG L 134 -33.96 -14.29 -70.20
CA ARG L 134 -34.46 -13.06 -70.86
C ARG L 134 -35.89 -12.75 -70.37
N ASP L 135 -36.68 -13.76 -70.01
CA ASP L 135 -38.08 -13.52 -69.56
C ASP L 135 -38.08 -12.78 -68.19
N VAL L 136 -37.14 -13.08 -67.32
CA VAL L 136 -37.07 -12.37 -66.00
C VAL L 136 -36.78 -10.90 -66.26
N VAL L 137 -35.82 -10.63 -67.12
CA VAL L 137 -35.41 -9.24 -67.43
C VAL L 137 -36.59 -8.52 -68.08
N GLU L 138 -37.23 -9.12 -69.08
CA GLU L 138 -38.27 -8.40 -69.84
C GLU L 138 -39.50 -8.22 -68.95
N LEU L 139 -39.85 -9.22 -68.14
CA LEU L 139 -41.04 -9.08 -67.27
C LEU L 139 -40.76 -8.07 -66.16
N SER L 140 -39.52 -8.00 -65.68
CA SER L 140 -39.08 -6.99 -64.68
C SER L 140 -39.12 -5.60 -65.28
N ARG L 141 -38.60 -5.45 -66.50
CA ARG L 141 -38.64 -4.15 -67.21
C ARG L 141 -40.09 -3.65 -67.20
N ALA L 142 -41.08 -4.50 -67.55
CA ALA L 142 -42.47 -4.05 -67.74
C ALA L 142 -43.17 -3.89 -66.37
N TYR L 143 -43.08 -4.90 -65.49
CA TYR L 143 -43.97 -4.98 -64.32
C TYR L 143 -43.28 -4.53 -63.02
N LEU L 144 -41.97 -4.34 -63.01
CA LEU L 144 -41.23 -3.98 -61.77
C LEU L 144 -40.37 -2.75 -61.99
N PRO L 145 -40.96 -1.62 -62.50
CA PRO L 145 -40.19 -0.41 -62.78
C PRO L 145 -39.51 0.18 -61.54
N GLN L 146 -40.08 0.01 -60.35
CA GLN L 146 -39.47 0.62 -59.13
C GLN L 146 -38.23 -0.19 -58.74
N MET L 147 -37.98 -1.35 -59.33
CA MET L 147 -36.75 -2.11 -59.08
C MET L 147 -35.63 -1.57 -59.98
N HIS L 148 -35.79 -1.60 -61.30
CA HIS L 148 -34.68 -1.26 -62.22
C HIS L 148 -34.51 0.27 -62.25
N GLN L 149 -35.60 1.02 -62.16
CA GLN L 149 -35.61 2.51 -62.22
C GLN L 149 -34.73 2.99 -63.37
N GLY L 150 -34.81 2.35 -64.55
CA GLY L 150 -34.10 2.79 -65.76
C GLY L 150 -32.69 2.24 -65.88
N ALA L 151 -32.22 1.50 -64.87
CA ALA L 151 -30.82 1.02 -64.82
C ALA L 151 -30.47 0.28 -66.11
N PHE L 152 -31.41 -0.49 -66.68
CA PHE L 152 -31.15 -1.32 -67.89
C PHE L 152 -30.66 -0.43 -69.06
N ASP L 153 -31.10 0.84 -69.09
CA ASP L 153 -30.87 1.78 -70.21
C ASP L 153 -29.77 2.78 -69.89
N ASP L 154 -29.12 2.70 -68.73
CA ASP L 154 -27.96 3.58 -68.39
C ASP L 154 -26.86 3.31 -69.41
N PRO L 155 -26.25 4.37 -70.01
CA PRO L 155 -25.18 4.20 -71.00
C PRO L 155 -24.00 3.37 -70.48
N ARG L 156 -23.76 3.37 -69.17
CA ARG L 156 -22.62 2.62 -68.57
C ARG L 156 -22.96 1.12 -68.45
N ALA L 157 -24.22 0.73 -68.63
CA ALA L 157 -24.70 -0.65 -68.36
C ALA L 157 -24.78 -1.45 -69.66
N LYS L 158 -24.39 -2.72 -69.59
CA LYS L 158 -24.54 -3.72 -70.68
C LYS L 158 -25.27 -4.93 -70.07
N VAL L 159 -26.42 -5.25 -70.61
CA VAL L 159 -27.24 -6.43 -70.18
C VAL L 159 -26.99 -7.54 -71.18
N VAL L 160 -26.47 -8.66 -70.69
CA VAL L 160 -26.14 -9.88 -71.48
C VAL L 160 -27.01 -11.02 -70.98
N ILE L 161 -27.71 -11.69 -71.90
CA ILE L 161 -28.49 -12.91 -71.61
C ILE L 161 -27.58 -14.09 -71.91
N GLN L 162 -27.08 -14.73 -70.88
CA GLN L 162 -26.16 -15.89 -70.99
C GLN L 162 -26.10 -16.57 -69.64
N ASP L 163 -25.85 -17.88 -69.64
CA ASP L 163 -25.46 -18.62 -68.42
C ASP L 163 -24.14 -17.99 -67.93
N GLY L 164 -24.14 -17.58 -66.65
CA GLY L 164 -22.99 -16.92 -66.03
C GLY L 164 -21.76 -17.81 -66.04
N PHE L 165 -21.92 -19.12 -65.96
CA PHE L 165 -20.80 -20.09 -66.03
C PHE L 165 -20.06 -19.90 -67.36
N VAL L 166 -20.82 -19.90 -68.43
CA VAL L 166 -20.28 -19.78 -69.81
C VAL L 166 -19.68 -18.40 -69.96
N TYR L 167 -20.33 -17.37 -69.43
CA TYR L 167 -19.86 -15.98 -69.59
C TYR L 167 -18.48 -15.85 -68.95
N VAL L 168 -18.32 -16.43 -67.78
CA VAL L 168 -17.04 -16.34 -67.03
C VAL L 168 -15.96 -17.12 -67.78
N GLU L 169 -16.27 -18.28 -68.35
CA GLU L 169 -15.26 -19.07 -69.12
C GLU L 169 -14.80 -18.22 -70.31
N GLU L 170 -15.73 -17.57 -71.00
CA GLU L 170 -15.43 -16.72 -72.18
C GLU L 170 -14.69 -15.45 -71.75
N ALA L 171 -14.94 -14.94 -70.55
CA ALA L 171 -14.23 -13.76 -70.01
C ALA L 171 -12.76 -14.13 -69.71
N ILE L 172 -12.51 -15.35 -69.25
CA ILE L 172 -11.13 -15.82 -68.98
C ILE L 172 -10.36 -15.84 -70.30
N LYS L 173 -10.92 -16.47 -71.34
CA LYS L 173 -10.31 -16.62 -72.68
C LYS L 173 -10.04 -15.23 -73.27
N ALA L 174 -10.89 -14.23 -73.03
CA ALA L 174 -10.72 -12.85 -73.57
C ALA L 174 -9.76 -12.04 -72.70
N GLY L 175 -9.24 -12.66 -71.64
CA GLY L 175 -8.57 -12.04 -70.47
C GLY L 175 -9.26 -10.78 -69.94
N ASP L 176 -10.59 -10.76 -69.81
CA ASP L 176 -11.34 -9.64 -69.20
C ASP L 176 -11.04 -9.60 -67.70
N LYS L 177 -11.04 -8.40 -67.11
CA LYS L 177 -10.85 -8.24 -65.65
C LYS L 177 -11.79 -7.18 -65.11
N TYR L 178 -12.29 -7.40 -63.89
CA TYR L 178 -13.27 -6.52 -63.20
C TYR L 178 -12.70 -6.17 -61.83
N ASP L 179 -13.16 -5.06 -61.29
CA ASP L 179 -12.80 -4.58 -59.93
C ASP L 179 -13.70 -5.26 -58.89
N VAL L 180 -15.01 -5.30 -59.15
CA VAL L 180 -16.01 -5.91 -58.23
C VAL L 180 -16.92 -6.85 -59.04
N ILE L 181 -17.08 -8.07 -58.55
CA ILE L 181 -18.04 -9.05 -59.09
C ILE L 181 -19.12 -9.34 -58.04
N ILE L 182 -20.37 -9.12 -58.43
CA ILE L 182 -21.56 -9.26 -57.56
C ILE L 182 -22.39 -10.44 -58.08
N MET L 183 -22.50 -11.50 -57.30
CA MET L 183 -23.35 -12.66 -57.62
C MET L 183 -24.69 -12.54 -56.88
N ASP L 184 -25.76 -12.33 -57.63
CA ASP L 184 -27.15 -12.16 -57.21
C ASP L 184 -27.99 -13.25 -57.90
N LEU L 185 -27.70 -14.49 -57.59
CA LEU L 185 -28.28 -15.67 -58.25
C LEU L 185 -29.43 -16.20 -57.41
N THR L 186 -30.20 -17.11 -57.98
CA THR L 186 -31.18 -17.96 -57.28
C THR L 186 -30.41 -18.77 -56.23
N ASP L 187 -31.15 -19.30 -55.26
CA ASP L 187 -30.59 -19.85 -54.00
C ASP L 187 -29.75 -21.08 -54.28
N PRO L 188 -28.65 -21.22 -53.53
CA PRO L 188 -27.77 -22.38 -53.67
C PRO L 188 -28.43 -23.67 -53.19
N TYR L 189 -29.43 -23.58 -52.31
CA TYR L 189 -30.07 -24.77 -51.69
C TYR L 189 -31.23 -25.26 -52.54
N SER L 190 -31.62 -24.52 -53.59
CA SER L 190 -32.84 -24.86 -54.35
C SER L 190 -32.62 -24.90 -55.86
N SER L 191 -31.64 -24.16 -56.40
CA SER L 191 -31.61 -23.74 -57.82
C SER L 191 -30.62 -24.61 -58.58
N ASP L 192 -31.13 -25.52 -59.41
CA ASP L 192 -30.29 -26.36 -60.31
C ASP L 192 -29.56 -25.42 -61.29
N ILE L 193 -30.23 -24.40 -61.81
CA ILE L 193 -29.66 -23.52 -62.87
C ILE L 193 -28.43 -22.75 -62.38
N ALA L 194 -28.28 -22.51 -61.08
CA ALA L 194 -27.16 -21.73 -60.49
C ALA L 194 -26.10 -22.64 -59.87
N LYS L 195 -26.31 -23.95 -59.78
CA LYS L 195 -25.49 -24.82 -58.86
C LYS L 195 -24.01 -24.76 -59.26
N GLN L 196 -23.66 -24.68 -60.54
CA GLN L 196 -22.25 -24.74 -60.96
C GLN L 196 -21.53 -23.45 -60.56
N LEU L 197 -22.26 -22.38 -60.24
CA LEU L 197 -21.65 -21.07 -59.93
C LEU L 197 -21.36 -20.92 -58.45
N TYR L 198 -21.62 -21.95 -57.63
CA TYR L 198 -21.45 -21.87 -56.18
C TYR L 198 -20.29 -22.78 -55.70
N THR L 199 -19.49 -23.33 -56.62
CA THR L 199 -18.42 -24.34 -56.30
C THR L 199 -17.07 -23.64 -56.06
N ARG L 200 -16.17 -24.30 -55.32
CA ARG L 200 -14.74 -23.96 -55.19
C ARG L 200 -14.17 -23.60 -56.56
N GLU L 201 -14.43 -24.44 -57.55
CA GLU L 201 -13.85 -24.35 -58.92
C GLU L 201 -14.36 -23.06 -59.56
N PHE L 202 -15.62 -22.70 -59.30
CA PHE L 202 -16.17 -21.47 -59.91
C PHE L 202 -15.53 -20.24 -59.26
N PHE L 203 -15.26 -20.28 -57.97
CA PHE L 203 -14.66 -19.11 -57.27
C PHE L 203 -13.21 -18.93 -57.75
N ALA L 204 -12.53 -20.01 -58.14
CA ALA L 204 -11.19 -19.97 -58.77
C ALA L 204 -11.29 -19.24 -60.11
N LYS L 205 -12.34 -19.51 -60.88
CA LYS L 205 -12.57 -18.84 -62.18
C LYS L 205 -12.86 -17.36 -61.96
N ILE L 206 -13.62 -17.04 -60.91
CA ILE L 206 -13.92 -15.64 -60.54
C ILE L 206 -12.61 -14.92 -60.23
N ARG L 207 -11.73 -15.54 -59.44
CA ARG L 207 -10.45 -14.88 -59.09
C ARG L 207 -9.69 -14.51 -60.37
N ARG L 208 -9.74 -15.35 -61.40
CA ARG L 208 -8.99 -15.14 -62.66
C ARG L 208 -9.53 -13.94 -63.44
N ILE L 209 -10.78 -13.50 -63.19
CA ILE L 209 -11.34 -12.32 -63.92
C ILE L 209 -11.46 -11.12 -62.96
N LEU L 210 -10.77 -11.19 -61.83
CA LEU L 210 -10.63 -10.03 -60.93
C LEU L 210 -9.25 -9.41 -61.12
N ASN L 211 -9.18 -8.09 -61.09
CA ASN L 211 -7.94 -7.32 -60.87
C ASN L 211 -7.32 -7.79 -59.56
N ASP L 212 -6.06 -7.42 -59.32
CA ASP L 212 -5.22 -7.94 -58.20
C ASP L 212 -5.79 -7.45 -56.85
N ASP L 213 -6.52 -6.34 -56.85
CA ASP L 213 -7.19 -5.78 -55.65
C ASP L 213 -8.73 -5.96 -55.76
N GLY L 214 -9.18 -6.98 -56.50
CA GLY L 214 -10.60 -7.19 -56.80
C GLY L 214 -11.39 -7.72 -55.59
N VAL L 215 -12.71 -7.54 -55.60
CA VAL L 215 -13.61 -8.13 -54.56
C VAL L 215 -14.81 -8.81 -55.22
N VAL L 216 -15.20 -9.96 -54.66
CA VAL L 216 -16.42 -10.71 -55.03
C VAL L 216 -17.38 -10.63 -53.85
N VAL L 217 -18.66 -10.50 -54.11
CA VAL L 217 -19.69 -10.73 -53.07
C VAL L 217 -20.77 -11.61 -53.68
N THR L 218 -21.28 -12.54 -52.90
CA THR L 218 -22.43 -13.40 -53.30
C THR L 218 -23.44 -13.52 -52.15
N GLN L 219 -24.71 -13.65 -52.49
CA GLN L 219 -25.73 -14.13 -51.53
C GLN L 219 -25.44 -15.63 -51.40
N ALA L 220 -25.60 -16.21 -50.20
CA ALA L 220 -25.24 -17.61 -49.91
C ALA L 220 -26.39 -18.33 -49.19
N GLY L 221 -27.63 -17.91 -49.46
CA GLY L 221 -28.85 -18.54 -48.91
C GLY L 221 -29.05 -18.14 -47.48
N ASN L 222 -29.08 -19.12 -46.57
CA ASN L 222 -29.35 -18.87 -45.15
C ASN L 222 -28.62 -19.92 -44.29
N SER L 223 -27.81 -19.43 -43.35
CA SER L 223 -26.91 -20.22 -42.47
C SER L 223 -27.72 -20.96 -41.41
N PHE L 224 -28.88 -20.42 -41.05
CA PHE L 224 -29.73 -20.99 -39.99
C PHE L 224 -30.48 -22.22 -40.52
N TYR L 225 -31.19 -22.06 -41.63
CA TYR L 225 -32.08 -23.11 -42.17
C TYR L 225 -31.29 -24.00 -43.12
N PHE L 226 -30.27 -23.48 -43.82
CA PHE L 226 -29.50 -24.29 -44.81
C PHE L 226 -28.00 -24.23 -44.54
N PRO L 227 -27.56 -24.71 -43.36
CA PRO L 227 -26.16 -24.56 -42.97
C PRO L 227 -25.19 -25.30 -43.87
N ALA L 228 -25.56 -26.50 -44.34
CA ALA L 228 -24.67 -27.34 -45.18
C ALA L 228 -24.40 -26.61 -46.50
N GLU L 229 -25.44 -26.09 -47.15
CA GLU L 229 -25.27 -25.39 -48.44
C GLU L 229 -24.50 -24.09 -48.19
N TYR L 230 -24.77 -23.40 -47.09
CA TYR L 230 -24.07 -22.14 -46.75
C TYR L 230 -22.56 -22.42 -46.59
N ASP L 231 -22.24 -23.45 -45.81
CA ASP L 231 -20.84 -23.86 -45.48
C ASP L 231 -20.10 -24.24 -46.78
N MET L 232 -20.75 -24.91 -47.73
CA MET L 232 -20.13 -25.26 -49.03
C MET L 232 -19.71 -24.01 -49.78
N VAL L 233 -20.58 -23.00 -49.81
CA VAL L 233 -20.26 -21.73 -50.52
C VAL L 233 -19.09 -21.07 -49.79
N LEU L 234 -19.14 -21.02 -48.45
CA LEU L 234 -18.12 -20.34 -47.61
C LEU L 234 -16.74 -20.99 -47.87
N GLU L 235 -16.67 -22.32 -47.87
CA GLU L 235 -15.38 -23.06 -48.08
C GLU L 235 -14.85 -22.77 -49.47
N GLY L 236 -15.73 -22.69 -50.47
CA GLY L 236 -15.40 -22.30 -51.86
C GLY L 236 -14.73 -20.94 -51.94
N VAL L 237 -15.26 -19.96 -51.22
CA VAL L 237 -14.70 -18.57 -51.20
C VAL L 237 -13.39 -18.56 -50.40
N LYS L 238 -13.36 -19.23 -49.24
CA LYS L 238 -12.17 -19.24 -48.35
C LYS L 238 -10.98 -19.91 -49.04
N ALA L 239 -11.22 -20.88 -49.93
CA ALA L 239 -10.16 -21.61 -50.64
C ALA L 239 -9.54 -20.72 -51.72
N ASN L 240 -10.18 -19.62 -52.09
CA ASN L 240 -9.75 -18.82 -53.26
C ASN L 240 -9.41 -17.38 -52.87
N PHE L 241 -9.80 -16.93 -51.69
CA PHE L 241 -9.62 -15.51 -51.27
C PHE L 241 -9.05 -15.49 -49.87
N PRO L 242 -8.03 -14.63 -49.63
CA PRO L 242 -7.40 -14.52 -48.32
C PRO L 242 -8.20 -13.70 -47.29
N ILE L 243 -9.04 -12.78 -47.75
CA ILE L 243 -9.93 -11.96 -46.87
C ILE L 243 -11.38 -12.36 -47.19
N VAL L 244 -12.11 -12.80 -46.17
CA VAL L 244 -13.53 -13.25 -46.31
C VAL L 244 -14.34 -12.65 -45.17
N ALA L 245 -15.40 -11.92 -45.51
CA ALA L 245 -16.37 -11.39 -44.53
C ALA L 245 -17.73 -12.06 -44.75
N GLU L 246 -18.41 -12.36 -43.65
CA GLU L 246 -19.74 -12.99 -43.62
C GLU L 246 -20.65 -12.00 -42.95
N TYR L 247 -21.81 -11.70 -43.53
CA TYR L 247 -22.78 -10.81 -42.87
C TYR L 247 -24.18 -11.20 -43.33
N GLU L 248 -25.19 -10.75 -42.60
CA GLU L 248 -26.58 -11.14 -42.96
C GLU L 248 -27.49 -9.95 -42.77
N VAL L 249 -28.66 -9.98 -43.40
CA VAL L 249 -29.70 -8.95 -43.18
C VAL L 249 -31.07 -9.61 -43.24
N TRP L 250 -31.93 -9.31 -42.29
CA TRP L 250 -33.32 -9.78 -42.29
C TRP L 250 -34.03 -9.18 -43.50
N ILE L 251 -34.57 -10.03 -44.36
CA ILE L 251 -35.48 -9.59 -45.46
C ILE L 251 -36.85 -10.15 -45.15
N PRO L 252 -37.79 -9.34 -44.66
CA PRO L 252 -39.09 -9.86 -44.25
C PRO L 252 -39.75 -10.75 -45.30
N SER L 253 -39.76 -10.35 -46.57
CA SER L 253 -40.50 -11.06 -47.64
C SER L 253 -39.87 -12.45 -47.88
N PHE L 254 -38.62 -12.67 -47.45
CA PHE L 254 -37.94 -13.99 -47.59
C PHE L 254 -38.27 -14.92 -46.42
N GLY L 255 -38.65 -14.39 -45.26
CA GLY L 255 -38.81 -15.17 -44.02
C GLY L 255 -37.48 -15.47 -43.34
N TYR L 256 -36.39 -14.81 -43.73
CA TYR L 256 -35.06 -15.05 -43.09
C TYR L 256 -34.09 -13.91 -43.35
N ALA L 257 -32.99 -13.93 -42.58
CA ALA L 257 -31.81 -13.07 -42.75
C ALA L 257 -30.94 -13.69 -43.85
N VAL L 258 -30.88 -13.05 -45.01
CA VAL L 258 -30.06 -13.55 -46.14
C VAL L 258 -28.62 -13.44 -45.72
N ASN L 259 -27.82 -14.47 -46.04
CA ASN L 259 -26.36 -14.47 -45.78
C ASN L 259 -25.62 -13.99 -47.03
N PHE L 260 -24.63 -13.14 -46.80
CA PHE L 260 -23.69 -12.64 -47.82
C PHE L 260 -22.28 -13.09 -47.45
N ILE L 261 -21.49 -13.39 -48.46
CA ILE L 261 -20.05 -13.74 -48.34
C ILE L 261 -19.31 -12.85 -49.32
N LEU L 262 -18.35 -12.11 -48.77
CA LEU L 262 -17.49 -11.14 -49.48
C LEU L 262 -16.07 -11.69 -49.48
N GLY L 263 -15.48 -11.88 -50.66
CA GLY L 263 -14.09 -12.32 -50.83
C GLY L 263 -13.26 -11.20 -51.42
N SER L 264 -12.14 -10.88 -50.79
CA SER L 264 -11.28 -9.74 -51.18
C SER L 264 -9.82 -10.19 -51.33
N LEU L 265 -9.14 -9.63 -52.31
CA LEU L 265 -7.73 -9.96 -52.62
C LEU L 265 -6.80 -9.01 -51.84
N ARG L 266 -7.23 -7.78 -51.50
CA ARG L 266 -6.36 -6.78 -50.84
C ARG L 266 -7.06 -6.07 -49.67
N TYR L 267 -8.22 -5.46 -49.92
CA TYR L 267 -8.89 -4.54 -48.96
C TYR L 267 -9.84 -5.33 -48.05
N ASP L 268 -9.80 -5.00 -46.77
CA ASP L 268 -10.58 -5.69 -45.71
C ASP L 268 -11.76 -4.79 -45.35
N PRO L 269 -13.00 -5.23 -45.59
CA PRO L 269 -14.18 -4.42 -45.27
C PRO L 269 -14.28 -4.16 -43.76
N HIS L 270 -13.69 -5.02 -42.92
CA HIS L 270 -13.71 -4.86 -41.45
C HIS L 270 -12.90 -3.62 -41.05
N ALA L 271 -11.97 -3.16 -41.90
CA ALA L 271 -11.03 -2.07 -41.59
C ALA L 271 -11.66 -0.70 -41.89
N LEU L 272 -12.77 -0.64 -42.62
CA LEU L 272 -13.43 0.66 -42.92
C LEU L 272 -14.15 1.16 -41.68
N THR L 273 -14.00 2.44 -41.35
CA THR L 273 -14.77 3.12 -40.27
C THR L 273 -16.04 3.66 -40.87
N PRO L 274 -17.08 3.91 -40.06
CA PRO L 274 -18.27 4.59 -40.55
C PRO L 274 -17.95 5.88 -41.33
N SER L 275 -16.99 6.69 -40.85
CA SER L 275 -16.64 8.00 -41.46
C SER L 275 -16.09 7.77 -42.86
N GLU L 276 -15.20 6.79 -43.00
CA GLU L 276 -14.59 6.47 -44.31
CA GLU L 276 -14.58 6.42 -44.30
C GLU L 276 -15.69 5.99 -45.26
N VAL L 277 -16.60 5.14 -44.78
CA VAL L 277 -17.70 4.64 -45.66
C VAL L 277 -18.52 5.85 -46.08
N ASP L 278 -18.95 6.67 -45.14
CA ASP L 278 -19.87 7.82 -45.42
C ASP L 278 -19.19 8.80 -46.38
N GLU L 279 -17.88 8.97 -46.27
CA GLU L 279 -17.11 9.89 -47.15
C GLU L 279 -17.05 9.31 -48.56
N ARG L 280 -16.82 8.00 -48.70
CA ARG L 280 -16.82 7.37 -50.05
C ARG L 280 -18.20 7.50 -50.69
N LEU L 281 -19.28 7.29 -49.93
CA LEU L 281 -20.65 7.38 -50.47
C LEU L 281 -20.88 8.81 -50.96
N ARG L 282 -20.49 9.78 -50.13
CA ARG L 282 -20.71 11.22 -50.44
C ARG L 282 -19.89 11.56 -51.69
N ALA L 283 -18.61 11.19 -51.73
CA ALA L 283 -17.69 11.54 -52.84
C ALA L 283 -18.23 10.92 -54.13
N ARG L 284 -18.88 9.75 -54.04
CA ARG L 284 -19.29 8.99 -55.24
C ARG L 284 -20.73 9.30 -55.65
N GLY L 285 -21.44 10.15 -54.89
CA GLY L 285 -22.82 10.57 -55.20
C GLY L 285 -23.83 9.48 -54.88
N VAL L 286 -23.51 8.56 -53.97
CA VAL L 286 -24.36 7.37 -53.65
C VAL L 286 -25.39 7.76 -52.60
N LYS L 287 -26.66 7.80 -52.99
CA LYS L 287 -27.85 7.99 -52.12
C LYS L 287 -28.51 6.63 -51.86
N THR L 288 -28.83 6.33 -50.61
CA THR L 288 -29.36 5.02 -50.17
C THR L 288 -30.57 5.23 -49.27
N ALA L 289 -31.44 4.23 -49.18
CA ALA L 289 -32.55 4.15 -48.20
C ALA L 289 -32.07 3.52 -46.89
N PHE L 290 -30.97 2.76 -46.91
CA PHE L 290 -30.59 1.92 -45.75
C PHE L 290 -29.11 2.00 -45.44
N TYR L 291 -28.25 1.63 -46.40
CA TYR L 291 -26.80 1.48 -46.17
C TYR L 291 -26.13 2.83 -45.85
N THR L 292 -25.35 2.82 -44.76
CA THR L 292 -24.52 3.93 -44.21
C THR L 292 -23.28 3.33 -43.56
N GLY L 293 -22.39 4.20 -43.10
CA GLY L 293 -21.18 3.76 -42.37
C GLY L 293 -21.55 2.99 -41.14
N ARG L 294 -22.60 3.39 -40.42
CA ARG L 294 -23.01 2.68 -39.18
C ARG L 294 -23.55 1.30 -39.54
N VAL L 295 -24.34 1.22 -40.62
CA VAL L 295 -24.84 -0.10 -41.08
C VAL L 295 -23.62 -0.96 -41.40
N HIS L 296 -22.68 -0.41 -42.14
CA HIS L 296 -21.47 -1.16 -42.52
C HIS L 296 -20.80 -1.74 -41.27
N LEU L 297 -20.62 -0.91 -40.24
CA LEU L 297 -19.98 -1.33 -38.97
C LEU L 297 -20.79 -2.49 -38.35
N ALA L 298 -22.11 -2.36 -38.34
CA ALA L 298 -23.01 -3.39 -37.76
C ALA L 298 -22.86 -4.70 -38.53
N LEU L 299 -22.88 -4.64 -39.86
CA LEU L 299 -22.78 -5.86 -40.71
C LEU L 299 -21.46 -6.55 -40.44
N MET L 300 -20.37 -5.79 -40.22
CA MET L 300 -19.02 -6.36 -40.03
C MET L 300 -18.89 -6.95 -38.62
N ASN L 301 -19.81 -6.65 -37.70
CA ASN L 301 -19.65 -7.03 -36.28
C ASN L 301 -20.70 -8.05 -35.84
N MET L 302 -21.81 -8.19 -36.57
CA MET L 302 -22.92 -9.10 -36.17
C MET L 302 -22.56 -10.50 -36.66
N PRO L 303 -22.42 -11.50 -35.77
CA PRO L 303 -22.20 -12.86 -36.21
C PRO L 303 -23.48 -13.37 -36.89
N ILE L 304 -23.34 -14.36 -37.74
CA ILE L 304 -24.49 -14.91 -38.52
C ILE L 304 -25.23 -15.90 -37.61
N HIS L 305 -26.51 -16.10 -37.90
CA HIS L 305 -27.42 -16.99 -37.16
C HIS L 305 -27.10 -18.45 -37.48
N ARG L 306 -27.08 -19.27 -36.41
CA ARG L 306 -27.01 -20.73 -36.46
C ARG L 306 -28.05 -21.25 -35.48
N LYS L 307 -28.49 -22.48 -35.66
CA LYS L 307 -29.29 -23.20 -34.63
C LYS L 307 -28.38 -23.41 -33.43
N LEU L 308 -28.80 -22.98 -32.25
CA LEU L 308 -27.93 -22.99 -31.05
C LEU L 308 -28.14 -24.27 -30.25
N ARG L 309 -29.23 -25.00 -30.52
CA ARG L 309 -29.49 -26.34 -29.96
C ARG L 309 -30.13 -27.20 -31.05
#